data_9CAB
#
_entry.id   9CAB
#
_cell.length_a   1.00
_cell.length_b   1.00
_cell.length_c   1.00
_cell.angle_alpha   90.00
_cell.angle_beta   90.00
_cell.angle_gamma   90.00
#
_symmetry.space_group_name_H-M   'P 1'
#
loop_
_entity.id
_entity.type
_entity.pdbx_description
1 polymer 'Helicase SRCAP'
2 polymer 'Vacuolar protein sorting-associated protein 72 homolog'
3 polymer 'Actin-related protein 6'
4 polymer 'Zinc finger HIT domain-containing protein 1'
5 polymer 'RuvB-like 1'
6 polymer 'RuvB-like 2'
7 polymer 'Histone H2A type 1'
8 polymer 'Histone H2B 1.1'
9 polymer 'Histone H3.2'
10 polymer 'Histone H4'
11 polymer 'DNA (285-MER)'
12 polymer 'DNA (285-MER)'
13 non-polymer 'PHOSPHOTHIOPHOSPHORIC ACID-ADENYLATE ESTER'
14 non-polymer 'MAGNESIUM ION'
15 non-polymer 'ZINC ION'
16 non-polymer "ADENOSINE-5'-DIPHOSPHATE"
#
loop_
_entity_poly.entity_id
_entity_poly.type
_entity_poly.pdbx_seq_one_letter_code
_entity_poly.pdbx_strand_id
1 'polypeptide(L)'
;MQSSPSPAHPQLPVLQTQMVSDGMTGSNPVSPASSSSPASSGAGGISPQHIAQDSSLDGPPGPPDGATVPLEGFSLSQAA
DLANKGPKWEKSHAEIAEQAKHEAEIETRIAELRKEGFWSLKRLPKVPEPPRPKGHWDYLCEEMQWLSADFAQERRWKRG
VARKVVRMVIRHHEEQRQKEERARREEQAKLRRIASTMAKDVRQFWSNVEKVVQFKQQSRLEEKRKKALDLHLDFIVGQT
EKYSDLLSQSLNQPLTSSKAGSSPCLGSSSAASSPPPPASRLDDEDGDFQPQEDEEEDDEETIEVEEQQEGNDAEAQRRE
IELLRREGELPLEELLRSLPPQLLEGPSSPSQTPSSHDSDTRDGPEEGAEEEPPQVLEIKPPPSAVTQRNKQPWHPDEDD
EEFTANEEEAEDEEDTIAAEEQLEGEVDHAMELSELAREGELSMEELLQQYAGAYAPGSGSSEDEDEDEVDANSSDCEPE
GPVEAEEPPQEDSSSQSDSVEDRSEDEEDEHSEEEETSGSSASEESESEESEDAQSQSQADEEEEDDDFGVEYLLARDEE
QSEADAGSGPPTPGPTTLGPKKEITDIAAAAESLQPKGYTLATTQVKTPIPLLLRGQLREYQHIGLDWLVTMYEKKLNGI
LADEMGLGKTIQTISLLAHLACEKGNWGPHLIIVPTSVMLNWEMELKRWCPSFKILTYYGAQKERKLKRQGWTKPNAFHV
CITSYKLVLQDHQAFRRKNWRYLILDEAQNIKNFKSQRWQSLLNFNSQRRLLLTGTPLQNSLMELWSLMHFLMPHVFQSH
REFKEWFSNPLTGMIEGSQEYNEGLVKRLHKVLRPFLLRRVKVDVEKQMPKKYEHVIRCRLSKRQRCLYDDFMAQTTTKE
TLATGHFMSVINILMQLRKVCNHPNLFDPRPVTSPFITPGICFSTASLVLRATDVHPLQRIDMGRFDLIGLEGRVSRYEA
DTFLPRHRLSRRVLLEVATAPDPPPRPKPVKMKVNRMLQPVPKQEGRTVVVVNNPRAPLGPVPVRPPPGPELSAQPTPGP
VPQVLPASLMVSASPAGPPLIPASRPPGPVLLPPLQPNSGSLPQVLPSPLGVLSGTSRPPTPTLSLKPTPPAPVRLSPAP
PPGSSSLLKPLTVPPGYTFPPAAATTTSTTTATATTTAVPAPTPAPQRLILSPDMQARLPSGEVVSIGQLASLAQRPVAN
AGGSKPLTFQIQGNKLTLTGAQVRQLAVGQPRPLQRNVVHLVSAGGQHHLISQPAHVALIQAVAPTPGPTPVSVLPSSTP
STTPAPTGLSLPLAANQVPPTMVNNTGVVKIVVRQAPRDGLTPVPPLAPAPRPPSSGLPAVLNPRPTLTPGRLPTPTLGT
ARAPMPTPTLVRPLLKLVHSPSPEVSASAPGAAPLTISSPLHVPSSLPGPASSPMPIPNSSPLASPVSSTVSVPLSSSLP
ISVPTTLPAPASAPLTIPISAPLTVSASGPALLTSVTPPLAPVVPAAPGPPSLAPSGASPSASALTLGLATAPSLSSSQT
PGHPLLLAPTSSHVPGLNSTVAPACSPVLVPASALASPFPSAPNPAPAQASLLAPASSASQALATPLAPMAAPQTAILAP
SPAPPLAPLPVLAPSPGAAPVLASSQTPVPVMAPSSTPGTSLASASPVPAPTPVLAPSSTQTMLPAPVPSPLPSPASTQT
LALAPALAPTLGGSSPSQTLSLGTGNPQGPFPTQTLSLTPASSLVPTPAQTLSLAPGPPLGPTQTLSLAPAPPLAPASPV
GPAPAHTLTLAPASSSASLLAPASVQTLTLSPAPVPTLGPAAAQTLALAPASTQSPASQASSLVVSASGAAPLPVTMVSR
LPVSKDEPDTLTLRSGPPSPPSTATSFGGPRPRRQPPPPPRSPFYLDSLEEKRKRQRSERLERIFQLSEAHGALAPVYGT
EVLDFCTLPQPVASPIGPRSPGPSHPTFWTYTEAAHRAVLFPQQRLDQLSEIIERFIFVMPPVEAPPPSLHACHPPPWLA
PRQAAFQEQLASELWPRARPLHRIVCNMRTQFPDLRLIQYDCGKLQTLAVLLRQLKAEGHRVLIFTQMTRMLDVLEQFLT
YHGHLYLRLDGSTRVEQRQALMERFNADKRIFCFILSTRSGGVGVNLTGADTVVFYDSDWNPTMDAQAQDRCHRIGQTRD
VHIYRLISERTVEENILKKANQKRMLGDMAIEGGNFTTAYFKQQTIRELFDMPLEEPSSSSVPSAPEEEEETVASKQTHI
LEQALCRAEDEEDIRAATQAKAEQVAELAEFNENDGFPAGEGEEAGRPGAEDEEMSRAEQEIAALVEQLTPIERYAMKFL
EASLEEVSREELKQAEEQVEAARKDLDQAKEEVFRLPQEEEEGPGAGDESSCGTGGGTHRRSKKAKAPERPGTRVSERLR
GARAETQGANHTPVISAHQTRSTTTPPRCSPARERVPRPAPRPRPTPASAPAAIPALVPVPVSAPVPISAPNPITILPVH
ILPSPPPPSQIPPCSSPACTPPPACTPPPAHTPPPAQTCLVTPSSPLLLGPPSVPISASVTNLPLGLRPEAELCAQALAS
PESLELASVASSETSSLSLVPPKDLLPVAVEILPVSEKNLSLTPSAPSLTLEAGSIPNGQEQEAPDSAEGTTLTVLPEGE
ELPLCVSESNGLELPPSAASDEPLQEPLEADRTSEELTEAKTPTSSPEKPQELVTAEVAAPSTSSSATSSPEGPSPARPP
RRRTSADVEIRGQGTGRPGQPPGPKVLRKLPGRLVTVVEEKELVRRRRQQRGAASTLVPGVSETSASPGSPSVRSMSGPE
SSPPIGGPCEAAPSSSLPTPPQQPFIARRHIELGVTGGGSPENGDGALLAITPPAVKRRRGRPPKKNRSPADAGRGVDEA
PSSTLKGKTNGADPVPGPETLIVADPVLEPQLIPGPQPLGPQPVHRPNPLLSPVEKRRRGRPPKARDLPIPGTISSAGDG
NSESRTQPPPHPSPLTPLPPLLVCPTATVANTVTTVTISTSPPKRKRGRPPKNPPSPRPSQLPVLDRDSTSVLESCGLGR
RRQPQGQGESEGSSSDEDGSRPLTRLARLRLEAEGMRGRKSGGSMVVAVIQDDLDLADSGPGGLELTPPVVSLTPKLRST
RLRPGSLVPPLETEKLPRKRAGAPVGGSPGLAKRGRLQPPSPLGPEGSVEESEAEASGEEEEGDGTPRRRPGPRRLVGTT
NQGDQRILRSSAPPSLAGPAVSHRGRKAKT
;
A
2 'polypeptide(L)'
;MSLAGGRAPRKTAGNRLSGLLEAEEEDEFYQTTYGGFTEESGDDEYQGDQSDTEDEVDSDFDIDEGDEPSSDGEAEEPRR
KRRVVTKAYKEPLKSLRPRKVNTPAGSSQKAREEKALLPLELQDDGSDSRKSMRQSTAEHTRQTFLRVQERQGQSRRRKG
PHCERPLTQEELLREAKITEELNLRSLETYERLEADKKKQVHKKRKCPGPIITYHSVTVPLVGEPGPKEENVDIEGLDPA
PSVSALTPHAGTGPVNPPARCSRTFITFSDDATFEEWFPQGRPPKVPVREVCPVTHRPALYRDPVTDIPYATARAFKIIR
EAYKKYITAHGLPPTASALGPGPPPPEPLPGSGPRALRQKIVIK
;
B
3 'polypeptide(L)'
;MTTLVLDNGAYNAKIGYSHENVSVIPNCQFRSKTARLKTFTANQIDEIKDPSGLFYILPFQKGYLVNWDVQRQVWDYLFG
KEMYQVDFLDTNIIITEPYFNFTSIQESMNEILFEEYQFQAVLRVNAGALSAHRYFRDNPSELCCIIVDSGYSFTHIVPY
CRSKKKKEAIIRINVGGKLLTNHLKEIISYRQLHVMDETHVINQVKEDVCYVSQDFYRDMDIAKLKGEENTVMIDYVLPD
FSTIKKGFCKPREEMVLSGKYKSGEQILRLANERFAVPEILFNPSDIGIQEMGIPEAIVYSIQNLPEEMQPHFFKNIVLT
GGNSLFPGFRDRVYSEVRCLTPTDYDVSVVLPENPITYAWEGGKLISENDDFEDMVVTREDYEENGHSVCEEKFDI
;
C
4 'polypeptide(L)'
;MVEKKTSVRSQDPGQRRVLDRAARQRRINRQLEALENDNFQDDPHAGLPQLGKRLPQFDDDADTGKKKKKTRGDHFKLRF
RKNFQALLEEQNLSVAEGPNYLTACAGPPSRPQRPFCAVCGFPSPYTCVSCGARYCTVRCLGTHQETRCLKWTV
;
D
5 'polypeptide(L)'
;MKIEEVKSTTKTQRIASHSHVKGLGLDESGLAKQAASGLVGQENAREACGVIVELIKSKKMAGRAVLLAGPPGTGKTALA
LAIAQELGSKVPFCPMVGSEVYSTEIKKTEVLMENFRRAIGLRIKETKEVYEGEVTELTPCETENPMGGYGKTISHVIIG
LKTAKGTKQLKLDPSIFESLQKERVEAGDVIYIEANSGAVKRQGRCDTYATEFDLEAEEYVPLPKGDVHKKKEIIQDVTL
HDLDVANARPQGGQDILSMMGQLMKPKKTEITDKLRGEINKVVNKYIDQGIAELVPGVLFVDEVHMLDIECFTYLHRALE
SSIAPIVIFASNRGNCVIRGTEDITSPHGIPLDLLDRVMIIRTMLYTPQEMKQIIKIRAQTEGINISEEALNHLGEIGTK
TTLRYSVQLLTPANLLAKINGKDSIEKEHVEEISELFYDAKSSAKILADQQDKYMK
;
E,G,I
6 'polypeptide(L)'
;MATVTATTKVPEIRDVTRIERIGAHSHIRGLGLDDALEPRQASQGMVGQLAARRAAGVVLEMIREGKIAGRAVLIAGQPG
TGKTAIAMGMAQALGPDTPFTAIAGSEIFSLEMSKTEALTQAFRRSIGVRIKEETEIIEGEVVEIQIDRPATGTGSKVGK
LTLKTTEMETIYDLGTKMIESLTKDKVQAGDVITIDKATGKISKLGRSFTRARDYDAMGSQTKFVQCPDGELQKRKEVVH
TVSLHEIDVINSRTQGFLALFSGDTGEIKSEVREQINAKVAEWREEGKAEIIPGVLFIDEVHMLDIESFSFLNRALESDM
APVLIMATNRGITRIRGTSYQSPHGIPIDLLDRLLIVSTTPYSEKDTKQILRIRCEEEDVEMSEDAYTVLTRIGLETSLR
YAIQLITAASLVCRKRKGTEVQVDDIKRVYSLFLDESRSTQYMKEYQDAFLFNELKGETMDTS
;
F,H,J
7 'polypeptide(L)'
;SGRGKQGGKTRAKAKTRSSRAGLQFPVGRVHRLLRKGNYAERVGAGAPVYLAAVLEYLTAEILELAGNAARDNKKTRIIP
RHLQLAVRNDEELNKLLGRVTIAQGGVLPNIQSVLLPKKTESSKSKSK
;
Q,S
8 'polypeptide(L)'
;PEPAKSAPAPKKGSKKAVTKTQKKDGKKRRKTRKESYAIYVYKVLKQVHPDTGISSKAMSIMNSFVNDVFERIAGEASRL
AHYNKRSTITSREIQTAVRLLLPGELAKHAVSEGTKAVTKYTSAK
;
R,T
9 'polypeptide(L)'
;ARTKQTARKSTGGKAPRKQLATKAARKSAPATGGVKKPHRYRPGTVALREIRRYQKSTELLIRKLPFQRLVREIAQDFKT
DLRFQSSAVMALQEASEAYLVALFEDTNLCAIHAKRVTIMPKDIQLARRIRGERA
;
U,W
10 'polypeptide(L)'
;SGRGKGGKGLGKGGAKRHRKVLRDNIQGITKPAIRRLARRGGVKRISGLIYEETRGVLKVFLENVIRDAVTYTEHAKRKT
VTAMDVVYALKRQGRTLYGFGG
;
V,X
11 'polydeoxyribonucleotide'
;(DA)(DT)(DC)(DG)(DA)(DA)(DG)(DG)(DG)(DC)(DG)(DC)(DC)(DT)(DA)(DT)(DA)(DT)(DA)(DA)
(DG)(DG)(DG)(DG)(DG)(DT)(DG)(DG)(DG)(DG)(DG)(DC)(DG)(DC)(DG)(DT)(DT)(DC)(DG)(DT)
(DC)(DC)(DT)(DC)(DC)(DC)(DT)(DC)(DT)(DC)(DC)(DT)(DC)(DG)(DC)(DG)(DG)(DC)(DG)(DC)
(DG)(DA)(DG)(DT)(DT)(DT)(DC)(DA)(DG)(DG)(DC)(DA)(DG)(DC)(DG)(DC)(DT)(DG)(DC)(DG)
(DT)(DC)(DC)(DT)(DG)(DC)(DT)(DG)(DC)(DG)(DC)(DA)(DC)(DG)(DT)(DG)(DG)(DG)(DA)(DA)
(DG)(DC)(DC)(DC)(DT)(DG)(DC)(DT)(DG)(DG)(DA)(DG)(DA)(DA)(DT)(DC)(DC)(DC)(DG)(DG)
(DT)(DG)(DC)(DG)(DC)(DA)(DG)(DG)(DC)(DC)(DG)(DC)(DT)(DC)(DA)(DA)(DT)(DT)(DG)(DG)
(DT)(DC)(DG)(DT)(DA)(DG)(DA)(DC)(DA)(DG)(DC)(DT)(DC)(DT)(DA)(DG)(DC)(DA)(DC)(DC)
(DG)(DC)(DT)(DT)(DA)(DA)(DA)(DC)(DG)(DC)(DA)(DG)(DC)(DT)(DA)(DC)(DG)(DC)(DG)(DC)
(DT)(DG)(DT)(DC)(DC)(DC)(DC)(DC)(DG)(DC)(DG)(DT)(DT)(DT)(DT)(DA)(DA)(DC)(DC)(DG)
(DC)(DC)(DA)(DA)(DG)(DG)(DG)(DG)(DA)(DT)(DT)(DA)(DC)(DT)(DC)(DC)(DC)(DT)(DA)(DG)
(DT)(DC)(DT)(DC)(DC)(DA)(DG)(DG)(DC)(DA)(DG)(DC)(DT)(DG)(DT)(DC)(DA)(DG)(DA)(DT)
(DA)(DT)(DG)(DT)(DA)(DC)(DA)(DT)(DC)(DC)(DT)(DG)(DT)(DG)(DA)(DT)(DC)(DC)(DC)(DC)
(DG)(DG)(DG)(DT)(DA)(DC)(DC)(DG)(DA)(DG)(DC)(DT)(DC)(DG)(DA)(DA)(DT)(DT)(DC)(DA)
(DC)(DT)(DG)(DG)(DC)
;
Y
12 'polydeoxyribonucleotide'
;(DG)(DC)(DC)(DA)(DG)(DT)(DG)(DA)(DA)(DT)(DT)(DC)(DG)(DA)(DG)(DC)(DT)(DC)(DG)(DG)
(DT)(DA)(DC)(DC)(DC)(DG)(DG)(DG)(DG)(DA)(DT)(DC)(DA)(DC)(DA)(DG)(DG)(DA)(DT)(DG)
(DT)(DA)(DC)(DA)(DT)(DA)(DT)(DC)(DT)(DG)(DA)(DC)(DA)(DG)(DC)(DT)(DG)(DC)(DC)(DT)
(DG)(DG)(DA)(DG)(DA)(DC)(DT)(DA)(DG)(DG)(DG)(DA)(DG)(DT)(DA)(DA)(DT)(DC)(DC)(DC)
(DC)(DT)(DT)(DG)(DG)(DC)(DG)(DG)(DT)(DT)(DA)(DA)(DA)(DA)(DC)(DG)(DC)(DG)(DG)(DG)
(DG)(DG)(DA)(DC)(DA)(DG)(DC)(DG)(DC)(DG)(DT)(DA)(DG)(DC)(DT)(DG)(DC)(DG)(DT)(DT)
(DT)(DA)(DA)(DG)(DC)(DG)(DG)(DT)(DG)(DC)(DT)(DA)(DG)(DA)(DG)(DC)(DT)(DG)(DT)(DC)
(DT)(DA)(DC)(DG)(DA)(DC)(DC)(DA)(DA)(DT)(DT)(DG)(DA)(DG)(DC)(DG)(DG)(DC)(DC)(DT)
(DG)(DC)(DG)(DC)(DA)(DC)(DC)(DG)(DG)(DG)(DA)(DT)(DT)(DC)(DT)(DC)(DC)(DA)(DG)(DC)
(DA)(DG)(DG)(DG)(DC)(DT)(DT)(DC)(DC)(DC)(DA)(DC)(DG)(DT)(DG)(DC)(DG)(DC)(DA)(DG)
(DC)(DA)(DG)(DG)(DA)(DC)(DG)(DC)(DA)(DG)(DC)(DG)(DC)(DT)(DG)(DC)(DC)(DT)(DG)(DA)
(DA)(DA)(DC)(DT)(DC)(DG)(DC)(DG)(DC)(DC)(DG)(DC)(DG)(DA)(DG)(DG)(DA)(DG)(DA)(DG)
(DG)(DG)(DA)(DG)(DG)(DA)(DC)(DG)(DA)(DA)(DC)(DG)(DC)(DG)(DC)(DC)(DC)(DC)(DC)(DA)
(DC)(DC)(DC)(DC)(DC)(DT)(DT)(DA)(DT)(DA)(DT)(DA)(DG)(DG)(DC)(DG)(DC)(DC)(DC)(DT)
(DT)(DC)(DG)(DA)(DT)
;
Z
#
loop_
_chem_comp.id
_chem_comp.type
_chem_comp.name
_chem_comp.formula
ADP non-polymer ADENOSINE-5'-DIPHOSPHATE 'C10 H15 N5 O10 P2'
AGS non-polymer 'PHOSPHOTHIOPHOSPHORIC ACID-ADENYLATE ESTER' 'C10 H16 N5 O12 P3 S'
DA DNA linking 2'-DEOXYADENOSINE-5'-MONOPHOSPHATE 'C10 H14 N5 O6 P'
DC DNA linking 2'-DEOXYCYTIDINE-5'-MONOPHOSPHATE 'C9 H14 N3 O7 P'
DG DNA linking 2'-DEOXYGUANOSINE-5'-MONOPHOSPHATE 'C10 H14 N5 O7 P'
DT DNA linking THYMIDINE-5'-MONOPHOSPHATE 'C10 H15 N2 O8 P'
MG non-polymer 'MAGNESIUM ION' 'Mg 2'
ZN non-polymer 'ZINC ION' 'Zn 2'
#
# COMPACT_ATOMS: atom_id res chain seq x y z
N THR A 604 68.14 -53.03 -13.66
CA THR A 604 68.51 -53.33 -15.04
C THR A 604 68.44 -54.84 -15.31
N GLN A 605 69.05 -55.63 -14.43
CA GLN A 605 69.10 -57.08 -14.57
C GLN A 605 67.80 -57.66 -14.01
N VAL A 606 66.70 -57.40 -14.73
CA VAL A 606 65.39 -57.91 -14.35
C VAL A 606 65.21 -59.30 -14.92
N LYS A 607 64.81 -60.24 -14.07
CA LYS A 607 64.63 -61.62 -14.50
C LYS A 607 63.42 -61.79 -15.41
N THR A 608 62.27 -61.25 -15.01
CA THR A 608 61.05 -61.40 -15.79
C THR A 608 60.96 -60.38 -16.90
N PRO A 609 60.69 -60.80 -18.13
CA PRO A 609 60.53 -59.84 -19.24
C PRO A 609 59.14 -59.22 -19.23
N ILE A 610 58.98 -58.21 -20.07
CA ILE A 610 57.70 -57.53 -20.25
C ILE A 610 56.68 -58.47 -20.87
N PRO A 611 55.40 -58.35 -20.52
CA PRO A 611 54.39 -59.27 -21.07
C PRO A 611 54.20 -59.03 -22.56
N LEU A 612 54.14 -60.12 -23.31
CA LEU A 612 53.92 -60.02 -24.76
C LEU A 612 52.56 -59.40 -25.07
N LEU A 613 51.57 -59.62 -24.21
CA LEU A 613 50.24 -59.06 -24.41
C LEU A 613 50.08 -57.65 -23.86
N LEU A 614 51.11 -57.11 -23.19
CA LEU A 614 51.00 -55.75 -22.66
C LEU A 614 50.92 -54.72 -23.78
N ARG A 615 51.59 -54.98 -24.90
CA ARG A 615 51.55 -54.13 -26.10
C ARG A 615 51.69 -52.64 -25.80
N GLY A 616 52.73 -52.33 -25.01
CA GLY A 616 53.03 -50.96 -24.62
C GLY A 616 54.40 -50.90 -23.99
N GLN A 617 54.90 -49.68 -23.82
CA GLN A 617 56.22 -49.47 -23.25
C GLN A 617 56.13 -49.07 -21.78
N LEU A 618 56.75 -49.85 -20.90
CA LEU A 618 56.79 -49.57 -19.48
C LEU A 618 58.04 -48.77 -19.12
N ARG A 619 57.95 -48.07 -17.99
CA ARG A 619 59.10 -47.38 -17.44
C ARG A 619 59.93 -48.35 -16.60
N GLU A 620 61.21 -48.03 -16.43
CA GLU A 620 62.12 -48.92 -15.71
C GLU A 620 61.62 -49.21 -14.30
N TYR A 621 61.17 -48.18 -13.57
CA TYR A 621 60.65 -48.43 -12.23
C TYR A 621 59.35 -49.19 -12.30
N GLN A 622 58.58 -49.00 -13.37
CA GLN A 622 57.36 -49.77 -13.56
C GLN A 622 57.71 -51.23 -13.81
N HIS A 623 58.78 -51.48 -14.57
CA HIS A 623 59.26 -52.84 -14.78
C HIS A 623 59.68 -53.47 -13.46
N ILE A 624 60.35 -52.69 -12.60
CA ILE A 624 60.73 -53.19 -11.28
C ILE A 624 59.51 -53.50 -10.45
N GLY A 625 58.47 -52.66 -10.57
CA GLY A 625 57.25 -52.92 -9.83
C GLY A 625 56.59 -54.20 -10.29
N LEU A 626 56.54 -54.42 -11.61
CA LEU A 626 55.99 -55.65 -12.13
C LEU A 626 56.77 -56.84 -11.60
N ASP A 627 58.10 -56.73 -11.58
CA ASP A 627 58.93 -57.81 -11.08
C ASP A 627 58.63 -58.10 -9.61
N TRP A 628 58.41 -57.05 -8.81
CA TRP A 628 58.09 -57.26 -7.40
C TRP A 628 56.72 -57.91 -7.24
N LEU A 629 55.73 -57.47 -8.01
CA LEU A 629 54.42 -58.09 -7.95
C LEU A 629 54.50 -59.57 -8.31
N VAL A 630 55.23 -59.88 -9.38
CA VAL A 630 55.39 -61.27 -9.78
C VAL A 630 56.09 -62.06 -8.69
N THR A 631 57.08 -61.45 -8.04
CA THR A 631 57.77 -62.11 -6.94
C THR A 631 56.79 -62.45 -5.83
N MET A 632 55.89 -61.52 -5.52
CA MET A 632 54.90 -61.76 -4.48
C MET A 632 53.96 -62.89 -4.88
N TYR A 633 53.64 -62.97 -6.18
CA TYR A 633 52.81 -64.09 -6.64
C TYR A 633 53.53 -65.41 -6.49
N GLU A 634 54.77 -65.49 -6.96
CA GLU A 634 55.52 -66.73 -6.83
C GLU A 634 55.68 -67.10 -5.36
N LYS A 635 55.88 -66.10 -4.50
CA LYS A 635 55.97 -66.36 -3.07
C LYS A 635 54.59 -66.59 -2.47
N LYS A 636 53.53 -66.39 -3.26
CA LYS A 636 52.14 -66.56 -2.82
C LYS A 636 51.83 -65.71 -1.60
N LEU A 637 52.25 -64.45 -1.65
CA LEU A 637 52.03 -63.50 -0.57
C LEU A 637 51.32 -62.27 -1.13
N ASN A 638 50.40 -61.72 -0.36
CA ASN A 638 49.72 -60.48 -0.73
C ASN A 638 50.54 -59.27 -0.26
N GLY A 639 50.43 -58.17 -0.99
CA GLY A 639 51.17 -56.98 -0.63
C GLY A 639 50.42 -55.69 -0.97
N ILE A 640 50.98 -54.59 -0.49
CA ILE A 640 50.45 -53.24 -0.71
C ILE A 640 51.40 -52.49 -1.64
N LEU A 641 50.86 -51.94 -2.72
CA LEU A 641 51.62 -51.10 -3.63
C LEU A 641 51.36 -49.66 -3.21
N ALA A 642 52.34 -49.06 -2.52
CA ALA A 642 52.22 -47.71 -1.97
C ALA A 642 52.94 -46.66 -2.81
N ASP A 643 53.06 -46.88 -4.12
CA ASP A 643 53.69 -45.89 -4.98
C ASP A 643 52.88 -44.59 -4.96
N GLU A 644 53.60 -43.46 -4.99
CA GLU A 644 52.98 -42.15 -5.00
C GLU A 644 52.08 -41.96 -6.22
N MET A 645 51.20 -40.96 -6.12
CA MET A 645 50.23 -40.66 -7.17
C MET A 645 50.92 -40.38 -8.50
N GLY A 646 50.40 -40.98 -9.56
CA GLY A 646 50.92 -40.80 -10.90
C GLY A 646 52.09 -41.69 -11.27
N LEU A 647 52.58 -42.53 -10.36
CA LEU A 647 53.67 -43.42 -10.71
C LEU A 647 53.24 -44.55 -11.64
N GLY A 648 51.95 -44.75 -11.84
CA GLY A 648 51.50 -45.79 -12.74
C GLY A 648 50.98 -47.07 -12.10
N LYS A 649 50.28 -46.95 -10.97
CA LYS A 649 49.75 -48.16 -10.32
C LYS A 649 48.75 -48.88 -11.21
N THR A 650 47.98 -48.13 -12.01
CA THR A 650 47.05 -48.76 -12.94
C THR A 650 47.82 -49.51 -14.01
N ILE A 651 48.86 -48.89 -14.54
CA ILE A 651 49.67 -49.51 -15.58
C ILE A 651 50.37 -50.74 -15.03
N GLN A 652 50.88 -50.65 -13.79
CA GLN A 652 51.52 -51.80 -13.17
C GLN A 652 50.53 -52.94 -12.98
N THR A 653 49.30 -52.65 -12.57
CA THR A 653 48.31 -53.71 -12.37
C THR A 653 47.97 -54.37 -13.70
N ILE A 654 47.78 -53.56 -14.74
CA ILE A 654 47.48 -54.10 -16.07
C ILE A 654 48.62 -54.99 -16.54
N SER A 655 49.86 -54.54 -16.31
CA SER A 655 51.02 -55.32 -16.73
C SER A 655 51.08 -56.63 -15.96
N LEU A 656 50.75 -56.59 -14.67
CA LEU A 656 50.76 -57.81 -13.87
C LEU A 656 49.77 -58.82 -14.40
N LEU A 657 48.55 -58.36 -14.69
CA LEU A 657 47.54 -59.27 -15.22
C LEU A 657 47.95 -59.81 -16.58
N ALA A 658 48.49 -58.96 -17.45
CA ALA A 658 48.93 -59.41 -18.77
C ALA A 658 50.04 -60.45 -18.65
N HIS A 659 51.01 -60.22 -17.77
CA HIS A 659 52.13 -61.14 -17.58
C HIS A 659 51.65 -62.48 -17.06
N LEU A 660 50.84 -62.46 -16.01
CA LEU A 660 50.37 -63.70 -15.41
C LEU A 660 49.50 -64.48 -16.40
N ALA A 661 48.66 -63.79 -17.17
CA ALA A 661 47.86 -64.49 -18.17
C ALA A 661 48.73 -65.09 -19.28
N CYS A 662 49.77 -64.37 -19.71
CA CYS A 662 50.62 -64.87 -20.79
C CYS A 662 51.50 -66.03 -20.35
N GLU A 663 52.27 -65.85 -19.28
CA GLU A 663 53.19 -66.90 -18.83
C GLU A 663 52.55 -67.91 -17.89
N LYS A 664 51.82 -67.46 -16.87
CA LYS A 664 51.21 -68.34 -15.91
C LYS A 664 49.87 -68.90 -16.36
N GLY A 665 49.23 -68.29 -17.36
CA GLY A 665 47.94 -68.77 -17.80
C GLY A 665 46.79 -68.40 -16.89
N ASN A 666 46.98 -67.43 -16.01
CA ASN A 666 45.97 -67.01 -15.03
C ASN A 666 44.92 -66.10 -15.67
N TRP A 667 44.26 -66.62 -16.69
CA TRP A 667 43.21 -65.89 -17.38
C TRP A 667 41.91 -65.81 -16.59
N GLY A 668 41.82 -66.50 -15.46
CA GLY A 668 40.61 -66.50 -14.66
C GLY A 668 40.05 -65.15 -14.30
N PRO A 669 38.79 -65.15 -13.88
CA PRO A 669 38.10 -63.88 -13.55
C PRO A 669 38.75 -63.14 -12.40
N HIS A 670 39.22 -61.92 -12.69
CA HIS A 670 39.81 -61.05 -11.68
C HIS A 670 38.90 -59.86 -11.44
N LEU A 671 38.80 -59.45 -10.17
CA LEU A 671 37.94 -58.34 -9.76
C LEU A 671 38.78 -57.16 -9.32
N ILE A 672 38.48 -55.99 -9.87
CA ILE A 672 39.15 -54.74 -9.54
C ILE A 672 38.10 -53.77 -8.99
N ILE A 673 38.26 -53.37 -7.74
CA ILE A 673 37.33 -52.45 -7.09
C ILE A 673 37.97 -51.07 -7.09
N VAL A 674 37.29 -50.09 -7.69
CA VAL A 674 37.81 -48.75 -7.84
C VAL A 674 36.70 -47.73 -7.57
N PRO A 675 37.07 -46.47 -7.30
CA PRO A 675 36.05 -45.43 -7.13
C PRO A 675 35.19 -45.30 -8.37
N THR A 676 33.94 -44.89 -8.16
CA THR A 676 32.98 -44.85 -9.26
C THR A 676 33.44 -43.93 -10.39
N SER A 677 34.02 -42.77 -10.05
CA SER A 677 34.52 -41.89 -11.09
C SER A 677 35.72 -42.49 -11.83
N VAL A 678 36.59 -43.17 -11.08
CA VAL A 678 37.79 -43.75 -11.64
C VAL A 678 37.49 -45.01 -12.47
N MET A 679 36.31 -45.59 -12.32
CA MET A 679 35.97 -46.80 -13.06
C MET A 679 36.14 -46.64 -14.56
N LEU A 680 35.66 -45.52 -15.12
CA LEU A 680 35.81 -45.30 -16.55
C LEU A 680 37.26 -45.07 -16.95
N ASN A 681 38.01 -44.36 -16.11
CA ASN A 681 39.42 -44.10 -16.44
C ASN A 681 40.22 -45.39 -16.44
N TRP A 682 40.00 -46.24 -15.43
CA TRP A 682 40.72 -47.50 -15.35
C TRP A 682 40.32 -48.42 -16.50
N GLU A 683 39.03 -48.47 -16.83
CA GLU A 683 38.59 -49.27 -17.97
C GLU A 683 39.26 -48.78 -19.25
N MET A 684 39.31 -47.45 -19.42
CA MET A 684 39.95 -46.86 -20.58
C MET A 684 41.41 -47.25 -20.68
N GLU A 685 42.12 -47.23 -19.55
CA GLU A 685 43.53 -47.63 -19.56
C GLU A 685 43.68 -49.10 -19.88
N LEU A 686 42.80 -49.95 -19.33
CA LEU A 686 42.83 -51.37 -19.66
C LEU A 686 42.64 -51.60 -21.15
N LYS A 687 41.69 -50.90 -21.75
CA LYS A 687 41.45 -51.05 -23.18
C LYS A 687 42.59 -50.48 -24.02
N ARG A 688 43.23 -49.42 -23.52
CA ARG A 688 44.35 -48.83 -24.25
C ARG A 688 45.56 -49.75 -24.26
N TRP A 689 45.88 -50.35 -23.12
CA TRP A 689 47.05 -51.22 -23.02
C TRP A 689 46.79 -52.67 -23.43
N CYS A 690 45.78 -53.32 -22.87
CA CYS A 690 45.49 -54.72 -23.14
C CYS A 690 44.08 -54.92 -23.67
N PRO A 691 43.82 -54.59 -24.93
CA PRO A 691 42.49 -54.81 -25.50
C PRO A 691 42.07 -56.27 -25.58
N SER A 692 43.03 -57.19 -25.44
CA SER A 692 42.74 -58.63 -25.54
C SER A 692 41.81 -59.11 -24.43
N PHE A 693 42.02 -58.63 -23.20
CA PHE A 693 41.18 -59.07 -22.08
C PHE A 693 39.73 -58.63 -22.28
N LYS A 694 38.81 -59.54 -21.97
CA LYS A 694 37.38 -59.27 -22.00
C LYS A 694 37.04 -58.48 -20.74
N ILE A 695 36.83 -57.18 -20.89
CA ILE A 695 36.58 -56.31 -19.74
C ILE A 695 35.09 -56.21 -19.47
N LEU A 696 34.72 -56.44 -18.22
CA LEU A 696 33.34 -56.33 -17.75
C LEU A 696 33.24 -55.14 -16.80
N THR A 697 32.28 -54.25 -17.06
CA THR A 697 32.05 -53.08 -16.22
C THR A 697 30.69 -53.22 -15.53
N TYR A 698 30.68 -53.00 -14.21
CA TYR A 698 29.49 -53.22 -13.40
C TYR A 698 28.70 -51.95 -13.15
N TYR A 699 28.86 -50.92 -13.99
CA TYR A 699 28.10 -49.71 -13.80
C TYR A 699 26.66 -49.95 -14.25
N GLY A 700 25.74 -49.16 -13.74
CA GLY A 700 24.37 -49.15 -14.24
C GLY A 700 23.35 -49.47 -13.17
N ALA A 701 22.09 -49.23 -13.55
CA ALA A 701 20.91 -49.48 -12.75
C ALA A 701 20.63 -50.98 -12.69
N GLN A 702 19.66 -51.34 -11.84
CA GLN A 702 19.32 -52.74 -11.63
C GLN A 702 18.99 -53.45 -12.94
N LYS A 703 18.32 -52.76 -13.87
CA LYS A 703 18.03 -53.37 -15.16
C LYS A 703 19.32 -53.69 -15.91
N GLU A 704 20.26 -52.74 -15.92
CA GLU A 704 21.53 -52.95 -16.61
C GLU A 704 22.37 -54.01 -15.90
N ARG A 705 22.38 -53.98 -14.57
CA ARG A 705 23.15 -54.98 -13.83
C ARG A 705 22.58 -56.37 -14.08
N LYS A 706 21.25 -56.48 -14.06
CA LYS A 706 20.60 -57.75 -14.28
C LYS A 706 20.97 -58.29 -15.66
N LEU A 707 21.01 -57.41 -16.67
CA LEU A 707 21.35 -57.87 -18.00
C LEU A 707 22.82 -58.32 -18.07
N LYS A 708 23.75 -57.49 -17.60
CA LYS A 708 25.17 -57.82 -17.64
C LYS A 708 25.55 -59.06 -16.83
N ARG A 709 24.92 -59.28 -15.67
CA ARG A 709 25.28 -60.39 -14.79
C ARG A 709 25.14 -61.78 -15.41
N GLN A 710 24.22 -61.99 -16.34
CA GLN A 710 24.10 -63.31 -16.98
C GLN A 710 25.41 -63.76 -17.61
N GLY A 711 26.04 -62.88 -18.40
CA GLY A 711 27.32 -63.23 -19.01
C GLY A 711 28.40 -63.54 -17.99
N TRP A 712 28.41 -62.80 -16.89
CA TRP A 712 29.39 -62.95 -15.82
C TRP A 712 29.47 -64.34 -15.19
N THR A 713 28.37 -65.09 -15.13
CA THR A 713 28.43 -66.39 -14.45
C THR A 713 29.16 -67.47 -15.24
N LYS A 714 29.03 -67.49 -16.57
CA LYS A 714 29.65 -68.59 -17.32
C LYS A 714 31.17 -68.52 -17.31
N PRO A 715 31.84 -69.66 -17.23
CA PRO A 715 33.30 -69.69 -17.30
C PRO A 715 33.85 -69.26 -18.66
N ASN A 716 34.97 -68.52 -18.61
CA ASN A 716 35.63 -67.93 -19.79
C ASN A 716 34.72 -66.99 -20.56
N ALA A 717 33.79 -66.34 -19.87
CA ALA A 717 32.89 -65.38 -20.49
C ALA A 717 33.45 -63.97 -20.46
N PHE A 718 34.19 -63.65 -19.39
CA PHE A 718 34.83 -62.36 -19.19
C PHE A 718 36.12 -62.61 -18.44
N HIS A 719 37.10 -61.72 -18.64
CA HIS A 719 38.39 -61.85 -17.97
C HIS A 719 38.52 -60.95 -16.74
N VAL A 720 38.13 -59.68 -16.84
CA VAL A 720 38.28 -58.74 -15.74
C VAL A 720 36.98 -57.99 -15.53
N CYS A 721 36.57 -57.85 -14.28
CA CYS A 721 35.39 -57.11 -13.90
C CYS A 721 35.78 -55.88 -13.10
N ILE A 722 35.22 -54.72 -13.46
CA ILE A 722 35.50 -53.45 -12.80
C ILE A 722 34.22 -52.98 -12.13
N THR A 723 34.32 -52.59 -10.85
CA THR A 723 33.15 -52.19 -10.08
C THR A 723 33.56 -51.23 -8.99
N SER A 724 32.57 -50.54 -8.42
CA SER A 724 32.77 -49.57 -7.35
C SER A 724 32.52 -50.18 -5.96
N TYR A 725 33.15 -49.55 -4.97
CA TYR A 725 32.99 -49.95 -3.58
C TYR A 725 31.52 -49.93 -3.16
N LYS A 726 30.77 -48.92 -3.60
CA LYS A 726 29.35 -48.84 -3.30
C LYS A 726 28.58 -49.99 -3.95
N LEU A 727 28.86 -50.26 -5.22
CA LEU A 727 28.20 -51.35 -5.93
C LEU A 727 28.51 -52.69 -5.28
N VAL A 728 29.76 -52.92 -4.91
CA VAL A 728 30.13 -54.15 -4.21
C VAL A 728 29.42 -54.23 -2.87
N LEU A 729 29.33 -53.12 -2.15
CA LEU A 729 28.66 -53.13 -0.86
C LEU A 729 27.19 -53.50 -0.99
N GLN A 730 26.53 -52.97 -2.03
CA GLN A 730 25.11 -53.26 -2.25
C GLN A 730 24.89 -54.69 -2.72
N ASP A 731 25.64 -55.12 -3.73
CA ASP A 731 25.50 -56.44 -4.33
C ASP A 731 26.48 -57.45 -3.77
N HIS A 732 26.86 -57.29 -2.50
CA HIS A 732 27.92 -58.10 -1.91
C HIS A 732 27.71 -59.60 -2.04
N GLN A 733 26.47 -60.07 -2.05
CA GLN A 733 26.26 -61.51 -2.17
C GLN A 733 26.65 -62.02 -3.56
N ALA A 734 26.35 -61.23 -4.59
CA ALA A 734 26.63 -61.66 -5.95
C ALA A 734 28.12 -61.88 -6.16
N PHE A 735 28.95 -60.97 -5.65
CA PHE A 735 30.39 -61.10 -5.80
C PHE A 735 30.96 -62.11 -4.82
N ARG A 736 30.42 -62.16 -3.60
CA ARG A 736 30.94 -63.05 -2.57
C ARG A 736 30.76 -64.51 -2.97
N ARG A 737 29.64 -64.84 -3.62
CA ARG A 737 29.40 -66.22 -4.01
C ARG A 737 30.44 -66.71 -5.02
N LYS A 738 30.95 -65.83 -5.88
CA LYS A 738 31.90 -66.26 -6.89
C LYS A 738 33.29 -66.51 -6.30
N ASN A 739 33.99 -67.47 -6.88
CA ASN A 739 35.37 -67.78 -6.54
C ASN A 739 36.29 -66.93 -7.39
N TRP A 740 36.59 -65.73 -6.90
CA TRP A 740 37.48 -64.83 -7.61
C TRP A 740 38.93 -65.29 -7.52
N ARG A 741 39.69 -65.05 -8.59
CA ARG A 741 41.11 -65.38 -8.55
C ARG A 741 41.87 -64.27 -7.83
N TYR A 742 41.85 -63.06 -8.39
CA TYR A 742 42.44 -61.89 -7.78
C TYR A 742 41.37 -60.85 -7.46
N LEU A 743 41.59 -60.17 -6.34
CA LEU A 743 40.76 -59.09 -5.84
C LEU A 743 41.68 -57.89 -5.70
N ILE A 744 41.48 -56.88 -6.53
CA ILE A 744 42.29 -55.66 -6.52
C ILE A 744 41.44 -54.53 -5.97
N LEU A 745 41.99 -53.77 -5.03
CA LEU A 745 41.31 -52.64 -4.44
C LEU A 745 42.10 -51.37 -4.72
N ASP A 746 41.63 -50.59 -5.69
CA ASP A 746 42.27 -49.30 -5.98
C ASP A 746 41.89 -48.31 -4.89
N GLU A 747 42.85 -47.47 -4.51
CA GLU A 747 42.64 -46.50 -3.43
C GLU A 747 42.21 -47.20 -2.14
N ALA A 748 43.02 -48.17 -1.72
CA ALA A 748 42.77 -48.96 -0.53
C ALA A 748 42.57 -48.13 0.74
N GLN A 749 42.87 -46.82 0.69
CA GLN A 749 42.59 -45.98 1.85
C GLN A 749 41.13 -45.97 2.24
N ASN A 750 40.22 -46.34 1.32
CA ASN A 750 38.80 -46.45 1.65
C ASN A 750 38.53 -47.56 2.66
N ILE A 751 39.50 -48.45 2.88
CA ILE A 751 39.38 -49.56 3.80
C ILE A 751 40.13 -49.31 5.10
N LYS A 752 40.67 -48.11 5.26
CA LYS A 752 41.54 -47.80 6.39
C LYS A 752 40.87 -47.96 7.75
N ASN A 753 39.55 -47.89 7.85
CA ASN A 753 38.88 -48.09 9.14
C ASN A 753 38.36 -49.52 9.21
N PHE A 754 38.95 -50.32 10.11
CA PHE A 754 38.55 -51.72 10.22
C PHE A 754 37.16 -51.85 10.83
N LYS A 755 36.69 -50.83 11.54
CA LYS A 755 35.34 -50.87 12.10
C LYS A 755 34.27 -50.57 11.06
N SER A 756 34.67 -50.12 9.88
CA SER A 756 33.73 -49.79 8.82
C SER A 756 33.01 -51.03 8.31
N GLN A 757 31.75 -50.85 7.92
CA GLN A 757 30.97 -51.95 7.35
C GLN A 757 31.60 -52.44 6.06
N ARG A 758 32.22 -51.53 5.31
CA ARG A 758 32.91 -51.90 4.08
C ARG A 758 34.03 -52.91 4.36
N TRP A 759 34.84 -52.63 5.38
CA TRP A 759 35.93 -53.54 5.75
C TRP A 759 35.39 -54.91 6.16
N GLN A 760 34.37 -54.93 7.01
CA GLN A 760 33.80 -56.20 7.45
C GLN A 760 33.19 -56.97 6.29
N SER A 761 32.63 -56.27 5.30
CA SER A 761 32.02 -56.92 4.15
C SER A 761 33.04 -57.47 3.17
N LEU A 762 34.14 -56.76 2.94
CA LEU A 762 35.12 -57.19 1.96
C LEU A 762 36.16 -58.16 2.52
N LEU A 763 36.26 -58.27 3.84
CA LEU A 763 37.29 -59.11 4.46
C LEU A 763 37.17 -60.58 4.07
N ASN A 764 35.94 -61.09 3.90
CA ASN A 764 35.73 -62.50 3.63
C ASN A 764 35.47 -62.85 2.17
N PHE A 765 35.82 -61.97 1.23
CA PHE A 765 35.58 -62.32 -0.17
C PHE A 765 36.42 -63.54 -0.58
N ASN A 766 35.84 -64.34 -1.47
CA ASN A 766 36.49 -65.54 -2.01
C ASN A 766 37.49 -65.12 -3.08
N SER A 767 38.74 -64.95 -2.67
CA SER A 767 39.80 -64.56 -3.60
C SER A 767 41.05 -65.38 -3.32
N GLN A 768 41.68 -65.88 -4.38
CA GLN A 768 42.90 -66.65 -4.22
C GLN A 768 44.06 -65.77 -3.78
N ARG A 769 44.16 -64.56 -4.33
CA ARG A 769 45.20 -63.61 -3.97
C ARG A 769 44.57 -62.23 -3.85
N ARG A 770 45.24 -61.37 -3.09
CA ARG A 770 44.77 -60.02 -2.82
C ARG A 770 45.87 -59.02 -3.10
N LEU A 771 45.48 -57.84 -3.56
CA LEU A 771 46.45 -56.79 -3.86
C LEU A 771 45.80 -55.44 -3.56
N LEU A 772 46.42 -54.69 -2.64
CA LEU A 772 45.93 -53.38 -2.27
C LEU A 772 46.80 -52.31 -2.93
N LEU A 773 46.15 -51.37 -3.60
CA LEU A 773 46.81 -50.26 -4.26
C LEU A 773 46.47 -48.97 -3.54
N THR A 774 47.49 -48.21 -3.17
CA THR A 774 47.29 -46.95 -2.46
C THR A 774 48.46 -46.02 -2.74
N GLY A 775 48.26 -44.74 -2.41
CA GLY A 775 49.33 -43.77 -2.51
C GLY A 775 49.81 -43.37 -1.14
N THR A 776 48.99 -43.70 -0.14
CA THR A 776 49.29 -43.37 1.26
C THR A 776 48.87 -44.55 2.12
N PRO A 777 49.78 -45.47 2.40
CA PRO A 777 49.41 -46.62 3.24
C PRO A 777 49.06 -46.22 4.66
N LEU A 778 49.69 -45.17 5.19
CA LEU A 778 49.39 -44.66 6.52
C LEU A 778 48.91 -43.22 6.40
N GLN A 779 47.77 -42.92 7.02
CA GLN A 779 47.24 -41.56 6.98
C GLN A 779 47.08 -40.93 8.35
N ASN A 780 46.55 -41.65 9.34
CA ASN A 780 46.28 -41.06 10.64
C ASN A 780 46.94 -41.78 11.79
N SER A 781 46.91 -43.11 11.81
CA SER A 781 47.48 -43.86 12.90
C SER A 781 47.87 -45.25 12.43
N LEU A 782 48.76 -45.88 13.20
CA LEU A 782 49.23 -47.22 12.90
C LEU A 782 48.11 -48.24 12.87
N MET A 783 46.96 -47.93 13.48
CA MET A 783 45.82 -48.83 13.39
C MET A 783 45.34 -48.99 11.96
N GLU A 784 45.48 -47.96 11.13
CA GLU A 784 45.11 -48.08 9.72
C GLU A 784 46.04 -49.07 9.02
N LEU A 785 47.33 -48.98 9.33
CA LEU A 785 48.29 -49.90 8.74
C LEU A 785 48.00 -51.32 9.19
N TRP A 786 47.67 -51.50 10.47
CA TRP A 786 47.30 -52.82 10.95
C TRP A 786 46.06 -53.31 10.23
N SER A 787 45.09 -52.43 10.00
CA SER A 787 43.86 -52.83 9.31
C SER A 787 44.16 -53.34 7.91
N LEU A 788 45.02 -52.64 7.18
CA LEU A 788 45.37 -53.11 5.84
C LEU A 788 46.17 -54.41 5.90
N MET A 789 47.12 -54.51 6.84
CA MET A 789 47.91 -55.73 6.95
C MET A 789 47.04 -56.92 7.32
N HIS A 790 46.09 -56.73 8.23
CA HIS A 790 45.17 -57.80 8.60
C HIS A 790 44.31 -58.18 7.42
N PHE A 791 43.86 -57.19 6.64
CA PHE A 791 43.08 -57.52 5.45
C PHE A 791 43.90 -58.34 4.48
N LEU A 792 45.22 -58.17 4.49
CA LEU A 792 46.10 -58.92 3.59
C LEU A 792 46.61 -60.23 4.20
N MET A 793 47.10 -60.20 5.44
CA MET A 793 47.65 -61.39 6.09
C MET A 793 47.04 -61.58 7.47
N PRO A 794 45.78 -62.03 7.54
CA PRO A 794 45.13 -62.23 8.85
C PRO A 794 45.90 -63.17 9.76
N HIS A 795 46.51 -64.22 9.21
CA HIS A 795 47.25 -65.19 9.99
C HIS A 795 48.58 -64.64 10.50
N VAL A 796 48.91 -63.41 10.16
CA VAL A 796 50.11 -62.75 10.66
C VAL A 796 49.78 -61.58 11.57
N PHE A 797 48.60 -60.97 11.42
CA PHE A 797 48.15 -59.82 12.20
C PHE A 797 46.81 -60.14 12.84
N GLN A 798 46.75 -61.32 13.48
CA GLN A 798 45.51 -61.82 14.08
C GLN A 798 44.88 -60.84 15.07
N SER A 799 45.67 -60.23 15.95
CA SER A 799 45.12 -59.34 16.96
C SER A 799 45.52 -57.90 16.72
N HIS A 800 44.53 -57.00 16.86
CA HIS A 800 44.79 -55.57 16.76
C HIS A 800 45.24 -54.99 18.09
N ARG A 801 44.77 -55.56 19.20
CA ARG A 801 45.18 -55.08 20.51
C ARG A 801 46.66 -55.34 20.76
N GLU A 802 47.15 -56.51 20.35
CA GLU A 802 48.56 -56.81 20.52
C GLU A 802 49.42 -55.85 19.73
N PHE A 803 49.02 -55.56 18.49
CA PHE A 803 49.76 -54.62 17.65
C PHE A 803 49.73 -53.22 18.26
N LYS A 804 48.59 -52.82 18.81
CA LYS A 804 48.47 -51.51 19.44
C LYS A 804 49.39 -51.41 20.65
N GLU A 805 49.39 -52.45 21.48
CA GLU A 805 50.23 -52.48 22.68
C GLU A 805 51.71 -52.46 22.32
N TRP A 806 52.12 -53.30 21.37
CA TRP A 806 53.51 -53.35 20.98
C TRP A 806 53.99 -52.09 20.27
N PHE A 807 53.24 -51.60 19.28
CA PHE A 807 53.72 -50.48 18.48
C PHE A 807 52.96 -49.17 18.63
N SER A 808 51.63 -49.18 18.54
CA SER A 808 50.88 -47.92 18.51
C SER A 808 51.10 -47.07 19.75
N ASN A 809 50.97 -47.65 20.94
CA ASN A 809 51.13 -46.85 22.15
C ASN A 809 52.55 -46.30 22.31
N PRO A 810 53.61 -47.10 22.21
CA PRO A 810 54.95 -46.52 22.43
C PRO A 810 55.33 -45.55 21.34
N LEU A 811 55.08 -45.89 20.07
CA LEU A 811 55.45 -44.98 18.99
C LEU A 811 54.71 -43.65 19.12
N THR A 812 53.43 -43.71 19.50
CA THR A 812 52.67 -42.47 19.69
C THR A 812 53.26 -41.68 20.85
N GLY A 813 53.66 -42.37 21.92
CA GLY A 813 54.28 -41.68 23.03
C GLY A 813 55.57 -40.98 22.63
N MET A 814 56.35 -41.63 21.75
CA MET A 814 57.58 -41.03 21.25
C MET A 814 57.29 -39.80 20.41
N ILE A 815 56.30 -39.89 19.52
CA ILE A 815 55.95 -38.73 18.71
C ILE A 815 55.46 -37.60 19.60
N GLU A 816 54.68 -37.93 20.63
CA GLU A 816 54.20 -36.93 21.57
C GLU A 816 55.28 -36.49 22.56
N GLY A 817 56.44 -37.12 22.53
CA GLY A 817 57.53 -36.78 23.42
C GLY A 817 57.39 -37.31 24.83
N SER A 818 56.38 -38.13 25.09
CA SER A 818 56.19 -38.71 26.41
C SER A 818 57.10 -39.90 26.66
N GLN A 819 57.69 -40.46 25.61
CA GLN A 819 58.60 -41.60 25.73
C GLN A 819 59.86 -41.36 24.91
N GLU A 820 60.98 -41.87 25.40
CA GLU A 820 62.26 -41.74 24.73
C GLU A 820 62.26 -42.51 23.41
N TYR A 821 62.88 -41.92 22.38
CA TYR A 821 62.95 -42.53 21.06
C TYR A 821 63.72 -43.85 21.11
N ASN A 822 63.03 -44.94 20.83
CA ASN A 822 63.57 -46.30 20.84
C ASN A 822 63.63 -46.82 19.40
N GLU A 823 64.76 -46.55 18.73
CA GLU A 823 64.95 -46.97 17.35
C GLU A 823 64.82 -48.48 17.19
N GLY A 824 65.07 -49.24 18.25
CA GLY A 824 64.95 -50.69 18.15
C GLY A 824 63.54 -51.13 17.81
N LEU A 825 62.55 -50.59 18.50
CA LEU A 825 61.17 -50.93 18.22
C LEU A 825 60.77 -50.48 16.81
N VAL A 826 61.24 -49.30 16.39
CA VAL A 826 60.93 -48.79 15.06
C VAL A 826 61.48 -49.73 14.00
N LYS A 827 62.73 -50.16 14.18
CA LYS A 827 63.33 -51.12 13.24
C LYS A 827 62.59 -52.45 13.28
N ARG A 828 62.13 -52.88 14.46
CA ARG A 828 61.33 -54.10 14.54
C ARG A 828 60.07 -53.96 13.70
N LEU A 829 59.41 -52.81 13.80
CA LEU A 829 58.22 -52.56 13.00
C LEU A 829 58.55 -52.60 11.51
N HIS A 830 59.66 -51.96 11.12
CA HIS A 830 60.06 -51.98 9.73
C HIS A 830 60.29 -53.40 9.24
N LYS A 831 60.99 -54.21 10.05
CA LYS A 831 61.23 -55.60 9.67
C LYS A 831 59.92 -56.35 9.50
N VAL A 832 58.96 -56.11 10.39
CA VAL A 832 57.66 -56.77 10.28
C VAL A 832 56.98 -56.36 8.97
N LEU A 833 57.04 -55.07 8.64
CA LEU A 833 56.41 -54.56 7.42
C LEU A 833 57.24 -54.77 6.16
N ARG A 834 58.55 -54.99 6.30
CA ARG A 834 59.46 -55.07 5.16
C ARG A 834 59.03 -56.01 4.03
N PRO A 835 58.60 -57.25 4.28
CA PRO A 835 58.25 -58.13 3.15
C PRO A 835 56.96 -57.77 2.44
N PHE A 836 56.06 -57.03 3.08
CA PHE A 836 54.75 -56.74 2.50
C PHE A 836 54.59 -55.34 1.93
N LEU A 837 55.32 -54.34 2.42
CA LEU A 837 55.16 -52.97 1.95
C LEU A 837 56.20 -52.57 0.92
N LEU A 838 55.73 -51.97 -0.17
CA LEU A 838 56.57 -51.43 -1.25
C LEU A 838 56.23 -49.95 -1.40
N ARG A 839 57.23 -49.09 -1.27
CA ARG A 839 57.06 -47.65 -1.33
C ARG A 839 58.02 -47.02 -2.33
N ARG A 840 57.52 -46.03 -3.07
CA ARG A 840 58.32 -45.28 -4.03
C ARG A 840 57.87 -43.82 -4.05
N VAL A 841 58.83 -42.90 -3.88
CA VAL A 841 58.56 -41.47 -3.90
C VAL A 841 58.95 -40.90 -5.27
N LYS A 842 58.22 -39.88 -5.70
CA LYS A 842 58.47 -39.26 -7.00
C LYS A 842 59.85 -38.62 -7.07
N VAL A 843 60.36 -38.14 -5.93
CA VAL A 843 61.68 -37.52 -5.89
C VAL A 843 62.75 -38.49 -6.37
N ASP A 844 62.61 -39.77 -6.02
CA ASP A 844 63.58 -40.78 -6.45
C ASP A 844 63.33 -41.25 -7.88
N VAL A 845 62.15 -40.97 -8.43
CA VAL A 845 61.77 -41.44 -9.75
C VAL A 845 61.75 -40.32 -10.78
N GLU A 846 60.93 -39.29 -10.54
CA GLU A 846 60.85 -38.17 -11.47
C GLU A 846 61.85 -37.09 -11.06
N LYS A 847 63.05 -37.19 -11.61
CA LYS A 847 64.10 -36.23 -11.32
C LYS A 847 63.82 -34.89 -12.00
N GLN A 848 63.33 -34.93 -13.24
CA GLN A 848 62.95 -33.75 -14.01
C GLN A 848 61.56 -33.28 -13.57
N MET A 849 61.50 -32.82 -12.32
CA MET A 849 60.27 -32.35 -11.71
C MET A 849 60.52 -31.03 -10.98
N PRO A 850 59.60 -30.08 -11.08
CA PRO A 850 59.77 -28.81 -10.36
C PRO A 850 59.68 -28.99 -8.85
N LYS A 851 60.39 -28.10 -8.15
CA LYS A 851 60.44 -28.15 -6.69
C LYS A 851 59.15 -27.65 -6.07
N LYS A 852 58.97 -28.00 -4.79
CA LYS A 852 57.82 -27.60 -4.00
C LYS A 852 58.28 -26.96 -2.70
N TYR A 853 57.56 -25.92 -2.27
CA TYR A 853 57.87 -25.21 -1.03
C TYR A 853 56.60 -25.08 -0.19
N GLU A 854 56.73 -25.24 1.12
CA GLU A 854 55.62 -25.14 2.05
C GLU A 854 55.87 -24.02 3.03
N HIS A 855 54.93 -23.08 3.12
CA HIS A 855 55.03 -21.92 3.99
C HIS A 855 53.87 -21.90 4.97
N VAL A 856 54.15 -21.52 6.21
CA VAL A 856 53.13 -21.38 7.24
C VAL A 856 53.09 -19.91 7.64
N ILE A 857 51.91 -19.29 7.48
CA ILE A 857 51.71 -17.88 7.79
C ILE A 857 50.79 -17.76 9.01
N ARG A 858 51.27 -17.07 10.03
CA ARG A 858 50.48 -16.82 11.24
C ARG A 858 49.63 -15.57 11.05
N CYS A 859 48.37 -15.65 11.48
CA CYS A 859 47.42 -14.56 11.35
C CYS A 859 46.73 -14.28 12.68
N ARG A 860 46.33 -13.03 12.88
CA ARG A 860 45.64 -12.61 14.09
C ARG A 860 44.13 -12.59 13.89
N LEU A 861 43.39 -12.70 14.99
CA LEU A 861 41.94 -12.64 14.97
C LEU A 861 41.45 -11.20 15.08
N SER A 862 40.30 -10.93 14.45
CA SER A 862 39.66 -9.63 14.52
C SER A 862 38.97 -9.46 15.87
N LYS A 863 38.48 -8.24 16.14
CA LYS A 863 37.78 -8.01 17.40
C LYS A 863 36.52 -8.85 17.47
N ARG A 864 35.78 -8.94 16.38
CA ARG A 864 34.57 -9.77 16.35
C ARG A 864 34.93 -11.23 16.55
N GLN A 865 35.99 -11.68 15.86
CA GLN A 865 36.46 -13.05 16.01
C GLN A 865 36.89 -13.32 17.45
N ARG A 866 37.60 -12.37 18.06
CA ARG A 866 38.03 -12.52 19.44
C ARG A 866 36.83 -12.65 20.37
N CYS A 867 35.79 -11.83 20.14
CA CYS A 867 34.59 -11.89 20.97
C CYS A 867 33.87 -13.22 20.83
N LEU A 868 33.71 -13.70 19.59
CA LEU A 868 33.05 -14.98 19.39
C LEU A 868 33.86 -16.12 20.00
N TYR A 869 35.18 -16.11 19.81
CA TYR A 869 36.05 -17.14 20.36
C TYR A 869 35.95 -17.16 21.88
N ASP A 870 35.99 -15.99 22.51
CA ASP A 870 35.88 -15.92 23.96
C ASP A 870 34.52 -16.39 24.43
N ASP A 871 33.46 -16.06 23.68
CA ASP A 871 32.12 -16.52 24.06
C ASP A 871 32.03 -18.04 24.03
N PHE A 872 32.53 -18.67 22.97
CA PHE A 872 32.51 -20.13 22.92
C PHE A 872 33.38 -20.74 24.00
N MET A 873 34.54 -20.13 24.28
CA MET A 873 35.39 -20.62 25.35
C MET A 873 34.69 -20.52 26.69
N ALA A 874 33.84 -19.51 26.86
CA ALA A 874 33.08 -19.38 28.09
C ALA A 874 31.98 -20.44 28.18
N GLN A 875 31.34 -20.73 27.04
CA GLN A 875 30.32 -21.77 27.03
C GLN A 875 30.89 -23.15 27.32
N THR A 876 32.21 -23.32 27.20
CA THR A 876 32.85 -24.61 27.49
C THR A 876 32.65 -25.05 28.94
N THR A 877 32.58 -24.10 29.87
CA THR A 877 32.37 -24.41 31.28
C THR A 877 30.95 -24.06 31.70
N THR A 878 30.27 -25.04 32.29
CA THR A 878 28.89 -24.88 32.77
C THR A 878 28.70 -25.59 34.10
N PHE A 887 25.70 -27.66 27.81
CA PHE A 887 25.39 -29.00 27.31
C PHE A 887 26.28 -29.36 26.13
N MET A 888 26.89 -28.34 25.51
CA MET A 888 27.75 -28.56 24.36
C MET A 888 29.01 -29.29 24.80
N SER A 889 29.35 -30.36 24.09
CA SER A 889 30.55 -31.12 24.41
C SER A 889 31.79 -30.41 23.87
N VAL A 890 32.96 -30.94 24.26
CA VAL A 890 34.23 -30.39 23.80
C VAL A 890 34.30 -30.39 22.28
N ILE A 891 33.78 -31.44 21.65
CA ILE A 891 33.77 -31.52 20.19
C ILE A 891 32.93 -30.40 19.59
N ASN A 892 31.83 -30.05 20.23
CA ASN A 892 31.01 -28.96 19.75
C ASN A 892 31.78 -27.65 19.81
N ILE A 893 32.42 -27.37 20.95
CA ILE A 893 33.20 -26.16 21.09
C ILE A 893 34.28 -26.13 20.02
N LEU A 894 34.97 -27.26 19.84
CA LEU A 894 36.04 -27.37 18.85
C LEU A 894 35.56 -26.97 17.46
N MET A 895 34.40 -27.50 17.03
CA MET A 895 33.90 -27.17 15.70
C MET A 895 33.44 -25.72 15.61
N GLN A 896 32.82 -25.20 16.67
CA GLN A 896 32.43 -23.80 16.65
C GLN A 896 33.65 -22.91 16.54
N LEU A 897 34.72 -23.25 17.26
CA LEU A 897 35.94 -22.45 17.20
C LEU A 897 36.54 -22.51 15.80
N ARG A 898 36.52 -23.68 15.16
CA ARG A 898 37.03 -23.76 13.80
C ARG A 898 36.25 -22.86 12.86
N LYS A 899 34.92 -22.85 12.99
CA LYS A 899 34.11 -21.95 12.18
C LYS A 899 34.42 -20.49 12.46
N VAL A 900 34.57 -20.13 13.74
CA VAL A 900 34.90 -18.77 14.10
C VAL A 900 36.24 -18.38 13.50
N CYS A 901 37.21 -19.29 13.54
CA CYS A 901 38.51 -19.03 12.96
C CYS A 901 38.41 -18.86 11.45
N ASN A 902 37.41 -19.46 10.83
CA ASN A 902 37.24 -19.29 9.38
C ASN A 902 36.65 -17.92 9.07
N HIS A 903 35.45 -17.61 9.58
CA HIS A 903 34.82 -16.31 9.39
C HIS A 903 33.58 -16.16 10.27
N PRO A 904 33.42 -15.00 10.93
CA PRO A 904 32.23 -14.81 11.76
C PRO A 904 30.93 -14.76 10.99
N ASN A 905 30.97 -14.49 9.68
CA ASN A 905 29.76 -14.47 8.86
C ASN A 905 29.11 -15.84 8.73
N LEU A 906 29.82 -16.90 9.10
CA LEU A 906 29.22 -18.23 9.09
C LEU A 906 28.13 -18.35 10.14
N PHE A 907 28.08 -17.44 11.10
CA PHE A 907 27.05 -17.39 12.13
C PHE A 907 25.94 -16.42 11.77
N ASP A 908 26.30 -15.18 11.47
CA ASP A 908 25.31 -14.17 11.13
C ASP A 908 25.91 -13.05 10.30
N PRO A 909 25.36 -12.82 9.11
CA PRO A 909 25.81 -11.67 8.30
C PRO A 909 25.42 -10.37 8.97
N ARG A 910 26.13 -9.30 8.62
CA ARG A 910 25.77 -8.00 9.16
C ARG A 910 24.38 -7.62 8.70
N PRO A 911 23.53 -7.11 9.59
CA PRO A 911 22.13 -6.84 9.23
C PRO A 911 21.98 -5.75 8.19
N VAL A 912 21.03 -5.97 7.27
CA VAL A 912 20.57 -4.94 6.35
C VAL A 912 19.53 -4.13 7.11
N THR A 913 19.86 -2.90 7.48
CA THR A 913 18.99 -2.06 8.28
C THR A 913 18.01 -1.27 7.42
N SER A 914 16.76 -1.22 7.88
CA SER A 914 15.68 -0.54 7.18
C SER A 914 14.73 0.06 8.21
N PRO A 915 13.92 1.03 7.83
CA PRO A 915 12.96 1.62 8.77
C PRO A 915 11.89 0.62 9.21
N PHE A 916 11.31 0.91 10.37
CA PHE A 916 10.19 0.13 10.89
C PHE A 916 8.91 0.59 10.20
N ILE A 917 8.29 -0.30 9.43
CA ILE A 917 7.12 0.03 8.63
C ILE A 917 5.87 -0.14 9.47
N THR A 918 5.07 0.92 9.55
CA THR A 918 3.82 0.96 10.30
C THR A 918 2.65 1.11 9.34
N PRO A 919 1.50 0.52 9.66
CA PRO A 919 0.28 0.83 8.90
C PRO A 919 -0.13 2.27 9.13
N GLY A 920 -0.82 2.84 8.14
CA GLY A 920 -1.27 4.20 8.26
C GLY A 920 -2.37 4.36 9.29
N ILE A 921 -2.66 5.62 9.61
CA ILE A 921 -3.74 5.96 10.52
C ILE A 921 -5.04 6.04 9.74
N CYS A 922 -6.03 5.25 10.14
CA CYS A 922 -7.35 5.27 9.53
C CYS A 922 -8.22 6.21 10.36
N PHE A 923 -8.47 7.40 9.83
CA PHE A 923 -9.25 8.42 10.52
C PHE A 923 -10.69 8.34 10.00
N SER A 924 -11.60 7.96 10.88
CA SER A 924 -12.99 7.74 10.52
C SER A 924 -13.82 8.94 10.96
N THR A 925 -14.68 9.41 10.06
CA THR A 925 -15.55 10.55 10.34
C THR A 925 -16.93 10.29 9.77
N ALA A 926 -17.88 11.12 10.14
CA ALA A 926 -19.24 11.00 9.65
C ALA A 926 -19.30 11.33 8.16
N SER A 927 -20.10 10.56 7.43
CA SER A 927 -20.23 10.78 5.99
C SER A 927 -20.87 12.14 5.69
N LEU A 928 -21.68 12.66 6.62
CA LEU A 928 -22.30 13.96 6.43
C LEU A 928 -21.28 15.09 6.45
N VAL A 929 -20.13 14.87 7.08
CA VAL A 929 -19.13 15.92 7.18
C VAL A 929 -18.52 16.24 5.82
N LEU A 930 -18.34 15.21 4.99
CA LEU A 930 -17.75 15.39 3.67
C LEU A 930 -18.65 16.15 2.71
N ARG A 931 -19.93 16.36 3.05
CA ARG A 931 -20.85 17.12 2.22
C ARG A 931 -21.17 18.49 2.80
N ALA A 932 -20.37 18.95 3.77
CA ALA A 932 -20.69 20.18 4.47
C ALA A 932 -20.60 21.39 3.53
N THR A 933 -19.56 21.44 2.69
CA THR A 933 -19.39 22.58 1.80
C THR A 933 -20.21 22.43 0.52
N ASP A 934 -20.69 21.23 0.22
CA ASP A 934 -21.40 21.00 -1.04
C ASP A 934 -22.72 21.74 -1.06
N VAL A 935 -22.98 22.45 -2.15
CA VAL A 935 -24.22 23.19 -2.36
C VAL A 935 -24.80 22.76 -3.69
N HIS A 936 -26.09 22.45 -3.72
CA HIS A 936 -26.74 22.01 -4.94
C HIS A 936 -26.72 23.14 -5.98
N PRO A 937 -26.59 22.80 -7.26
CA PRO A 937 -26.56 23.85 -8.29
C PRO A 937 -27.81 24.71 -8.29
N LEU A 938 -28.97 24.16 -7.96
CA LEU A 938 -30.18 24.97 -7.89
C LEU A 938 -30.18 25.91 -6.69
N GLN A 939 -29.19 25.81 -5.80
CA GLN A 939 -29.11 26.65 -4.63
C GLN A 939 -27.96 27.64 -4.67
N ARG A 940 -27.18 27.68 -5.75
CA ARG A 940 -26.03 28.56 -5.86
C ARG A 940 -26.03 29.24 -7.22
N ILE A 941 -25.47 30.45 -7.27
CA ILE A 941 -25.39 31.21 -8.50
C ILE A 941 -24.11 30.83 -9.26
N ASP A 942 -24.05 31.23 -10.52
CA ASP A 942 -22.86 30.98 -11.34
C ASP A 942 -21.79 31.99 -11.00
N MET A 943 -20.68 31.53 -10.42
CA MET A 943 -19.57 32.41 -10.09
C MET A 943 -18.64 32.66 -11.26
N GLY A 944 -18.88 32.03 -12.41
CA GLY A 944 -18.06 32.27 -13.58
C GLY A 944 -18.29 33.61 -14.25
N ARG A 945 -19.35 34.33 -13.85
CA ARG A 945 -19.58 35.68 -14.36
C ARG A 945 -18.68 36.71 -13.69
N PHE A 946 -18.01 36.35 -12.60
CA PHE A 946 -17.02 37.21 -11.96
C PHE A 946 -15.61 36.66 -12.10
N ASP A 947 -15.39 35.68 -12.97
CA ASP A 947 -14.10 35.03 -13.11
C ASP A 947 -13.22 35.88 -14.00
N LEU A 948 -12.36 36.69 -13.38
CA LEU A 948 -11.41 37.51 -14.11
C LEU A 948 -10.07 36.80 -14.30
N ILE A 949 -9.61 36.06 -13.29
CA ILE A 949 -8.30 35.43 -13.37
C ILE A 949 -8.32 34.22 -14.31
N GLY A 950 -9.48 33.63 -14.57
CA GLY A 950 -9.56 32.52 -15.49
C GLY A 950 -9.40 32.91 -16.94
N LEU A 951 -9.62 34.19 -17.27
CA LEU A 951 -9.48 34.66 -18.63
C LEU A 951 -8.03 34.86 -19.03
N GLU A 952 -7.12 34.93 -18.07
CA GLU A 952 -5.73 35.23 -18.39
C GLU A 952 -5.06 34.01 -19.01
N GLY A 953 -4.38 34.23 -20.13
CA GLY A 953 -3.76 33.16 -20.88
C GLY A 953 -4.69 32.42 -21.81
N ARG A 954 -5.96 32.78 -21.84
CA ARG A 954 -6.95 32.14 -22.69
C ARG A 954 -7.72 33.13 -23.55
N VAL A 955 -8.03 34.31 -23.03
CA VAL A 955 -8.81 35.32 -23.72
C VAL A 955 -7.90 36.49 -24.07
N SER A 956 -8.07 37.01 -25.28
CA SER A 956 -7.22 38.08 -25.79
C SER A 956 -8.00 39.39 -25.84
N ARG A 957 -7.24 40.49 -25.97
CA ARG A 957 -7.87 41.79 -26.10
C ARG A 957 -8.65 41.91 -27.40
N TYR A 958 -8.20 41.22 -28.46
CA TYR A 958 -8.92 41.25 -29.73
C TYR A 958 -10.34 40.72 -29.55
N GLU A 959 -10.47 39.55 -28.92
CA GLU A 959 -11.78 38.94 -28.73
C GLU A 959 -12.71 39.85 -27.95
N ALA A 960 -12.21 40.47 -26.88
CA ALA A 960 -13.07 41.25 -26.00
C ALA A 960 -13.42 42.60 -26.61
N ASP A 961 -12.47 43.25 -27.28
CA ASP A 961 -12.62 44.63 -27.71
C ASP A 961 -13.07 44.78 -29.16
N THR A 962 -12.52 44.00 -30.08
CA THR A 962 -12.78 44.20 -31.50
C THR A 962 -13.75 43.16 -32.07
N PHE A 963 -13.56 41.88 -31.76
CA PHE A 963 -14.35 40.83 -32.41
C PHE A 963 -15.76 40.74 -31.84
N LEU A 964 -15.88 40.47 -30.53
CA LEU A 964 -17.19 40.23 -29.94
C LEU A 964 -18.16 41.40 -30.10
N PRO A 965 -17.78 42.66 -29.92
CA PRO A 965 -18.73 43.75 -30.17
C PRO A 965 -19.29 43.77 -31.57
N ARG A 966 -18.57 43.23 -32.55
CA ARG A 966 -19.04 43.21 -33.92
C ARG A 966 -19.80 41.94 -34.27
N HIS A 967 -19.38 40.79 -33.73
CA HIS A 967 -19.88 39.50 -34.17
C HIS A 967 -20.63 38.78 -33.06
N ARG A 968 -21.22 39.52 -32.13
CA ARG A 968 -22.14 38.91 -31.18
C ARG A 968 -23.41 38.47 -31.91
N LEU A 969 -23.92 37.31 -31.53
CA LEU A 969 -25.19 36.86 -32.08
C LEU A 969 -26.34 37.71 -31.55
N SER A 970 -27.42 37.76 -32.32
CA SER A 970 -28.67 38.36 -31.92
C SER A 970 -29.76 37.30 -31.90
N ARG A 971 -30.85 37.59 -31.19
CA ARG A 971 -31.96 36.65 -31.15
C ARG A 971 -32.54 36.44 -32.54
N ARG A 972 -32.57 37.50 -33.35
CA ARG A 972 -33.15 37.38 -34.69
C ARG A 972 -32.33 36.44 -35.56
N VAL A 973 -31.00 36.59 -35.54
CA VAL A 973 -30.14 35.73 -36.34
C VAL A 973 -30.24 34.29 -35.86
N LEU A 974 -30.25 34.09 -34.55
CA LEU A 974 -30.34 32.73 -34.00
C LEU A 974 -31.65 32.07 -34.43
N LEU A 975 -32.76 32.80 -34.32
CA LEU A 975 -34.05 32.26 -34.73
C LEU A 975 -34.09 31.97 -36.23
N GLU A 976 -33.52 32.86 -37.03
CA GLU A 976 -33.50 32.66 -38.47
C GLU A 976 -32.72 31.41 -38.83
N VAL A 977 -31.56 31.21 -38.21
CA VAL A 977 -30.76 30.03 -38.51
C VAL A 977 -31.47 28.76 -38.05
N ALA A 978 -32.08 28.80 -36.86
CA ALA A 978 -32.76 27.63 -36.33
C ALA A 978 -33.95 27.23 -37.19
N THR A 979 -34.75 28.23 -37.63
CA THR A 979 -35.95 27.93 -38.41
C THR A 979 -35.64 27.56 -39.85
N ALA A 980 -34.56 28.11 -40.41
CA ALA A 980 -34.26 27.86 -41.81
C ALA A 980 -33.89 26.40 -42.03
N PRO A 981 -34.12 25.87 -43.22
CA PRO A 981 -33.75 24.48 -43.51
C PRO A 981 -32.25 24.30 -43.50
N ASP A 982 -31.84 23.04 -43.60
CA ASP A 982 -30.41 22.72 -43.60
C ASP A 982 -29.76 23.30 -44.85
N PRO A 983 -28.51 23.76 -44.75
CA PRO A 983 -27.85 24.34 -45.93
C PRO A 983 -27.60 23.28 -46.98
N PRO A 984 -27.51 23.67 -48.25
CA PRO A 984 -27.23 22.69 -49.30
C PRO A 984 -25.87 22.06 -49.09
N PRO A 985 -25.70 20.80 -49.51
CA PRO A 985 -24.41 20.13 -49.33
C PRO A 985 -23.29 20.87 -50.06
N ARG A 986 -22.12 20.89 -49.42
CA ARG A 986 -20.97 21.58 -49.99
C ARG A 986 -20.53 20.90 -51.29
N PRO A 987 -20.37 21.66 -52.37
CA PRO A 987 -19.95 21.04 -53.64
C PRO A 987 -18.57 20.40 -53.53
N LYS A 988 -18.39 19.32 -54.27
CA LYS A 988 -17.11 18.63 -54.29
C LYS A 988 -16.07 19.49 -55.02
N PRO A 989 -14.80 19.42 -54.60
CA PRO A 989 -13.76 20.21 -55.27
C PRO A 989 -13.60 19.80 -56.73
N VAL A 990 -13.35 20.80 -57.57
CA VAL A 990 -13.12 20.60 -59.00
C VAL A 990 -11.82 21.31 -59.37
N LYS A 991 -10.92 20.59 -60.05
CA LYS A 991 -9.65 21.16 -60.46
C LYS A 991 -9.86 22.13 -61.61
N MET A 992 -10.00 23.42 -61.29
CA MET A 992 -10.26 24.44 -62.30
C MET A 992 -9.42 25.69 -62.03
N SER A 1882 -51.97 13.62 -42.22
CA SER A 1882 -51.55 13.76 -40.83
C SER A 1882 -52.65 13.30 -39.87
N PRO A 1883 -52.89 11.98 -39.81
CA PRO A 1883 -53.97 11.47 -38.95
C PRO A 1883 -53.57 11.41 -37.48
N PHE A 1884 -52.29 11.13 -37.21
CA PHE A 1884 -51.78 10.98 -35.86
C PHE A 1884 -51.21 12.28 -35.30
N TYR A 1885 -51.33 13.38 -36.03
CA TYR A 1885 -50.81 14.66 -35.56
C TYR A 1885 -51.54 15.09 -34.30
N LEU A 1886 -50.77 15.60 -33.34
CA LEU A 1886 -51.30 16.16 -32.10
C LEU A 1886 -50.89 17.62 -32.00
N ASP A 1887 -51.86 18.50 -31.74
CA ASP A 1887 -51.56 19.93 -31.65
C ASP A 1887 -50.85 20.26 -30.34
N SER A 1888 -51.26 19.64 -29.24
CA SER A 1888 -50.66 19.95 -27.95
C SER A 1888 -49.19 19.53 -27.91
N LEU A 1889 -48.87 18.36 -28.46
CA LEU A 1889 -47.49 17.89 -28.48
C LEU A 1889 -46.60 18.82 -29.30
N GLU A 1890 -47.10 19.28 -30.44
CA GLU A 1890 -46.30 20.18 -31.27
C GLU A 1890 -46.15 21.55 -30.62
N GLU A 1891 -47.20 22.03 -29.94
CA GLU A 1891 -47.08 23.28 -29.20
C GLU A 1891 -46.04 23.17 -28.10
N LYS A 1892 -46.05 22.04 -27.37
CA LYS A 1892 -45.03 21.80 -26.35
C LYS A 1892 -43.64 21.76 -26.98
N ARG A 1893 -43.50 21.09 -28.13
CA ARG A 1893 -42.19 20.98 -28.76
C ARG A 1893 -41.68 22.34 -29.23
N LYS A 1894 -42.55 23.17 -29.79
CA LYS A 1894 -42.09 24.48 -30.23
C LYS A 1894 -41.79 25.40 -29.05
N ARG A 1895 -42.53 25.25 -27.95
CA ARG A 1895 -42.18 25.99 -26.74
C ARG A 1895 -40.81 25.56 -26.21
N GLN A 1896 -40.54 24.26 -26.25
CA GLN A 1896 -39.22 23.76 -25.85
C GLN A 1896 -38.12 24.29 -26.75
N ARG A 1897 -38.38 24.33 -28.06
CA ARG A 1897 -37.38 24.86 -28.98
C ARG A 1897 -37.11 26.34 -28.72
N SER A 1898 -38.17 27.11 -28.47
CA SER A 1898 -37.99 28.52 -28.13
C SER A 1898 -37.17 28.69 -26.86
N GLU A 1899 -37.47 27.88 -25.83
CA GLU A 1899 -36.71 27.96 -24.60
C GLU A 1899 -35.25 27.59 -24.82
N ARG A 1900 -34.99 26.56 -25.63
CA ARG A 1900 -33.62 26.15 -25.92
C ARG A 1900 -32.85 27.25 -26.65
N LEU A 1901 -33.48 27.90 -27.63
CA LEU A 1901 -32.81 28.97 -28.34
C LEU A 1901 -32.55 30.17 -27.43
N GLU A 1902 -33.51 30.50 -26.57
CA GLU A 1902 -33.29 31.59 -25.62
C GLU A 1902 -32.14 31.26 -24.67
N ARG A 1903 -32.07 30.01 -24.21
CA ARG A 1903 -30.98 29.60 -23.33
C ARG A 1903 -29.65 29.70 -24.06
N ILE A 1904 -29.61 29.28 -25.32
CA ILE A 1904 -28.37 29.38 -26.11
C ILE A 1904 -27.92 30.82 -26.21
N PHE A 1905 -28.86 31.73 -26.51
CA PHE A 1905 -28.53 33.14 -26.62
C PHE A 1905 -28.01 33.68 -25.30
N GLN A 1906 -28.72 33.41 -24.21
CA GLN A 1906 -28.33 33.96 -22.91
C GLN A 1906 -26.97 33.43 -22.47
N LEU A 1907 -26.69 32.15 -22.75
CA LEU A 1907 -25.40 31.59 -22.38
C LEU A 1907 -24.28 32.14 -23.24
N SER A 1908 -24.53 32.34 -24.53
CA SER A 1908 -23.51 32.91 -25.40
C SER A 1908 -23.18 34.33 -25.00
N GLU A 1909 -24.19 35.11 -24.62
CA GLU A 1909 -23.92 36.45 -24.10
C GLU A 1909 -23.16 36.41 -22.80
N ALA A 1910 -23.52 35.47 -21.90
CA ALA A 1910 -22.89 35.40 -20.59
C ALA A 1910 -21.45 34.93 -20.67
N HIS A 1911 -21.13 34.02 -21.60
CA HIS A 1911 -19.81 33.42 -21.65
C HIS A 1911 -18.78 34.29 -22.35
N GLY A 1912 -19.19 35.42 -22.93
CA GLY A 1912 -18.23 36.33 -23.54
C GLY A 1912 -18.39 37.75 -23.06
N ALA A 1913 -19.06 37.92 -21.91
CA ALA A 1913 -19.29 39.25 -21.37
C ALA A 1913 -18.04 39.85 -20.75
N LEU A 1914 -17.25 39.03 -20.06
CA LEU A 1914 -16.08 39.54 -19.36
C LEU A 1914 -14.90 39.73 -20.30
N ALA A 1915 -14.18 40.84 -20.10
CA ALA A 1915 -12.94 41.17 -20.78
C ALA A 1915 -11.75 41.00 -19.84
N PRO A 1916 -10.63 40.49 -20.34
CA PRO A 1916 -9.48 40.27 -19.46
C PRO A 1916 -8.93 41.59 -18.92
N VAL A 1917 -8.36 41.52 -17.71
CA VAL A 1917 -7.68 42.67 -17.14
C VAL A 1917 -6.48 43.05 -18.00
N TYR A 1918 -5.70 42.06 -18.42
CA TYR A 1918 -4.49 42.28 -19.19
C TYR A 1918 -4.58 41.74 -20.61
N GLY A 1919 -4.96 40.48 -20.76
CA GLY A 1919 -5.09 39.87 -22.07
C GLY A 1919 -3.81 39.22 -22.56
N THR A 1920 -3.99 38.27 -23.47
CA THR A 1920 -2.87 37.49 -23.98
C THR A 1920 -1.83 38.35 -24.69
N GLU A 1921 -2.29 39.34 -25.48
CA GLU A 1921 -1.35 40.20 -26.20
C GLU A 1921 -0.48 41.01 -25.25
N VAL A 1922 -1.07 41.60 -24.22
CA VAL A 1922 -0.31 42.41 -23.27
C VAL A 1922 0.71 41.55 -22.53
N LEU A 1923 0.29 40.38 -22.08
CA LEU A 1923 1.21 39.50 -21.36
C LEU A 1923 2.34 39.03 -22.26
N ASP A 1924 2.03 38.67 -23.50
CA ASP A 1924 3.09 38.25 -24.42
C ASP A 1924 4.06 39.38 -24.70
N PHE A 1925 3.56 40.60 -24.92
CA PHE A 1925 4.43 41.74 -25.16
C PHE A 1925 5.33 42.01 -23.96
N CYS A 1926 4.77 41.93 -22.75
CA CYS A 1926 5.53 42.21 -21.53
C CYS A 1926 6.38 41.05 -21.04
N THR A 1927 6.21 39.84 -21.59
CA THR A 1927 6.95 38.68 -21.11
C THR A 1927 8.25 38.54 -21.87
N LEU A 1928 9.36 38.89 -21.21
CA LEU A 1928 10.68 38.74 -21.79
C LEU A 1928 11.07 37.27 -21.83
N PRO A 1929 12.07 36.91 -22.65
CA PRO A 1929 12.50 35.50 -22.72
C PRO A 1929 12.84 34.94 -21.35
N GLN A 1930 12.36 33.71 -21.10
CA GLN A 1930 12.26 33.12 -19.77
C GLN A 1930 13.47 33.33 -18.86
N PRO A 1931 14.72 33.11 -19.29
CA PRO A 1931 15.83 33.41 -18.35
C PRO A 1931 16.19 34.88 -18.30
N VAL A 1932 15.41 35.63 -17.53
CA VAL A 1932 15.61 37.07 -17.40
C VAL A 1932 16.76 37.35 -16.45
N ALA A 1933 17.69 38.20 -16.87
CA ALA A 1933 18.83 38.62 -16.06
C ALA A 1933 19.63 37.42 -15.58
N SER A 1934 20.22 36.71 -16.54
CA SER A 1934 21.04 35.55 -16.24
C SER A 1934 22.24 35.51 -17.17
N PRO A 1935 23.35 34.91 -16.73
CA PRO A 1935 24.45 34.65 -17.67
C PRO A 1935 24.06 33.70 -18.78
N ILE A 1936 23.02 32.90 -18.59
CA ILE A 1936 22.52 32.01 -19.63
C ILE A 1936 21.55 32.79 -20.51
N GLY A 1937 21.81 32.77 -21.82
CA GLY A 1937 20.95 33.43 -22.77
C GLY A 1937 19.76 32.56 -23.13
N PRO A 1938 18.71 33.18 -23.64
CA PRO A 1938 17.56 32.41 -24.14
C PRO A 1938 17.92 31.64 -25.40
N ARG A 1939 16.98 30.78 -25.81
CA ARG A 1939 17.16 29.90 -26.96
C ARG A 1939 17.05 30.75 -28.23
N SER A 1940 18.17 31.28 -28.68
CA SER A 1940 18.17 32.04 -29.91
C SER A 1940 17.89 31.13 -31.11
N PRO A 1941 17.04 31.55 -32.04
CA PRO A 1941 16.75 30.70 -33.20
C PRO A 1941 17.98 30.40 -34.03
N GLY A 1942 18.93 31.33 -34.10
CA GLY A 1942 20.12 31.16 -34.89
C GLY A 1942 20.98 32.40 -34.91
N PRO A 1943 22.03 32.40 -35.73
CA PRO A 1943 22.93 33.56 -35.77
C PRO A 1943 22.27 34.83 -36.27
N SER A 1944 21.11 34.74 -36.93
CA SER A 1944 20.43 35.93 -37.41
C SER A 1944 19.91 36.79 -36.27
N HIS A 1945 19.69 36.20 -35.10
CA HIS A 1945 19.19 36.89 -33.91
C HIS A 1945 20.34 37.53 -33.14
N PRO A 1946 20.16 38.75 -32.64
CA PRO A 1946 21.25 39.39 -31.89
C PRO A 1946 21.62 38.65 -30.62
N THR A 1947 20.71 37.87 -30.04
CA THR A 1947 21.01 37.13 -28.83
C THR A 1947 22.03 36.03 -29.06
N PHE A 1948 22.20 35.59 -30.31
CA PHE A 1948 23.18 34.53 -30.61
C PHE A 1948 24.60 34.99 -30.29
N TRP A 1949 24.91 36.25 -30.55
CA TRP A 1949 26.27 36.77 -30.42
C TRP A 1949 26.46 37.57 -29.13
N THR A 1950 25.54 37.46 -28.18
CA THR A 1950 25.63 38.19 -26.92
C THR A 1950 26.17 37.35 -25.78
N TYR A 1951 25.81 36.08 -25.73
CA TYR A 1951 26.17 35.20 -24.62
C TYR A 1951 27.30 34.26 -25.02
N THR A 1952 28.07 33.83 -24.03
CA THR A 1952 29.24 32.99 -24.24
C THR A 1952 29.01 31.60 -23.65
N GLU A 1953 29.76 30.62 -24.18
CA GLU A 1953 29.71 29.27 -23.64
C GLU A 1953 30.42 29.20 -22.30
N ALA A 1954 31.41 30.06 -22.07
CA ALA A 1954 32.10 30.08 -20.78
C ALA A 1954 31.14 30.45 -19.66
N ALA A 1955 30.28 31.44 -19.88
CA ALA A 1955 29.28 31.78 -18.89
C ALA A 1955 28.30 30.65 -18.67
N HIS A 1956 27.95 29.93 -19.75
CA HIS A 1956 27.03 28.80 -19.64
C HIS A 1956 27.62 27.69 -18.80
N ARG A 1957 28.91 27.40 -18.98
CA ARG A 1957 29.56 26.32 -18.26
C ARG A 1957 29.83 26.64 -16.79
N ALA A 1958 29.71 27.89 -16.38
CA ALA A 1958 29.84 28.26 -14.98
C ALA A 1958 28.55 28.12 -14.20
N VAL A 1959 27.45 27.77 -14.86
CA VAL A 1959 26.16 27.53 -14.21
C VAL A 1959 25.84 26.05 -14.37
N LEU A 1960 25.60 25.38 -13.25
CA LEU A 1960 25.36 23.94 -13.22
C LEU A 1960 23.89 23.68 -12.90
N PHE A 1961 23.24 22.89 -13.76
CA PHE A 1961 21.89 22.44 -13.49
C PHE A 1961 21.90 21.40 -12.38
N PRO A 1962 20.75 21.15 -11.75
CA PRO A 1962 20.71 20.12 -10.69
C PRO A 1962 21.18 18.75 -11.16
N GLN A 1963 20.92 18.38 -12.41
CA GLN A 1963 21.42 17.11 -12.92
C GLN A 1963 22.94 17.10 -12.96
N GLN A 1964 23.55 18.21 -13.37
CA GLN A 1964 25.01 18.31 -13.35
C GLN A 1964 25.54 18.24 -11.92
N ARG A 1965 24.83 18.85 -10.97
CA ARG A 1965 25.23 18.75 -9.58
C ARG A 1965 25.17 17.31 -9.10
N LEU A 1966 24.12 16.59 -9.46
CA LEU A 1966 24.00 15.18 -9.08
C LEU A 1966 25.13 14.35 -9.68
N ASP A 1967 25.44 14.58 -10.96
CA ASP A 1967 26.56 13.90 -11.58
C ASP A 1967 27.88 14.25 -10.92
N GLN A 1968 27.99 15.47 -10.38
CA GLN A 1968 29.19 15.90 -9.71
C GLN A 1968 29.35 15.30 -8.33
N LEU A 1969 28.24 14.97 -7.67
CA LEU A 1969 28.25 14.42 -6.32
C LEU A 1969 27.87 12.94 -6.28
N SER A 1970 28.04 12.22 -7.39
CA SER A 1970 27.64 10.82 -7.42
C SER A 1970 28.43 9.98 -6.41
N GLU A 1971 29.74 10.20 -6.34
CA GLU A 1971 30.56 9.45 -5.38
C GLU A 1971 30.19 9.82 -3.95
N ILE A 1972 29.95 11.11 -3.70
CA ILE A 1972 29.53 11.55 -2.38
C ILE A 1972 28.16 10.98 -2.04
N ILE A 1973 27.24 10.94 -3.01
CA ILE A 1973 25.93 10.38 -2.75
C ILE A 1973 26.03 8.89 -2.41
N GLU A 1974 26.87 8.16 -3.13
CA GLU A 1974 27.04 6.74 -2.88
C GLU A 1974 27.70 6.46 -1.54
N ARG A 1975 28.63 7.29 -1.09
CA ARG A 1975 29.36 6.99 0.13
C ARG A 1975 28.81 7.64 1.40
N PHE A 1976 28.17 8.80 1.32
CA PHE A 1976 27.79 9.54 2.51
C PHE A 1976 26.30 9.70 2.77
N ILE A 1977 25.43 9.20 1.90
CA ILE A 1977 23.99 9.28 2.12
C ILE A 1977 23.56 7.95 2.73
N PHE A 1978 23.31 7.97 4.05
CA PHE A 1978 22.96 6.75 4.76
C PHE A 1978 21.83 6.89 5.78
N VAL A 1979 21.39 8.10 6.12
CA VAL A 1979 20.47 8.27 7.24
C VAL A 1979 19.07 7.82 6.84
N MET A 1980 18.51 6.91 7.62
CA MET A 1980 17.18 6.39 7.42
C MET A 1980 16.26 6.83 8.56
N PRO A 1981 15.03 7.21 8.27
CA PRO A 1981 14.07 7.48 9.34
C PRO A 1981 13.82 6.23 10.16
N PRO A 1982 13.74 6.36 11.49
CA PRO A 1982 13.46 5.17 12.31
C PRO A 1982 12.13 4.51 11.99
N VAL A 1983 11.12 5.29 11.62
CA VAL A 1983 9.79 4.77 11.36
C VAL A 1983 9.36 5.26 9.98
N GLU A 1984 8.55 4.45 9.30
CA GLU A 1984 8.02 4.81 7.99
C GLU A 1984 6.55 4.42 7.92
N ALA A 1985 5.71 5.37 7.54
CA ALA A 1985 4.27 5.16 7.51
C ALA A 1985 3.68 5.75 6.24
N PRO A 1986 2.59 5.17 5.73
CA PRO A 1986 1.83 5.81 4.67
C PRO A 1986 0.98 6.93 5.22
N PRO A 1987 0.51 7.85 4.37
CA PRO A 1987 -0.24 9.00 4.89
C PRO A 1987 -1.53 8.56 5.52
N PRO A 1988 -2.04 9.32 6.50
CA PRO A 1988 -3.33 8.99 7.11
C PRO A 1988 -4.44 9.01 6.08
N SER A 1989 -5.38 8.07 6.24
CA SER A 1989 -6.49 7.92 5.30
C SER A 1989 -7.80 8.31 5.96
N LEU A 1990 -8.64 8.99 5.20
CA LEU A 1990 -9.94 9.45 5.67
C LEU A 1990 -11.01 8.45 5.22
N HIS A 1991 -11.75 7.90 6.17
CA HIS A 1991 -12.75 6.88 5.90
C HIS A 1991 -14.12 7.36 6.37
N ALA A 1992 -15.11 7.24 5.50
CA ALA A 1992 -16.50 7.45 5.84
C ALA A 1992 -17.34 6.32 5.27
N CYS A 1993 -18.43 5.99 5.97
CA CYS A 1993 -19.23 4.85 5.57
C CYS A 1993 -19.89 5.07 4.21
N HIS A 1994 -20.37 6.28 3.95
CA HIS A 1994 -21.06 6.62 2.70
C HIS A 1994 -20.50 7.93 2.17
N PRO A 1995 -19.29 7.91 1.64
CA PRO A 1995 -18.66 9.15 1.17
C PRO A 1995 -19.30 9.61 -0.12
N PRO A 1996 -19.10 10.87 -0.50
CA PRO A 1996 -19.51 11.33 -1.83
C PRO A 1996 -18.81 10.52 -2.91
N PRO A 1997 -19.57 9.82 -3.74
CA PRO A 1997 -18.95 8.87 -4.69
C PRO A 1997 -18.07 9.52 -5.74
N TRP A 1998 -17.93 10.85 -5.74
CA TRP A 1998 -17.09 11.54 -6.70
C TRP A 1998 -15.75 11.96 -6.14
N LEU A 1999 -15.59 11.99 -4.82
CA LEU A 1999 -14.35 12.47 -4.23
C LEU A 1999 -13.19 11.52 -4.53
N ALA A 2000 -13.38 10.23 -4.27
CA ALA A 2000 -12.31 9.27 -4.49
C ALA A 2000 -11.89 9.16 -5.95
N PRO A 2001 -12.80 9.03 -6.92
CA PRO A 2001 -12.33 9.02 -8.33
C PRO A 2001 -11.63 10.29 -8.75
N ARG A 2002 -12.08 11.45 -8.24
CA ARG A 2002 -11.40 12.70 -8.58
C ARG A 2002 -9.99 12.72 -8.03
N GLN A 2003 -9.82 12.30 -6.77
CA GLN A 2003 -8.47 12.24 -6.19
C GLN A 2003 -7.60 11.23 -6.94
N ALA A 2004 -8.18 10.10 -7.33
CA ALA A 2004 -7.42 9.10 -8.06
C ALA A 2004 -6.96 9.63 -9.41
N ALA A 2005 -7.83 10.34 -10.12
CA ALA A 2005 -7.45 10.90 -11.41
C ALA A 2005 -6.38 11.98 -11.25
N PHE A 2006 -6.52 12.83 -10.23
CA PHE A 2006 -5.51 13.85 -9.97
C PHE A 2006 -4.16 13.21 -9.69
N GLN A 2007 -4.15 12.19 -8.84
CA GLN A 2007 -2.90 11.50 -8.52
C GLN A 2007 -2.31 10.84 -9.75
N GLU A 2008 -3.14 10.20 -10.57
CA GLU A 2008 -2.65 9.52 -11.76
C GLU A 2008 -2.02 10.52 -12.73
N GLN A 2009 -2.69 11.64 -12.98
CA GLN A 2009 -2.13 12.64 -13.89
C GLN A 2009 -0.84 13.23 -13.34
N LEU A 2010 -0.81 13.54 -12.04
CA LEU A 2010 0.38 14.12 -11.45
C LEU A 2010 1.55 13.14 -11.51
N ALA A 2011 1.28 11.86 -11.26
CA ALA A 2011 2.32 10.84 -11.35
C ALA A 2011 2.82 10.69 -12.78
N SER A 2012 1.90 10.67 -13.75
CA SER A 2012 2.31 10.50 -15.14
C SER A 2012 3.12 11.70 -15.63
N GLU A 2013 2.89 12.88 -15.07
CA GLU A 2013 3.66 14.04 -15.49
C GLU A 2013 4.96 14.23 -14.71
N LEU A 2014 5.03 13.76 -13.47
CA LEU A 2014 6.15 14.10 -12.59
C LEU A 2014 7.09 12.95 -12.26
N TRP A 2015 6.62 11.70 -12.27
CA TRP A 2015 7.52 10.59 -11.95
C TRP A 2015 8.73 10.47 -12.88
N PRO A 2016 8.61 10.62 -14.20
CA PRO A 2016 9.82 10.59 -15.02
C PRO A 2016 10.84 11.64 -14.64
N ARG A 2017 10.39 12.79 -14.14
CA ARG A 2017 11.29 13.87 -13.74
C ARG A 2017 11.98 13.61 -12.41
N ALA A 2018 11.50 12.65 -11.63
CA ALA A 2018 12.08 12.33 -10.33
C ALA A 2018 13.10 11.19 -10.39
N ARG A 2019 13.30 10.61 -11.57
CA ARG A 2019 14.26 9.52 -11.71
C ARG A 2019 15.68 9.88 -11.30
N PRO A 2020 16.22 11.07 -11.58
CA PRO A 2020 17.58 11.37 -11.13
C PRO A 2020 17.79 11.24 -9.63
N LEU A 2021 16.75 11.46 -8.82
CA LEU A 2021 16.86 11.36 -7.38
C LEU A 2021 16.71 9.94 -6.87
N HIS A 2022 16.86 8.93 -7.73
CA HIS A 2022 16.57 7.56 -7.33
C HIS A 2022 17.57 7.06 -6.30
N ARG A 2023 18.86 7.37 -6.49
CA ARG A 2023 19.88 6.84 -5.57
C ARG A 2023 19.75 7.45 -4.18
N ILE A 2024 19.38 8.73 -4.10
CA ILE A 2024 19.22 9.38 -2.80
C ILE A 2024 18.09 8.71 -2.03
N VAL A 2025 16.96 8.48 -2.69
CA VAL A 2025 15.80 7.86 -2.03
C VAL A 2025 16.15 6.45 -1.57
N CYS A 2026 16.80 5.67 -2.43
CA CYS A 2026 17.18 4.31 -2.06
C CYS A 2026 18.14 4.30 -0.88
N ASN A 2027 19.15 5.17 -0.90
CA ASN A 2027 20.12 5.20 0.19
C ASN A 2027 19.47 5.61 1.51
N MET A 2028 18.45 6.46 1.46
CA MET A 2028 17.70 6.83 2.65
C MET A 2028 16.63 5.81 3.02
N ARG A 2029 16.40 4.80 2.17
CA ARG A 2029 15.33 3.85 2.40
C ARG A 2029 15.83 2.51 2.94
N THR A 2030 17.04 2.11 2.58
CA THR A 2030 17.60 0.84 3.04
C THR A 2030 19.11 0.94 3.01
N GLN A 2031 19.76 0.35 4.00
CA GLN A 2031 21.22 0.37 4.10
C GLN A 2031 21.75 -1.05 4.25
N PHE A 2032 22.58 -1.47 3.34
CA PHE A 2032 23.25 -2.75 3.27
C PHE A 2032 24.65 -2.64 3.85
N PRO A 2033 25.23 -3.72 4.36
CA PRO A 2033 26.61 -3.62 4.85
C PRO A 2033 27.57 -3.42 3.70
N ASP A 2034 28.60 -2.62 3.95
CA ASP A 2034 29.62 -2.39 2.95
C ASP A 2034 30.41 -3.68 2.70
N LEU A 2035 30.75 -3.93 1.44
CA LEU A 2035 31.48 -5.15 1.12
C LEU A 2035 32.84 -5.18 1.81
N ARG A 2036 33.42 -4.00 2.05
CA ARG A 2036 34.72 -3.92 2.71
C ARG A 2036 34.71 -4.52 4.11
N LEU A 2037 33.56 -4.48 4.79
CA LEU A 2037 33.50 -4.97 6.15
C LEU A 2037 33.72 -6.47 6.24
N ILE A 2038 33.59 -7.18 5.13
CA ILE A 2038 33.84 -8.62 5.11
C ILE A 2038 35.29 -8.92 5.47
N GLN A 2039 36.22 -8.16 4.90
CA GLN A 2039 37.65 -8.33 5.19
C GLN A 2039 38.03 -7.82 6.56
N TYR A 2040 37.40 -6.73 7.01
CA TYR A 2040 37.71 -6.18 8.33
C TYR A 2040 37.35 -7.13 9.47
N ASP A 2041 36.37 -8.00 9.26
CA ASP A 2041 35.95 -8.94 10.31
C ASP A 2041 36.75 -10.22 10.36
N CYS A 2042 37.74 -10.41 9.49
CA CYS A 2042 38.55 -11.64 9.53
C CYS A 2042 40.00 -11.33 9.19
N GLY A 2043 40.90 -11.62 10.14
CA GLY A 2043 42.31 -11.37 9.93
C GLY A 2043 42.88 -12.24 8.81
N LYS A 2044 42.31 -13.43 8.64
CA LYS A 2044 42.71 -14.30 7.55
C LYS A 2044 42.45 -13.62 6.22
N LEU A 2045 41.31 -12.94 6.10
CA LEU A 2045 41.01 -12.25 4.85
C LEU A 2045 42.01 -11.13 4.60
N GLN A 2046 42.44 -10.42 5.63
CA GLN A 2046 43.43 -9.36 5.44
C GLN A 2046 44.76 -9.95 4.97
N THR A 2047 45.22 -11.01 5.62
CA THR A 2047 46.47 -11.64 5.22
C THR A 2047 46.35 -12.20 3.81
N LEU A 2048 45.20 -12.78 3.48
CA LEU A 2048 44.99 -13.32 2.15
C LEU A 2048 44.96 -12.18 1.13
N ALA A 2049 44.41 -11.04 1.51
CA ALA A 2049 44.37 -9.90 0.59
C ALA A 2049 45.79 -9.48 0.22
N VAL A 2050 46.65 -9.36 1.23
CA VAL A 2050 48.05 -9.00 0.98
C VAL A 2050 48.72 -10.06 0.10
N LEU A 2051 48.52 -11.33 0.45
CA LEU A 2051 49.15 -12.42 -0.30
C LEU A 2051 48.67 -12.44 -1.75
N LEU A 2052 47.36 -12.29 -1.96
CA LEU A 2052 46.83 -12.30 -3.32
C LEU A 2052 47.32 -11.10 -4.10
N ARG A 2053 47.46 -9.94 -3.45
CA ARG A 2053 47.97 -8.78 -4.17
C ARG A 2053 49.38 -9.05 -4.66
N GLN A 2054 50.22 -9.62 -3.79
CA GLN A 2054 51.58 -9.94 -4.20
C GLN A 2054 51.59 -10.98 -5.31
N LEU A 2055 50.77 -12.02 -5.19
CA LEU A 2055 50.75 -13.10 -6.17
C LEU A 2055 50.28 -12.61 -7.54
N LYS A 2056 49.29 -11.72 -7.58
CA LYS A 2056 48.87 -11.18 -8.85
C LYS A 2056 49.93 -10.26 -9.44
N ALA A 2057 50.56 -9.44 -8.58
CA ALA A 2057 51.60 -8.55 -9.08
C ALA A 2057 52.73 -9.35 -9.71
N GLU A 2058 53.14 -10.44 -9.08
CA GLU A 2058 54.19 -11.26 -9.66
C GLU A 2058 53.69 -12.10 -10.83
N GLY A 2059 52.38 -12.18 -11.05
CA GLY A 2059 51.83 -12.90 -12.19
C GLY A 2059 51.64 -14.39 -12.03
N HIS A 2060 51.07 -14.82 -10.91
CA HIS A 2060 50.83 -16.23 -10.63
C HIS A 2060 49.33 -16.52 -10.66
N ARG A 2061 49.01 -17.81 -10.55
CA ARG A 2061 47.63 -18.27 -10.49
C ARG A 2061 47.49 -19.02 -9.17
N VAL A 2062 46.37 -18.84 -8.49
CA VAL A 2062 46.21 -19.36 -7.13
C VAL A 2062 45.00 -20.28 -6.99
N LEU A 2063 45.20 -21.38 -6.27
CA LEU A 2063 44.16 -22.34 -5.91
C LEU A 2063 43.90 -22.16 -4.42
N ILE A 2064 42.65 -21.91 -4.06
CA ILE A 2064 42.28 -21.73 -2.65
C ILE A 2064 41.49 -22.94 -2.20
N PHE A 2065 42.01 -23.63 -1.19
CA PHE A 2065 41.41 -24.84 -0.64
C PHE A 2065 40.81 -24.54 0.73
N THR A 2066 39.56 -24.94 0.95
CA THR A 2066 38.93 -24.75 2.25
C THR A 2066 38.07 -25.95 2.59
N GLN A 2067 37.99 -26.25 3.89
CA GLN A 2067 37.19 -27.38 4.35
C GLN A 2067 35.69 -27.14 4.23
N MET A 2068 35.23 -25.90 4.28
CA MET A 2068 33.80 -25.59 4.34
C MET A 2068 33.30 -24.89 3.08
N THR A 2069 32.19 -25.40 2.53
CA THR A 2069 31.56 -24.79 1.35
C THR A 2069 31.06 -23.37 1.64
N ARG A 2070 30.59 -23.10 2.86
CA ARG A 2070 30.15 -21.75 3.18
C ARG A 2070 31.34 -20.81 3.13
N MET A 2071 32.51 -21.30 3.53
CA MET A 2071 33.72 -20.50 3.39
C MET A 2071 33.94 -20.21 1.91
N LEU A 2072 33.58 -21.16 1.04
CA LEU A 2072 33.68 -20.90 -0.40
C LEU A 2072 32.75 -19.77 -0.80
N ASP A 2073 31.55 -19.72 -0.23
CA ASP A 2073 30.65 -18.61 -0.53
C ASP A 2073 31.23 -17.27 -0.09
N VAL A 2074 31.86 -17.26 1.09
CA VAL A 2074 32.48 -16.04 1.59
C VAL A 2074 33.67 -15.67 0.71
N LEU A 2075 34.44 -16.65 0.27
CA LEU A 2075 35.56 -16.39 -0.62
C LEU A 2075 35.05 -15.85 -1.94
N GLU A 2076 33.90 -16.34 -2.41
CA GLU A 2076 33.32 -15.82 -3.64
C GLU A 2076 33.06 -14.33 -3.50
N GLN A 2077 32.47 -13.94 -2.38
CA GLN A 2077 32.20 -12.53 -2.13
C GLN A 2077 33.50 -11.72 -2.07
N PHE A 2078 34.48 -12.21 -1.30
CA PHE A 2078 35.74 -11.49 -1.14
C PHE A 2078 36.50 -11.34 -2.45
N LEU A 2079 36.58 -12.41 -3.23
CA LEU A 2079 37.25 -12.36 -4.53
C LEU A 2079 36.53 -11.44 -5.49
N THR A 2080 35.20 -11.43 -5.46
CA THR A 2080 34.47 -10.51 -6.31
C THR A 2080 34.73 -9.07 -5.89
N TYR A 2081 34.74 -8.81 -4.58
CA TYR A 2081 34.97 -7.45 -4.11
C TYR A 2081 36.35 -6.96 -4.50
N HIS A 2082 37.35 -7.83 -4.40
CA HIS A 2082 38.69 -7.46 -4.84
C HIS A 2082 38.83 -7.48 -6.35
N GLY A 2083 37.87 -8.07 -7.07
CA GLY A 2083 37.92 -8.11 -8.52
C GLY A 2083 38.65 -9.31 -9.10
N HIS A 2084 38.96 -10.30 -8.29
CA HIS A 2084 39.66 -11.50 -8.74
C HIS A 2084 38.68 -12.44 -9.43
N LEU A 2085 38.88 -12.69 -10.72
CA LEU A 2085 38.02 -13.62 -11.43
C LEU A 2085 38.30 -15.02 -10.92
N TYR A 2086 37.24 -15.80 -10.71
CA TYR A 2086 37.40 -17.13 -10.16
C TYR A 2086 36.37 -18.10 -10.70
N LEU A 2087 36.68 -19.38 -10.54
CA LEU A 2087 35.81 -20.52 -10.82
C LEU A 2087 35.63 -21.28 -9.52
N ARG A 2088 34.56 -22.06 -9.42
CA ARG A 2088 34.24 -22.76 -8.18
C ARG A 2088 33.95 -24.24 -8.40
N LEU A 2089 34.49 -25.08 -7.51
CA LEU A 2089 34.26 -26.52 -7.47
C LEU A 2089 33.91 -26.85 -6.01
N ASP A 2090 32.61 -26.81 -5.69
CA ASP A 2090 32.16 -27.03 -4.32
C ASP A 2090 31.61 -28.42 -4.07
N GLY A 2091 32.02 -29.40 -4.89
CA GLY A 2091 31.53 -30.76 -4.74
C GLY A 2091 30.08 -30.97 -5.15
N SER A 2092 29.30 -29.89 -5.15
CA SER A 2092 27.90 -29.94 -5.55
C SER A 2092 27.73 -29.84 -7.05
N THR A 2093 28.79 -29.54 -7.79
CA THR A 2093 28.74 -29.52 -9.24
C THR A 2093 28.56 -30.93 -9.81
N ARG A 2094 27.80 -30.99 -10.90
CA ARG A 2094 27.56 -32.26 -11.58
C ARG A 2094 28.86 -32.82 -12.12
N VAL A 2095 28.95 -34.14 -12.18
CA VAL A 2095 30.18 -34.82 -12.60
C VAL A 2095 30.62 -34.38 -13.99
N GLU A 2096 29.69 -34.28 -14.93
CA GLU A 2096 30.05 -33.86 -16.28
C GLU A 2096 30.59 -32.44 -16.34
N GLN A 2097 30.17 -31.58 -15.41
CA GLN A 2097 30.64 -30.19 -15.41
C GLN A 2097 32.06 -30.04 -14.89
N ARG A 2098 32.51 -30.96 -14.05
CA ARG A 2098 33.85 -30.87 -13.45
C ARG A 2098 34.95 -30.79 -14.51
N GLN A 2099 34.92 -31.70 -15.49
CA GLN A 2099 35.94 -31.68 -16.54
C GLN A 2099 35.87 -30.41 -17.36
N ALA A 2100 34.66 -29.91 -17.65
CA ALA A 2100 34.54 -28.66 -18.40
C ALA A 2100 35.17 -27.51 -17.63
N LEU A 2101 34.93 -27.45 -16.32
CA LEU A 2101 35.53 -26.40 -15.50
C LEU A 2101 37.05 -26.51 -15.49
N MET A 2102 37.56 -27.74 -15.37
CA MET A 2102 39.00 -27.96 -15.40
C MET A 2102 39.61 -27.48 -16.71
N GLU A 2103 39.02 -27.90 -17.83
CA GLU A 2103 39.51 -27.48 -19.14
C GLU A 2103 39.41 -25.97 -19.34
N ARG A 2104 38.34 -25.34 -18.86
CA ARG A 2104 38.23 -23.89 -19.00
C ARG A 2104 39.32 -23.19 -18.20
N PHE A 2105 39.56 -23.63 -16.97
CA PHE A 2105 40.60 -23.00 -16.16
C PHE A 2105 41.97 -23.18 -16.80
N ASN A 2106 42.25 -24.38 -17.30
CA ASN A 2106 43.55 -24.63 -17.92
C ASN A 2106 43.70 -23.89 -19.25
N ALA A 2107 42.60 -23.62 -19.93
CA ALA A 2107 42.65 -22.93 -21.22
C ALA A 2107 42.55 -21.42 -21.09
N ASP A 2108 41.68 -20.92 -20.21
CA ASP A 2108 41.48 -19.49 -20.06
C ASP A 2108 42.48 -18.93 -19.05
N LYS A 2109 43.33 -18.00 -19.50
CA LYS A 2109 44.33 -17.38 -18.65
C LYS A 2109 43.79 -16.20 -17.86
N ARG A 2110 42.56 -15.76 -18.15
CA ARG A 2110 41.98 -14.64 -17.43
C ARG A 2110 41.56 -15.03 -16.02
N ILE A 2111 41.19 -16.30 -15.80
CA ILE A 2111 40.76 -16.76 -14.49
C ILE A 2111 41.96 -16.74 -13.55
N PHE A 2112 41.94 -15.83 -12.57
CA PHE A 2112 43.04 -15.71 -11.61
C PHE A 2112 43.00 -16.82 -10.55
N CYS A 2113 41.83 -17.10 -9.99
CA CYS A 2113 41.73 -18.04 -8.89
C CYS A 2113 40.78 -19.18 -9.20
N PHE A 2114 40.98 -20.30 -8.49
CA PHE A 2114 40.10 -21.46 -8.58
C PHE A 2114 39.88 -22.00 -7.18
N ILE A 2115 38.75 -21.65 -6.58
CA ILE A 2115 38.41 -22.07 -5.23
C ILE A 2115 37.98 -23.54 -5.26
N LEU A 2116 38.50 -24.34 -4.32
CA LEU A 2116 38.25 -25.77 -4.31
C LEU A 2116 38.04 -26.23 -2.87
N SER A 2117 37.34 -27.36 -2.73
CA SER A 2117 37.10 -28.00 -1.45
C SER A 2117 38.06 -29.19 -1.32
N THR A 2118 38.85 -29.19 -0.25
CA THR A 2118 39.90 -30.21 -0.08
C THR A 2118 39.39 -31.63 -0.23
N ARG A 2119 38.24 -31.93 0.38
CA ARG A 2119 37.68 -33.27 0.29
C ARG A 2119 37.07 -33.58 -1.07
N SER A 2120 36.71 -32.57 -1.85
CA SER A 2120 36.04 -32.76 -3.13
C SER A 2120 37.04 -33.01 -4.26
N GLY A 2121 36.48 -33.36 -5.42
CA GLY A 2121 37.20 -33.54 -6.66
C GLY A 2121 37.90 -34.87 -6.86
N GLY A 2122 38.01 -35.69 -5.82
CA GLY A 2122 38.69 -36.97 -5.98
C GLY A 2122 40.17 -36.82 -6.30
N VAL A 2123 40.65 -37.71 -7.18
CA VAL A 2123 42.04 -37.72 -7.59
C VAL A 2123 42.22 -37.53 -9.09
N GLY A 2124 41.13 -37.48 -9.87
CA GLY A 2124 41.16 -37.30 -11.30
C GLY A 2124 41.30 -35.88 -11.80
N VAL A 2125 41.34 -34.89 -10.93
CA VAL A 2125 41.48 -33.50 -11.35
C VAL A 2125 42.94 -33.19 -11.66
N ASN A 2126 43.18 -32.61 -12.83
CA ASN A 2126 44.53 -32.28 -13.31
C ASN A 2126 44.65 -30.77 -13.43
N LEU A 2127 44.97 -30.12 -12.30
CA LEU A 2127 45.09 -28.66 -12.25
C LEU A 2127 46.55 -28.21 -12.37
N THR A 2128 47.19 -28.57 -13.48
CA THR A 2128 48.57 -28.16 -13.71
C THR A 2128 48.69 -26.75 -14.28
N GLY A 2129 47.57 -26.11 -14.63
CA GLY A 2129 47.64 -24.75 -15.14
C GLY A 2129 48.08 -23.73 -14.11
N ALA A 2130 47.65 -23.89 -12.86
CA ALA A 2130 48.02 -22.98 -11.80
C ALA A 2130 49.45 -23.24 -11.33
N ASP A 2131 49.94 -22.34 -10.47
CA ASP A 2131 51.29 -22.47 -9.92
C ASP A 2131 51.39 -22.07 -8.46
N THR A 2132 50.29 -21.71 -7.80
CA THR A 2132 50.31 -21.34 -6.40
C THR A 2132 49.09 -21.95 -5.73
N VAL A 2133 49.29 -22.50 -4.53
CA VAL A 2133 48.21 -23.12 -3.77
C VAL A 2133 48.15 -22.44 -2.40
N VAL A 2134 46.95 -21.99 -2.03
CA VAL A 2134 46.72 -21.37 -0.72
C VAL A 2134 45.71 -22.20 0.04
N PHE A 2135 46.12 -22.70 1.20
CA PHE A 2135 45.25 -23.47 2.07
C PHE A 2135 44.61 -22.49 3.05
N TYR A 2136 43.31 -22.22 2.87
CA TYR A 2136 42.61 -21.33 3.78
C TYR A 2136 42.59 -21.92 5.20
N ASP A 2137 42.44 -23.24 5.31
CA ASP A 2137 42.46 -23.92 6.60
C ASP A 2137 43.15 -25.27 6.45
N SER A 2138 43.70 -25.76 7.56
CA SER A 2138 44.38 -27.04 7.60
C SER A 2138 43.47 -28.16 8.06
N ASP A 2139 43.52 -29.28 7.36
CA ASP A 2139 42.76 -30.48 7.71
C ASP A 2139 43.47 -31.29 8.78
N TRP A 2140 42.67 -32.01 9.58
CA TRP A 2140 43.24 -32.91 10.58
C TRP A 2140 44.01 -34.07 9.95
N ASN A 2141 43.71 -34.44 8.71
CA ASN A 2141 44.40 -35.52 8.03
C ASN A 2141 45.37 -34.96 7.01
N PRO A 2142 46.69 -35.12 7.21
CA PRO A 2142 47.64 -34.56 6.24
C PRO A 2142 47.53 -35.18 4.86
N THR A 2143 46.88 -36.33 4.72
CA THR A 2143 46.73 -36.95 3.40
C THR A 2143 45.84 -36.11 2.49
N MET A 2144 44.79 -35.50 3.03
CA MET A 2144 43.94 -34.65 2.21
C MET A 2144 44.71 -33.42 1.72
N ASP A 2145 45.55 -32.86 2.60
CA ASP A 2145 46.39 -31.75 2.19
C ASP A 2145 47.38 -32.20 1.12
N ALA A 2146 47.91 -33.41 1.27
CA ALA A 2146 48.83 -33.94 0.27
C ALA A 2146 48.14 -34.09 -1.07
N GLN A 2147 46.88 -34.55 -1.06
CA GLN A 2147 46.13 -34.68 -2.31
C GLN A 2147 45.88 -33.31 -2.93
N ALA A 2148 45.57 -32.31 -2.11
CA ALA A 2148 45.36 -30.97 -2.64
C ALA A 2148 46.63 -30.43 -3.25
N GLN A 2149 47.77 -30.66 -2.60
CA GLN A 2149 49.05 -30.22 -3.15
C GLN A 2149 49.35 -30.93 -4.46
N ASP A 2150 49.12 -32.25 -4.51
CA ASP A 2150 49.38 -33.03 -5.71
C ASP A 2150 48.46 -32.63 -6.86
N ARG A 2151 47.32 -32.00 -6.56
CA ARG A 2151 46.42 -31.55 -7.61
C ARG A 2151 47.11 -30.58 -8.54
N CYS A 2152 48.12 -29.87 -8.05
CA CYS A 2152 48.88 -28.90 -8.84
C CYS A 2152 50.34 -29.27 -9.02
N HIS A 2153 50.94 -30.02 -8.10
CA HIS A 2153 52.34 -30.41 -8.17
C HIS A 2153 52.54 -31.72 -8.92
N ARG A 2154 51.50 -32.24 -9.56
CA ARG A 2154 51.61 -33.47 -10.33
C ARG A 2154 52.50 -33.26 -11.55
N ILE A 2155 52.80 -34.38 -12.21
CA ILE A 2155 53.61 -34.35 -13.43
C ILE A 2155 52.95 -33.47 -14.49
N GLY A 2156 53.79 -32.84 -15.31
CA GLY A 2156 53.33 -31.99 -16.38
C GLY A 2156 53.17 -30.53 -16.03
N GLN A 2157 53.75 -30.08 -14.92
CA GLN A 2157 53.70 -28.69 -14.50
C GLN A 2157 55.10 -28.10 -14.66
N THR A 2158 55.19 -26.91 -15.26
CA THR A 2158 56.47 -26.34 -15.66
C THR A 2158 56.91 -25.13 -14.84
N ARG A 2159 56.39 -24.94 -13.63
CA ARG A 2159 56.76 -23.78 -12.83
C ARG A 2159 56.92 -24.21 -11.38
N ASP A 2160 57.68 -23.44 -10.62
CA ASP A 2160 57.83 -23.75 -9.20
C ASP A 2160 56.48 -23.58 -8.50
N VAL A 2161 56.18 -24.48 -7.58
CA VAL A 2161 54.93 -24.45 -6.82
C VAL A 2161 55.20 -23.98 -5.41
N HIS A 2162 54.39 -23.03 -4.94
CA HIS A 2162 54.47 -22.52 -3.58
C HIS A 2162 53.18 -22.87 -2.86
N ILE A 2163 53.29 -23.41 -1.66
CA ILE A 2163 52.17 -23.79 -0.82
C ILE A 2163 52.11 -22.83 0.36
N TYR A 2164 50.96 -22.18 0.54
CA TYR A 2164 50.77 -21.23 1.63
C TYR A 2164 49.72 -21.76 2.59
N ARG A 2165 50.09 -21.86 3.87
CA ARG A 2165 49.19 -22.33 4.91
C ARG A 2165 48.94 -21.21 5.91
N LEU A 2166 47.66 -20.85 6.08
CA LEU A 2166 47.27 -19.79 7.00
C LEU A 2166 46.82 -20.40 8.32
N ILE A 2167 47.40 -19.94 9.42
CA ILE A 2167 47.10 -20.43 10.76
C ILE A 2167 46.86 -19.25 11.69
N SER A 2168 45.75 -19.28 12.43
CA SER A 2168 45.43 -18.21 13.36
C SER A 2168 46.25 -18.37 14.65
N GLU A 2169 46.92 -17.29 15.05
CA GLU A 2169 47.76 -17.31 16.24
C GLU A 2169 46.95 -17.55 17.51
N ARG A 2170 47.50 -18.39 18.39
CA ARG A 2170 46.90 -18.72 19.68
C ARG A 2170 45.45 -19.19 19.57
N THR A 2171 45.16 -19.99 18.55
CA THR A 2171 43.83 -20.55 18.33
C THR A 2171 43.94 -22.06 18.16
N VAL A 2172 42.79 -22.70 18.03
CA VAL A 2172 42.71 -24.14 17.80
C VAL A 2172 43.45 -24.54 16.53
N GLU A 2173 43.57 -23.63 15.56
CA GLU A 2173 44.27 -23.97 14.33
C GLU A 2173 45.72 -24.34 14.59
N GLU A 2174 46.34 -23.78 15.63
CA GLU A 2174 47.71 -24.18 15.94
C GLU A 2174 47.75 -25.62 16.43
N ASN A 2175 46.75 -26.02 17.21
CA ASN A 2175 46.66 -27.41 17.65
C ASN A 2175 46.39 -28.33 16.46
N ILE A 2176 45.60 -27.86 15.51
CA ILE A 2176 45.31 -28.62 14.30
C ILE A 2176 46.60 -28.87 13.53
N LEU A 2177 47.39 -27.82 13.34
CA LEU A 2177 48.67 -27.97 12.64
C LEU A 2177 49.62 -28.84 13.44
N LYS A 2178 49.61 -28.71 14.76
CA LYS A 2178 50.46 -29.55 15.60
C LYS A 2178 50.13 -31.03 15.39
N LYS A 2179 48.84 -31.34 15.36
CA LYS A 2179 48.42 -32.73 15.14
C LYS A 2179 48.79 -33.20 13.74
N ALA A 2180 48.61 -32.34 12.73
CA ALA A 2180 48.98 -32.72 11.37
C ALA A 2180 50.48 -32.97 11.27
N ASN A 2181 51.29 -32.14 11.92
CA ASN A 2181 52.73 -32.34 11.93
C ASN A 2181 53.11 -33.60 12.70
N GLN A 2182 52.41 -33.90 13.81
CA GLN A 2182 52.66 -35.13 14.54
C GLN A 2182 52.37 -36.33 13.66
N LYS A 2183 51.25 -36.29 12.94
CA LYS A 2183 50.91 -37.38 12.02
C LYS A 2183 51.96 -37.52 10.93
N ARG A 2184 52.46 -36.39 10.42
CA ARG A 2184 53.49 -36.41 9.39
C ARG A 2184 54.77 -37.03 9.91
N MET A 2185 55.19 -36.65 11.12
CA MET A 2185 56.39 -37.22 11.72
C MET A 2185 56.22 -38.71 11.97
N LEU A 2186 55.03 -39.11 12.45
CA LEU A 2186 54.76 -40.52 12.66
C LEU A 2186 54.83 -41.29 11.36
N GLY A 2187 54.25 -40.73 10.30
CA GLY A 2187 54.29 -41.36 8.99
C GLY A 2187 55.71 -41.48 8.47
N ASP A 2188 56.52 -40.45 8.70
CA ASP A 2188 57.91 -40.51 8.25
C ASP A 2188 58.66 -41.61 9.00
N MET A 2189 58.52 -41.65 10.32
CA MET A 2189 59.20 -42.67 11.11
C MET A 2189 58.74 -44.08 10.74
N ALA A 2190 57.45 -44.26 10.48
CA ALA A 2190 56.92 -45.59 10.17
C ALA A 2190 57.20 -46.05 8.74
N ILE A 2191 56.82 -45.24 7.75
CA ILE A 2191 56.98 -45.62 6.35
C ILE A 2191 58.25 -45.07 5.74
N GLU A 2192 58.56 -43.79 5.97
CA GLU A 2192 59.76 -43.24 5.35
C GLU A 2192 61.03 -43.69 6.05
N GLY A 2193 60.94 -44.22 7.27
CA GLY A 2193 62.13 -44.69 7.96
C GLY A 2193 62.76 -45.87 7.24
N GLY A 2194 61.94 -46.82 6.81
CA GLY A 2194 62.40 -47.95 6.04
C GLY A 2194 62.42 -47.61 4.56
N ASN A 2195 63.41 -48.16 3.85
CA ASN A 2195 63.52 -47.90 2.42
C ASN A 2195 62.31 -48.42 1.66
N PHE A 2196 61.84 -49.62 2.03
CA PHE A 2196 60.68 -50.24 1.40
C PHE A 2196 60.78 -50.24 -0.12
N THR A 2197 61.98 -50.50 -0.64
CA THR A 2197 62.22 -50.57 -2.06
C THR A 2197 62.94 -51.88 -2.37
N THR A 2198 62.86 -52.29 -3.64
CA THR A 2198 63.50 -53.54 -4.04
C THR A 2198 65.02 -53.48 -3.91
N ALA A 2199 65.60 -52.28 -3.91
CA ALA A 2199 67.05 -52.13 -3.77
C ALA A 2199 67.56 -52.73 -2.48
N TYR A 2200 66.77 -52.64 -1.40
CA TYR A 2200 67.18 -53.22 -0.13
C TYR A 2200 67.34 -54.73 -0.22
N PHE A 2201 66.45 -55.40 -0.97
CA PHE A 2201 66.56 -56.84 -1.13
C PHE A 2201 67.74 -57.20 -2.03
N LYS A 2202 67.97 -56.42 -3.09
CA LYS A 2202 69.06 -56.69 -4.01
C LYS A 2202 70.42 -56.36 -3.37
N GLN A 2203 70.49 -55.29 -2.58
CA GLN A 2203 71.73 -54.91 -1.92
C GLN A 2203 71.97 -55.81 -0.71
N PRO B 166 38.55 -74.79 -19.62
CA PRO B 166 39.18 -75.94 -20.25
C PRO B 166 39.91 -75.58 -21.54
N LEU B 167 39.77 -74.33 -21.97
CA LEU B 167 40.40 -73.87 -23.20
C LEU B 167 41.92 -73.73 -23.02
N THR B 168 42.64 -73.87 -24.13
CA THR B 168 44.09 -73.79 -24.15
C THR B 168 44.57 -72.40 -24.57
N GLN B 169 45.87 -72.18 -24.39
CA GLN B 169 46.48 -70.88 -24.72
C GLN B 169 46.26 -70.50 -26.18
N GLU B 170 46.31 -71.47 -27.09
CA GLU B 170 46.08 -71.16 -28.50
C GLU B 170 44.67 -70.64 -28.74
N GLU B 171 43.68 -71.28 -28.12
CA GLU B 171 42.31 -70.80 -28.23
C GLU B 171 42.18 -69.42 -27.63
N LEU B 172 42.81 -69.22 -26.46
CA LEU B 172 42.80 -67.93 -25.82
C LEU B 172 43.41 -66.86 -26.72
N LEU B 173 44.49 -67.19 -27.43
CA LEU B 173 45.12 -66.22 -28.33
C LEU B 173 44.21 -65.87 -29.50
N ARG B 174 43.52 -66.85 -30.08
CA ARG B 174 42.61 -66.55 -31.18
C ARG B 174 41.45 -65.67 -30.70
N GLU B 175 40.85 -66.05 -29.57
CA GLU B 175 39.77 -65.28 -29.00
C GLU B 175 40.26 -63.88 -28.64
N ALA B 176 41.45 -63.80 -28.07
CA ALA B 176 42.02 -62.51 -27.70
C ALA B 176 42.21 -61.64 -28.93
N LYS B 177 42.58 -62.22 -30.06
CA LYS B 177 42.72 -61.43 -31.27
C LYS B 177 41.38 -60.84 -31.71
N ILE B 178 40.33 -61.66 -31.66
CA ILE B 178 39.00 -61.16 -32.03
C ILE B 178 38.54 -60.07 -31.06
N THR B 179 38.70 -60.33 -29.76
CA THR B 179 38.30 -59.36 -28.76
C THR B 179 39.15 -58.11 -28.84
N GLU B 180 40.42 -58.25 -29.23
CA GLU B 180 41.27 -57.08 -29.39
C GLU B 180 40.73 -56.18 -30.48
N GLU B 181 40.32 -56.79 -31.60
CA GLU B 181 39.74 -55.98 -32.68
C GLU B 181 38.49 -55.26 -32.21
N LEU B 182 37.61 -55.96 -31.49
CA LEU B 182 36.38 -55.34 -30.99
C LEU B 182 36.67 -54.22 -29.99
N ASN B 183 37.58 -54.48 -29.04
CA ASN B 183 37.92 -53.48 -28.04
C ASN B 183 38.60 -52.28 -28.68
N LEU B 184 39.46 -52.50 -29.67
CA LEU B 184 40.08 -51.38 -30.35
C LEU B 184 39.03 -50.52 -31.05
N ARG B 185 38.03 -51.16 -31.67
CA ARG B 185 36.96 -50.39 -32.30
C ARG B 185 36.21 -49.56 -31.28
N SER B 186 35.93 -50.14 -30.11
CA SER B 186 35.21 -49.42 -29.05
C SER B 186 36.05 -48.26 -28.51
N LEU B 187 37.33 -48.52 -28.22
CA LEU B 187 38.22 -47.49 -27.71
C LEU B 187 38.36 -46.33 -28.69
N GLU B 188 38.57 -46.64 -29.97
CA GLU B 188 38.66 -45.59 -30.99
C GLU B 188 37.36 -44.80 -31.07
N THR B 189 36.22 -45.47 -30.95
CA THR B 189 34.95 -44.77 -30.99
C THR B 189 34.83 -43.83 -29.80
N TYR B 190 35.22 -44.28 -28.61
CA TYR B 190 35.13 -43.44 -27.42
C TYR B 190 36.06 -42.23 -27.54
N GLU B 191 37.31 -42.46 -27.94
CA GLU B 191 38.25 -41.35 -28.08
C GLU B 191 37.76 -40.34 -29.11
N ARG B 192 37.21 -40.82 -30.23
CA ARG B 192 36.71 -39.91 -31.25
C ARG B 192 35.54 -39.10 -30.73
N LEU B 193 34.58 -39.76 -30.09
CA LEU B 193 33.42 -39.05 -29.57
C LEU B 193 33.82 -38.03 -28.52
N GLU B 194 34.71 -38.40 -27.61
CA GLU B 194 35.15 -37.46 -26.57
C GLU B 194 35.86 -36.26 -27.17
N ALA B 195 36.79 -36.49 -28.09
CA ALA B 195 37.50 -35.38 -28.72
C ALA B 195 36.55 -34.47 -29.49
N ASP B 196 35.59 -35.06 -30.20
CA ASP B 196 34.61 -34.27 -30.95
C ASP B 196 33.74 -33.45 -30.02
N LYS B 197 33.21 -34.08 -28.98
CA LYS B 197 32.37 -33.35 -28.01
C LYS B 197 33.14 -32.19 -27.38
N LYS B 198 34.40 -32.42 -27.03
CA LYS B 198 35.22 -31.35 -26.46
C LYS B 198 35.40 -30.21 -27.45
N LYS B 199 35.68 -30.54 -28.71
CA LYS B 199 35.84 -29.50 -29.74
C LYS B 199 34.55 -28.72 -29.96
N GLN B 200 33.41 -29.41 -29.96
CA GLN B 200 32.13 -28.72 -30.14
C GLN B 200 31.80 -27.85 -28.93
N VAL B 201 32.17 -28.29 -27.73
CA VAL B 201 31.96 -27.49 -26.52
C VAL B 201 32.81 -26.23 -26.56
N HIS B 202 34.05 -26.34 -27.05
CA HIS B 202 34.90 -25.16 -27.14
C HIS B 202 34.44 -24.16 -28.19
N LYS B 203 33.56 -24.54 -29.10
CA LYS B 203 33.04 -23.61 -30.10
C LYS B 203 32.14 -22.56 -29.46
N LYS B 204 32.23 -21.33 -29.98
CA LYS B 204 31.40 -20.22 -29.49
C LYS B 204 31.39 -19.13 -30.55
N ARG B 205 30.21 -18.85 -31.11
CA ARG B 205 30.05 -17.82 -32.13
C ARG B 205 28.65 -17.24 -32.03
N LYS B 206 28.51 -15.99 -32.48
CA LYS B 206 27.25 -15.29 -32.52
C LYS B 206 26.64 -15.38 -33.92
N CYS B 207 25.62 -14.57 -34.18
CA CYS B 207 24.96 -14.50 -35.46
C CYS B 207 24.98 -13.08 -36.02
N PRO B 208 25.16 -12.90 -37.32
CA PRO B 208 25.31 -11.57 -37.90
C PRO B 208 23.97 -10.91 -38.17
N GLY B 209 24.03 -9.70 -38.72
CA GLY B 209 22.85 -8.94 -39.05
C GLY B 209 23.20 -7.61 -39.70
N PRO B 210 22.17 -6.85 -40.10
CA PRO B 210 22.44 -5.54 -40.70
C PRO B 210 22.92 -4.53 -39.68
N ILE B 211 24.17 -4.09 -39.78
CA ILE B 211 24.81 -3.30 -38.73
C ILE B 211 25.44 -2.06 -39.33
N ILE B 212 25.64 -1.06 -38.47
CA ILE B 212 26.40 0.15 -38.79
C ILE B 212 27.64 0.15 -37.91
N THR B 213 28.81 0.14 -38.53
CA THR B 213 30.08 0.03 -37.81
C THR B 213 30.74 1.42 -37.73
N TYR B 214 30.98 1.88 -36.50
CA TYR B 214 31.69 3.13 -36.26
C TYR B 214 33.13 2.79 -35.92
N HIS B 215 34.07 3.37 -36.68
CA HIS B 215 35.47 2.98 -36.59
C HIS B 215 36.33 4.25 -36.50
N SER B 216 37.21 4.29 -35.51
CA SER B 216 38.19 5.36 -35.36
C SER B 216 39.59 4.76 -35.33
N VAL B 217 40.47 5.27 -36.20
CA VAL B 217 41.79 4.68 -36.38
C VAL B 217 42.85 5.74 -36.13
N THR B 218 44.08 5.26 -35.94
CA THR B 218 45.27 6.09 -35.85
C THR B 218 46.12 5.79 -37.08
N VAL B 219 46.28 6.78 -37.97
CA VAL B 219 47.04 6.57 -39.20
C VAL B 219 48.08 7.68 -39.38
N PRO B 220 49.21 7.37 -40.00
CA PRO B 220 50.24 8.40 -40.21
C PRO B 220 49.73 9.50 -41.14
N LEU B 221 50.25 10.70 -40.94
CA LEU B 221 49.88 11.85 -41.76
C LEU B 221 50.14 11.59 -43.24
N ALA B 259 53.28 12.66 -35.93
CA ALA B 259 53.51 11.66 -36.96
C ALA B 259 52.28 10.78 -37.15
N ARG B 260 51.27 10.99 -36.30
CA ARG B 260 50.04 10.21 -36.35
C ARG B 260 48.84 11.15 -36.33
N CYS B 261 47.76 10.71 -36.95
CA CYS B 261 46.51 11.47 -36.98
C CYS B 261 45.35 10.51 -36.76
N SER B 262 44.25 11.06 -36.26
CA SER B 262 43.05 10.29 -35.96
C SER B 262 42.05 10.45 -37.10
N ARG B 263 41.49 9.33 -37.54
CA ARG B 263 40.46 9.32 -38.58
C ARG B 263 39.32 8.43 -38.13
N THR B 264 38.10 8.81 -38.52
CA THR B 264 36.90 8.07 -38.20
C THR B 264 36.22 7.61 -39.48
N PHE B 265 35.72 6.38 -39.47
CA PHE B 265 35.00 5.82 -40.60
C PHE B 265 33.67 5.22 -40.14
N ILE B 266 32.68 5.25 -41.02
CA ILE B 266 31.39 4.65 -40.77
C ILE B 266 31.12 3.66 -41.89
N THR B 267 30.85 2.40 -41.51
CA THR B 267 30.66 1.32 -42.45
C THR B 267 29.23 0.80 -42.34
N PHE B 268 28.54 0.73 -43.47
CA PHE B 268 27.18 0.19 -43.53
C PHE B 268 27.25 -1.23 -44.09
N SER B 269 26.63 -2.17 -43.38
CA SER B 269 26.69 -3.56 -43.81
C SER B 269 25.98 -3.77 -45.15
N ASP B 270 24.83 -3.13 -45.34
CA ASP B 270 24.04 -3.31 -46.54
C ASP B 270 23.74 -1.95 -47.17
N ASP B 271 23.51 -1.97 -48.49
CA ASP B 271 23.23 -0.73 -49.21
C ASP B 271 21.90 -0.12 -48.82
N ALA B 272 20.96 -0.89 -48.26
CA ALA B 272 19.68 -0.34 -47.86
C ALA B 272 19.84 0.68 -46.74
N THR B 273 20.66 0.36 -45.74
CA THR B 273 20.92 1.31 -44.66
C THR B 273 21.61 2.56 -45.20
N PHE B 274 22.57 2.38 -46.12
CA PHE B 274 23.27 3.52 -46.70
C PHE B 274 22.31 4.43 -47.45
N GLU B 275 21.38 3.85 -48.22
CA GLU B 275 20.39 4.65 -48.92
C GLU B 275 19.45 5.35 -47.95
N GLU B 276 19.07 4.66 -46.87
CA GLU B 276 18.16 5.25 -45.90
C GLU B 276 18.79 6.44 -45.20
N TRP B 277 20.05 6.31 -44.79
CA TRP B 277 20.71 7.42 -44.11
C TRP B 277 21.16 8.51 -45.08
N PHE B 278 21.45 8.14 -46.33
CA PHE B 278 21.90 9.09 -47.36
C PHE B 278 21.07 8.90 -48.61
N PRO B 279 19.86 9.49 -48.66
CA PRO B 279 19.03 9.34 -49.86
C PRO B 279 19.56 10.10 -51.07
N GLN B 280 20.53 10.99 -50.89
CA GLN B 280 21.06 11.82 -51.98
C GLN B 280 19.94 12.57 -52.70
N GLY B 281 19.05 13.18 -51.91
CA GLY B 281 17.91 13.88 -52.48
C GLY B 281 18.35 15.07 -53.33
N ARG B 282 17.68 15.23 -54.46
CA ARG B 282 17.95 16.37 -55.32
C ARG B 282 17.42 17.65 -54.67
N PRO B 283 17.99 18.81 -55.01
CA PRO B 283 17.51 20.08 -54.44
C PRO B 283 16.06 20.32 -54.80
N PRO B 284 15.27 20.88 -53.88
CA PRO B 284 13.86 21.11 -54.16
C PRO B 284 13.65 22.22 -55.19
N LYS B 285 12.46 22.24 -55.75
CA LYS B 285 12.10 23.20 -56.80
C LYS B 285 11.35 24.37 -56.19
N VAL B 286 11.62 25.57 -56.70
CA VAL B 286 10.95 26.77 -56.22
C VAL B 286 9.52 26.77 -56.76
N PRO B 287 8.51 26.87 -55.90
CA PRO B 287 7.13 26.88 -56.39
C PRO B 287 6.83 28.11 -57.23
N VAL B 288 5.94 27.95 -58.19
CA VAL B 288 5.56 29.06 -59.05
C VAL B 288 4.69 30.02 -58.26
N ARG B 289 5.08 31.29 -58.23
CA ARG B 289 4.32 32.30 -57.49
C ARG B 289 3.03 32.56 -58.26
N GLU B 290 1.95 31.91 -57.84
CA GLU B 290 0.68 32.00 -58.54
C GLU B 290 0.13 33.42 -58.50
N VAL B 291 -0.70 33.74 -59.50
CA VAL B 291 -1.26 35.08 -59.67
C VAL B 291 -2.77 34.95 -59.85
N CYS B 292 -3.52 35.89 -59.29
CA CYS B 292 -4.97 35.87 -59.38
C CYS B 292 -5.43 36.16 -60.80
N PRO B 293 -6.20 35.28 -61.44
CA PRO B 293 -6.64 35.54 -62.82
C PRO B 293 -7.55 36.74 -62.95
N VAL B 294 -8.15 37.22 -61.86
CA VAL B 294 -9.11 38.32 -61.95
C VAL B 294 -8.42 39.68 -61.82
N THR B 295 -7.61 39.87 -60.79
CA THR B 295 -7.01 41.17 -60.51
C THR B 295 -5.52 41.22 -60.81
N HIS B 296 -4.92 40.11 -61.24
CA HIS B 296 -3.51 40.01 -61.62
C HIS B 296 -2.55 40.38 -60.49
N ARG B 297 -3.05 40.59 -59.29
CA ARG B 297 -2.22 40.77 -58.12
C ARG B 297 -1.65 39.43 -57.66
N PRO B 298 -0.53 39.44 -56.94
CA PRO B 298 0.02 38.17 -56.44
C PRO B 298 -1.00 37.44 -55.58
N ALA B 299 -1.13 36.13 -55.83
CA ALA B 299 -2.16 35.35 -55.16
C ALA B 299 -1.87 35.18 -53.68
N LEU B 300 -2.93 35.25 -52.88
CA LEU B 300 -2.83 35.08 -51.44
C LEU B 300 -3.78 34.03 -50.87
N TYR B 301 -4.79 33.60 -51.63
CA TYR B 301 -5.78 32.64 -51.17
C TYR B 301 -6.00 31.59 -52.26
N ARG B 302 -6.78 30.56 -51.92
CA ARG B 302 -6.99 29.44 -52.82
C ARG B 302 -8.37 28.85 -52.52
N ASP B 303 -9.35 29.19 -53.35
CA ASP B 303 -10.72 28.71 -53.18
C ASP B 303 -10.74 27.19 -53.27
N PRO B 304 -11.15 26.48 -52.22
CA PRO B 304 -11.10 25.01 -52.26
C PRO B 304 -11.99 24.38 -53.33
N VAL B 305 -13.13 25.00 -53.64
CA VAL B 305 -14.05 24.40 -54.61
C VAL B 305 -13.48 24.48 -56.02
N THR B 306 -12.94 25.63 -56.40
CA THR B 306 -12.47 25.83 -57.77
C THR B 306 -10.96 25.69 -57.91
N ASP B 307 -10.21 25.66 -56.81
CA ASP B 307 -8.75 25.57 -56.82
C ASP B 307 -8.12 26.72 -57.62
N ILE B 308 -8.81 27.84 -57.70
CA ILE B 308 -8.33 29.02 -58.42
C ILE B 308 -7.79 30.01 -57.39
N PRO B 309 -6.51 30.34 -57.42
CA PRO B 309 -5.98 31.34 -56.48
C PRO B 309 -6.56 32.71 -56.75
N TYR B 310 -6.68 33.49 -55.68
CA TYR B 310 -7.23 34.85 -55.76
C TYR B 310 -6.63 35.70 -54.65
N ALA B 311 -6.82 37.02 -54.77
CA ALA B 311 -6.29 37.94 -53.78
C ALA B 311 -7.28 39.04 -53.38
N THR B 312 -8.57 38.88 -53.69
CA THR B 312 -9.55 39.90 -53.33
C THR B 312 -10.92 39.25 -53.20
N ALA B 313 -11.74 39.82 -52.31
CA ALA B 313 -13.10 39.31 -52.13
C ALA B 313 -13.92 39.45 -53.40
N ARG B 314 -13.70 40.53 -54.16
CA ARG B 314 -14.37 40.68 -55.45
C ARG B 314 -13.92 39.59 -56.41
N ALA B 315 -12.63 39.26 -56.39
CA ALA B 315 -12.13 38.18 -57.23
C ALA B 315 -12.77 36.85 -56.86
N PHE B 316 -12.93 36.61 -55.55
CA PHE B 316 -13.60 35.39 -55.10
C PHE B 316 -15.05 35.35 -55.56
N LYS B 317 -15.76 36.48 -55.47
CA LYS B 317 -17.14 36.52 -55.93
C LYS B 317 -17.23 36.27 -57.44
N ILE B 318 -16.31 36.84 -58.21
CA ILE B 318 -16.30 36.63 -59.65
C ILE B 318 -16.01 35.17 -59.97
N ILE B 319 -15.06 34.56 -59.26
CA ILE B 319 -14.72 33.16 -59.49
C ILE B 319 -15.91 32.26 -59.18
N ARG B 320 -16.61 32.53 -58.08
CA ARG B 320 -17.77 31.71 -57.74
C ARG B 320 -18.93 31.94 -58.71
N GLU B 321 -19.10 33.15 -59.22
CA GLU B 321 -20.11 33.39 -60.24
C GLU B 321 -19.77 32.62 -61.52
N ALA B 322 -18.49 32.63 -61.91
CA ALA B 322 -18.08 31.86 -63.09
C ALA B 322 -18.30 30.37 -62.88
N TYR B 323 -18.03 29.88 -61.66
CA TYR B 323 -18.26 28.47 -61.38
C TYR B 323 -19.74 28.12 -61.43
N LYS B 324 -20.60 29.01 -60.92
CA LYS B 324 -22.04 28.80 -61.01
C LYS B 324 -22.50 28.78 -62.47
N LYS B 325 -21.98 29.69 -63.29
CA LYS B 325 -22.32 29.69 -64.70
C LYS B 325 -21.84 28.41 -65.39
N TYR B 326 -20.65 27.92 -65.03
CA TYR B 326 -20.15 26.68 -65.58
C TYR B 326 -21.05 25.50 -65.20
N ILE B 327 -21.51 25.47 -63.94
CA ILE B 327 -22.42 24.41 -63.51
C ILE B 327 -23.73 24.49 -64.29
N THR B 328 -24.26 25.70 -64.47
CA THR B 328 -25.51 25.86 -65.20
C THR B 328 -25.36 25.41 -66.65
N ALA B 329 -24.23 25.74 -67.29
CA ALA B 329 -24.04 25.40 -68.69
C ALA B 329 -23.76 23.91 -68.88
N HIS B 330 -22.67 23.42 -68.28
CA HIS B 330 -22.30 22.01 -68.47
C HIS B 330 -23.27 21.06 -67.78
N GLY B 331 -23.68 21.39 -66.55
CA GLY B 331 -24.59 20.55 -65.79
C GLY B 331 -24.00 19.19 -65.45
N MET C 1 -81.11 -15.73 -36.30
CA MET C 1 -81.85 -14.70 -35.57
C MET C 1 -81.03 -14.17 -34.40
N THR C 2 -80.89 -14.98 -33.36
CA THR C 2 -80.13 -14.58 -32.18
C THR C 2 -78.64 -14.83 -32.40
N THR C 3 -77.83 -14.18 -31.56
CA THR C 3 -76.38 -14.31 -31.63
C THR C 3 -75.84 -14.70 -30.26
N LEU C 4 -75.00 -15.73 -30.23
CA LEU C 4 -74.39 -16.23 -29.00
C LEU C 4 -72.97 -15.73 -28.91
N VAL C 5 -72.62 -15.13 -27.78
CA VAL C 5 -71.27 -14.60 -27.54
C VAL C 5 -70.60 -15.47 -26.49
N LEU C 6 -69.45 -16.02 -26.85
CA LEU C 6 -68.70 -16.94 -25.99
C LEU C 6 -67.24 -16.50 -25.93
N ASP C 7 -66.69 -16.45 -24.72
CA ASP C 7 -65.27 -16.16 -24.50
C ASP C 7 -64.66 -17.42 -23.89
N ASN C 8 -64.23 -18.34 -24.75
CA ASN C 8 -63.78 -19.65 -24.29
C ASN C 8 -62.43 -19.54 -23.60
N GLY C 9 -62.41 -18.93 -22.42
CA GLY C 9 -61.19 -18.81 -21.67
C GLY C 9 -60.76 -20.12 -21.04
N ALA C 10 -59.50 -20.16 -20.62
CA ALA C 10 -58.97 -21.36 -19.99
C ALA C 10 -59.46 -21.55 -18.57
N TYR C 11 -60.04 -20.52 -17.96
CA TYR C 11 -60.50 -20.59 -16.58
C TYR C 11 -62.00 -20.35 -16.47
N ASN C 12 -62.51 -19.30 -17.10
CA ASN C 12 -63.92 -18.96 -17.04
C ASN C 12 -64.43 -18.73 -18.46
N ALA C 13 -65.62 -19.26 -18.74
CA ALA C 13 -66.26 -19.06 -20.03
C ALA C 13 -67.32 -17.99 -19.89
N LYS C 14 -67.13 -16.87 -20.59
CA LYS C 14 -68.11 -15.78 -20.59
C LYS C 14 -69.09 -16.04 -21.72
N ILE C 15 -70.19 -16.72 -21.39
CA ILE C 15 -71.17 -17.16 -22.37
C ILE C 15 -72.47 -16.41 -22.11
N GLY C 16 -73.07 -15.91 -23.18
CA GLY C 16 -74.35 -15.22 -23.09
C GLY C 16 -74.88 -14.91 -24.46
N TYR C 17 -76.15 -14.53 -24.50
CA TYR C 17 -76.80 -14.12 -25.74
C TYR C 17 -76.65 -12.62 -25.93
N SER C 18 -76.67 -12.20 -27.20
CA SER C 18 -76.44 -10.79 -27.52
C SER C 18 -77.52 -9.89 -26.93
N HIS C 19 -78.74 -10.39 -26.80
CA HIS C 19 -79.84 -9.62 -26.25
C HIS C 19 -79.98 -9.78 -24.74
N GLU C 20 -79.08 -10.51 -24.09
CA GLU C 20 -79.20 -10.76 -22.66
C GLU C 20 -77.91 -10.38 -21.94
N ASN C 21 -77.82 -10.74 -20.66
CA ASN C 21 -76.69 -10.40 -19.82
C ASN C 21 -75.55 -11.38 -20.07
N VAL C 22 -74.53 -11.35 -19.21
CA VAL C 22 -73.35 -12.19 -19.33
C VAL C 22 -73.26 -13.08 -18.09
N SER C 23 -72.84 -14.32 -18.31
CA SER C 23 -72.66 -15.29 -17.24
C SER C 23 -71.21 -15.74 -17.22
N VAL C 24 -70.65 -15.89 -16.03
CA VAL C 24 -69.27 -16.37 -15.85
C VAL C 24 -69.34 -17.79 -15.31
N ILE C 25 -68.85 -18.75 -16.10
CA ILE C 25 -68.95 -20.16 -15.76
C ILE C 25 -67.58 -20.82 -15.96
N PRO C 26 -67.10 -21.62 -15.01
CA PRO C 26 -65.78 -22.26 -15.18
C PRO C 26 -65.79 -23.20 -16.38
N ASN C 27 -64.78 -23.07 -17.22
CA ASN C 27 -64.66 -23.88 -18.43
C ASN C 27 -63.74 -25.08 -18.19
N CYS C 28 -64.18 -25.96 -17.30
CA CYS C 28 -63.44 -27.17 -16.98
C CYS C 28 -64.33 -28.10 -16.16
N GLN C 29 -64.06 -29.39 -16.28
CA GLN C 29 -64.78 -30.42 -15.53
C GLN C 29 -64.12 -30.65 -14.18
N PHE C 30 -64.89 -31.17 -13.24
CA PHE C 30 -64.42 -31.36 -11.87
C PHE C 30 -64.74 -32.78 -11.40
N ARG C 31 -63.84 -33.31 -10.58
CA ARG C 31 -64.03 -34.57 -9.88
C ARG C 31 -63.62 -34.39 -8.43
N SER C 32 -64.35 -35.01 -7.52
CA SER C 32 -64.08 -34.89 -6.09
C SER C 32 -64.16 -36.26 -5.45
N LYS C 33 -63.45 -36.41 -4.33
CA LYS C 33 -63.46 -37.67 -3.59
C LYS C 33 -64.75 -37.90 -2.83
N THR C 34 -65.62 -36.88 -2.73
CA THR C 34 -66.94 -37.07 -2.15
C THR C 34 -67.94 -37.67 -3.14
N ALA C 35 -67.55 -37.85 -4.40
CA ALA C 35 -68.40 -38.48 -5.41
C ALA C 35 -67.65 -39.64 -6.02
N ARG C 36 -68.23 -40.83 -5.95
CA ARG C 36 -67.56 -42.02 -6.48
C ARG C 36 -67.51 -41.99 -7.99
N LEU C 37 -68.67 -41.94 -8.64
CA LEU C 37 -68.76 -41.91 -10.10
C LEU C 37 -69.62 -40.69 -10.45
N LYS C 38 -68.96 -39.53 -10.57
CA LYS C 38 -69.66 -38.29 -10.89
C LYS C 38 -68.66 -37.23 -11.32
N THR C 39 -68.73 -36.80 -12.57
CA THR C 39 -67.90 -35.74 -13.11
C THR C 39 -68.73 -34.48 -13.28
N PHE C 40 -68.37 -33.42 -12.56
CA PHE C 40 -69.08 -32.16 -12.65
C PHE C 40 -68.64 -31.42 -13.92
N THR C 41 -69.58 -30.72 -14.54
CA THR C 41 -69.32 -30.02 -15.79
C THR C 41 -69.75 -28.56 -15.65
N ALA C 42 -68.80 -27.65 -15.87
CA ALA C 42 -69.06 -26.20 -15.93
C ALA C 42 -69.61 -25.76 -14.58
N ASN C 43 -70.75 -25.07 -14.53
CA ASN C 43 -71.22 -24.43 -13.31
C ASN C 43 -71.79 -25.41 -12.31
N GLN C 44 -71.73 -26.72 -12.58
CA GLN C 44 -72.21 -27.71 -11.63
C GLN C 44 -71.34 -27.77 -10.38
N ILE C 45 -70.20 -27.09 -10.38
CA ILE C 45 -69.36 -27.01 -9.19
C ILE C 45 -70.10 -26.38 -8.02
N ASP C 46 -71.14 -25.60 -8.29
CA ASP C 46 -71.95 -25.03 -7.22
C ASP C 46 -72.66 -26.11 -6.42
N GLU C 47 -72.93 -27.25 -7.03
CA GLU C 47 -73.64 -28.33 -6.34
C GLU C 47 -72.78 -28.98 -5.27
N ILE C 48 -71.47 -29.10 -5.50
CA ILE C 48 -70.60 -29.72 -4.49
C ILE C 48 -70.51 -28.84 -3.25
N LYS C 49 -70.34 -29.48 -2.10
CA LYS C 49 -70.36 -28.80 -0.81
C LYS C 49 -69.03 -28.86 -0.09
N ASP C 50 -68.11 -29.72 -0.51
CA ASP C 50 -66.79 -29.86 0.09
C ASP C 50 -65.76 -29.75 -1.03
N PRO C 51 -65.50 -28.54 -1.52
CA PRO C 51 -64.58 -28.37 -2.65
C PRO C 51 -63.12 -28.61 -2.30
N SER C 52 -62.84 -29.04 -1.07
CA SER C 52 -61.47 -29.40 -0.72
C SER C 52 -61.05 -30.64 -1.50
N GLY C 53 -59.78 -30.67 -1.90
CA GLY C 53 -59.29 -31.81 -2.66
C GLY C 53 -59.90 -31.94 -4.03
N LEU C 54 -60.43 -30.86 -4.58
CA LEU C 54 -61.07 -30.91 -5.88
C LEU C 54 -60.04 -31.18 -6.98
N PHE C 55 -60.45 -31.99 -7.95
CA PHE C 55 -59.61 -32.33 -9.10
C PHE C 55 -60.13 -31.59 -10.32
N TYR C 56 -59.23 -30.99 -11.08
CA TYR C 56 -59.56 -30.16 -12.22
C TYR C 56 -59.24 -30.90 -13.52
N ILE C 57 -60.21 -30.96 -14.42
CA ILE C 57 -60.00 -31.50 -15.76
C ILE C 57 -60.09 -30.32 -16.72
N LEU C 58 -58.94 -29.84 -17.18
CA LEU C 58 -58.90 -28.63 -17.98
C LEU C 58 -58.82 -28.96 -19.47
N PRO C 59 -59.48 -28.16 -20.32
CA PRO C 59 -59.31 -28.30 -21.76
C PRO C 59 -58.19 -27.46 -22.34
N PHE C 60 -57.49 -26.68 -21.51
CA PHE C 60 -56.41 -25.81 -21.95
C PHE C 60 -55.13 -26.13 -21.20
N GLN C 61 -54.03 -26.26 -21.93
CA GLN C 61 -52.70 -26.40 -21.37
C GLN C 61 -51.86 -25.24 -21.88
N LYS C 62 -51.23 -24.51 -20.96
CA LYS C 62 -50.46 -23.31 -21.28
C LYS C 62 -51.27 -22.33 -22.11
N GLY C 63 -52.57 -22.27 -21.85
CA GLY C 63 -53.46 -21.34 -22.53
C GLY C 63 -53.99 -21.73 -23.88
N TYR C 64 -53.71 -22.94 -24.36
CA TYR C 64 -54.22 -23.37 -25.66
C TYR C 64 -55.04 -24.64 -25.52
N LEU C 65 -56.09 -24.74 -26.31
CA LEU C 65 -57.01 -25.86 -26.25
C LEU C 65 -56.30 -27.12 -26.75
N VAL C 66 -56.13 -28.09 -25.87
CA VAL C 66 -55.37 -29.29 -26.22
C VAL C 66 -56.19 -30.54 -25.92
N ASN C 67 -57.12 -30.45 -24.97
CA ASN C 67 -57.99 -31.56 -24.63
C ASN C 67 -59.36 -31.28 -25.23
N TRP C 68 -59.73 -32.07 -26.23
CA TRP C 68 -60.95 -31.83 -26.99
C TRP C 68 -62.19 -32.48 -26.39
N ASP C 69 -62.03 -33.61 -25.69
CA ASP C 69 -63.20 -34.31 -25.17
C ASP C 69 -63.87 -33.51 -24.05
N VAL C 70 -63.09 -32.99 -23.12
CA VAL C 70 -63.66 -32.22 -22.02
C VAL C 70 -64.26 -30.91 -22.54
N GLN C 71 -63.62 -30.29 -23.53
CA GLN C 71 -64.17 -29.07 -24.11
C GLN C 71 -65.48 -29.36 -24.82
N ARG C 72 -65.56 -30.48 -25.54
CA ARG C 72 -66.81 -30.87 -26.19
C ARG C 72 -67.91 -31.11 -25.17
N GLN C 73 -67.58 -31.79 -24.06
CA GLN C 73 -68.59 -32.04 -23.03
C GLN C 73 -69.07 -30.75 -22.41
N VAL C 74 -68.15 -29.83 -22.12
CA VAL C 74 -68.52 -28.54 -21.53
C VAL C 74 -69.40 -27.76 -22.48
N TRP C 75 -69.05 -27.73 -23.77
CA TRP C 75 -69.87 -27.03 -24.74
C TRP C 75 -71.25 -27.65 -24.85
N ASP C 76 -71.32 -28.98 -24.85
CA ASP C 76 -72.62 -29.65 -24.93
C ASP C 76 -73.48 -29.33 -23.72
N TYR C 77 -72.87 -29.26 -22.54
CA TYR C 77 -73.62 -28.85 -21.35
C TYR C 77 -74.09 -27.41 -21.46
N LEU C 78 -73.22 -26.51 -21.94
CA LEU C 78 -73.59 -25.10 -22.04
C LEU C 78 -74.64 -24.88 -23.12
N PHE C 79 -74.56 -25.62 -24.22
CA PHE C 79 -75.51 -25.51 -25.31
C PHE C 79 -76.69 -26.45 -25.16
N GLY C 80 -76.73 -27.24 -24.09
CA GLY C 80 -77.77 -28.23 -23.90
C GLY C 80 -79.09 -27.65 -23.42
N LYS C 81 -80.03 -28.56 -23.17
CA LYS C 81 -81.37 -28.19 -22.73
C LYS C 81 -81.37 -27.51 -21.37
N GLU C 82 -80.30 -27.67 -20.59
CA GLU C 82 -80.27 -27.14 -19.23
C GLU C 82 -79.83 -25.68 -19.17
N MET C 83 -78.85 -25.28 -19.98
CA MET C 83 -78.31 -23.94 -19.83
C MET C 83 -78.95 -22.93 -20.77
N TYR C 84 -78.75 -23.09 -22.09
CA TYR C 84 -79.15 -22.06 -23.04
C TYR C 84 -80.07 -22.53 -24.15
N GLN C 85 -80.19 -23.84 -24.39
CA GLN C 85 -81.11 -24.37 -25.41
C GLN C 85 -80.86 -23.72 -26.77
N VAL C 86 -79.60 -23.77 -27.20
CA VAL C 86 -79.18 -23.10 -28.43
C VAL C 86 -79.75 -23.82 -29.64
N ASP C 87 -80.43 -23.07 -30.50
CA ASP C 87 -80.91 -23.58 -31.79
C ASP C 87 -79.77 -23.36 -32.79
N PHE C 88 -78.96 -24.41 -32.97
CA PHE C 88 -77.73 -24.28 -33.75
C PHE C 88 -78.02 -23.86 -35.18
N LEU C 89 -79.06 -24.42 -35.80
CA LEU C 89 -79.33 -24.12 -37.20
C LEU C 89 -79.76 -22.68 -37.44
N ASP C 90 -80.08 -21.92 -36.40
CA ASP C 90 -80.52 -20.53 -36.59
C ASP C 90 -79.86 -19.61 -35.57
N THR C 91 -78.58 -19.85 -35.27
CA THR C 91 -77.87 -19.03 -34.30
C THR C 91 -76.45 -18.76 -34.77
N ASN C 92 -75.98 -17.54 -34.56
CA ASN C 92 -74.61 -17.15 -34.87
C ASN C 92 -73.80 -17.13 -33.58
N ILE C 93 -72.55 -17.56 -33.65
CA ILE C 93 -71.69 -17.70 -32.49
C ILE C 93 -70.44 -16.87 -32.68
N ILE C 94 -70.11 -16.05 -31.68
CA ILE C 94 -68.86 -15.31 -31.61
C ILE C 94 -68.03 -15.94 -30.50
N ILE C 95 -66.95 -16.63 -30.88
CA ILE C 95 -66.12 -17.37 -29.93
C ILE C 95 -64.69 -16.89 -30.05
N THR C 96 -64.04 -16.68 -28.91
CA THR C 96 -62.71 -16.10 -28.87
C THR C 96 -61.65 -17.20 -28.91
N GLU C 97 -60.47 -16.84 -29.41
CA GLU C 97 -59.37 -17.77 -29.56
C GLU C 97 -58.10 -17.21 -28.92
N PRO C 98 -57.21 -18.07 -28.45
CA PRO C 98 -55.92 -17.59 -27.94
C PRO C 98 -55.10 -16.97 -29.07
N TYR C 99 -54.20 -16.08 -28.67
CA TYR C 99 -53.33 -15.44 -29.65
C TYR C 99 -52.39 -16.45 -30.27
N PHE C 100 -52.10 -16.26 -31.57
CA PHE C 100 -51.21 -17.15 -32.31
C PHE C 100 -51.67 -18.60 -32.23
N ASN C 101 -52.99 -18.80 -32.34
CA ASN C 101 -53.54 -20.14 -32.27
C ASN C 101 -53.01 -21.00 -33.41
N PHE C 102 -52.64 -22.24 -33.07
CA PHE C 102 -52.02 -23.12 -34.05
C PHE C 102 -53.01 -23.51 -35.15
N THR C 103 -52.46 -23.82 -36.31
CA THR C 103 -53.30 -24.14 -37.47
C THR C 103 -54.20 -25.34 -37.20
N SER C 104 -53.66 -26.38 -36.54
CA SER C 104 -54.46 -27.57 -36.27
C SER C 104 -55.66 -27.24 -35.38
N ILE C 105 -55.44 -26.45 -34.34
CA ILE C 105 -56.53 -26.10 -33.43
C ILE C 105 -57.60 -25.30 -34.17
N GLN C 106 -57.17 -24.40 -35.07
CA GLN C 106 -58.14 -23.64 -35.86
C GLN C 106 -58.93 -24.54 -36.79
N GLU C 107 -58.27 -25.49 -37.44
CA GLU C 107 -58.99 -26.43 -38.29
C GLU C 107 -60.01 -27.22 -37.47
N SER C 108 -59.61 -27.69 -36.30
CA SER C 108 -60.52 -28.46 -35.46
C SER C 108 -61.70 -27.61 -34.99
N MET C 109 -61.44 -26.35 -34.64
CA MET C 109 -62.52 -25.42 -34.29
C MET C 109 -63.50 -25.26 -35.43
N ASN C 110 -62.98 -25.01 -36.64
CA ASN C 110 -63.86 -24.80 -37.77
C ASN C 110 -64.68 -26.05 -38.06
N GLU C 111 -64.02 -27.21 -38.06
CA GLU C 111 -64.71 -28.47 -38.34
C GLU C 111 -65.80 -28.73 -37.31
N ILE C 112 -65.48 -28.60 -36.02
CA ILE C 112 -66.45 -28.90 -34.98
C ILE C 112 -67.63 -27.94 -35.06
N LEU C 113 -67.35 -26.64 -35.17
CA LEU C 113 -68.42 -25.65 -35.16
C LEU C 113 -69.31 -25.78 -36.39
N PHE C 114 -68.73 -26.07 -37.56
CA PHE C 114 -69.51 -26.10 -38.79
C PHE C 114 -70.11 -27.47 -39.10
N GLU C 115 -69.67 -28.54 -38.44
CA GLU C 115 -70.19 -29.87 -38.74
C GLU C 115 -70.86 -30.53 -37.56
N GLU C 116 -70.24 -30.53 -36.38
CA GLU C 116 -70.83 -31.22 -35.23
C GLU C 116 -72.02 -30.47 -34.68
N TYR C 117 -71.99 -29.14 -34.70
CA TYR C 117 -73.13 -28.33 -34.29
C TYR C 117 -73.88 -27.72 -35.45
N GLN C 118 -73.21 -27.46 -36.57
CA GLN C 118 -73.80 -26.87 -37.77
C GLN C 118 -74.39 -25.49 -37.45
N PHE C 119 -73.55 -24.61 -36.95
CA PHE C 119 -73.97 -23.23 -36.68
C PHE C 119 -74.24 -22.51 -38.00
N GLN C 120 -75.15 -21.53 -37.95
CA GLN C 120 -75.46 -20.76 -39.15
C GLN C 120 -74.25 -19.97 -39.63
N ALA C 121 -73.55 -19.31 -38.71
CA ALA C 121 -72.36 -18.55 -39.04
C ALA C 121 -71.50 -18.46 -37.79
N VAL C 122 -70.18 -18.38 -38.00
CA VAL C 122 -69.21 -18.35 -36.92
C VAL C 122 -68.30 -17.15 -37.11
N LEU C 123 -67.99 -16.45 -36.02
CA LEU C 123 -67.01 -15.38 -36.04
C LEU C 123 -65.98 -15.68 -34.95
N ARG C 124 -64.79 -16.12 -35.36
CA ARG C 124 -63.72 -16.41 -34.42
C ARG C 124 -62.76 -15.23 -34.40
N VAL C 125 -62.61 -14.62 -33.23
CA VAL C 125 -61.76 -13.46 -33.02
C VAL C 125 -60.90 -13.70 -31.78
N ASN C 126 -60.10 -12.70 -31.45
CA ASN C 126 -59.33 -12.70 -30.22
C ASN C 126 -60.01 -11.78 -29.21
N ALA C 127 -59.86 -12.10 -27.92
CA ALA C 127 -60.48 -11.30 -26.88
C ALA C 127 -59.99 -9.86 -26.93
N GLY C 128 -58.73 -9.65 -27.31
CA GLY C 128 -58.22 -8.30 -27.45
C GLY C 128 -58.90 -7.52 -28.55
N ALA C 129 -59.29 -8.19 -29.64
CA ALA C 129 -59.99 -7.49 -30.71
C ALA C 129 -61.34 -6.98 -30.23
N LEU C 130 -62.06 -7.79 -29.45
CA LEU C 130 -63.34 -7.34 -28.91
C LEU C 130 -63.15 -6.23 -27.89
N SER C 131 -62.10 -6.34 -27.06
CA SER C 131 -61.83 -5.29 -26.09
C SER C 131 -61.50 -3.98 -26.78
N ALA C 132 -60.71 -4.04 -27.85
CA ALA C 132 -60.38 -2.85 -28.61
C ALA C 132 -61.63 -2.26 -29.28
N HIS C 133 -62.50 -3.11 -29.81
CA HIS C 133 -63.74 -2.62 -30.40
C HIS C 133 -64.59 -1.91 -29.37
N ARG C 134 -64.71 -2.49 -28.18
CA ARG C 134 -65.48 -1.84 -27.12
C ARG C 134 -64.86 -0.52 -26.71
N TYR C 135 -63.53 -0.48 -26.61
CA TYR C 135 -62.85 0.75 -26.21
C TYR C 135 -63.04 1.85 -27.25
N PHE C 136 -62.96 1.48 -28.54
CA PHE C 136 -63.15 2.47 -29.59
C PHE C 136 -64.58 2.96 -29.66
N ARG C 137 -65.54 2.06 -29.39
CA ARG C 137 -66.93 2.48 -29.30
C ARG C 137 -67.12 3.46 -28.15
N ASP C 138 -66.45 3.20 -27.03
CA ASP C 138 -66.56 4.09 -25.88
C ASP C 138 -65.85 5.41 -26.12
N ASN C 139 -64.75 5.40 -26.87
CA ASN C 139 -63.95 6.60 -27.10
C ASN C 139 -63.76 6.79 -28.61
N PRO C 140 -64.71 7.47 -29.27
CA PRO C 140 -64.64 7.57 -30.73
C PRO C 140 -63.48 8.41 -31.23
N SER C 141 -62.90 9.27 -30.39
CA SER C 141 -61.84 10.16 -30.84
C SER C 141 -60.47 9.50 -30.90
N GLU C 142 -60.30 8.35 -30.28
CA GLU C 142 -58.99 7.69 -30.22
C GLU C 142 -58.77 6.86 -31.47
N LEU C 143 -57.56 6.96 -32.02
CA LEU C 143 -57.20 6.21 -33.21
C LEU C 143 -56.42 4.94 -32.92
N CYS C 144 -55.84 4.81 -31.73
CA CYS C 144 -55.05 3.64 -31.37
C CYS C 144 -55.26 3.32 -29.90
N CYS C 145 -55.04 2.05 -29.56
CA CYS C 145 -55.10 1.61 -28.17
C CYS C 145 -54.17 0.42 -27.99
N ILE C 146 -53.79 0.19 -26.73
CA ILE C 146 -52.95 -0.95 -26.36
C ILE C 146 -53.68 -1.71 -25.27
N ILE C 147 -53.85 -3.01 -25.47
CA ILE C 147 -54.66 -3.86 -24.60
C ILE C 147 -53.75 -4.80 -23.84
N VAL C 148 -53.89 -4.81 -22.51
CA VAL C 148 -53.17 -5.74 -21.65
C VAL C 148 -54.19 -6.76 -21.17
N ASP C 149 -54.02 -8.01 -21.59
CA ASP C 149 -54.93 -9.10 -21.24
C ASP C 149 -54.20 -10.03 -20.28
N SER C 150 -54.24 -9.69 -18.99
CA SER C 150 -53.59 -10.51 -17.96
C SER C 150 -54.61 -11.55 -17.51
N GLY C 151 -54.53 -12.73 -18.11
CA GLY C 151 -55.53 -13.76 -17.85
C GLY C 151 -55.06 -14.91 -17.00
N TYR C 152 -55.71 -16.07 -17.19
CA TYR C 152 -55.43 -17.22 -16.34
C TYR C 152 -54.09 -17.86 -16.68
N SER C 153 -53.77 -17.97 -17.96
CA SER C 153 -52.63 -18.77 -18.38
C SER C 153 -51.48 -17.96 -18.98
N PHE C 154 -51.69 -16.69 -19.25
CA PHE C 154 -50.64 -15.83 -19.80
C PHE C 154 -51.04 -14.38 -19.58
N THR C 155 -50.21 -13.48 -20.10
CA THR C 155 -50.56 -12.06 -20.19
C THR C 155 -50.01 -11.52 -21.49
N HIS C 156 -50.90 -11.28 -22.45
CA HIS C 156 -50.50 -10.65 -23.69
C HIS C 156 -50.65 -9.14 -23.61
N ILE C 157 -49.87 -8.44 -24.43
CA ILE C 157 -49.96 -7.00 -24.59
C ILE C 157 -50.00 -6.74 -26.09
N VAL C 158 -51.17 -6.38 -26.61
CA VAL C 158 -51.40 -6.25 -28.04
C VAL C 158 -51.86 -4.84 -28.35
N PRO C 159 -51.18 -4.13 -29.25
CA PRO C 159 -51.67 -2.80 -29.67
C PRO C 159 -52.61 -2.93 -30.86
N TYR C 160 -53.70 -2.16 -30.81
CA TYR C 160 -54.72 -2.19 -31.85
C TYR C 160 -54.88 -0.82 -32.47
N CYS C 161 -54.89 -0.78 -33.81
CA CYS C 161 -55.36 0.40 -34.54
C CYS C 161 -56.87 0.34 -34.64
N ARG C 162 -57.45 1.22 -35.47
CA ARG C 162 -58.90 1.34 -35.54
C ARG C 162 -59.55 0.04 -35.99
N SER C 163 -58.99 -0.60 -37.01
CA SER C 163 -59.58 -1.83 -37.54
C SER C 163 -58.51 -2.87 -37.90
N LYS C 164 -57.41 -2.90 -37.17
CA LYS C 164 -56.32 -3.80 -37.48
C LYS C 164 -55.52 -4.09 -36.22
N LYS C 165 -54.99 -5.31 -36.15
CA LYS C 165 -54.19 -5.75 -35.01
C LYS C 165 -52.73 -5.78 -35.41
N LYS C 166 -51.87 -5.16 -34.60
CA LYS C 166 -50.44 -5.12 -34.87
C LYS C 166 -49.82 -6.43 -34.44
N LYS C 167 -49.71 -7.36 -35.39
CA LYS C 167 -49.19 -8.69 -35.08
C LYS C 167 -47.70 -8.66 -34.77
N GLU C 168 -46.99 -7.67 -35.31
CA GLU C 168 -45.54 -7.61 -35.08
C GLU C 168 -45.21 -7.33 -33.63
N ALA C 169 -46.03 -6.51 -32.97
CA ALA C 169 -45.71 -5.97 -31.66
C ALA C 169 -46.36 -6.73 -30.51
N ILE C 170 -46.96 -7.88 -30.80
CA ILE C 170 -47.58 -8.67 -29.75
C ILE C 170 -46.49 -9.27 -28.86
N ILE C 171 -46.60 -9.05 -27.56
CA ILE C 171 -45.65 -9.58 -26.59
C ILE C 171 -46.43 -10.37 -25.56
N ARG C 172 -45.97 -11.58 -25.27
CA ARG C 172 -46.60 -12.46 -24.30
C ARG C 172 -45.69 -12.62 -23.09
N ILE C 173 -46.27 -12.50 -21.91
CA ILE C 173 -45.58 -12.77 -20.65
C ILE C 173 -46.16 -14.05 -20.08
N ASN C 174 -45.31 -15.04 -19.85
CA ASN C 174 -45.79 -16.34 -19.39
C ASN C 174 -46.02 -16.33 -17.89
N VAL C 175 -46.77 -15.34 -17.40
CA VAL C 175 -47.21 -15.29 -16.01
C VAL C 175 -48.70 -14.99 -16.00
N GLY C 176 -49.48 -15.87 -15.38
CA GLY C 176 -50.92 -15.70 -15.30
C GLY C 176 -51.43 -16.11 -13.94
N GLY C 177 -52.76 -16.08 -13.79
CA GLY C 177 -53.36 -16.43 -12.52
C GLY C 177 -53.08 -17.85 -12.11
N LYS C 178 -52.96 -18.76 -13.08
CA LYS C 178 -52.62 -20.14 -12.78
C LYS C 178 -51.25 -20.24 -12.10
N LEU C 179 -50.26 -19.57 -12.69
CA LEU C 179 -48.92 -19.57 -12.12
C LEU C 179 -48.90 -18.93 -10.75
N LEU C 180 -49.63 -17.82 -10.58
CA LEU C 180 -49.66 -17.16 -9.27
C LEU C 180 -50.27 -18.06 -8.22
N THR C 181 -51.37 -18.75 -8.57
CA THR C 181 -52.02 -19.63 -7.60
C THR C 181 -51.10 -20.81 -7.25
N ASN C 182 -50.46 -21.41 -8.25
CA ASN C 182 -49.56 -22.53 -7.96
C ASN C 182 -48.36 -22.09 -7.13
N HIS C 183 -47.83 -20.90 -7.41
CA HIS C 183 -46.72 -20.38 -6.62
C HIS C 183 -47.15 -20.11 -5.17
N LEU C 184 -48.36 -19.58 -5.00
CA LEU C 184 -48.86 -19.36 -3.64
C LEU C 184 -49.02 -20.70 -2.91
N LYS C 185 -49.52 -21.71 -3.62
CA LYS C 185 -49.63 -23.04 -3.01
C LYS C 185 -48.27 -23.54 -2.56
N GLU C 186 -47.27 -23.44 -3.45
CA GLU C 186 -45.94 -23.93 -3.14
C GLU C 186 -45.32 -23.19 -1.96
N ILE C 187 -45.51 -21.86 -1.91
CA ILE C 187 -45.00 -21.07 -0.81
C ILE C 187 -45.66 -21.48 0.51
N ILE C 188 -46.99 -21.57 0.53
CA ILE C 188 -47.68 -21.92 1.75
C ILE C 188 -47.30 -23.33 2.21
N SER C 189 -47.18 -24.26 1.27
CA SER C 189 -46.83 -25.63 1.62
C SER C 189 -45.41 -25.71 2.18
N TYR C 190 -44.47 -24.94 1.61
CA TYR C 190 -43.10 -24.99 2.10
C TYR C 190 -42.95 -24.25 3.43
N ARG C 191 -43.75 -23.22 3.68
CA ARG C 191 -43.56 -22.40 4.86
C ARG C 191 -44.45 -22.78 6.04
N GLN C 192 -45.77 -22.89 5.87
CA GLN C 192 -46.63 -23.12 7.02
C GLN C 192 -47.37 -24.45 6.97
N LEU C 193 -48.16 -24.73 5.94
CA LEU C 193 -48.88 -26.00 5.91
C LEU C 193 -49.15 -26.43 4.47
N HIS C 194 -49.27 -27.74 4.29
CA HIS C 194 -49.40 -28.33 2.97
C HIS C 194 -50.79 -28.06 2.42
N VAL C 195 -50.87 -27.31 1.33
CA VAL C 195 -52.15 -26.93 0.73
C VAL C 195 -52.12 -27.22 -0.77
N MET C 196 -51.19 -28.07 -1.20
CA MET C 196 -51.05 -28.35 -2.62
C MET C 196 -52.28 -29.03 -3.22
N ASP C 197 -53.14 -29.61 -2.39
CA ASP C 197 -54.39 -30.21 -2.85
C ASP C 197 -55.58 -29.28 -2.69
N GLU C 198 -55.35 -28.01 -2.35
CA GLU C 198 -56.42 -27.06 -2.07
C GLU C 198 -56.39 -25.91 -3.07
N THR C 199 -56.30 -26.23 -4.36
CA THR C 199 -56.22 -25.20 -5.40
C THR C 199 -57.35 -24.19 -5.30
N HIS C 200 -58.58 -24.67 -5.07
CA HIS C 200 -59.72 -23.76 -4.98
C HIS C 200 -59.56 -22.80 -3.81
N VAL C 201 -59.22 -23.33 -2.64
CA VAL C 201 -59.11 -22.49 -1.45
C VAL C 201 -57.96 -21.51 -1.57
N ILE C 202 -56.83 -21.96 -2.11
CA ILE C 202 -55.68 -21.06 -2.28
C ILE C 202 -55.99 -19.99 -3.31
N ASN C 203 -56.75 -20.34 -4.36
CA ASN C 203 -57.16 -19.34 -5.33
C ASN C 203 -58.05 -18.28 -4.69
N GLN C 204 -58.98 -18.72 -3.85
CA GLN C 204 -59.81 -17.75 -3.13
C GLN C 204 -58.96 -16.89 -2.19
N VAL C 205 -57.96 -17.49 -1.54
CA VAL C 205 -57.07 -16.73 -0.67
C VAL C 205 -56.34 -15.66 -1.47
N LYS C 206 -55.82 -16.04 -2.64
CA LYS C 206 -55.14 -15.06 -3.49
C LYS C 206 -56.08 -13.94 -3.91
N GLU C 207 -57.32 -14.28 -4.27
CA GLU C 207 -58.28 -13.25 -4.66
C GLU C 207 -58.66 -12.36 -3.50
N ASP C 208 -58.55 -12.85 -2.26
CA ASP C 208 -59.04 -12.12 -1.10
C ASP C 208 -57.98 -11.30 -0.38
N VAL C 209 -56.72 -11.75 -0.33
CA VAL C 209 -55.72 -11.12 0.52
C VAL C 209 -54.62 -10.45 -0.28
N CYS C 210 -54.33 -10.90 -1.50
CA CYS C 210 -53.18 -10.39 -2.23
C CYS C 210 -53.45 -8.99 -2.77
N TYR C 211 -52.38 -8.22 -2.91
CA TYR C 211 -52.46 -6.87 -3.45
C TYR C 211 -51.11 -6.49 -4.01
N VAL C 212 -51.12 -5.48 -4.87
CA VAL C 212 -49.90 -4.98 -5.50
C VAL C 212 -49.36 -3.81 -4.70
N SER C 213 -48.09 -3.87 -4.34
CA SER C 213 -47.49 -2.88 -3.47
C SER C 213 -46.95 -1.71 -4.29
N GLN C 214 -47.18 -0.50 -3.79
CA GLN C 214 -46.63 0.69 -4.43
C GLN C 214 -45.15 0.84 -4.10
N ASP C 215 -44.75 0.51 -2.88
CA ASP C 215 -43.36 0.53 -2.43
C ASP C 215 -43.02 -0.87 -1.96
N PHE C 216 -42.25 -1.60 -2.78
CA PHE C 216 -42.00 -3.01 -2.50
C PHE C 216 -41.13 -3.19 -1.26
N TYR C 217 -40.03 -2.46 -1.16
CA TYR C 217 -39.09 -2.69 -0.07
C TYR C 217 -39.56 -2.09 1.24
N ARG C 218 -40.31 -0.99 1.20
CA ARG C 218 -40.95 -0.50 2.41
C ARG C 218 -41.94 -1.52 2.95
N ASP C 219 -42.70 -2.16 2.07
CA ASP C 219 -43.63 -3.19 2.50
C ASP C 219 -42.89 -4.41 3.04
N MET C 220 -41.76 -4.76 2.43
CA MET C 220 -40.96 -5.86 2.95
C MET C 220 -40.45 -5.56 4.35
N ASP C 221 -39.96 -4.33 4.57
CA ASP C 221 -39.50 -3.94 5.89
C ASP C 221 -40.63 -3.95 6.90
N ILE C 222 -41.82 -3.48 6.51
CA ILE C 222 -42.95 -3.50 7.41
C ILE C 222 -43.34 -4.93 7.77
N ALA C 223 -43.33 -5.83 6.78
CA ALA C 223 -43.70 -7.22 7.02
C ALA C 223 -42.67 -7.92 7.90
N LYS C 224 -41.40 -7.53 7.80
CA LYS C 224 -40.36 -8.17 8.59
C LYS C 224 -40.48 -7.84 10.07
N LEU C 225 -41.21 -6.79 10.42
CA LEU C 225 -41.36 -6.39 11.81
C LEU C 225 -42.22 -7.39 12.58
N LYS C 226 -42.25 -7.22 13.90
CA LYS C 226 -43.07 -8.02 14.78
C LYS C 226 -43.82 -7.10 15.74
N GLY C 227 -45.13 -7.29 15.85
CA GLY C 227 -45.95 -6.54 16.78
C GLY C 227 -47.01 -5.73 16.06
N GLU C 228 -47.40 -4.62 16.67
CA GLU C 228 -48.43 -3.76 16.11
C GLU C 228 -48.00 -3.15 14.79
N GLU C 229 -46.71 -2.81 14.66
CA GLU C 229 -46.22 -2.12 13.47
C GLU C 229 -46.28 -2.97 12.21
N ASN C 230 -46.50 -4.28 12.34
CA ASN C 230 -46.58 -5.16 11.18
C ASN C 230 -48.00 -5.10 10.65
N THR C 231 -48.31 -4.00 9.95
CA THR C 231 -49.66 -3.80 9.45
C THR C 231 -49.97 -4.72 8.27
N VAL C 232 -48.94 -5.21 7.57
CA VAL C 232 -49.17 -6.06 6.42
C VAL C 232 -49.68 -7.42 6.85
N MET C 233 -49.14 -7.96 7.93
CA MET C 233 -49.50 -9.30 8.39
C MET C 233 -50.98 -9.39 8.72
N ILE C 234 -51.63 -10.44 8.21
CA ILE C 234 -53.03 -10.73 8.51
C ILE C 234 -53.18 -12.23 8.75
N ASP C 235 -54.26 -12.59 9.43
CA ASP C 235 -54.60 -13.98 9.72
C ASP C 235 -55.82 -14.38 8.89
N TYR C 236 -55.69 -15.47 8.14
CA TYR C 236 -56.76 -15.99 7.31
C TYR C 236 -57.20 -17.34 7.86
N VAL C 237 -58.52 -17.50 8.01
CA VAL C 237 -59.11 -18.74 8.51
C VAL C 237 -59.56 -19.54 7.31
N LEU C 238 -58.88 -20.65 7.03
CA LEU C 238 -59.27 -21.48 5.91
C LEU C 238 -60.62 -22.13 6.17
N PRO C 239 -61.44 -22.32 5.13
CA PRO C 239 -62.77 -22.92 5.33
C PRO C 239 -62.65 -24.43 5.54
N ASP C 240 -63.23 -24.90 6.65
CA ASP C 240 -63.31 -26.33 6.92
C ASP C 240 -64.52 -26.98 6.26
N PHE C 241 -65.44 -26.18 5.72
CA PHE C 241 -66.65 -26.66 5.06
C PHE C 241 -67.55 -27.45 6.01
N SER C 242 -67.41 -27.21 7.31
CA SER C 242 -68.32 -27.74 8.32
C SER C 242 -69.07 -26.63 9.04
N THR C 243 -68.34 -25.67 9.61
CA THR C 243 -68.93 -24.50 10.24
C THR C 243 -68.49 -23.20 9.61
N ILE C 244 -67.43 -23.20 8.81
CA ILE C 244 -66.95 -22.02 8.09
C ILE C 244 -67.07 -22.34 6.61
N LYS C 245 -68.15 -21.87 5.97
CA LYS C 245 -68.39 -22.22 4.58
C LYS C 245 -67.34 -21.63 3.66
N LYS C 246 -66.97 -20.36 3.88
CA LYS C 246 -66.04 -19.66 3.01
C LYS C 246 -64.96 -19.00 3.85
N GLY C 247 -63.78 -18.90 3.27
CA GLY C 247 -62.66 -18.31 3.99
C GLY C 247 -62.87 -16.84 4.27
N PHE C 248 -62.23 -16.36 5.34
CA PHE C 248 -62.35 -14.96 5.72
C PHE C 248 -61.10 -14.55 6.47
N CYS C 249 -60.88 -13.23 6.52
CA CYS C 249 -59.74 -12.66 7.22
C CYS C 249 -60.19 -12.16 8.59
N LYS C 250 -59.41 -12.50 9.62
CA LYS C 250 -59.72 -12.02 10.96
C LYS C 250 -59.53 -10.50 11.03
N PRO C 251 -60.40 -9.80 11.76
CA PRO C 251 -60.22 -8.35 11.92
C PRO C 251 -58.94 -8.03 12.67
N ARG C 252 -58.39 -6.86 12.36
CA ARG C 252 -57.12 -6.46 12.97
C ARG C 252 -57.24 -6.31 14.47
N GLU C 253 -58.38 -5.80 14.95
CA GLU C 253 -58.60 -5.69 16.38
C GLU C 253 -58.63 -7.04 17.05
N GLU C 254 -59.03 -8.08 16.32
CA GLU C 254 -59.14 -9.43 16.86
C GLU C 254 -57.87 -10.25 16.65
N MET C 255 -56.85 -9.68 16.03
CA MET C 255 -55.62 -10.43 15.76
C MET C 255 -54.85 -10.69 17.05
N VAL C 256 -54.25 -11.88 17.13
CA VAL C 256 -53.43 -12.29 18.27
C VAL C 256 -52.01 -12.49 17.76
N LEU C 257 -51.05 -11.79 18.38
CA LEU C 257 -49.66 -11.85 17.92
C LEU C 257 -49.07 -13.23 18.11
N SER C 258 -49.45 -13.94 19.18
CA SER C 258 -48.80 -15.21 19.50
C SER C 258 -49.15 -16.28 18.47
N GLY C 259 -50.29 -16.15 17.79
CA GLY C 259 -50.69 -17.11 16.78
C GLY C 259 -51.50 -18.28 17.30
N LYS C 260 -51.61 -18.45 18.62
CA LYS C 260 -52.38 -19.52 19.21
C LYS C 260 -53.78 -19.01 19.54
N TYR C 261 -54.80 -19.73 19.07
CA TYR C 261 -56.19 -19.37 19.30
C TYR C 261 -56.89 -20.52 20.01
N LYS C 262 -57.70 -20.17 21.02
CA LYS C 262 -58.43 -21.18 21.77
C LYS C 262 -59.41 -21.93 20.85
N SER C 263 -60.09 -21.21 19.96
CA SER C 263 -60.88 -21.88 18.94
C SER C 263 -59.97 -22.65 17.99
N GLY C 264 -60.42 -23.85 17.61
CA GLY C 264 -59.58 -24.73 16.82
C GLY C 264 -59.58 -24.43 15.34
N GLU C 265 -59.63 -23.14 14.99
CA GLU C 265 -59.63 -22.76 13.60
C GLU C 265 -58.25 -22.92 12.98
N GLN C 266 -58.21 -23.48 11.78
CA GLN C 266 -56.94 -23.66 11.07
C GLN C 266 -56.61 -22.31 10.43
N ILE C 267 -55.72 -21.57 11.08
CA ILE C 267 -55.40 -20.20 10.68
C ILE C 267 -54.10 -20.18 9.89
N LEU C 268 -54.15 -19.58 8.71
CA LEU C 268 -53.00 -19.41 7.85
C LEU C 268 -52.56 -17.96 7.93
N ARG C 269 -51.34 -17.73 8.37
CA ARG C 269 -50.80 -16.38 8.56
C ARG C 269 -49.94 -16.01 7.37
N LEU C 270 -50.35 -14.96 6.65
CA LEU C 270 -49.66 -14.49 5.45
C LEU C 270 -49.19 -13.07 5.70
N ALA C 271 -47.87 -12.85 5.55
CA ALA C 271 -47.31 -11.52 5.74
C ALA C 271 -46.72 -10.99 4.44
N ASN C 272 -45.69 -11.62 3.89
CA ASN C 272 -45.05 -11.09 2.70
C ASN C 272 -45.60 -11.70 1.43
N GLU C 273 -46.36 -12.80 1.52
CA GLU C 273 -46.99 -13.38 0.35
C GLU C 273 -48.12 -12.51 -0.19
N ARG C 274 -48.55 -11.49 0.55
CA ARG C 274 -49.63 -10.63 0.08
C ARG C 274 -49.23 -9.90 -1.20
N PHE C 275 -48.00 -9.40 -1.25
CA PHE C 275 -47.54 -8.66 -2.41
C PHE C 275 -46.42 -9.36 -3.17
N ALA C 276 -45.82 -10.40 -2.60
CA ALA C 276 -44.81 -11.16 -3.34
C ALA C 276 -45.44 -11.90 -4.51
N VAL C 277 -46.62 -12.49 -4.30
CA VAL C 277 -47.28 -13.21 -5.38
C VAL C 277 -47.70 -12.28 -6.52
N PRO C 278 -48.39 -11.16 -6.27
CA PRO C 278 -48.73 -10.26 -7.40
C PRO C 278 -47.52 -9.65 -8.07
N GLU C 279 -46.38 -9.57 -7.39
CA GLU C 279 -45.21 -8.94 -7.98
C GLU C 279 -44.64 -9.74 -9.15
N ILE C 280 -44.97 -11.03 -9.25
CA ILE C 280 -44.44 -11.84 -10.35
C ILE C 280 -44.94 -11.31 -11.68
N LEU C 281 -46.13 -10.69 -11.70
CA LEU C 281 -46.63 -10.08 -12.93
C LEU C 281 -45.72 -8.95 -13.38
N PHE C 282 -45.28 -8.11 -12.44
CA PHE C 282 -44.44 -6.98 -12.79
C PHE C 282 -42.96 -7.35 -12.84
N ASN C 283 -42.54 -8.33 -12.04
CA ASN C 283 -41.16 -8.81 -12.05
C ASN C 283 -41.17 -10.32 -12.14
N PRO C 284 -41.24 -10.87 -13.36
CA PRO C 284 -41.17 -12.33 -13.51
C PRO C 284 -39.87 -12.92 -12.99
N SER C 285 -38.78 -12.16 -13.01
CA SER C 285 -37.49 -12.68 -12.58
C SER C 285 -37.44 -12.91 -11.07
N ASP C 286 -38.45 -12.45 -10.32
CA ASP C 286 -38.46 -12.70 -8.89
C ASP C 286 -38.48 -14.19 -8.58
N ILE C 287 -39.28 -14.96 -9.32
CA ILE C 287 -39.34 -16.40 -9.10
C ILE C 287 -38.41 -17.18 -10.01
N GLY C 288 -37.93 -16.58 -11.10
CA GLY C 288 -36.98 -17.26 -11.95
C GLY C 288 -37.30 -17.22 -13.44
N ILE C 289 -38.31 -16.45 -13.82
CA ILE C 289 -38.71 -16.35 -15.22
C ILE C 289 -37.98 -15.13 -15.82
N GLN C 290 -37.07 -15.40 -16.76
CA GLN C 290 -36.28 -14.34 -17.38
C GLN C 290 -37.09 -13.67 -18.51
N GLU C 291 -38.13 -12.95 -18.09
CA GLU C 291 -38.99 -12.23 -19.01
C GLU C 291 -39.29 -10.86 -18.44
N MET C 292 -39.51 -9.89 -19.32
CA MET C 292 -39.85 -8.54 -18.89
C MET C 292 -41.27 -8.51 -18.33
N GLY C 293 -41.47 -7.64 -17.33
CA GLY C 293 -42.77 -7.51 -16.71
C GLY C 293 -43.75 -6.73 -17.56
N ILE C 294 -44.95 -6.55 -16.99
CA ILE C 294 -46.03 -5.90 -17.75
C ILE C 294 -45.67 -4.48 -18.18
N PRO C 295 -45.18 -3.59 -17.31
CA PRO C 295 -44.89 -2.23 -17.77
C PRO C 295 -43.78 -2.17 -18.82
N GLU C 296 -42.70 -2.91 -18.60
CA GLU C 296 -41.61 -2.92 -19.57
C GLU C 296 -42.06 -3.51 -20.88
N ALA C 297 -42.94 -4.52 -20.84
CA ALA C 297 -43.42 -5.10 -22.09
C ALA C 297 -44.34 -4.12 -22.81
N ILE C 298 -45.14 -3.36 -22.08
CA ILE C 298 -45.96 -2.32 -22.68
C ILE C 298 -45.09 -1.30 -23.40
N VAL C 299 -44.06 -0.82 -22.70
CA VAL C 299 -43.16 0.17 -23.28
C VAL C 299 -42.45 -0.40 -24.50
N TYR C 300 -41.99 -1.65 -24.42
CA TYR C 300 -41.30 -2.26 -25.56
C TYR C 300 -42.24 -2.39 -26.76
N SER C 301 -43.47 -2.85 -26.53
CA SER C 301 -44.41 -3.02 -27.63
C SER C 301 -44.74 -1.68 -28.27
N ILE C 302 -44.92 -0.64 -27.47
CA ILE C 302 -45.18 0.68 -28.03
C ILE C 302 -43.98 1.18 -28.83
N GLN C 303 -42.78 1.03 -28.27
CA GLN C 303 -41.60 1.61 -28.89
C GLN C 303 -41.16 0.85 -30.14
N ASN C 304 -41.60 -0.39 -30.30
CA ASN C 304 -41.37 -1.07 -31.58
C ASN C 304 -42.14 -0.40 -32.71
N LEU C 305 -43.30 0.17 -32.41
CA LEU C 305 -44.17 0.77 -33.40
C LEU C 305 -43.64 2.13 -33.86
N PRO C 306 -44.11 2.63 -35.00
CA PRO C 306 -43.57 3.90 -35.52
C PRO C 306 -43.75 5.05 -34.56
N GLU C 307 -42.90 6.06 -34.74
CA GLU C 307 -42.83 7.18 -33.80
C GLU C 307 -44.12 7.99 -33.75
N GLU C 308 -44.76 8.18 -34.91
CA GLU C 308 -45.95 9.03 -34.97
C GLU C 308 -47.07 8.45 -34.12
N MET C 309 -47.20 7.13 -34.07
CA MET C 309 -48.30 6.49 -33.38
C MET C 309 -48.04 6.27 -31.90
N GLN C 310 -46.80 6.44 -31.43
CA GLN C 310 -46.47 6.12 -30.04
C GLN C 310 -47.25 6.96 -29.03
N PRO C 311 -47.37 8.29 -29.15
CA PRO C 311 -48.11 9.03 -28.13
C PRO C 311 -49.56 8.61 -28.01
N HIS C 312 -50.20 8.22 -29.12
CA HIS C 312 -51.57 7.75 -29.04
C HIS C 312 -51.66 6.44 -28.26
N PHE C 313 -50.69 5.53 -28.48
CA PHE C 313 -50.68 4.28 -27.74
C PHE C 313 -50.44 4.52 -26.25
N PHE C 314 -49.56 5.48 -25.92
CA PHE C 314 -49.31 5.78 -24.52
C PHE C 314 -50.51 6.38 -23.82
N LYS C 315 -51.45 6.95 -24.57
CA LYS C 315 -52.61 7.63 -24.00
C LYS C 315 -53.79 6.70 -23.77
N ASN C 316 -53.73 5.45 -24.21
CA ASN C 316 -54.91 4.58 -24.20
C ASN C 316 -54.55 3.18 -23.71
N ILE C 317 -53.84 3.11 -22.60
CA ILE C 317 -53.52 1.81 -22.01
C ILE C 317 -54.75 1.28 -21.31
N VAL C 318 -55.17 0.07 -21.68
CA VAL C 318 -56.38 -0.55 -21.15
C VAL C 318 -55.97 -1.87 -20.50
N LEU C 319 -56.43 -2.09 -19.27
CA LEU C 319 -56.13 -3.29 -18.51
C LEU C 319 -57.34 -4.22 -18.51
N THR C 320 -57.17 -5.40 -19.07
CA THR C 320 -58.21 -6.42 -19.08
C THR C 320 -57.66 -7.72 -18.51
N GLY C 321 -58.56 -8.56 -18.03
CA GLY C 321 -58.21 -9.85 -17.47
C GLY C 321 -58.44 -9.89 -15.97
N GLY C 322 -58.39 -11.12 -15.45
CA GLY C 322 -58.66 -11.32 -14.04
C GLY C 322 -57.57 -10.76 -13.15
N ASN C 323 -56.31 -10.90 -13.56
CA ASN C 323 -55.20 -10.44 -12.73
C ASN C 323 -55.23 -8.92 -12.53
N SER C 324 -55.94 -8.19 -13.39
CA SER C 324 -56.01 -6.74 -13.25
C SER C 324 -56.85 -6.31 -12.06
N LEU C 325 -57.56 -7.23 -11.41
CA LEU C 325 -58.40 -6.89 -10.28
C LEU C 325 -57.64 -6.80 -8.97
N PHE C 326 -56.34 -7.05 -8.98
CA PHE C 326 -55.52 -6.88 -7.79
C PHE C 326 -55.58 -5.43 -7.32
N PRO C 327 -55.69 -5.19 -6.02
CA PRO C 327 -55.55 -3.81 -5.52
C PRO C 327 -54.19 -3.23 -5.87
N GLY C 328 -54.20 -1.98 -6.33
CA GLY C 328 -52.98 -1.28 -6.68
C GLY C 328 -52.41 -1.63 -8.04
N PHE C 329 -53.06 -2.50 -8.81
CA PHE C 329 -52.54 -2.90 -10.10
C PHE C 329 -52.48 -1.72 -11.07
N ARG C 330 -53.58 -0.98 -11.16
CA ARG C 330 -53.64 0.15 -12.11
C ARG C 330 -52.63 1.22 -11.74
N ASP C 331 -52.56 1.57 -10.47
CA ASP C 331 -51.63 2.60 -10.03
C ASP C 331 -50.19 2.19 -10.28
N ARG C 332 -49.86 0.92 -9.98
CA ARG C 332 -48.51 0.44 -10.22
C ARG C 332 -48.14 0.46 -11.69
N VAL C 333 -49.06 0.01 -12.55
CA VAL C 333 -48.81 0.04 -13.99
C VAL C 333 -48.59 1.47 -14.46
N TYR C 334 -49.45 2.38 -14.01
CA TYR C 334 -49.31 3.79 -14.39
C TYR C 334 -47.98 4.36 -13.93
N SER C 335 -47.58 4.09 -12.69
CA SER C 335 -46.33 4.63 -12.17
C SER C 335 -45.14 4.12 -12.94
N GLU C 336 -45.10 2.81 -13.20
CA GLU C 336 -43.96 2.25 -13.92
C GLU C 336 -43.90 2.73 -15.38
N VAL C 337 -45.06 2.77 -16.06
CA VAL C 337 -45.05 3.26 -17.44
C VAL C 337 -44.69 4.74 -17.48
N ARG C 338 -45.16 5.52 -16.51
CA ARG C 338 -44.79 6.93 -16.46
C ARG C 338 -43.30 7.09 -16.26
N CYS C 339 -42.71 6.24 -15.42
CA CYS C 339 -41.27 6.30 -15.22
C CYS C 339 -40.52 5.96 -16.50
N LEU C 340 -41.02 5.00 -17.27
CA LEU C 340 -40.34 4.61 -18.50
C LEU C 340 -40.74 5.42 -19.72
N THR C 341 -41.93 6.02 -19.74
CA THR C 341 -42.37 6.75 -20.92
C THR C 341 -41.69 8.12 -21.00
N PRO C 342 -41.38 8.59 -22.21
CA PRO C 342 -40.83 9.94 -22.37
C PRO C 342 -41.73 11.01 -21.76
N THR C 343 -41.11 12.04 -21.20
CA THR C 343 -41.86 13.05 -20.47
C THR C 343 -42.81 13.83 -21.39
N ASP C 344 -42.50 13.93 -22.68
CA ASP C 344 -43.38 14.67 -23.58
C ASP C 344 -44.65 13.90 -23.91
N TYR C 345 -44.69 12.60 -23.64
CA TYR C 345 -45.84 11.77 -23.97
C TYR C 345 -46.68 11.55 -22.71
N ASP C 346 -47.97 11.87 -22.80
CA ASP C 346 -48.88 11.67 -21.68
C ASP C 346 -49.24 10.19 -21.55
N VAL C 347 -49.38 9.74 -20.31
CA VAL C 347 -49.67 8.35 -20.01
C VAL C 347 -51.04 8.27 -19.33
N SER C 348 -51.91 7.41 -19.84
CA SER C 348 -53.23 7.20 -19.27
C SER C 348 -53.52 5.71 -19.24
N VAL C 349 -53.75 5.18 -18.04
CA VAL C 349 -54.06 3.76 -17.86
C VAL C 349 -55.49 3.68 -17.33
N VAL C 350 -56.33 2.91 -18.03
CA VAL C 350 -57.75 2.81 -17.71
C VAL C 350 -58.04 1.39 -17.27
N LEU C 351 -58.64 1.24 -16.10
CA LEU C 351 -59.11 -0.06 -15.63
C LEU C 351 -60.64 -0.07 -15.63
N PRO C 352 -61.28 -0.86 -16.48
CA PRO C 352 -62.75 -0.87 -16.52
C PRO C 352 -63.33 -1.45 -15.24
N GLU C 353 -64.63 -1.21 -15.06
CA GLU C 353 -65.30 -1.68 -13.86
C GLU C 353 -65.29 -3.20 -13.76
N ASN C 354 -65.48 -3.89 -14.89
CA ASN C 354 -65.49 -5.35 -14.93
C ASN C 354 -64.54 -5.81 -16.02
N PRO C 355 -63.25 -5.94 -15.72
CA PRO C 355 -62.30 -6.42 -16.73
C PRO C 355 -62.55 -7.86 -17.15
N ILE C 356 -63.25 -8.64 -16.34
CA ILE C 356 -63.58 -10.01 -16.73
C ILE C 356 -64.46 -10.02 -17.97
N THR C 357 -65.49 -9.18 -17.99
CA THR C 357 -66.52 -9.24 -19.01
C THR C 357 -66.31 -8.24 -20.13
N TYR C 358 -65.13 -7.61 -20.21
CA TYR C 358 -64.89 -6.61 -21.25
C TYR C 358 -65.03 -7.21 -22.64
N ALA C 359 -64.42 -8.38 -22.85
CA ALA C 359 -64.45 -9.00 -24.17
C ALA C 359 -65.88 -9.41 -24.55
N TRP C 360 -66.67 -9.87 -23.58
CA TRP C 360 -68.05 -10.22 -23.88
C TRP C 360 -68.85 -8.99 -24.30
N GLU C 361 -68.64 -7.86 -23.63
CA GLU C 361 -69.32 -6.62 -24.04
C GLU C 361 -68.88 -6.21 -25.43
N GLY C 362 -67.59 -6.33 -25.74
CA GLY C 362 -67.13 -6.04 -27.08
C GLY C 362 -67.77 -6.93 -28.12
N GLY C 363 -67.93 -8.21 -27.81
CA GLY C 363 -68.59 -9.12 -28.73
C GLY C 363 -70.05 -8.77 -28.94
N LYS C 364 -70.74 -8.40 -27.86
CA LYS C 364 -72.13 -7.97 -27.99
C LYS C 364 -72.23 -6.73 -28.88
N LEU C 365 -71.32 -5.77 -28.67
CA LEU C 365 -71.33 -4.55 -29.46
C LEU C 365 -71.07 -4.86 -30.93
N ILE C 366 -70.11 -5.74 -31.22
CA ILE C 366 -69.81 -6.05 -32.61
C ILE C 366 -70.93 -6.88 -33.22
N SER C 367 -71.69 -7.60 -32.40
CA SER C 367 -72.84 -8.33 -32.90
C SER C 367 -73.95 -7.37 -33.30
N GLU C 368 -74.12 -6.29 -32.54
CA GLU C 368 -75.21 -5.35 -32.82
C GLU C 368 -74.95 -4.50 -34.07
N ASN C 369 -73.72 -4.47 -34.59
CA ASN C 369 -73.41 -3.61 -35.71
C ASN C 369 -74.06 -4.12 -37.00
N ASP C 370 -74.21 -3.21 -37.97
CA ASP C 370 -74.75 -3.54 -39.27
C ASP C 370 -73.72 -4.14 -40.21
N ASP C 371 -72.44 -4.16 -39.83
CA ASP C 371 -71.40 -4.81 -40.60
C ASP C 371 -71.11 -6.21 -40.09
N PHE C 372 -71.94 -6.72 -39.18
CA PHE C 372 -71.70 -8.03 -38.59
C PHE C 372 -71.77 -9.14 -39.62
N GLU C 373 -72.75 -9.07 -40.52
CA GLU C 373 -72.96 -10.15 -41.48
C GLU C 373 -71.76 -10.33 -42.40
N ASP C 374 -71.01 -9.26 -42.66
CA ASP C 374 -69.84 -9.38 -43.53
C ASP C 374 -68.67 -10.06 -42.84
N MET C 375 -68.60 -9.96 -41.51
CA MET C 375 -67.47 -10.54 -40.79
C MET C 375 -67.57 -12.06 -40.66
N VAL C 376 -68.78 -12.60 -40.53
CA VAL C 376 -68.94 -14.01 -40.22
C VAL C 376 -68.73 -14.86 -41.46
N VAL C 377 -68.54 -16.16 -41.25
CA VAL C 377 -68.40 -17.14 -42.32
C VAL C 377 -69.56 -18.11 -42.21
N THR C 378 -70.34 -18.23 -43.28
CA THR C 378 -71.55 -19.04 -43.26
C THR C 378 -71.22 -20.51 -43.57
N ARG C 379 -72.17 -21.38 -43.23
CA ARG C 379 -71.99 -22.81 -43.48
C ARG C 379 -72.13 -23.14 -44.96
N GLU C 380 -73.06 -22.49 -45.65
CA GLU C 380 -73.22 -22.72 -47.08
C GLU C 380 -71.94 -22.38 -47.83
N ASP C 381 -71.30 -21.27 -47.46
CA ASP C 381 -69.98 -20.97 -48.00
C ASP C 381 -68.92 -21.87 -47.41
N TYR C 382 -69.14 -22.41 -46.20
CA TYR C 382 -68.15 -23.29 -45.61
C TYR C 382 -68.00 -24.56 -46.43
N GLU C 383 -69.11 -25.11 -46.93
CA GLU C 383 -69.05 -26.37 -47.67
C GLU C 383 -68.01 -26.32 -48.78
N GLU C 384 -68.03 -25.27 -49.59
CA GLU C 384 -67.06 -25.18 -50.68
C GLU C 384 -65.79 -24.44 -50.27
N ASN C 385 -65.91 -23.17 -49.92
CA ASN C 385 -64.74 -22.32 -49.73
C ASN C 385 -64.28 -22.25 -48.28
N GLY C 386 -65.01 -22.89 -47.35
CA GLY C 386 -64.87 -22.58 -45.94
C GLY C 386 -63.46 -22.69 -45.40
N HIS C 387 -62.83 -23.83 -45.60
CA HIS C 387 -61.61 -24.13 -44.86
C HIS C 387 -60.49 -23.13 -45.19
N SER C 388 -60.48 -22.59 -46.40
CA SER C 388 -59.59 -21.47 -46.68
C SER C 388 -60.18 -20.13 -46.19
N VAL C 389 -61.46 -19.88 -46.46
CA VAL C 389 -61.99 -18.56 -46.18
C VAL C 389 -62.14 -18.31 -44.68
N CYS C 390 -62.24 -19.37 -43.88
CA CYS C 390 -62.20 -19.18 -42.43
C CYS C 390 -60.87 -18.59 -41.99
N GLU C 391 -59.77 -19.07 -42.55
CA GLU C 391 -58.47 -18.49 -42.27
C GLU C 391 -58.35 -17.10 -42.87
N GLU C 392 -58.95 -16.89 -44.04
CA GLU C 392 -58.81 -15.63 -44.75
C GLU C 392 -59.53 -14.50 -44.02
N LYS C 393 -60.78 -14.73 -43.64
CA LYS C 393 -61.58 -13.66 -43.04
C LYS C 393 -61.16 -13.36 -41.60
N PHE C 394 -60.91 -14.40 -40.81
CA PHE C 394 -60.56 -14.21 -39.41
C PHE C 394 -59.11 -13.76 -39.29
N ASP C 395 -58.90 -12.67 -38.56
CA ASP C 395 -57.55 -12.13 -38.38
C ASP C 395 -56.95 -12.61 -37.06
N ILE C 396 -56.75 -13.92 -36.98
CA ILE C 396 -56.14 -14.53 -35.81
C ILE C 396 -54.62 -14.44 -35.90
N ARG D 16 -18.67 -29.93 1.75
CA ARG D 16 -19.95 -30.42 1.23
C ARG D 16 -19.88 -30.60 -0.28
N ARG D 17 -20.88 -31.29 -0.84
CA ARG D 17 -20.95 -31.52 -2.27
C ARG D 17 -21.39 -30.25 -2.99
N VAL D 18 -21.17 -30.22 -4.31
CA VAL D 18 -21.47 -29.07 -5.15
C VAL D 18 -22.17 -29.55 -6.41
N LEU D 19 -23.25 -28.86 -6.79
CA LEU D 19 -24.05 -29.22 -7.95
C LEU D 19 -23.65 -28.36 -9.13
N ASP D 20 -23.41 -29.01 -10.28
CA ASP D 20 -22.99 -28.31 -11.48
C ASP D 20 -24.11 -27.45 -12.04
N ARG D 21 -23.81 -26.71 -13.12
CA ARG D 21 -24.78 -25.81 -13.71
C ARG D 21 -25.97 -26.56 -14.29
N ALA D 22 -25.73 -27.76 -14.84
CA ALA D 22 -26.82 -28.54 -15.42
C ALA D 22 -27.85 -28.91 -14.37
N ALA D 23 -27.41 -29.31 -13.19
CA ALA D 23 -28.34 -29.69 -12.12
C ALA D 23 -29.16 -28.48 -11.66
N ARG D 24 -28.51 -27.32 -11.49
CA ARG D 24 -29.22 -26.13 -11.07
C ARG D 24 -30.25 -25.71 -12.12
N GLN D 25 -29.87 -25.74 -13.39
CA GLN D 25 -30.80 -25.39 -14.45
C GLN D 25 -31.95 -26.38 -14.54
N ARG D 26 -31.66 -27.67 -14.37
CA ARG D 26 -32.72 -28.67 -14.37
C ARG D 26 -33.69 -28.45 -13.22
N ARG D 27 -33.17 -28.14 -12.03
CA ARG D 27 -34.05 -27.88 -10.89
C ARG D 27 -34.90 -26.65 -11.13
N ILE D 28 -34.32 -25.59 -11.69
CA ILE D 28 -35.08 -24.39 -11.97
C ILE D 28 -36.17 -24.67 -13.00
N ASN D 29 -35.82 -25.38 -14.06
CA ASN D 29 -36.80 -25.72 -15.09
C ASN D 29 -37.92 -26.58 -14.55
N ARG D 30 -37.57 -27.56 -13.70
CA ARG D 30 -38.57 -28.43 -13.11
C ARG D 30 -39.52 -27.66 -12.20
N GLN D 31 -38.97 -26.75 -11.38
CA GLN D 31 -39.82 -25.94 -10.51
C GLN D 31 -40.73 -25.02 -11.32
N LEU D 32 -40.19 -24.40 -12.38
CA LEU D 32 -41.00 -23.50 -13.20
C LEU D 32 -42.09 -24.26 -13.95
N GLU D 33 -41.76 -25.46 -14.45
CA GLU D 33 -42.76 -26.26 -15.16
C GLU D 33 -43.85 -26.75 -14.22
N ALA D 34 -43.51 -27.03 -12.96
CA ALA D 34 -44.50 -27.48 -11.99
C ALA D 34 -45.56 -26.42 -11.71
N LEU D 35 -45.26 -25.15 -11.95
CA LEU D 35 -46.24 -24.09 -11.77
C LEU D 35 -47.33 -24.11 -12.82
N GLU D 36 -47.11 -24.79 -13.95
CA GLU D 36 -48.12 -24.90 -15.00
C GLU D 36 -48.94 -26.17 -14.90
N ASN D 37 -48.68 -27.01 -13.90
CA ASN D 37 -49.44 -28.25 -13.73
C ASN D 37 -50.87 -27.95 -13.32
N ASP D 38 -51.80 -28.72 -13.88
CA ASP D 38 -53.22 -28.52 -13.58
C ASP D 38 -53.53 -28.89 -12.13
N ASN D 39 -53.10 -30.08 -11.70
CA ASN D 39 -53.31 -30.54 -10.33
C ASN D 39 -52.03 -31.21 -9.84
N PHE D 40 -51.84 -31.17 -8.52
CA PHE D 40 -50.70 -31.86 -7.91
C PHE D 40 -51.00 -33.30 -7.55
N GLN D 41 -52.26 -33.62 -7.27
CA GLN D 41 -52.65 -34.97 -6.93
C GLN D 41 -53.01 -35.75 -8.20
N ASP D 42 -53.43 -36.99 -8.01
CA ASP D 42 -53.88 -37.83 -9.12
C ASP D 42 -55.40 -37.83 -9.19
N ASP D 43 -55.92 -38.46 -10.23
CA ASP D 43 -57.37 -38.53 -10.44
C ASP D 43 -58.03 -39.29 -9.29
N PRO D 44 -59.01 -38.72 -8.60
CA PRO D 44 -59.72 -39.47 -7.56
C PRO D 44 -60.51 -40.65 -8.10
N HIS D 45 -60.86 -40.63 -9.39
CA HIS D 45 -61.56 -41.77 -9.98
C HIS D 45 -60.63 -42.95 -10.20
N ALA D 46 -59.35 -42.68 -10.49
CA ALA D 46 -58.34 -43.71 -10.71
C ALA D 46 -58.78 -44.72 -11.77
N GLY D 47 -59.36 -44.21 -12.85
CA GLY D 47 -59.83 -45.06 -13.94
C GLY D 47 -60.99 -45.93 -13.55
N ARG D 81 -55.99 -36.36 -28.70
CA ARG D 81 -55.32 -35.99 -27.47
C ARG D 81 -53.82 -35.78 -27.69
N LYS D 82 -53.33 -34.60 -27.32
CA LYS D 82 -51.94 -34.23 -27.49
C LYS D 82 -51.51 -33.42 -26.27
N ASN D 83 -50.33 -32.80 -26.37
CA ASN D 83 -49.87 -31.85 -25.37
C ASN D 83 -49.26 -30.66 -26.08
N PHE D 84 -48.83 -29.67 -25.30
CA PHE D 84 -48.31 -28.43 -25.87
C PHE D 84 -47.07 -28.69 -26.72
N GLN D 85 -46.19 -29.58 -26.27
CA GLN D 85 -44.97 -29.86 -27.02
C GLN D 85 -45.29 -30.54 -28.35
N ALA D 86 -46.27 -31.44 -28.36
CA ALA D 86 -46.68 -32.06 -29.61
C ALA D 86 -47.23 -31.01 -30.57
N LEU D 87 -48.02 -30.07 -30.05
CA LEU D 87 -48.55 -29.00 -30.90
C LEU D 87 -47.44 -28.15 -31.48
N LEU D 88 -46.44 -27.82 -30.67
CA LEU D 88 -45.33 -27.01 -31.16
C LEU D 88 -44.51 -27.76 -32.20
N GLU D 89 -44.24 -29.05 -31.98
CA GLU D 89 -43.44 -29.79 -32.94
C GLU D 89 -44.22 -30.08 -34.21
N GLU D 90 -45.55 -30.17 -34.12
CA GLU D 90 -46.35 -30.34 -35.33
C GLU D 90 -46.44 -29.04 -36.13
N GLN D 91 -46.45 -27.90 -35.44
CA GLN D 91 -46.54 -26.63 -36.15
C GLN D 91 -45.27 -26.31 -36.94
N ASN D 92 -44.13 -26.93 -36.59
CA ASN D 92 -42.87 -26.69 -37.28
C ASN D 92 -42.58 -25.19 -37.35
N LEU D 93 -42.69 -24.54 -36.19
CA LEU D 93 -42.58 -23.10 -36.10
C LEU D 93 -41.13 -22.68 -36.05
N SER D 94 -40.71 -21.83 -36.98
CA SER D 94 -39.33 -21.39 -37.10
C SER D 94 -39.20 -19.93 -36.69
N VAL D 95 -38.08 -19.62 -36.03
CA VAL D 95 -37.80 -18.26 -35.60
C VAL D 95 -37.50 -17.38 -36.81
N ALA D 96 -37.83 -16.09 -36.68
CA ALA D 96 -37.67 -15.05 -37.70
C ALA D 96 -38.54 -15.28 -38.93
N GLU D 97 -39.45 -16.24 -38.89
CA GLU D 97 -40.37 -16.48 -40.00
C GLU D 97 -41.70 -15.77 -39.77
N GLY D 98 -41.63 -14.46 -39.53
CA GLY D 98 -42.79 -13.66 -39.26
C GLY D 98 -43.25 -13.81 -37.82
N PRO D 99 -44.23 -13.00 -37.41
CA PRO D 99 -44.72 -13.08 -36.03
C PRO D 99 -45.37 -14.43 -35.76
N ASN D 100 -45.00 -15.04 -34.64
CA ASN D 100 -45.58 -16.32 -34.27
C ASN D 100 -45.47 -16.49 -32.76
N TYR D 101 -45.76 -17.71 -32.29
CA TYR D 101 -45.75 -18.00 -30.86
C TYR D 101 -44.37 -17.82 -30.26
N LEU D 102 -43.34 -18.35 -30.92
CA LEU D 102 -41.98 -18.25 -30.39
C LEU D 102 -41.46 -16.82 -30.41
N THR D 103 -41.67 -16.09 -31.51
CA THR D 103 -41.18 -14.73 -31.60
C THR D 103 -41.92 -13.78 -30.66
N ALA D 104 -43.10 -14.18 -30.17
CA ALA D 104 -43.85 -13.32 -29.26
C ALA D 104 -43.39 -13.43 -27.80
N CYS D 105 -42.46 -14.32 -27.49
CA CYS D 105 -42.02 -14.47 -26.11
C CYS D 105 -41.28 -13.22 -25.64
N ALA D 106 -41.55 -12.82 -24.40
CA ALA D 106 -40.93 -11.63 -23.84
C ALA D 106 -39.44 -11.84 -23.66
N GLY D 107 -38.65 -10.81 -23.97
CA GLY D 107 -37.22 -10.88 -23.83
C GLY D 107 -36.77 -10.72 -22.38
N PRO D 108 -35.47 -10.85 -22.18
CA PRO D 108 -34.91 -10.73 -20.82
C PRO D 108 -35.13 -9.34 -20.25
N PRO D 109 -35.41 -9.23 -18.96
CA PRO D 109 -35.61 -7.91 -18.36
C PRO D 109 -34.30 -7.13 -18.28
N SER D 110 -34.42 -5.81 -18.38
CA SER D 110 -33.25 -4.96 -18.23
C SER D 110 -32.83 -4.84 -16.76
N ARG D 111 -33.78 -4.66 -15.87
CA ARG D 111 -33.47 -4.59 -14.45
C ARG D 111 -32.95 -5.93 -13.97
N PRO D 112 -31.88 -5.94 -13.17
CA PRO D 112 -31.32 -7.22 -12.70
C PRO D 112 -32.27 -7.94 -11.76
N GLN D 113 -32.10 -9.27 -11.71
CA GLN D 113 -32.91 -10.09 -10.83
C GLN D 113 -32.62 -9.75 -9.37
N ARG D 114 -33.68 -9.70 -8.57
CA ARG D 114 -33.57 -9.39 -7.16
C ARG D 114 -33.60 -10.67 -6.33
N PRO D 115 -32.61 -10.93 -5.50
CA PRO D 115 -32.59 -12.18 -4.73
C PRO D 115 -33.59 -12.14 -3.58
N PHE D 116 -34.31 -13.25 -3.41
CA PHE D 116 -35.18 -13.43 -2.27
C PHE D 116 -34.90 -14.77 -1.60
N CYS D 117 -35.17 -14.83 -0.30
CA CYS D 117 -34.85 -16.01 0.49
C CYS D 117 -35.75 -17.17 0.09
N ALA D 118 -35.14 -18.32 -0.18
CA ALA D 118 -35.89 -19.50 -0.60
C ALA D 118 -36.75 -20.07 0.53
N VAL D 119 -36.58 -19.60 1.75
CA VAL D 119 -37.29 -20.12 2.91
C VAL D 119 -38.43 -19.21 3.34
N CYS D 120 -38.14 -17.93 3.58
CA CYS D 120 -39.16 -17.01 4.07
C CYS D 120 -39.55 -15.92 3.09
N GLY D 121 -38.78 -15.71 2.02
CA GLY D 121 -39.14 -14.77 0.98
C GLY D 121 -38.57 -13.37 1.13
N PHE D 122 -38.08 -13.01 2.31
CA PHE D 122 -37.48 -11.72 2.51
C PHE D 122 -36.16 -11.63 1.75
N PRO D 123 -35.66 -10.43 1.47
CA PRO D 123 -34.43 -10.31 0.67
C PRO D 123 -33.28 -11.05 1.31
N SER D 124 -32.44 -11.64 0.47
CA SER D 124 -31.42 -12.60 0.90
C SER D 124 -30.04 -12.17 0.43
N PRO D 125 -29.17 -11.69 1.32
CA PRO D 125 -27.80 -11.35 0.89
C PRO D 125 -26.95 -12.55 0.57
N TYR D 126 -27.29 -13.73 1.08
CA TYR D 126 -26.41 -14.89 1.04
C TYR D 126 -26.85 -15.86 -0.05
N THR D 127 -25.87 -16.55 -0.62
CA THR D 127 -26.11 -17.62 -1.60
C THR D 127 -25.51 -18.91 -1.08
N CYS D 128 -26.34 -19.96 -1.03
CA CYS D 128 -25.85 -21.27 -0.61
C CYS D 128 -24.78 -21.80 -1.56
N VAL D 129 -23.69 -22.27 -0.98
CA VAL D 129 -22.56 -22.74 -1.79
C VAL D 129 -22.90 -24.03 -2.52
N SER D 130 -23.53 -24.98 -1.83
CA SER D 130 -23.73 -26.31 -2.40
C SER D 130 -24.67 -26.29 -3.61
N CYS D 131 -25.81 -25.63 -3.49
CA CYS D 131 -26.80 -25.65 -4.56
C CYS D 131 -27.08 -24.30 -5.21
N GLY D 132 -26.60 -23.20 -4.64
CA GLY D 132 -26.83 -21.90 -5.24
C GLY D 132 -28.12 -21.23 -4.82
N ALA D 133 -28.88 -21.82 -3.91
CA ALA D 133 -30.12 -21.20 -3.45
C ALA D 133 -29.80 -20.02 -2.54
N ARG D 134 -30.68 -19.03 -2.56
CA ARG D 134 -30.48 -17.82 -1.78
C ARG D 134 -31.11 -17.98 -0.41
N TYR D 135 -30.53 -17.32 0.58
CA TYR D 135 -31.02 -17.38 1.95
C TYR D 135 -30.52 -16.17 2.71
N CYS D 136 -31.13 -15.92 3.86
CA CYS D 136 -31.00 -14.63 4.52
C CYS D 136 -30.56 -14.70 5.98
N THR D 137 -30.47 -15.88 6.59
CA THR D 137 -30.21 -15.97 8.01
C THR D 137 -29.77 -17.39 8.33
N VAL D 138 -29.09 -17.55 9.47
CA VAL D 138 -28.60 -18.85 9.91
C VAL D 138 -29.75 -19.84 10.05
N ARG D 139 -30.87 -19.40 10.65
CA ARG D 139 -32.03 -20.28 10.76
C ARG D 139 -32.52 -20.70 9.38
N CYS D 140 -32.62 -19.76 8.46
CA CYS D 140 -33.07 -20.08 7.11
C CYS D 140 -32.09 -20.99 6.40
N LEU D 141 -30.78 -20.79 6.63
CA LEU D 141 -29.79 -21.68 6.04
C LEU D 141 -29.95 -23.10 6.57
N GLY D 142 -30.14 -23.25 7.88
CA GLY D 142 -30.36 -24.57 8.43
C GLY D 142 -31.60 -25.23 7.88
N THR D 143 -32.69 -24.46 7.76
CA THR D 143 -33.92 -25.01 7.20
C THR D 143 -33.73 -25.45 5.75
N HIS D 144 -33.02 -24.63 4.97
CA HIS D 144 -32.75 -24.98 3.57
C HIS D 144 -31.90 -26.24 3.47
N GLN D 145 -30.85 -26.34 4.30
CA GLN D 145 -29.98 -27.51 4.25
C GLN D 145 -30.73 -28.77 4.66
N GLU D 146 -31.61 -28.66 5.65
CA GLU D 146 -32.38 -29.82 6.09
C GLU D 146 -33.46 -30.22 5.08
N THR D 147 -34.07 -29.25 4.40
CA THR D 147 -35.20 -29.54 3.53
C THR D 147 -34.86 -29.74 2.05
N ARG D 148 -34.22 -28.76 1.42
CA ARG D 148 -34.05 -28.82 -0.04
C ARG D 148 -32.62 -28.75 -0.56
N CYS D 149 -31.62 -28.71 0.31
CA CYS D 149 -30.24 -28.72 -0.19
C CYS D 149 -29.84 -30.15 -0.54
N LEU D 150 -29.05 -30.28 -1.61
CA LEU D 150 -28.61 -31.58 -2.12
C LEU D 150 -29.83 -32.42 -2.49
N LYS D 151 -30.15 -33.44 -1.68
CA LYS D 151 -31.33 -34.24 -1.94
C LYS D 151 -32.59 -33.38 -1.80
N TRP D 152 -33.48 -33.49 -2.77
CA TRP D 152 -34.71 -32.69 -2.82
C TRP D 152 -35.83 -33.44 -2.09
N THR D 153 -35.98 -33.15 -0.80
CA THR D 153 -37.01 -33.80 0.01
C THR D 153 -38.38 -33.23 -0.31
N GLN E 13 39.94 7.89 19.42
CA GLN E 13 38.78 8.59 19.95
C GLN E 13 39.19 9.89 20.65
N ARG E 14 38.52 10.98 20.31
CA ARG E 14 38.83 12.28 20.89
C ARG E 14 38.34 12.35 22.33
N ILE E 15 39.08 13.08 23.15
CA ILE E 15 38.81 13.23 24.57
C ILE E 15 38.00 14.51 24.78
N ALA E 16 36.78 14.37 25.27
CA ALA E 16 35.92 15.50 25.51
C ALA E 16 35.99 15.91 26.99
N SER E 17 35.16 16.87 27.37
CA SER E 17 35.18 17.41 28.73
C SER E 17 34.68 16.43 29.78
N HIS E 18 33.88 15.43 29.39
CA HIS E 18 33.34 14.47 30.35
C HIS E 18 33.72 13.04 30.04
N SER E 19 34.82 12.83 29.29
CA SER E 19 35.16 11.49 28.84
C SER E 19 35.57 10.58 29.99
N HIS E 20 35.95 11.15 31.14
CA HIS E 20 36.34 10.35 32.29
C HIS E 20 35.15 9.88 33.12
N VAL E 21 33.98 10.47 32.93
CA VAL E 21 32.80 10.13 33.73
C VAL E 21 32.21 8.83 33.21
N LYS E 22 32.33 7.75 33.99
CA LYS E 22 31.82 6.45 33.60
C LYS E 22 30.64 5.99 34.43
N GLY E 23 30.36 6.65 35.54
CA GLY E 23 29.25 6.24 36.41
C GLY E 23 29.18 7.13 37.62
N LEU E 24 28.26 6.80 38.50
CA LEU E 24 28.04 7.57 39.72
C LEU E 24 28.96 7.15 40.86
N GLY E 25 29.67 6.04 40.71
CA GLY E 25 30.60 5.58 41.73
C GLY E 25 29.92 5.27 43.06
N LEU E 26 28.76 4.61 43.00
CA LEU E 26 28.04 4.23 44.20
C LEU E 26 28.33 2.78 44.55
N ASP E 27 28.24 2.47 45.84
CA ASP E 27 28.40 1.10 46.31
C ASP E 27 27.07 0.37 46.21
N GLU E 28 27.02 -0.86 46.74
CA GLU E 28 25.79 -1.64 46.65
C GLU E 28 24.69 -1.08 47.54
N SER E 29 25.06 -0.40 48.63
CA SER E 29 24.10 0.20 49.54
C SER E 29 23.59 1.55 49.08
N GLY E 30 24.08 2.05 47.95
CA GLY E 30 23.70 3.36 47.45
C GLY E 30 24.60 4.50 47.89
N LEU E 31 25.51 4.25 48.82
CA LEU E 31 26.40 5.32 49.27
C LEU E 31 27.44 5.61 48.19
N ALA E 32 27.94 6.84 48.19
CA ALA E 32 28.89 7.27 47.18
C ALA E 32 30.32 7.06 47.64
N LYS E 33 31.07 6.26 46.91
CA LYS E 33 32.49 6.13 47.16
C LYS E 33 33.18 7.46 46.89
N GLN E 34 34.24 7.75 47.64
CA GLN E 34 34.93 9.03 47.47
C GLN E 34 35.37 9.23 46.02
N ALA E 35 36.31 8.42 45.53
CA ALA E 35 36.76 8.50 44.15
C ALA E 35 36.40 7.21 43.44
N ALA E 36 35.45 7.28 42.51
CA ALA E 36 35.05 6.11 41.74
C ALA E 36 34.34 6.55 40.47
N SER E 37 34.58 5.81 39.39
CA SER E 37 33.93 6.05 38.09
C SER E 37 34.17 7.47 37.59
N GLY E 38 35.35 8.03 37.86
CA GLY E 38 35.65 9.36 37.40
C GLY E 38 34.96 10.48 38.15
N LEU E 39 34.52 10.23 39.39
CA LEU E 39 33.89 11.23 40.23
C LEU E 39 34.64 11.29 41.54
N VAL E 40 34.86 12.50 42.06
CA VAL E 40 35.72 12.72 43.22
C VAL E 40 34.94 13.17 44.44
N GLY E 41 33.97 14.05 44.29
CA GLY E 41 33.21 14.53 45.42
C GLY E 41 31.73 14.38 45.18
N GLN E 42 30.97 15.39 45.64
CA GLN E 42 29.52 15.44 45.46
C GLN E 42 28.85 14.14 45.93
N GLU E 43 29.26 13.66 47.10
CA GLU E 43 28.73 12.39 47.59
C GLU E 43 27.22 12.45 47.79
N ASN E 44 26.73 13.53 48.40
CA ASN E 44 25.29 13.68 48.60
C ASN E 44 24.57 13.78 47.26
N ALA E 45 25.12 14.56 46.33
CA ALA E 45 24.52 14.71 45.01
C ALA E 45 24.57 13.39 44.25
N ARG E 46 25.65 12.62 44.40
CA ARG E 46 25.73 11.34 43.72
C ARG E 46 24.72 10.35 44.29
N GLU E 47 24.52 10.35 45.61
CA GLU E 47 23.51 9.47 46.19
C GLU E 47 22.11 9.86 45.72
N ALA E 48 21.83 11.16 45.66
CA ALA E 48 20.55 11.62 45.13
C ALA E 48 20.38 11.19 43.67
N CYS E 49 21.44 11.31 42.87
CA CYS E 49 21.37 10.87 41.48
C CYS E 49 21.17 9.37 41.39
N GLY E 50 21.74 8.61 42.31
CA GLY E 50 21.50 7.17 42.32
C GLY E 50 20.04 6.85 42.59
N VAL E 51 19.42 7.63 43.49
CA VAL E 51 18.00 7.44 43.77
C VAL E 51 17.18 7.80 42.53
N ILE E 52 17.58 8.86 41.83
CA ILE E 52 16.88 9.24 40.60
C ILE E 52 17.04 8.15 39.54
N VAL E 53 18.22 7.53 39.48
CA VAL E 53 18.45 6.45 38.52
C VAL E 53 17.54 5.26 38.84
N GLU E 54 17.41 4.92 40.13
CA GLU E 54 16.48 3.85 40.50
C GLU E 54 15.06 4.22 40.14
N LEU E 55 14.69 5.49 40.31
CA LEU E 55 13.36 5.93 39.92
C LEU E 55 13.13 5.75 38.42
N ILE E 56 14.13 6.12 37.61
CA ILE E 56 14.00 5.94 36.16
C ILE E 56 13.90 4.47 35.81
N LYS E 57 14.69 3.63 36.46
CA LYS E 57 14.64 2.18 36.21
C LYS E 57 13.33 1.56 36.65
N SER E 58 12.63 2.17 37.60
CA SER E 58 11.36 1.60 38.07
C SER E 58 10.30 1.61 36.96
N LYS E 59 10.33 2.62 36.09
CA LYS E 59 9.37 2.75 34.98
C LYS E 59 7.93 2.79 35.49
N LYS E 60 7.72 3.49 36.60
CA LYS E 60 6.40 3.62 37.20
C LYS E 60 5.88 5.04 37.22
N MET E 61 6.73 6.00 37.57
CA MET E 61 6.32 7.40 37.66
C MET E 61 6.55 8.11 36.33
N ALA E 62 5.73 9.14 36.09
CA ALA E 62 5.80 9.93 34.88
C ALA E 62 5.90 11.40 35.24
N GLY E 63 6.70 12.13 34.47
CA GLY E 63 6.80 13.57 34.65
C GLY E 63 7.38 14.00 35.98
N ARG E 64 8.40 13.29 36.46
CA ARG E 64 9.08 13.66 37.70
C ARG E 64 10.30 14.51 37.34
N ALA E 65 10.37 15.70 37.89
CA ALA E 65 11.38 16.69 37.52
C ALA E 65 12.41 16.84 38.63
N VAL E 66 13.67 16.98 38.24
CA VAL E 66 14.80 17.11 39.15
C VAL E 66 15.60 18.33 38.75
N LEU E 67 16.02 19.12 39.73
CA LEU E 67 16.84 20.29 39.49
C LEU E 67 18.20 20.10 40.14
N LEU E 68 19.25 20.18 39.33
CA LEU E 68 20.62 20.19 39.83
C LEU E 68 21.05 21.65 39.98
N ALA E 69 21.28 22.07 41.21
CA ALA E 69 21.56 23.47 41.51
C ALA E 69 22.93 23.60 42.16
N GLY E 70 23.69 24.60 41.74
CA GLY E 70 25.00 24.85 42.27
C GLY E 70 25.79 25.79 41.38
N PRO E 71 26.94 26.24 41.87
CA PRO E 71 27.78 27.15 41.08
C PRO E 71 28.37 26.43 39.88
N PRO E 72 28.83 27.17 38.88
CA PRO E 72 29.48 26.53 37.73
C PRO E 72 30.73 25.76 38.16
N GLY E 73 31.01 24.69 37.42
CA GLY E 73 32.16 23.85 37.72
C GLY E 73 31.94 22.84 38.82
N THR E 74 30.70 22.71 39.31
CA THR E 74 30.39 21.79 40.39
C THR E 74 29.85 20.45 39.89
N GLY E 75 30.02 20.18 38.61
CA GLY E 75 29.72 18.87 38.05
C GLY E 75 28.25 18.52 37.91
N LYS E 76 27.39 19.49 37.58
CA LYS E 76 25.98 19.17 37.36
C LYS E 76 25.80 18.38 36.07
N THR E 77 26.43 18.84 35.00
CA THR E 77 26.36 18.12 33.73
C THR E 77 27.10 16.80 33.81
N ALA E 78 28.21 16.77 34.56
CA ALA E 78 28.88 15.50 34.83
C ALA E 78 27.96 14.52 35.53
N LEU E 79 27.16 14.99 36.48
CA LEU E 79 26.23 14.11 37.18
C LEU E 79 25.11 13.64 36.25
N ALA E 80 24.65 14.52 35.35
CA ALA E 80 23.63 14.09 34.39
C ALA E 80 24.17 13.03 33.44
N LEU E 81 25.39 13.23 32.93
CA LEU E 81 25.99 12.22 32.07
C LEU E 81 26.32 10.94 32.84
N ALA E 82 26.60 11.05 34.14
CA ALA E 82 26.81 9.85 34.94
C ALA E 82 25.50 9.08 35.12
N ILE E 83 24.39 9.80 35.27
CA ILE E 83 23.08 9.13 35.28
C ILE E 83 22.84 8.44 33.96
N ALA E 84 23.16 9.10 32.86
CA ALA E 84 23.04 8.48 31.54
C ALA E 84 23.88 7.20 31.45
N GLN E 85 25.12 7.25 31.93
CA GLN E 85 26.00 6.09 31.87
C GLN E 85 25.47 4.95 32.74
N GLU E 86 24.91 5.29 33.91
CA GLU E 86 24.33 4.27 34.77
C GLU E 86 23.12 3.61 34.12
N LEU E 87 22.31 4.41 33.41
CA LEU E 87 21.11 3.85 32.80
C LEU E 87 21.45 2.85 31.70
N GLY E 88 22.41 3.19 30.85
CA GLY E 88 22.76 2.37 29.71
C GLY E 88 22.27 2.98 28.41
N SER E 89 22.78 2.42 27.32
CA SER E 89 22.45 2.93 26.00
C SER E 89 21.05 2.55 25.55
N LYS E 90 20.43 1.57 26.21
CA LYS E 90 19.07 1.19 25.84
C LYS E 90 18.06 2.24 26.28
N VAL E 91 18.24 2.81 27.46
CA VAL E 91 17.30 3.80 27.99
C VAL E 91 17.56 5.14 27.28
N PRO E 92 16.54 5.73 26.66
CA PRO E 92 16.77 6.99 25.93
C PRO E 92 17.21 8.10 26.86
N PHE E 93 18.10 8.95 26.36
CA PHE E 93 18.61 10.11 27.09
C PHE E 93 18.74 11.25 26.09
N CYS E 94 17.82 12.21 26.17
CA CYS E 94 17.78 13.30 25.20
C CYS E 94 18.38 14.54 25.82
N PRO E 95 19.58 14.96 25.43
CA PRO E 95 20.16 16.19 25.97
C PRO E 95 19.77 17.40 25.15
N MET E 96 19.15 18.39 25.78
CA MET E 96 18.76 19.61 25.11
C MET E 96 19.20 20.81 25.94
N VAL E 97 19.57 21.88 25.25
CA VAL E 97 19.95 23.14 25.89
C VAL E 97 18.73 24.05 25.86
N GLY E 98 18.58 24.86 26.92
CA GLY E 98 17.44 25.75 27.00
C GLY E 98 17.35 26.72 25.84
N SER E 99 18.48 27.04 25.22
CA SER E 99 18.48 27.96 24.08
C SER E 99 17.94 27.33 22.81
N GLU E 100 17.67 26.02 22.80
CA GLU E 100 17.26 25.35 21.59
C GLU E 100 15.76 25.41 21.33
N VAL E 101 14.97 25.91 22.29
CA VAL E 101 13.53 26.05 22.07
C VAL E 101 13.18 27.21 21.16
N TYR E 102 14.11 28.14 20.93
CA TYR E 102 13.85 29.32 20.11
C TYR E 102 14.10 29.00 18.64
N SER E 103 13.23 28.16 18.09
CA SER E 103 13.30 27.77 16.69
C SER E 103 12.54 28.77 15.82
N THR E 104 12.97 28.87 14.57
CA THR E 104 12.28 29.69 13.59
C THR E 104 11.23 28.90 12.80
N GLU E 105 11.02 27.63 13.12
CA GLU E 105 10.07 26.79 12.39
C GLU E 105 8.83 26.46 13.21
N ILE E 106 9.00 26.05 14.46
CA ILE E 106 7.88 25.67 15.32
C ILE E 106 7.97 26.45 16.62
N LYS E 107 6.84 26.50 17.32
CA LYS E 107 6.76 27.21 18.58
C LYS E 107 7.58 26.51 19.66
N LYS E 108 7.96 27.30 20.68
CA LYS E 108 8.78 26.78 21.77
C LYS E 108 8.12 25.61 22.48
N THR E 109 6.79 25.70 22.69
CA THR E 109 6.08 24.60 23.33
C THR E 109 6.13 23.34 22.46
N GLU E 110 6.11 23.50 21.14
CA GLU E 110 6.22 22.35 20.27
C GLU E 110 7.59 21.70 20.39
N VAL E 111 8.65 22.52 20.45
CA VAL E 111 9.99 21.98 20.64
C VAL E 111 10.09 21.21 21.95
N LEU E 112 9.54 21.78 23.02
CA LEU E 112 9.55 21.07 24.31
C LEU E 112 8.78 19.76 24.23
N MET E 113 7.60 19.77 23.61
CA MET E 113 6.81 18.55 23.51
C MET E 113 7.53 17.49 22.70
N GLU E 114 8.15 17.89 21.58
CA GLU E 114 8.91 16.94 20.77
C GLU E 114 10.07 16.35 21.55
N ASN E 115 10.75 17.17 22.34
CA ASN E 115 11.85 16.63 23.14
C ASN E 115 11.34 15.72 24.25
N PHE E 116 10.11 15.95 24.71
CA PHE E 116 9.51 15.06 25.69
C PHE E 116 9.30 13.67 25.11
N ARG E 117 8.78 13.60 23.87
CA ARG E 117 8.49 12.32 23.25
C ARG E 117 9.76 11.61 22.80
N ARG E 118 10.81 12.37 22.49
CA ARG E 118 12.09 11.75 22.14
C ARG E 118 12.66 10.95 23.30
N ALA E 119 12.31 11.30 24.53
CA ALA E 119 12.84 10.60 25.69
C ALA E 119 12.16 9.26 25.93
N ILE E 120 10.99 9.02 25.37
CA ILE E 120 10.28 7.76 25.53
C ILE E 120 10.61 6.87 24.34
N GLY E 121 11.23 5.72 24.61
CA GLY E 121 11.60 4.78 23.60
C GLY E 121 10.69 3.57 23.56
N LEU E 122 10.76 2.83 22.45
CA LEU E 122 9.91 1.67 22.24
C LEU E 122 10.70 0.60 21.50
N ARG E 123 10.84 -0.56 22.13
CA ARG E 123 11.49 -1.71 21.51
C ARG E 123 10.40 -2.61 20.95
N ILE E 124 10.32 -2.68 19.62
CA ILE E 124 9.21 -3.37 18.96
C ILE E 124 9.75 -4.46 18.06
N LYS E 125 9.13 -5.63 18.13
CA LYS E 125 9.47 -6.76 17.28
C LYS E 125 8.90 -6.56 15.89
N GLU E 126 9.72 -6.81 14.87
CA GLU E 126 9.29 -6.70 13.49
C GLU E 126 9.82 -7.87 12.69
N THR E 127 9.03 -8.30 11.71
CA THR E 127 9.40 -9.37 10.79
C THR E 127 9.60 -8.79 9.40
N LYS E 128 10.77 -9.05 8.82
CA LYS E 128 11.09 -8.57 7.47
C LYS E 128 10.95 -9.70 6.47
N GLU E 129 10.18 -9.46 5.42
CA GLU E 129 10.00 -10.42 4.34
C GLU E 129 10.90 -10.01 3.18
N VAL E 130 11.75 -10.93 2.74
CA VAL E 130 12.82 -10.62 1.79
C VAL E 130 12.71 -11.55 0.59
N TYR E 131 12.71 -10.95 -0.61
CA TYR E 131 12.88 -11.69 -1.85
C TYR E 131 14.27 -11.36 -2.39
N GLU E 132 15.14 -12.36 -2.43
CA GLU E 132 16.53 -12.15 -2.82
C GLU E 132 16.93 -13.26 -3.77
N GLY E 133 17.38 -12.88 -4.97
CA GLY E 133 17.84 -13.88 -5.93
C GLY E 133 18.23 -13.23 -7.23
N GLU E 134 18.73 -14.07 -8.14
CA GLU E 134 19.10 -13.66 -9.49
C GLU E 134 17.88 -13.68 -10.39
N VAL E 135 17.68 -12.60 -11.14
CA VAL E 135 16.50 -12.45 -11.97
C VAL E 135 16.66 -13.32 -13.21
N THR E 136 15.71 -14.23 -13.43
CA THR E 136 15.70 -15.09 -14.60
C THR E 136 14.58 -14.76 -15.59
N GLU E 137 13.55 -14.05 -15.15
CA GLU E 137 12.42 -13.70 -16.01
C GLU E 137 11.79 -12.43 -15.46
N LEU E 138 11.58 -11.45 -16.33
CA LEU E 138 10.97 -10.18 -15.96
C LEU E 138 9.89 -9.89 -17.00
N THR E 139 8.70 -10.43 -16.77
CA THR E 139 7.62 -10.37 -17.75
C THR E 139 6.53 -9.44 -17.25
N PRO E 140 6.31 -8.29 -17.87
CA PRO E 140 5.18 -7.43 -17.48
C PRO E 140 3.85 -8.11 -17.79
N CYS E 141 2.85 -7.77 -16.99
CA CYS E 141 1.49 -8.31 -17.14
C CYS E 141 0.50 -7.16 -17.09
N GLU E 142 -0.01 -6.77 -18.26
CA GLU E 142 -0.96 -5.67 -18.37
C GLU E 142 -2.20 -5.92 -17.53
N ILE E 154 -1.52 0.59 -16.12
CA ILE E 154 -1.09 -0.21 -14.98
C ILE E 154 -0.68 -1.60 -15.43
N SER E 155 0.61 -1.92 -15.25
CA SER E 155 1.14 -3.22 -15.65
C SER E 155 1.83 -3.86 -14.46
N HIS E 156 1.38 -5.06 -14.09
CA HIS E 156 2.05 -5.82 -13.05
C HIS E 156 3.31 -6.48 -13.62
N VAL E 157 4.04 -7.18 -12.76
CA VAL E 157 5.26 -7.87 -13.15
C VAL E 157 5.23 -9.29 -12.61
N ILE E 158 5.63 -10.25 -13.46
CA ILE E 158 5.90 -11.62 -13.05
C ILE E 158 7.41 -11.81 -13.11
N ILE E 159 8.00 -12.17 -11.97
CA ILE E 159 9.45 -12.22 -11.83
C ILE E 159 9.87 -13.61 -11.38
N GLY E 160 10.99 -14.08 -11.93
CA GLY E 160 11.56 -15.35 -11.51
C GLY E 160 12.91 -15.16 -10.85
N LEU E 161 13.06 -15.64 -9.63
CA LEU E 161 14.27 -15.46 -8.84
C LEU E 161 14.87 -16.83 -8.55
N LYS E 162 16.19 -16.93 -8.68
CA LYS E 162 16.90 -18.16 -8.35
C LYS E 162 17.99 -17.88 -7.33
N THR E 163 18.20 -18.85 -6.43
CA THR E 163 19.32 -18.82 -5.51
C THR E 163 20.10 -20.12 -5.62
N ALA E 164 21.06 -20.35 -4.73
CA ALA E 164 21.78 -21.61 -4.72
C ALA E 164 20.92 -22.76 -4.20
N LYS E 165 19.75 -22.47 -3.62
CA LYS E 165 18.91 -23.50 -3.04
C LYS E 165 17.65 -23.81 -3.84
N GLY E 166 17.23 -22.91 -4.73
CA GLY E 166 16.04 -23.17 -5.51
C GLY E 166 15.68 -21.99 -6.38
N THR E 167 14.48 -22.07 -6.96
CA THR E 167 13.95 -21.04 -7.84
C THR E 167 12.48 -20.81 -7.47
N LYS E 168 12.04 -19.56 -7.61
CA LYS E 168 10.67 -19.21 -7.28
C LYS E 168 10.19 -18.12 -8.23
N GLN E 169 8.92 -18.19 -8.60
CA GLN E 169 8.30 -17.18 -9.45
C GLN E 169 7.30 -16.38 -8.62
N LEU E 170 7.32 -15.06 -8.78
CA LEU E 170 6.53 -14.16 -7.97
C LEU E 170 5.77 -13.18 -8.85
N LYS E 171 4.58 -12.79 -8.38
CA LYS E 171 3.79 -11.74 -9.00
C LYS E 171 3.78 -10.54 -8.06
N LEU E 172 4.26 -9.40 -8.56
CA LEU E 172 4.48 -8.23 -7.73
C LEU E 172 3.69 -7.04 -8.25
N ASP E 173 3.50 -6.06 -7.36
CA ASP E 173 2.68 -4.90 -7.67
C ASP E 173 3.36 -4.04 -8.73
N PRO E 174 2.59 -3.21 -9.44
CA PRO E 174 3.20 -2.33 -10.44
C PRO E 174 4.21 -1.36 -9.87
N SER E 175 4.05 -0.96 -8.61
CA SER E 175 5.04 -0.09 -7.98
C SER E 175 6.39 -0.77 -7.89
N ILE E 176 6.39 -2.06 -7.54
CA ILE E 176 7.64 -2.81 -7.49
C ILE E 176 8.25 -2.91 -8.88
N PHE E 177 7.41 -3.04 -9.91
CA PHE E 177 7.92 -3.06 -11.28
C PHE E 177 8.56 -1.73 -11.65
N GLU E 178 7.93 -0.62 -11.24
CA GLU E 178 8.53 0.69 -11.48
C GLU E 178 9.86 0.83 -10.76
N SER E 179 9.94 0.34 -9.52
CA SER E 179 11.21 0.37 -8.79
C SER E 179 12.27 -0.47 -9.49
N LEU E 180 11.89 -1.64 -9.99
CA LEU E 180 12.82 -2.48 -10.73
C LEU E 180 13.31 -1.80 -11.99
N GLN E 181 12.40 -1.10 -12.70
CA GLN E 181 12.82 -0.34 -13.88
C GLN E 181 13.77 0.78 -13.51
N LYS E 182 13.50 1.48 -12.41
CA LYS E 182 14.38 2.57 -11.99
C LYS E 182 15.77 2.05 -11.64
N GLU E 183 15.83 0.85 -11.05
CA GLU E 183 17.11 0.20 -10.76
C GLU E 183 17.72 -0.44 -12.00
N ARG E 184 17.04 -0.41 -13.14
CA ARG E 184 17.53 -0.97 -14.39
C ARG E 184 17.80 -2.47 -14.26
N VAL E 185 16.91 -3.16 -13.57
CA VAL E 185 17.08 -4.59 -13.33
C VAL E 185 16.72 -5.35 -14.60
N GLU E 186 17.65 -6.18 -15.07
CA GLU E 186 17.45 -7.00 -16.26
C GLU E 186 17.82 -8.44 -15.94
N ALA E 187 17.44 -9.34 -16.85
CA ALA E 187 17.64 -10.76 -16.65
C ALA E 187 19.11 -11.08 -16.43
N GLY E 188 19.45 -11.61 -15.25
CA GLY E 188 20.81 -11.89 -14.89
C GLY E 188 21.34 -11.07 -13.73
N ASP E 189 20.54 -10.17 -13.17
CA ASP E 189 20.95 -9.29 -12.10
C ASP E 189 20.51 -9.84 -10.75
N VAL E 190 21.36 -9.65 -9.74
CA VAL E 190 21.07 -10.09 -8.38
C VAL E 190 20.38 -8.94 -7.67
N ILE E 191 19.19 -9.20 -7.14
CA ILE E 191 18.36 -8.14 -6.57
C ILE E 191 17.95 -8.50 -5.15
N TYR E 192 17.64 -7.47 -4.37
CA TYR E 192 17.13 -7.59 -3.02
C TYR E 192 15.82 -6.83 -2.94
N ILE E 193 14.74 -7.51 -2.55
CA ILE E 193 13.43 -6.88 -2.40
C ILE E 193 12.99 -7.04 -0.95
N GLU E 194 12.62 -5.93 -0.32
CA GLU E 194 11.99 -5.93 1.00
C GLU E 194 10.49 -5.79 0.80
N ALA E 195 9.73 -6.82 1.17
CA ALA E 195 8.30 -6.82 0.89
C ALA E 195 7.56 -5.84 1.79
N ASN E 196 8.09 -5.56 2.98
CA ASN E 196 7.41 -4.65 3.90
C ASN E 196 7.38 -3.23 3.35
N SER E 197 8.54 -2.71 2.94
CA SER E 197 8.65 -1.35 2.45
C SER E 197 8.60 -1.23 0.94
N GLY E 198 8.54 -2.35 0.23
CA GLY E 198 8.60 -2.32 -1.22
C GLY E 198 9.87 -1.72 -1.77
N ALA E 199 10.99 -1.89 -1.06
CA ALA E 199 12.26 -1.30 -1.44
C ALA E 199 13.05 -2.29 -2.28
N VAL E 200 13.29 -1.93 -3.55
CA VAL E 200 14.01 -2.80 -4.48
C VAL E 200 15.42 -2.26 -4.64
N LYS E 201 16.41 -3.10 -4.37
CA LYS E 201 17.81 -2.76 -4.55
C LYS E 201 18.46 -3.74 -5.51
N ARG E 202 19.05 -3.20 -6.58
CA ARG E 202 19.83 -4.00 -7.51
C ARG E 202 21.28 -4.03 -7.02
N GLN E 203 21.78 -5.22 -6.73
CA GLN E 203 23.12 -5.33 -6.16
C GLN E 203 24.19 -5.51 -7.21
N GLY E 204 23.90 -6.24 -8.29
CA GLY E 204 24.86 -6.34 -9.37
C GLY E 204 24.48 -7.42 -10.35
N ARG E 205 25.27 -7.48 -11.42
CA ARG E 205 25.18 -8.57 -12.39
C ARG E 205 25.76 -9.83 -11.75
N CYS E 206 25.13 -10.98 -12.01
CA CYS E 206 25.60 -12.20 -11.37
C CYS E 206 27.04 -12.49 -11.74
N ASP E 207 27.77 -13.08 -10.78
CA ASP E 207 29.18 -13.38 -10.96
C ASP E 207 29.43 -14.33 -12.13
N THR E 208 28.44 -15.19 -12.45
CA THR E 208 28.61 -16.14 -13.53
C THR E 208 28.83 -15.47 -14.89
N TYR E 209 28.42 -14.21 -15.04
CA TYR E 209 28.57 -13.50 -16.29
C TYR E 209 29.76 -12.55 -16.29
N ALA E 210 30.61 -12.61 -15.28
CA ALA E 210 31.75 -11.70 -15.15
C ALA E 210 32.89 -12.00 -16.12
N THR E 211 32.83 -13.13 -16.83
CA THR E 211 33.87 -13.51 -17.78
C THR E 211 33.47 -13.24 -19.23
N GLU E 212 32.22 -12.87 -19.48
CA GLU E 212 31.77 -12.67 -20.85
C GLU E 212 32.51 -11.52 -21.53
N PHE E 213 32.74 -10.42 -20.82
CA PHE E 213 33.40 -9.27 -21.40
C PHE E 213 34.62 -8.86 -20.59
N ASP E 214 35.42 -7.98 -21.20
CA ASP E 214 36.63 -7.46 -20.57
C ASP E 214 36.43 -6.07 -19.97
N LEU E 215 35.49 -5.31 -20.49
CA LEU E 215 35.11 -4.00 -19.94
C LEU E 215 33.61 -3.85 -20.15
N GLU E 216 32.84 -4.07 -19.08
CA GLU E 216 31.38 -3.97 -19.15
C GLU E 216 30.80 -2.81 -18.37
N ALA E 217 31.57 -2.19 -17.47
CA ALA E 217 31.07 -1.13 -16.59
C ALA E 217 29.96 -1.65 -15.69
N GLU E 218 30.21 -2.78 -15.06
CA GLU E 218 29.27 -3.44 -14.17
C GLU E 218 29.96 -3.87 -12.89
N GLU E 219 29.19 -3.94 -11.81
CA GLU E 219 29.66 -4.46 -10.54
C GLU E 219 29.03 -5.83 -10.34
N TYR E 220 29.86 -6.86 -10.28
CA TYR E 220 29.39 -8.23 -10.15
C TYR E 220 29.16 -8.60 -8.69
N VAL E 221 28.18 -9.47 -8.46
CA VAL E 221 27.84 -9.94 -7.12
C VAL E 221 27.57 -11.43 -7.19
N PRO E 222 28.06 -12.22 -6.24
CA PRO E 222 27.79 -13.66 -6.24
C PRO E 222 26.31 -13.98 -6.07
N LEU E 223 25.95 -15.20 -6.46
CA LEU E 223 24.59 -15.68 -6.30
C LEU E 223 24.24 -15.82 -4.82
N PRO E 224 23.04 -15.41 -4.41
CA PRO E 224 22.62 -15.64 -3.02
C PRO E 224 22.59 -17.13 -2.69
N LYS E 225 23.08 -17.47 -1.51
CA LYS E 225 23.23 -18.86 -1.11
C LYS E 225 22.12 -19.36 -0.19
N GLY E 226 21.16 -18.52 0.14
CA GLY E 226 20.01 -18.93 0.93
C GLY E 226 18.81 -19.30 0.07
N ASP E 227 17.63 -19.08 0.62
CA ASP E 227 16.38 -19.27 -0.11
C ASP E 227 15.98 -17.98 -0.81
N VAL E 228 15.08 -18.12 -1.79
CA VAL E 228 14.57 -16.95 -2.49
C VAL E 228 13.76 -16.07 -1.56
N HIS E 229 12.92 -16.68 -0.72
CA HIS E 229 12.05 -15.97 0.21
C HIS E 229 12.54 -16.22 1.63
N LYS E 230 12.85 -15.16 2.35
CA LYS E 230 13.32 -15.26 3.72
C LYS E 230 12.46 -14.37 4.63
N LYS E 231 12.30 -14.81 5.88
CA LYS E 231 11.62 -14.05 6.90
C LYS E 231 12.58 -13.89 8.08
N LYS E 232 12.88 -12.65 8.43
CA LYS E 232 13.80 -12.34 9.53
C LYS E 232 13.08 -11.50 10.56
N GLU E 233 13.22 -11.87 11.83
CA GLU E 233 12.65 -11.14 12.94
C GLU E 233 13.74 -10.33 13.62
N ILE E 234 13.52 -9.02 13.75
CA ILE E 234 14.50 -8.11 14.31
C ILE E 234 13.84 -7.22 15.34
N ILE E 235 14.66 -6.62 16.19
CA ILE E 235 14.20 -5.70 17.23
C ILE E 235 14.55 -4.28 16.78
N GLN E 236 13.53 -3.43 16.71
CA GLN E 236 13.69 -2.05 16.27
C GLN E 236 13.59 -1.12 17.47
N ASP E 237 14.53 -0.19 17.59
CA ASP E 237 14.53 0.81 18.66
C ASP E 237 14.03 2.12 18.08
N VAL E 238 12.83 2.53 18.52
CA VAL E 238 12.20 3.75 18.04
C VAL E 238 11.70 4.54 19.25
N THR E 239 11.33 5.79 19.00
CA THR E 239 10.77 6.67 20.01
C THR E 239 9.38 7.12 19.57
N LEU E 240 8.65 7.70 20.52
CA LEU E 240 7.33 8.23 20.20
C LEU E 240 7.43 9.38 19.20
N HIS E 241 8.48 10.19 19.31
CA HIS E 241 8.67 11.28 18.36
C HIS E 241 8.85 10.76 16.95
N ASP E 242 9.53 9.63 16.79
CA ASP E 242 9.72 9.05 15.47
C ASP E 242 8.39 8.66 14.85
N LEU E 243 7.51 8.04 15.65
CA LEU E 243 6.18 7.71 15.16
C LEU E 243 5.39 8.97 14.81
N ASP E 244 5.47 10.00 15.65
CA ASP E 244 4.77 11.24 15.36
C ASP E 244 5.24 11.85 14.06
N VAL E 245 6.55 11.87 13.83
CA VAL E 245 7.09 12.44 12.60
C VAL E 245 6.67 11.61 11.40
N ALA E 246 6.75 10.28 11.52
CA ALA E 246 6.37 9.41 10.41
C ALA E 246 4.90 9.56 10.04
N ASN E 247 4.04 9.83 11.02
CA ASN E 247 2.62 9.99 10.74
C ASN E 247 2.23 11.44 10.47
N ALA E 248 3.13 12.40 10.68
CA ALA E 248 2.85 13.80 10.39
C ALA E 248 3.46 14.27 9.09
N ARG E 249 4.59 13.69 8.69
CA ARG E 249 5.21 13.97 7.39
C ARG E 249 5.43 12.63 6.70
N PRO E 250 4.36 11.98 6.26
CA PRO E 250 4.48 10.60 5.78
C PRO E 250 5.33 10.51 4.52
N GLN E 251 6.13 9.43 4.45
CA GLN E 251 6.92 9.13 3.27
C GLN E 251 6.94 7.63 2.99
N GLY E 252 5.96 6.88 3.49
CA GLY E 252 5.92 5.45 3.31
C GLY E 252 5.07 4.94 2.16
N GLY E 253 4.25 5.82 1.58
CA GLY E 253 3.40 5.41 0.48
C GLY E 253 4.13 5.25 -0.83
N GLN E 254 5.28 5.88 -0.99
CA GLN E 254 6.07 5.84 -2.22
C GLN E 254 5.27 6.34 -3.42
N ASP E 255 4.28 7.19 -3.18
CA ASP E 255 3.47 7.77 -4.23
C ASP E 255 3.99 9.16 -4.57
N ILE E 256 3.38 9.77 -5.59
CA ILE E 256 3.81 11.09 -6.01
C ILE E 256 3.48 12.14 -4.95
N LEU E 257 2.36 11.96 -4.23
CA LEU E 257 1.95 12.94 -3.25
C LEU E 257 2.94 13.04 -2.10
N SER E 258 3.54 11.90 -1.70
CA SER E 258 4.55 11.95 -0.64
C SER E 258 5.77 12.75 -1.08
N MET E 259 6.25 12.52 -2.31
CA MET E 259 7.36 13.30 -2.83
C MET E 259 7.01 14.78 -2.90
N MET E 260 5.79 15.09 -3.35
CA MET E 260 5.36 16.48 -3.44
C MET E 260 5.35 17.14 -2.06
N GLY E 261 4.82 16.44 -1.06
CA GLY E 261 4.78 17.01 0.28
C GLY E 261 6.16 17.18 0.87
N GLN E 262 7.07 16.23 0.62
CA GLN E 262 8.43 16.36 1.12
C GLN E 262 9.14 17.55 0.48
N LEU E 263 8.98 17.73 -0.83
CA LEU E 263 9.71 18.79 -1.50
C LEU E 263 9.12 20.16 -1.24
N MET E 264 7.79 20.27 -1.22
CA MET E 264 7.14 21.56 -1.03
C MET E 264 7.01 21.97 0.43
N LYS E 265 7.00 21.01 1.36
CA LYS E 265 6.84 21.29 2.79
C LYS E 265 7.95 20.58 3.56
N PRO E 266 9.18 21.07 3.48
CA PRO E 266 10.28 20.41 4.20
C PRO E 266 10.43 20.84 5.64
N LYS E 267 9.75 21.90 6.07
CA LYS E 267 9.92 22.42 7.42
C LYS E 267 9.18 21.57 8.44
N LYS E 268 9.58 21.70 9.70
CA LYS E 268 8.86 21.07 10.79
C LYS E 268 7.48 21.71 10.95
N THR E 269 6.56 20.94 11.52
CA THR E 269 5.22 21.42 11.79
C THR E 269 4.86 21.16 13.24
N GLU E 270 3.87 21.89 13.73
CA GLU E 270 3.37 21.74 15.09
C GLU E 270 2.41 20.56 15.14
N ILE E 271 2.95 19.40 15.54
CA ILE E 271 2.14 18.19 15.58
C ILE E 271 1.02 18.33 16.60
N THR E 272 -0.18 17.92 16.21
CA THR E 272 -1.36 18.13 17.02
C THR E 272 -1.45 17.08 18.12
N ASP E 273 -2.23 17.41 19.15
CA ASP E 273 -2.51 16.44 20.20
C ASP E 273 -3.29 15.24 19.70
N LYS E 274 -4.06 15.40 18.62
CA LYS E 274 -4.81 14.28 18.06
C LYS E 274 -3.87 13.22 17.50
N LEU E 275 -2.82 13.64 16.79
CA LEU E 275 -1.86 12.67 16.27
C LEU E 275 -1.15 11.95 17.40
N ARG E 276 -0.83 12.67 18.48
CA ARG E 276 -0.15 12.04 19.60
C ARG E 276 -1.07 11.08 20.33
N GLY E 277 -2.37 11.39 20.41
CA GLY E 277 -3.32 10.42 20.95
C GLY E 277 -3.44 9.18 20.10
N GLU E 278 -3.46 9.35 18.77
CA GLU E 278 -3.49 8.19 17.90
C GLU E 278 -2.24 7.34 18.05
N ILE E 279 -1.08 7.98 18.16
CA ILE E 279 0.16 7.24 18.34
C ILE E 279 0.15 6.52 19.69
N ASN E 280 -0.40 7.15 20.72
CA ASN E 280 -0.55 6.50 22.01
C ASN E 280 -1.42 5.25 21.90
N LYS E 281 -2.54 5.37 21.19
CA LYS E 281 -3.41 4.20 21.01
C LYS E 281 -2.69 3.08 20.27
N VAL E 282 -1.96 3.44 19.20
CA VAL E 282 -1.25 2.43 18.42
C VAL E 282 -0.19 1.73 19.28
N VAL E 283 0.55 2.50 20.07
CA VAL E 283 1.61 1.91 20.88
C VAL E 283 1.03 1.06 21.99
N ASN E 284 -0.09 1.49 22.58
CA ASN E 284 -0.76 0.67 23.59
C ASN E 284 -1.23 -0.64 22.98
N LYS E 285 -1.78 -0.59 21.76
CA LYS E 285 -2.19 -1.80 21.08
C LYS E 285 -1.00 -2.71 20.81
N TYR E 286 0.14 -2.14 20.41
CA TYR E 286 1.34 -2.93 20.19
C TYR E 286 1.81 -3.60 21.47
N ILE E 287 1.80 -2.86 22.58
CA ILE E 287 2.23 -3.42 23.85
C ILE E 287 1.30 -4.54 24.29
N ASP E 288 0.00 -4.36 24.08
CA ASP E 288 -0.96 -5.41 24.40
C ASP E 288 -0.73 -6.64 23.55
N GLN E 289 -0.39 -6.46 22.27
CA GLN E 289 -0.10 -7.60 21.41
C GLN E 289 1.17 -8.33 21.81
N GLY E 290 1.98 -7.75 22.70
CA GLY E 290 3.18 -8.41 23.16
C GLY E 290 4.40 -8.26 22.28
N ILE E 291 4.31 -7.44 21.23
CA ILE E 291 5.42 -7.27 20.30
C ILE E 291 6.18 -5.96 20.53
N ALA E 292 5.84 -5.23 21.59
CA ALA E 292 6.47 -3.95 21.88
C ALA E 292 6.81 -3.86 23.36
N GLU E 293 7.89 -3.15 23.66
CA GLU E 293 8.31 -2.88 25.03
C GLU E 293 8.61 -1.40 25.17
N LEU E 294 8.11 -0.78 26.23
CA LEU E 294 8.25 0.65 26.45
C LEU E 294 9.42 0.93 27.39
N VAL E 295 10.24 1.91 27.00
CA VAL E 295 11.36 2.38 27.80
C VAL E 295 11.16 3.86 28.08
N PRO E 296 10.70 4.23 29.28
CA PRO E 296 10.26 5.62 29.50
C PRO E 296 11.33 6.68 29.27
N GLY E 297 12.57 6.43 29.70
CA GLY E 297 13.68 7.30 29.34
C GLY E 297 13.71 8.62 30.09
N VAL E 298 14.67 9.46 29.69
CA VAL E 298 15.05 10.66 30.43
C VAL E 298 15.25 11.81 29.45
N LEU E 299 14.79 12.99 29.86
CA LEU E 299 15.11 14.24 29.17
C LEU E 299 15.98 15.11 30.07
N PHE E 300 17.01 15.71 29.50
CA PHE E 300 17.94 16.56 30.24
C PHE E 300 18.00 17.93 29.61
N VAL E 301 17.68 18.95 30.39
CA VAL E 301 17.75 20.35 29.96
C VAL E 301 18.88 21.00 30.76
N ASP E 302 19.95 21.39 30.07
CA ASP E 302 21.15 21.87 30.77
C ASP E 302 21.01 23.32 31.22
N GLU E 303 20.78 24.23 30.28
CA GLU E 303 20.67 25.66 30.61
C GLU E 303 19.20 26.08 30.73
N VAL E 304 18.56 25.58 31.80
CA VAL E 304 17.12 25.78 31.97
C VAL E 304 16.77 27.24 32.14
N HIS E 305 17.67 28.03 32.74
CA HIS E 305 17.42 29.45 32.91
C HIS E 305 17.27 30.18 31.58
N MET E 306 17.69 29.57 30.47
CA MET E 306 17.51 30.19 29.17
C MET E 306 16.09 30.05 28.64
N LEU E 307 15.26 29.21 29.27
CA LEU E 307 13.86 29.14 28.92
C LEU E 307 13.15 30.40 29.40
N ASP E 308 12.02 30.71 28.77
CA ASP E 308 11.25 31.87 29.16
C ASP E 308 10.01 31.45 29.94
N ILE E 309 9.27 32.45 30.42
CA ILE E 309 8.11 32.19 31.27
C ILE E 309 7.06 31.35 30.54
N GLU E 310 6.94 31.50 29.23
CA GLU E 310 6.02 30.67 28.47
C GLU E 310 6.45 29.21 28.49
N CYS E 311 7.75 28.95 28.36
CA CYS E 311 8.24 27.58 28.42
C CYS E 311 8.01 26.98 29.80
N PHE E 312 8.28 27.74 30.85
CA PHE E 312 8.06 27.24 32.21
C PHE E 312 6.59 26.92 32.45
N THR E 313 5.70 27.81 32.01
CA THR E 313 4.27 27.58 32.18
C THR E 313 3.83 26.34 31.41
N TYR E 314 4.31 26.15 30.18
CA TYR E 314 3.99 24.93 29.46
C TYR E 314 4.54 23.71 30.18
N LEU E 315 5.76 23.81 30.73
CA LEU E 315 6.38 22.68 31.40
C LEU E 315 5.59 22.25 32.62
N HIS E 316 4.89 23.18 33.27
CA HIS E 316 3.96 22.80 34.33
C HIS E 316 3.04 21.68 33.87
N ARG E 317 2.23 21.97 32.86
CA ARG E 317 1.26 20.99 32.38
C ARG E 317 1.94 19.78 31.76
N ALA E 318 3.07 19.99 31.09
CA ALA E 318 3.77 18.88 30.45
C ALA E 318 4.27 17.88 31.48
N LEU E 319 4.82 18.38 32.60
CA LEU E 319 5.25 17.48 33.66
C LEU E 319 4.07 16.86 34.37
N GLU E 320 2.94 17.55 34.44
CA GLU E 320 1.77 16.95 35.07
C GLU E 320 1.18 15.81 34.25
N SER E 321 1.62 15.61 33.01
CA SER E 321 1.11 14.54 32.17
C SER E 321 1.56 13.18 32.68
N SER E 322 0.70 12.17 32.48
CA SER E 322 1.01 10.80 32.85
C SER E 322 1.81 10.07 31.79
N ILE E 323 2.11 10.72 30.66
CA ILE E 323 2.94 10.13 29.62
C ILE E 323 4.39 10.63 29.71
N ALA E 324 4.63 11.74 30.40
CA ALA E 324 5.91 12.42 30.32
C ALA E 324 7.04 11.55 30.89
N PRO E 325 8.26 11.75 30.44
CA PRO E 325 9.43 11.07 31.00
C PRO E 325 9.93 11.77 32.25
N ILE E 326 11.05 11.27 32.77
CA ILE E 326 11.75 11.94 33.85
C ILE E 326 12.63 13.03 33.27
N VAL E 327 12.49 14.25 33.78
CA VAL E 327 13.20 15.42 33.27
C VAL E 327 14.18 15.88 34.35
N ILE E 328 15.44 16.06 33.95
CA ILE E 328 16.48 16.60 34.82
C ILE E 328 16.79 18.01 34.35
N PHE E 329 16.69 18.98 35.26
CA PHE E 329 17.02 20.36 34.98
C PHE E 329 18.34 20.73 35.66
N ALA E 330 19.03 21.70 35.08
CA ALA E 330 20.27 22.21 35.67
C ALA E 330 20.27 23.73 35.60
N SER E 331 20.94 24.35 36.57
CA SER E 331 21.05 25.80 36.61
C SER E 331 22.19 26.20 37.52
N ASN E 332 22.95 27.21 37.11
CA ASN E 332 23.98 27.81 37.93
C ASN E 332 23.64 29.24 38.33
N ARG E 333 22.48 29.74 37.93
CA ARG E 333 22.09 31.11 38.24
C ARG E 333 21.75 31.26 39.72
N GLY E 334 22.00 32.44 40.25
CA GLY E 334 21.51 32.84 41.55
C GLY E 334 20.15 33.48 41.43
N ASN E 335 19.87 34.39 42.36
CA ASN E 335 18.58 35.09 42.34
C ASN E 335 18.55 35.99 41.12
N CYS E 336 17.93 35.50 40.05
CA CYS E 336 18.07 36.09 38.73
C CYS E 336 16.71 36.34 38.09
N VAL E 337 16.69 37.31 37.17
CA VAL E 337 15.45 37.70 36.51
C VAL E 337 15.07 36.63 35.50
N ILE E 338 13.82 36.17 35.56
CA ILE E 338 13.33 35.15 34.65
C ILE E 338 13.21 35.73 33.25
N ARG E 339 13.74 35.02 32.26
CA ARG E 339 13.66 35.50 30.89
C ARG E 339 12.20 35.59 30.46
N GLY E 340 11.89 36.63 29.70
CA GLY E 340 10.54 36.91 29.26
C GLY E 340 9.72 37.74 30.21
N THR E 341 10.14 37.86 31.46
CA THR E 341 9.54 38.78 32.41
C THR E 341 10.32 40.09 32.43
N GLU E 342 9.66 41.15 32.90
CA GLU E 342 10.33 42.45 32.98
C GLU E 342 11.35 42.46 34.12
N ASP E 343 10.88 42.26 35.35
CA ASP E 343 11.77 42.37 36.50
C ASP E 343 11.47 41.32 37.57
N ILE E 344 10.77 40.25 37.23
CA ILE E 344 10.47 39.21 38.21
C ILE E 344 11.72 38.37 38.42
N THR E 345 12.15 38.27 39.68
CA THR E 345 13.41 37.63 40.05
C THR E 345 13.11 36.41 40.89
N SER E 346 13.71 35.28 40.55
CA SER E 346 13.46 34.01 41.20
C SER E 346 14.76 33.32 41.54
N PRO E 347 14.76 32.40 42.51
CA PRO E 347 16.02 31.92 43.08
C PRO E 347 16.99 31.30 42.07
N HIS E 348 16.51 30.57 41.06
CA HIS E 348 17.43 29.95 40.12
C HIS E 348 17.21 30.40 38.68
N GLY E 349 16.55 31.54 38.48
CA GLY E 349 16.02 31.86 37.16
C GLY E 349 14.78 31.08 36.79
N ILE E 350 14.20 30.36 37.75
CA ILE E 350 13.07 29.47 37.50
C ILE E 350 11.92 29.97 38.36
N PRO E 351 10.73 30.20 37.80
CA PRO E 351 9.61 30.69 38.63
C PRO E 351 9.27 29.70 39.73
N LEU E 352 8.81 30.26 40.85
CA LEU E 352 8.60 29.47 42.06
C LEU E 352 7.58 28.35 41.84
N ASP E 353 6.67 28.53 40.87
CA ASP E 353 5.69 27.50 40.59
C ASP E 353 6.35 26.22 40.09
N LEU E 354 7.35 26.35 39.22
CA LEU E 354 8.03 25.17 38.71
C LEU E 354 8.96 24.58 39.75
N LEU E 355 9.54 25.42 40.62
CA LEU E 355 10.41 24.91 41.67
C LEU E 355 9.63 24.05 42.67
N ASP E 356 8.33 24.31 42.82
CA ASP E 356 7.50 23.47 43.65
C ASP E 356 7.30 22.08 43.06
N ARG E 357 7.52 21.91 41.76
CA ARG E 357 7.32 20.64 41.08
C ARG E 357 8.62 19.87 40.86
N VAL E 358 9.74 20.35 41.41
CA VAL E 358 11.03 19.71 41.17
C VAL E 358 11.64 19.26 42.48
N MET E 359 12.52 18.27 42.37
CA MET E 359 13.36 17.82 43.48
C MET E 359 14.75 18.42 43.26
N ILE E 360 15.20 19.24 44.19
CA ILE E 360 16.45 19.97 44.03
C ILE E 360 17.61 19.16 44.59
N ILE E 361 18.61 18.91 43.75
CA ILE E 361 19.87 18.28 44.13
C ILE E 361 20.92 19.38 44.16
N ARG E 362 21.56 19.57 45.30
CA ARG E 362 22.50 20.67 45.49
C ARG E 362 23.93 20.17 45.32
N THR E 363 24.69 20.85 44.47
CA THR E 363 26.10 20.57 44.28
C THR E 363 26.93 21.63 44.98
N MET E 364 28.07 21.22 45.54
CA MET E 364 28.90 22.08 46.35
C MET E 364 30.23 22.36 45.67
N LEU E 365 30.91 23.38 46.15
CA LEU E 365 32.24 23.72 45.65
C LEU E 365 33.25 22.68 46.12
N TYR E 366 34.31 22.51 45.33
CA TYR E 366 35.29 21.46 45.59
C TYR E 366 36.43 21.99 46.43
N THR E 367 36.89 21.15 47.36
CA THR E 367 38.08 21.44 48.14
C THR E 367 39.34 21.30 47.27
N PRO E 368 40.46 21.90 47.68
CA PRO E 368 41.69 21.74 46.91
C PRO E 368 42.12 20.29 46.71
N GLN E 369 41.88 19.44 47.70
CA GLN E 369 42.21 18.02 47.52
C GLN E 369 41.36 17.40 46.41
N GLU E 370 40.06 17.71 46.40
CA GLU E 370 39.20 17.21 45.33
C GLU E 370 39.62 17.79 43.99
N MET E 371 40.05 19.05 43.97
CA MET E 371 40.54 19.64 42.73
C MET E 371 41.76 18.90 42.21
N LYS E 372 42.70 18.57 43.10
CA LYS E 372 43.87 17.80 42.68
C LYS E 372 43.47 16.43 42.17
N GLN E 373 42.51 15.77 42.82
CA GLN E 373 42.05 14.47 42.36
C GLN E 373 41.45 14.57 40.96
N ILE E 374 40.63 15.59 40.72
CA ILE E 374 40.01 15.74 39.41
C ILE E 374 41.06 16.06 38.36
N ILE E 375 42.05 16.88 38.71
CA ILE E 375 43.13 17.19 37.77
C ILE E 375 43.89 15.93 37.40
N LYS E 376 44.19 15.08 38.39
CA LYS E 376 44.90 13.83 38.11
C LYS E 376 44.06 12.92 37.23
N ILE E 377 42.75 12.84 37.49
CA ILE E 377 41.89 12.00 36.66
C ILE E 377 41.87 12.51 35.23
N ARG E 378 41.78 13.82 35.05
CA ARG E 378 41.76 14.39 33.71
C ARG E 378 43.09 14.16 33.00
N ALA E 379 44.21 14.26 33.73
CA ALA E 379 45.51 13.99 33.15
C ALA E 379 45.64 12.55 32.69
N GLN E 380 45.15 11.61 33.52
CA GLN E 380 45.17 10.21 33.09
C GLN E 380 44.27 9.99 31.88
N THR E 381 43.11 10.65 31.85
CA THR E 381 42.20 10.49 30.73
C THR E 381 42.82 11.00 29.42
N GLU E 382 43.56 12.09 29.48
CA GLU E 382 44.20 12.66 28.30
C GLU E 382 45.54 12.03 27.98
N GLY E 383 45.95 11.01 28.73
CA GLY E 383 47.22 10.36 28.49
C GLY E 383 48.42 11.23 28.78
N ILE E 384 48.39 11.96 29.90
CA ILE E 384 49.45 12.91 30.25
C ILE E 384 50.07 12.46 31.56
N ASN E 385 51.39 12.35 31.58
CA ASN E 385 52.13 12.10 32.81
C ASN E 385 52.52 13.44 33.43
N ILE E 386 52.16 13.62 34.71
CA ILE E 386 52.41 14.86 35.42
C ILE E 386 53.13 14.53 36.72
N SER E 387 54.18 15.28 37.02
CA SER E 387 54.93 15.09 38.25
C SER E 387 54.14 15.59 39.45
N GLU E 388 54.55 15.14 40.64
CA GLU E 388 53.86 15.53 41.86
C GLU E 388 54.01 17.03 42.12
N GLU E 389 55.21 17.57 41.88
CA GLU E 389 55.40 19.01 42.03
C GLU E 389 54.52 19.79 41.07
N ALA E 390 54.45 19.34 39.81
CA ALA E 390 53.59 19.99 38.83
C ALA E 390 52.12 19.86 39.23
N LEU E 391 51.73 18.70 39.75
CA LEU E 391 50.35 18.51 40.17
C LEU E 391 49.99 19.45 41.31
N ASN E 392 50.90 19.59 42.29
CA ASN E 392 50.65 20.52 43.38
C ASN E 392 50.58 21.97 42.89
N HIS E 393 51.47 22.35 41.98
CA HIS E 393 51.44 23.70 41.46
C HIS E 393 50.14 23.97 40.70
N LEU E 394 49.68 22.98 39.93
CA LEU E 394 48.45 23.17 39.17
C LEU E 394 47.23 23.18 40.07
N GLY E 395 47.25 22.40 41.15
CA GLY E 395 46.18 22.50 42.14
C GLY E 395 46.16 23.85 42.84
N GLU E 396 47.34 24.40 43.13
CA GLU E 396 47.40 25.76 43.68
C GLU E 396 46.86 26.78 42.67
N ILE E 397 47.20 26.61 41.40
CA ILE E 397 46.68 27.47 40.35
C ILE E 397 45.16 27.36 40.28
N GLY E 398 44.63 26.16 40.49
CA GLY E 398 43.20 25.95 40.51
C GLY E 398 42.51 26.45 41.76
N THR E 399 43.27 26.65 42.84
CA THR E 399 42.69 27.22 44.06
C THR E 399 42.23 28.66 43.81
N LYS E 400 43.12 29.49 43.28
CA LYS E 400 42.70 30.70 42.60
C LYS E 400 42.15 30.34 41.23
N THR E 401 41.73 31.35 40.46
CA THR E 401 41.13 31.12 39.14
C THR E 401 40.02 30.08 39.31
N THR E 402 39.97 29.03 38.49
CA THR E 402 38.93 28.01 38.58
C THR E 402 39.55 26.65 38.35
N LEU E 403 38.78 25.60 38.65
CA LEU E 403 39.22 24.25 38.32
C LEU E 403 39.24 24.03 36.82
N ARG E 404 38.26 24.60 36.10
CA ARG E 404 38.21 24.46 34.65
C ARG E 404 39.49 24.98 34.00
N TYR E 405 39.95 26.16 34.44
CA TYR E 405 41.18 26.72 33.89
C TYR E 405 42.38 25.82 34.17
N SER E 406 42.48 25.29 35.39
CA SER E 406 43.60 24.42 35.73
C SER E 406 43.62 23.15 34.90
N VAL E 407 42.45 22.58 34.63
CA VAL E 407 42.39 21.37 33.81
C VAL E 407 42.81 21.65 32.38
N GLN E 408 42.43 22.82 31.86
CA GLN E 408 42.71 23.15 30.47
C GLN E 408 44.18 23.45 30.19
N LEU E 409 45.00 23.61 31.23
CA LEU E 409 46.44 23.83 31.04
C LEU E 409 47.22 22.54 30.90
N LEU E 410 46.56 21.38 30.99
CA LEU E 410 47.28 20.11 30.95
C LEU E 410 47.84 19.82 29.57
N THR E 411 47.02 19.94 28.53
CA THR E 411 47.46 19.65 27.18
C THR E 411 48.50 20.65 26.66
N PRO E 412 48.35 21.97 26.86
CA PRO E 412 49.45 22.86 26.44
C PRO E 412 50.75 22.60 27.16
N ALA E 413 50.69 22.27 28.46
CA ALA E 413 51.91 21.95 29.19
C ALA E 413 52.53 20.65 28.68
N ASN E 414 51.70 19.67 28.33
CA ASN E 414 52.22 18.45 27.73
C ASN E 414 52.88 18.73 26.39
N LEU E 415 52.28 19.61 25.58
CA LEU E 415 52.88 19.97 24.30
C LEU E 415 54.22 20.67 24.49
N LEU E 416 54.29 21.57 25.48
CA LEU E 416 55.57 22.23 25.76
C LEU E 416 56.62 21.22 26.22
N ALA E 417 56.23 20.28 27.08
CA ALA E 417 57.18 19.27 27.54
C ALA E 417 57.64 18.39 26.38
N LYS E 418 56.74 18.04 25.48
CA LYS E 418 57.10 17.23 24.32
C LYS E 418 58.05 17.98 23.40
N ILE E 419 57.83 19.28 23.22
CA ILE E 419 58.74 20.08 22.40
C ILE E 419 60.14 20.09 23.00
N ASN E 420 60.23 20.25 24.31
CA ASN E 420 61.51 20.27 24.99
C ASN E 420 62.11 18.89 25.20
N GLY E 421 61.45 17.85 24.70
CA GLY E 421 61.98 16.50 24.80
C GLY E 421 61.64 15.75 26.07
N LYS E 422 60.80 16.32 26.93
CA LYS E 422 60.40 15.66 28.17
C LYS E 422 59.11 14.91 27.97
N ASP E 423 59.03 13.70 28.53
CA ASP E 423 57.84 12.88 28.43
C ASP E 423 56.86 13.11 29.57
N SER E 424 57.18 14.02 30.49
CA SER E 424 56.30 14.32 31.61
C SER E 424 56.30 15.82 31.83
N ILE E 425 55.23 16.31 32.45
CA ILE E 425 55.09 17.73 32.72
C ILE E 425 55.81 18.08 34.03
N GLU E 426 56.72 19.04 33.96
CA GLU E 426 57.38 19.60 35.12
C GLU E 426 56.74 20.94 35.50
N LYS E 427 57.15 21.47 36.65
CA LYS E 427 56.57 22.72 37.12
C LYS E 427 56.89 23.87 36.19
N GLU E 428 58.06 23.83 35.54
CA GLU E 428 58.44 24.92 34.63
C GLU E 428 57.48 25.01 33.45
N HIS E 429 57.02 23.87 32.95
CA HIS E 429 56.07 23.90 31.83
C HIS E 429 54.74 24.49 32.25
N VAL E 430 54.27 24.16 33.46
CA VAL E 430 53.02 24.72 33.96
C VAL E 430 53.15 26.23 34.15
N GLU E 431 54.28 26.67 34.71
CA GLU E 431 54.50 28.11 34.88
C GLU E 431 54.55 28.82 33.55
N GLU E 432 55.25 28.25 32.56
CA GLU E 432 55.33 28.85 31.24
C GLU E 432 53.96 28.96 30.58
N ILE E 433 53.16 27.89 30.66
CA ILE E 433 51.83 27.92 30.09
C ILE E 433 50.95 28.93 30.80
N SER E 434 50.99 28.98 32.13
CA SER E 434 50.18 29.96 32.85
C SER E 434 50.62 31.38 32.52
N GLU E 435 51.91 31.58 32.24
CA GLU E 435 52.37 32.89 31.79
C GLU E 435 51.83 33.21 30.39
N LEU E 436 51.78 32.21 29.52
CA LEU E 436 51.28 32.44 28.16
C LEU E 436 49.78 32.69 28.14
N PHE E 437 49.00 32.00 28.97
CA PHE E 437 47.55 32.09 28.92
C PHE E 437 47.01 32.67 30.22
N TYR E 438 46.15 33.68 30.09
CA TYR E 438 45.49 34.31 31.23
C TYR E 438 44.16 33.62 31.53
N ASP E 439 43.67 33.85 32.74
CA ASP E 439 42.35 33.39 33.14
C ASP E 439 41.36 34.54 33.09
N ALA E 440 40.12 34.26 33.48
CA ALA E 440 39.07 35.27 33.42
C ALA E 440 39.34 36.42 34.37
N LYS E 441 39.82 36.12 35.59
CA LYS E 441 40.06 37.18 36.56
C LYS E 441 41.23 38.06 36.16
N SER E 442 42.30 37.47 35.65
CA SER E 442 43.44 38.25 35.17
C SER E 442 43.03 39.15 34.00
N SER E 443 42.25 38.59 33.06
CA SER E 443 41.78 39.40 31.94
C SER E 443 40.86 40.52 32.41
N ALA E 444 40.03 40.26 33.42
CA ALA E 444 39.19 41.31 33.98
C ALA E 444 40.03 42.40 34.59
N LYS E 445 41.11 42.03 35.29
CA LYS E 445 42.02 43.03 35.85
C LYS E 445 42.65 43.86 34.76
N ILE E 446 43.09 43.21 33.67
CA ILE E 446 43.70 43.94 32.56
C ILE E 446 42.70 44.91 31.94
N LEU E 447 41.45 44.45 31.75
CA LEU E 447 40.42 45.31 31.18
C LEU E 447 40.14 46.51 32.09
N ALA E 448 40.07 46.28 33.40
CA ALA E 448 39.82 47.37 34.32
C ALA E 448 40.97 48.38 34.33
N ASP E 449 42.20 47.89 34.26
CA ASP E 449 43.34 48.80 34.27
C ASP E 449 43.41 49.63 33.00
N GLN E 450 42.87 49.14 31.90
CA GLN E 450 42.97 49.79 30.59
C GLN E 450 41.59 49.94 29.97
N GLN E 451 40.63 50.44 30.75
CA GLN E 451 39.26 50.57 30.26
C GLN E 451 39.16 51.58 29.13
N ASP E 452 40.01 52.60 29.13
CA ASP E 452 39.91 53.64 28.11
C ASP E 452 40.42 53.19 26.76
N LYS E 453 41.18 52.09 26.71
CA LYS E 453 41.76 51.63 25.45
C LYS E 453 40.92 50.59 24.76
N TYR E 454 40.12 49.84 25.51
CA TYR E 454 39.23 48.83 24.92
C TYR E 454 37.91 49.46 24.50
N MET E 455 37.24 48.80 23.57
CA MET E 455 35.99 49.31 23.01
C MET E 455 34.84 49.06 23.97
N LYS E 456 33.95 50.03 24.07
CA LYS E 456 32.73 49.94 24.88
C LYS E 456 33.04 49.66 26.36
N VAL F 16 47.81 40.04 -15.22
CA VAL F 16 46.39 39.87 -14.95
C VAL F 16 46.20 39.71 -13.44
N THR F 17 45.06 40.20 -12.93
CA THR F 17 44.74 40.17 -11.52
C THR F 17 43.78 39.03 -11.22
N ARG F 18 44.15 38.19 -10.27
CA ARG F 18 43.29 37.09 -9.84
C ARG F 18 42.14 37.61 -8.99
N ILE F 19 41.23 36.70 -8.65
CA ILE F 19 40.07 37.09 -7.85
C ILE F 19 40.50 37.51 -6.46
N GLU F 20 41.63 36.99 -5.97
CA GLU F 20 42.17 37.35 -4.67
C GLU F 20 43.25 38.42 -4.88
N ARG F 21 43.07 39.56 -4.22
CA ARG F 21 43.95 40.71 -4.35
C ARG F 21 44.58 41.03 -2.99
N ILE F 22 45.32 42.13 -2.94
CA ILE F 22 45.98 42.53 -1.69
C ILE F 22 44.91 43.01 -0.73
N GLY F 23 44.70 42.25 0.35
CA GLY F 23 43.77 42.62 1.39
C GLY F 23 44.47 43.09 2.66
N ALA F 24 43.70 43.09 3.76
CA ALA F 24 44.24 43.55 5.03
C ALA F 24 45.33 42.62 5.54
N HIS F 25 45.13 41.31 5.40
CA HIS F 25 46.04 40.31 5.96
C HIS F 25 46.71 39.49 4.87
N SER F 26 46.90 40.08 3.69
CA SER F 26 47.52 39.36 2.58
C SER F 26 49.00 39.09 2.81
N HIS F 27 49.65 39.85 3.70
CA HIS F 27 51.06 39.67 3.98
C HIS F 27 51.34 38.59 5.01
N ILE F 28 50.31 38.05 5.66
CA ILE F 28 50.49 37.07 6.72
C ILE F 28 50.50 35.68 6.09
N ARG F 29 51.67 35.03 6.09
CA ARG F 29 51.81 33.69 5.56
C ARG F 29 51.92 32.62 6.64
N GLY F 30 51.93 33.02 7.90
CA GLY F 30 52.03 32.07 8.99
C GLY F 30 52.41 32.77 10.27
N LEU F 31 52.49 31.98 11.35
CA LEU F 31 52.80 32.54 12.66
C LEU F 31 54.27 32.89 12.81
N GLY F 32 55.13 32.39 11.93
CA GLY F 32 56.55 32.72 12.00
C GLY F 32 57.27 32.19 13.22
N LEU F 33 57.00 30.95 13.62
CA LEU F 33 57.66 30.35 14.76
C LEU F 33 58.73 29.37 14.31
N ASP F 34 59.66 29.09 15.22
CA ASP F 34 60.67 28.07 14.99
C ASP F 34 60.16 26.73 15.53
N ASP F 35 61.07 25.75 15.63
CA ASP F 35 60.65 24.42 16.08
C ASP F 35 60.18 24.46 17.52
N ALA F 36 60.82 25.26 18.36
CA ALA F 36 60.45 25.39 19.76
C ALA F 36 59.27 26.32 19.99
N LEU F 37 58.55 26.69 18.94
CA LEU F 37 57.44 27.63 19.01
C LEU F 37 57.87 29.00 19.56
N GLU F 38 59.11 29.39 19.30
CA GLU F 38 59.59 30.69 19.73
C GLU F 38 59.39 31.69 18.60
N PRO F 39 58.64 32.76 18.79
CA PRO F 39 58.38 33.70 17.70
C PRO F 39 59.63 34.49 17.30
N ARG F 40 59.93 34.47 16.01
CA ARG F 40 60.91 35.41 15.46
C ARG F 40 60.32 36.81 15.46
N GLN F 41 61.21 37.81 15.49
CA GLN F 41 60.75 39.19 15.55
C GLN F 41 59.96 39.56 14.31
N ALA F 42 60.44 39.15 13.13
CA ALA F 42 59.75 39.43 11.87
C ALA F 42 59.98 38.24 10.95
N SER F 43 58.95 37.42 10.78
CA SER F 43 59.02 36.28 9.88
C SER F 43 57.61 35.93 9.44
N GLN F 44 57.47 35.62 8.14
CA GLN F 44 56.19 35.25 7.54
C GLN F 44 55.12 36.33 7.73
N GLY F 45 55.53 37.59 7.70
CA GLY F 45 54.64 38.71 7.81
C GLY F 45 54.35 39.18 9.22
N MET F 46 54.39 38.29 10.20
CA MET F 46 54.10 38.68 11.57
C MET F 46 55.26 39.46 12.18
N VAL F 47 54.92 40.54 12.88
CA VAL F 47 55.89 41.37 13.58
C VAL F 47 55.42 41.55 15.03
N GLY F 48 56.32 41.34 15.98
CA GLY F 48 55.98 41.52 17.37
C GLY F 48 54.97 40.49 17.84
N GLN F 49 54.17 40.87 18.84
CA GLN F 49 53.17 39.99 19.44
C GLN F 49 53.78 38.64 19.81
N LEU F 50 54.97 38.69 20.41
CA LEU F 50 55.72 37.46 20.70
C LEU F 50 54.94 36.50 21.59
N ALA F 51 54.43 37.00 22.72
CA ALA F 51 53.69 36.13 23.63
C ALA F 51 52.42 35.60 22.97
N ALA F 52 51.68 36.47 22.27
CA ALA F 52 50.45 36.04 21.62
C ALA F 52 50.73 35.05 20.50
N ARG F 53 51.81 35.26 19.74
CA ARG F 53 52.16 34.31 18.68
C ARG F 53 52.59 32.97 19.26
N ARG F 54 53.32 32.98 20.37
CA ARG F 54 53.70 31.72 21.00
C ARG F 54 52.46 30.97 21.48
N ALA F 55 51.53 31.68 22.10
CA ALA F 55 50.28 31.04 22.53
C ALA F 55 49.50 30.49 21.34
N ALA F 56 49.44 31.25 20.25
CA ALA F 56 48.77 30.79 19.05
C ALA F 56 49.46 29.55 18.48
N GLY F 57 50.79 29.49 18.59
CA GLY F 57 51.50 28.31 18.13
C GLY F 57 51.19 27.09 18.98
N VAL F 58 51.10 27.27 20.29
CA VAL F 58 50.72 26.16 21.15
C VAL F 58 49.32 25.67 20.82
N VAL F 59 48.40 26.61 20.58
CA VAL F 59 47.04 26.23 20.19
C VAL F 59 47.05 25.53 18.84
N LEU F 60 47.91 25.96 17.92
CA LEU F 60 48.01 25.32 16.61
C LEU F 60 48.53 23.91 16.73
N GLU F 61 49.52 23.68 17.61
CA GLU F 61 49.98 22.31 17.86
C GLU F 61 48.86 21.46 18.45
N MET F 62 48.08 22.04 19.36
CA MET F 62 46.95 21.32 19.92
C MET F 62 45.93 20.95 18.84
N ILE F 63 45.70 21.87 17.90
CA ILE F 63 44.79 21.59 16.79
C ILE F 63 45.34 20.48 15.91
N ARG F 64 46.64 20.54 15.59
CA ARG F 64 47.25 19.57 14.69
C ARG F 64 47.23 18.18 15.31
N GLU F 65 47.45 18.09 16.62
CA GLU F 65 47.36 16.79 17.29
C GLU F 65 45.95 16.21 17.15
N GLY F 66 44.94 17.05 17.28
CA GLY F 66 43.57 16.62 17.00
C GLY F 66 43.05 15.56 17.94
N LYS F 67 43.36 15.67 19.22
CA LYS F 67 42.97 14.67 20.20
C LYS F 67 41.97 15.18 21.23
N ILE F 68 41.98 16.48 21.51
CA ILE F 68 41.11 17.08 22.52
C ILE F 68 40.02 17.86 21.81
N ALA F 69 38.77 17.53 22.12
CA ALA F 69 37.62 18.15 21.48
C ALA F 69 37.12 19.33 22.32
N GLY F 70 36.57 20.32 21.63
CA GLY F 70 35.92 21.43 22.30
C GLY F 70 36.82 22.32 23.12
N ARG F 71 37.98 22.68 22.59
CA ARG F 71 38.85 23.65 23.24
C ARG F 71 38.55 25.05 22.71
N ALA F 72 38.47 26.02 23.62
CA ALA F 72 38.12 27.39 23.28
C ALA F 72 39.26 28.31 23.68
N VAL F 73 39.62 29.22 22.78
CA VAL F 73 40.65 30.22 23.02
C VAL F 73 40.07 31.58 22.66
N LEU F 74 40.33 32.56 23.52
CA LEU F 74 39.88 33.93 23.30
C LEU F 74 41.08 34.84 23.08
N ILE F 75 41.14 35.46 21.91
CA ILE F 75 42.16 36.47 21.61
C ILE F 75 41.55 37.83 21.92
N ALA F 76 42.04 38.47 22.97
CA ALA F 76 41.51 39.75 23.43
C ALA F 76 42.60 40.80 23.41
N GLY F 77 42.23 42.01 23.01
CA GLY F 77 43.18 43.10 22.98
C GLY F 77 42.53 44.35 22.44
N GLN F 78 43.33 45.42 22.41
CA GLN F 78 42.86 46.68 21.89
C GLN F 78 42.72 46.61 20.37
N PRO F 79 41.94 47.50 19.76
CA PRO F 79 41.81 47.51 18.30
C PRO F 79 43.15 47.71 17.62
N GLY F 80 43.36 46.97 16.53
CA GLY F 80 44.59 47.09 15.76
C GLY F 80 45.81 46.44 16.37
N THR F 81 45.63 45.51 17.31
CA THR F 81 46.74 44.84 17.96
C THR F 81 47.10 43.51 17.31
N GLY F 82 46.45 43.15 16.21
CA GLY F 82 46.79 41.93 15.51
C GLY F 82 46.04 40.68 15.90
N LYS F 83 44.83 40.80 16.45
CA LYS F 83 44.03 39.62 16.76
C LYS F 83 43.67 38.86 15.48
N THR F 84 43.11 39.58 14.49
CA THR F 84 42.77 38.94 13.23
C THR F 84 44.01 38.54 12.45
N ALA F 85 45.10 39.30 12.60
CA ALA F 85 46.35 38.91 11.97
C ALA F 85 46.83 37.57 12.51
N ILE F 86 46.74 37.38 13.83
CA ILE F 86 47.13 36.12 14.44
C ILE F 86 46.21 35.00 13.99
N ALA F 87 44.90 35.27 13.91
CA ALA F 87 43.98 34.23 13.44
C ALA F 87 44.28 33.82 12.00
N MET F 88 44.56 34.80 11.13
CA MET F 88 44.88 34.48 9.75
C MET F 88 46.21 33.75 9.64
N GLY F 89 47.18 34.09 10.50
CA GLY F 89 48.42 33.34 10.52
C GLY F 89 48.22 31.90 10.93
N MET F 90 47.36 31.65 11.93
CA MET F 90 47.02 30.29 12.29
C MET F 90 46.36 29.56 11.12
N ALA F 91 45.45 30.24 10.43
CA ALA F 91 44.78 29.63 9.29
C ALA F 91 45.77 29.27 8.18
N GLN F 92 46.73 30.16 7.92
CA GLN F 92 47.71 29.90 6.86
C GLN F 92 48.70 28.82 7.27
N ALA F 93 49.00 28.71 8.56
CA ALA F 93 49.90 27.66 9.03
C ALA F 93 49.22 26.30 9.08
N LEU F 94 47.90 26.27 9.26
CA LEU F 94 47.19 25.00 9.27
C LEU F 94 47.23 24.34 7.90
N GLY F 95 46.93 25.08 6.84
CA GLY F 95 46.89 24.54 5.50
C GLY F 95 45.52 24.09 5.09
N PRO F 96 45.32 23.87 3.78
CA PRO F 96 43.98 23.52 3.29
C PRO F 96 43.49 22.15 3.74
N ASP F 97 44.37 21.29 4.25
CA ASP F 97 43.95 19.95 4.65
C ASP F 97 43.00 20.00 5.85
N THR F 98 43.25 20.92 6.78
CA THR F 98 42.43 21.01 7.98
C THR F 98 41.38 22.09 7.80
N PRO F 99 40.11 21.78 8.06
CA PRO F 99 39.07 22.80 7.87
C PRO F 99 39.28 24.01 8.78
N PHE F 100 38.94 25.19 8.25
CA PHE F 100 39.05 26.43 9.02
C PHE F 100 37.84 27.30 8.62
N THR F 101 36.84 27.31 9.48
CA THR F 101 35.62 28.08 9.24
C THR F 101 35.73 29.40 9.99
N ALA F 102 35.85 30.50 9.26
CA ALA F 102 35.91 31.84 9.83
C ALA F 102 34.58 32.54 9.56
N ILE F 103 33.89 32.93 10.62
CA ILE F 103 32.63 33.66 10.52
C ILE F 103 32.67 34.84 11.48
N ALA F 104 31.75 35.78 11.25
CA ALA F 104 31.53 36.88 12.18
C ALA F 104 30.38 36.55 13.11
N GLY F 105 30.38 37.21 14.28
CA GLY F 105 29.32 36.98 15.24
C GLY F 105 27.94 37.33 14.73
N SER F 106 27.85 38.32 13.82
CA SER F 106 26.56 38.74 13.31
C SER F 106 25.94 37.71 12.38
N GLU F 107 26.73 36.77 11.85
CA GLU F 107 26.23 35.87 10.82
C GLU F 107 25.29 34.82 11.36
N ILE F 108 25.26 34.60 12.68
CA ILE F 108 24.39 33.57 13.24
C ILE F 108 22.94 34.02 13.35
N PHE F 109 22.67 35.31 13.20
CA PHE F 109 21.32 35.84 13.26
C PHE F 109 20.69 35.70 11.88
N SER F 110 19.86 34.67 11.71
CA SER F 110 19.35 34.28 10.39
C SER F 110 17.84 34.10 10.48
N LEU F 111 17.15 34.50 9.41
CA LEU F 111 15.70 34.31 9.33
C LEU F 111 15.32 32.90 8.92
N GLU F 112 16.26 32.09 8.47
CA GLU F 112 15.96 30.74 8.01
C GLU F 112 16.13 29.70 9.10
N MET F 113 17.01 29.94 10.07
CA MET F 113 17.30 28.95 11.10
C MET F 113 17.50 29.66 12.43
N SER F 114 17.44 28.88 13.51
CA SER F 114 17.69 29.41 14.83
C SER F 114 19.18 29.69 15.04
N LYS F 115 19.47 30.49 16.07
CA LYS F 115 20.86 30.79 16.40
C LYS F 115 21.62 29.54 16.79
N THR F 116 20.97 28.65 17.54
CA THR F 116 21.60 27.39 17.92
C THR F 116 21.86 26.51 16.71
N GLU F 117 20.93 26.52 15.74
CA GLU F 117 21.14 25.76 14.51
C GLU F 117 22.30 26.33 13.70
N ALA F 118 22.39 27.66 13.61
CA ALA F 118 23.49 28.27 12.89
C ALA F 118 24.83 27.95 13.55
N LEU F 119 24.87 27.99 14.88
CA LEU F 119 26.10 27.63 15.58
C LEU F 119 26.44 26.15 15.39
N THR F 120 25.43 25.28 15.40
CA THR F 120 25.68 23.87 15.16
C THR F 120 26.25 23.65 13.76
N GLN F 121 25.67 24.31 12.76
CA GLN F 121 26.19 24.18 11.41
C GLN F 121 27.62 24.71 11.30
N ALA F 122 27.91 25.82 11.98
CA ALA F 122 29.26 26.36 11.97
C ALA F 122 30.24 25.38 12.62
N PHE F 123 29.87 24.80 13.75
CA PHE F 123 30.69 23.78 14.40
C PHE F 123 30.93 22.58 13.48
N ARG F 124 29.86 22.10 12.84
CA ARG F 124 29.98 20.91 12.00
C ARG F 124 30.63 21.19 10.66
N ARG F 125 30.76 22.45 10.25
CA ARG F 125 31.54 22.78 9.07
C ARG F 125 33.03 22.73 9.33
N SER F 126 33.43 22.64 10.59
CA SER F 126 34.83 22.65 11.00
C SER F 126 35.37 21.27 11.30
N ILE F 127 34.62 20.21 11.01
CA ILE F 127 35.07 18.84 11.18
C ILE F 127 34.92 18.13 9.85
N GLY F 128 36.00 17.53 9.37
CA GLY F 128 36.05 16.87 8.08
C GLY F 128 36.16 15.35 8.22
N VAL F 129 35.36 14.65 7.44
CA VAL F 129 35.35 13.19 7.40
C VAL F 129 35.99 12.78 6.09
N ARG F 130 37.04 11.96 6.16
CA ARG F 130 37.79 11.54 4.98
C ARG F 130 37.69 10.03 4.82
N ILE F 131 37.30 9.60 3.62
CA ILE F 131 37.19 8.18 3.27
C ILE F 131 38.27 7.88 2.25
N LYS F 132 39.12 6.91 2.55
CA LYS F 132 40.20 6.50 1.67
C LYS F 132 39.95 5.07 1.20
N GLU F 133 39.90 4.89 -0.11
CA GLU F 133 39.70 3.57 -0.70
C GLU F 133 40.51 3.45 -1.98
N GLU F 134 40.86 2.21 -2.31
CA GLU F 134 41.68 1.89 -3.48
C GLU F 134 40.80 1.31 -4.58
N THR F 135 40.98 1.80 -5.80
CA THR F 135 40.19 1.37 -6.94
C THR F 135 41.12 1.02 -8.10
N GLU F 136 40.63 0.17 -8.98
CA GLU F 136 41.37 -0.23 -10.18
C GLU F 136 41.09 0.76 -11.30
N ILE F 137 42.15 1.23 -11.94
CA ILE F 137 42.07 2.35 -12.87
C ILE F 137 42.83 1.98 -14.14
N ILE F 138 42.21 2.21 -15.28
CA ILE F 138 42.82 1.99 -16.59
C ILE F 138 43.06 3.34 -17.24
N GLU F 139 44.32 3.63 -17.56
CA GLU F 139 44.71 4.90 -18.16
C GLU F 139 45.59 4.61 -19.37
N GLY F 140 45.18 5.04 -20.54
CA GLY F 140 45.96 4.76 -21.74
C GLY F 140 45.51 5.59 -22.92
N GLU F 141 46.28 5.47 -23.99
CA GLU F 141 46.01 6.15 -25.26
C GLU F 141 45.16 5.27 -26.16
N VAL F 142 44.03 5.81 -26.62
CA VAL F 142 43.15 5.04 -27.50
C VAL F 142 43.79 4.95 -28.88
N VAL F 143 44.04 3.73 -29.33
CA VAL F 143 44.62 3.49 -30.65
C VAL F 143 43.49 3.36 -31.67
N GLU F 144 42.60 2.41 -31.43
CA GLU F 144 41.49 2.12 -32.32
C GLU F 144 40.27 1.75 -31.49
N ILE F 145 39.13 2.34 -31.82
CA ILE F 145 37.85 1.98 -31.22
C ILE F 145 36.89 1.62 -32.33
N GLN F 146 36.22 0.47 -32.19
CA GLN F 146 35.25 -0.01 -33.16
C GLN F 146 33.96 -0.35 -32.43
N ILE F 147 32.84 0.15 -32.93
CA ILE F 147 31.53 -0.11 -32.34
C ILE F 147 30.59 -0.51 -33.46
N ASP F 148 30.01 -1.71 -33.36
CA ASP F 148 29.06 -2.22 -34.33
C ASP F 148 27.68 -2.25 -33.69
N ARG F 149 26.71 -1.58 -34.30
CA ARG F 149 25.38 -1.48 -33.75
C ARG F 149 24.36 -1.89 -34.80
N PRO F 150 23.21 -2.43 -34.38
CA PRO F 150 22.18 -2.79 -35.35
C PRO F 150 21.67 -1.57 -36.10
N ALA F 151 21.37 -1.76 -37.38
CA ALA F 151 20.92 -0.66 -38.22
C ALA F 151 19.56 -0.14 -37.76
N THR F 152 18.64 -1.03 -37.40
CA THR F 152 17.28 -0.65 -37.04
C THR F 152 16.81 -1.49 -35.87
N GLY F 153 16.14 -0.86 -34.93
CA GLY F 153 15.51 -1.55 -33.82
C GLY F 153 16.46 -1.80 -32.66
N THR F 154 15.87 -2.25 -31.55
CA THR F 154 16.64 -2.55 -30.36
C THR F 154 17.52 -3.77 -30.58
N GLY F 155 18.80 -3.65 -30.22
CA GLY F 155 19.73 -4.76 -30.37
C GLY F 155 20.92 -4.56 -29.45
N SER F 156 21.78 -5.57 -29.43
CA SER F 156 22.96 -5.56 -28.57
C SER F 156 24.14 -5.00 -29.36
N LYS F 157 24.60 -3.82 -28.97
CA LYS F 157 25.81 -3.25 -29.56
C LYS F 157 27.03 -4.08 -29.17
N VAL F 158 27.89 -4.33 -30.15
CA VAL F 158 29.14 -5.04 -29.94
C VAL F 158 30.29 -4.11 -30.33
N GLY F 159 31.34 -4.09 -29.50
CA GLY F 159 32.45 -3.20 -29.75
C GLY F 159 33.77 -3.78 -29.31
N LYS F 160 34.84 -3.09 -29.69
CA LYS F 160 36.19 -3.49 -29.35
C LYS F 160 37.03 -2.23 -29.19
N LEU F 161 37.84 -2.18 -28.13
CA LEU F 161 38.66 -1.01 -27.82
C LEU F 161 40.11 -1.42 -27.62
N THR F 162 41.02 -0.63 -28.16
CA THR F 162 42.44 -0.84 -28.03
C THR F 162 43.05 0.33 -27.26
N LEU F 163 43.76 0.03 -26.18
CA LEU F 163 44.39 1.03 -25.33
C LEU F 163 45.89 0.80 -25.29
N LYS F 164 46.64 1.89 -25.19
CA LYS F 164 48.09 1.83 -25.34
C LYS F 164 48.75 2.71 -24.29
N THR F 165 49.86 2.22 -23.74
CA THR F 165 50.80 3.02 -22.96
C THR F 165 52.16 2.96 -23.64
N THR F 166 53.17 3.51 -22.96
CA THR F 166 54.53 3.42 -23.50
C THR F 166 55.05 1.98 -23.49
N GLU F 167 54.51 1.12 -22.64
CA GLU F 167 55.03 -0.24 -22.51
C GLU F 167 53.97 -1.33 -22.69
N MET F 168 52.75 -0.97 -23.09
CA MET F 168 51.69 -1.96 -23.21
C MET F 168 50.71 -1.56 -24.31
N GLU F 169 49.93 -2.55 -24.75
CA GLU F 169 48.82 -2.32 -25.68
C GLU F 169 47.91 -3.53 -25.61
N THR F 170 46.67 -3.31 -25.17
CA THR F 170 45.70 -4.40 -24.98
C THR F 170 44.42 -4.07 -25.74
N ILE F 171 43.79 -5.11 -26.29
CA ILE F 171 42.54 -4.98 -27.00
C ILE F 171 41.43 -5.52 -26.11
N TYR F 172 40.44 -4.68 -25.81
CA TYR F 172 39.39 -4.99 -24.86
C TYR F 172 38.08 -5.27 -25.59
N ASP F 173 37.43 -6.37 -25.21
CA ASP F 173 36.06 -6.63 -25.64
C ASP F 173 35.11 -5.87 -24.73
N LEU F 174 34.23 -5.07 -25.34
CA LEU F 174 33.43 -4.09 -24.61
C LEU F 174 32.00 -4.59 -24.41
N GLY F 175 31.45 -4.30 -23.22
CA GLY F 175 30.06 -4.58 -22.94
C GLY F 175 29.14 -3.45 -23.37
N THR F 176 27.83 -3.72 -23.29
CA THR F 176 26.86 -2.74 -23.76
C THR F 176 26.93 -1.43 -22.98
N LYS F 177 27.07 -1.52 -21.65
CA LYS F 177 27.11 -0.29 -20.85
C LYS F 177 28.42 0.46 -21.04
N MET F 178 29.53 -0.26 -21.21
CA MET F 178 30.78 0.42 -21.53
C MET F 178 30.74 1.03 -22.92
N ILE F 179 30.07 0.36 -23.85
CA ILE F 179 29.86 0.92 -25.18
C ILE F 179 29.08 2.22 -25.08
N GLU F 180 28.01 2.22 -24.27
CA GLU F 180 27.21 3.43 -24.11
C GLU F 180 28.02 4.55 -23.46
N SER F 181 28.85 4.21 -22.48
CA SER F 181 29.69 5.23 -21.83
C SER F 181 30.67 5.83 -22.84
N LEU F 182 31.32 4.99 -23.63
CA LEU F 182 32.26 5.49 -24.63
C LEU F 182 31.57 6.33 -25.69
N THR F 183 30.36 5.92 -26.09
CA THR F 183 29.61 6.69 -27.08
C THR F 183 29.21 8.06 -26.52
N LYS F 184 28.76 8.10 -25.26
CA LYS F 184 28.38 9.35 -24.65
C LYS F 184 29.59 10.28 -24.50
N ASP F 185 30.74 9.74 -24.09
CA ASP F 185 31.93 10.56 -23.96
C ASP F 185 32.55 10.91 -25.30
N LYS F 186 32.09 10.29 -26.40
CA LYS F 186 32.61 10.55 -27.74
C LYS F 186 34.12 10.32 -27.79
N VAL F 187 34.54 9.15 -27.34
CA VAL F 187 35.95 8.78 -27.30
C VAL F 187 36.41 8.43 -28.71
N GLN F 188 37.49 9.06 -29.15
CA GLN F 188 38.07 8.83 -30.46
C GLN F 188 39.51 8.34 -30.32
N ALA F 189 40.09 7.96 -31.45
CA ALA F 189 41.49 7.54 -31.46
C ALA F 189 42.41 8.71 -31.10
N GLY F 190 43.43 8.41 -30.31
CA GLY F 190 44.34 9.42 -29.83
C GLY F 190 43.91 10.11 -28.56
N ASP F 191 42.71 9.85 -28.07
CA ASP F 191 42.25 10.42 -26.82
C ASP F 191 42.85 9.65 -25.64
N VAL F 192 43.41 10.38 -24.68
CA VAL F 192 43.92 9.77 -23.46
C VAL F 192 42.75 9.75 -22.48
N ILE F 193 42.27 8.56 -22.16
CA ILE F 193 41.09 8.39 -21.32
C ILE F 193 41.45 7.62 -20.06
N THR F 194 40.66 7.85 -19.02
CA THR F 194 40.76 7.14 -17.76
C THR F 194 39.46 6.40 -17.51
N ILE F 195 39.55 5.11 -17.19
CA ILE F 195 38.38 4.26 -16.96
C ILE F 195 38.47 3.68 -15.57
N ASP F 196 37.42 3.85 -14.78
CA ASP F 196 37.28 3.19 -13.49
C ASP F 196 36.44 1.93 -13.68
N LYS F 197 37.02 0.79 -13.34
CA LYS F 197 36.39 -0.49 -13.69
C LYS F 197 35.05 -0.66 -13.00
N ALA F 198 34.97 -0.31 -11.72
CA ALA F 198 33.74 -0.51 -10.96
C ALA F 198 32.59 0.31 -11.54
N THR F 199 32.72 1.65 -11.50
CA THR F 199 31.61 2.51 -11.89
C THR F 199 31.52 2.69 -13.40
N GLY F 200 32.58 2.38 -14.14
CA GLY F 200 32.56 2.59 -15.57
C GLY F 200 32.68 4.03 -16.00
N LYS F 201 33.00 4.94 -15.09
CA LYS F 201 33.14 6.34 -15.46
C LYS F 201 34.38 6.54 -16.32
N ILE F 202 34.24 7.35 -17.36
CA ILE F 202 35.32 7.63 -18.30
C ILE F 202 35.59 9.13 -18.27
N SER F 203 36.85 9.51 -18.05
CA SER F 203 37.25 10.91 -18.04
C SER F 203 38.34 11.13 -19.09
N LYS F 204 38.05 11.98 -20.06
CA LYS F 204 39.03 12.35 -21.08
C LYS F 204 39.95 13.42 -20.51
N LEU F 205 41.26 13.23 -20.66
CA LEU F 205 42.21 14.18 -20.11
C LEU F 205 43.13 14.80 -21.17
N GLY F 206 42.88 14.55 -22.44
CA GLY F 206 43.68 15.18 -23.48
C GLY F 206 43.71 14.33 -24.73
N ARG F 207 44.45 14.84 -25.72
CA ARG F 207 44.68 14.14 -26.97
C ARG F 207 46.18 14.00 -27.18
N SER F 208 46.61 12.78 -27.54
CA SER F 208 48.02 12.54 -27.80
C SER F 208 48.49 13.12 -29.12
N PHE F 209 47.57 13.33 -30.07
CA PHE F 209 47.93 13.94 -31.34
C PHE F 209 46.68 14.55 -31.97
N THR F 210 46.89 15.26 -33.07
CA THR F 210 45.83 15.99 -33.75
C THR F 210 44.90 15.06 -34.53
N ARG F 211 43.73 15.57 -34.85
CA ARG F 211 42.78 14.91 -35.74
C ARG F 211 43.18 15.16 -37.19
N ALA F 212 42.50 14.46 -38.10
CA ALA F 212 42.81 14.60 -39.51
C ALA F 212 42.56 16.03 -39.98
N ARG F 213 43.49 16.55 -40.79
CA ARG F 213 43.40 17.93 -41.23
C ARG F 213 42.32 18.15 -42.26
N ASP F 214 42.03 17.13 -43.08
CA ASP F 214 41.09 17.29 -44.18
C ASP F 214 39.67 17.58 -43.69
N TYR F 215 39.36 17.28 -42.44
CA TYR F 215 38.04 17.59 -41.91
C TYR F 215 37.87 19.09 -41.72
N ASP F 216 36.63 19.55 -41.89
CA ASP F 216 36.26 20.95 -41.71
C ASP F 216 35.42 21.12 -40.44
N ALA F 217 35.30 22.38 -40.02
CA ALA F 217 34.53 22.74 -38.82
C ALA F 217 35.01 21.98 -37.59
N MET F 218 36.33 21.86 -37.46
CA MET F 218 36.91 21.15 -36.32
C MET F 218 37.50 22.08 -35.28
N GLY F 219 37.79 23.33 -35.64
CA GLY F 219 38.35 24.28 -34.72
C GLY F 219 39.87 24.20 -34.63
N SER F 220 40.43 25.17 -33.92
CA SER F 220 41.88 25.19 -33.69
C SER F 220 42.27 24.09 -32.70
N GLN F 221 43.21 23.24 -33.12
CA GLN F 221 43.66 22.14 -32.28
C GLN F 221 44.50 22.67 -31.13
N THR F 222 44.22 22.18 -29.93
CA THR F 222 44.94 22.62 -28.73
C THR F 222 46.26 21.85 -28.62
N LYS F 223 46.96 22.03 -27.50
CA LYS F 223 48.21 21.32 -27.28
C LYS F 223 47.94 19.85 -26.95
N PHE F 224 48.93 19.01 -27.24
CA PHE F 224 48.82 17.58 -27.01
C PHE F 224 49.21 17.22 -25.58
N VAL F 225 48.93 15.97 -25.22
CA VAL F 225 49.27 15.40 -23.92
C VAL F 225 50.09 14.15 -24.14
N GLN F 226 51.22 14.03 -23.45
CA GLN F 226 52.07 12.87 -23.60
C GLN F 226 51.34 11.61 -23.17
N CYS F 227 51.60 10.51 -23.86
CA CYS F 227 50.93 9.25 -23.56
C CYS F 227 51.36 8.74 -22.20
N PRO F 228 50.43 8.18 -21.41
CA PRO F 228 50.79 7.64 -20.11
C PRO F 228 51.74 6.45 -20.23
N ASP F 229 52.60 6.32 -19.23
CA ASP F 229 53.57 5.23 -19.17
C ASP F 229 53.09 4.14 -18.21
N GLY F 230 53.93 3.12 -18.02
CA GLY F 230 53.63 2.06 -17.08
C GLY F 230 52.53 1.13 -17.57
N GLU F 231 52.03 0.34 -16.63
CA GLU F 231 51.00 -0.64 -16.93
C GLU F 231 49.67 0.04 -17.20
N LEU F 232 48.78 -0.67 -17.87
CA LEU F 232 47.46 -0.12 -18.18
C LEU F 232 46.60 -0.05 -16.93
N GLN F 233 46.30 -1.20 -16.34
CA GLN F 233 45.41 -1.27 -15.18
C GLN F 233 46.25 -1.11 -13.93
N LYS F 234 46.25 0.10 -13.37
CA LYS F 234 46.94 0.40 -12.12
C LYS F 234 45.97 0.38 -10.96
N ARG F 235 46.50 0.58 -9.76
CA ARG F 235 45.71 0.66 -8.54
C ARG F 235 46.00 2.00 -7.88
N LYS F 236 44.99 2.86 -7.79
CA LYS F 236 45.16 4.21 -7.28
C LYS F 236 44.28 4.45 -6.07
N GLU F 237 44.77 5.29 -5.16
CA GLU F 237 44.07 5.63 -3.93
C GLU F 237 43.18 6.84 -4.18
N VAL F 238 41.88 6.67 -3.91
CA VAL F 238 40.88 7.73 -4.07
C VAL F 238 40.50 8.24 -2.70
N VAL F 239 40.57 9.56 -2.52
CA VAL F 239 40.26 10.20 -1.24
C VAL F 239 39.04 11.09 -1.41
N HIS F 240 38.03 10.84 -0.58
CA HIS F 240 36.81 11.63 -0.55
C HIS F 240 36.73 12.31 0.82
N THR F 241 36.64 13.64 0.82
CA THR F 241 36.59 14.40 2.06
C THR F 241 35.37 15.31 2.05
N VAL F 242 34.53 15.18 3.07
CA VAL F 242 33.36 16.02 3.28
C VAL F 242 33.32 16.42 4.75
N SER F 243 32.62 17.50 5.03
CA SER F 243 32.45 17.92 6.42
C SER F 243 31.17 17.32 7.00
N LEU F 244 31.06 17.39 8.33
CA LEU F 244 29.87 16.89 9.00
C LEU F 244 28.63 17.66 8.57
N HIS F 245 28.78 18.97 8.33
CA HIS F 245 27.66 19.76 7.86
C HIS F 245 27.18 19.29 6.50
N GLU F 246 28.10 18.94 5.60
CA GLU F 246 27.71 18.45 4.29
C GLU F 246 26.95 17.13 4.39
N ILE F 247 27.39 16.24 5.29
CA ILE F 247 26.66 14.99 5.51
C ILE F 247 25.27 15.29 6.06
N ASP F 248 25.18 16.17 7.06
CA ASP F 248 23.89 16.53 7.62
C ASP F 248 22.95 17.06 6.56
N VAL F 249 23.45 17.93 5.69
CA VAL F 249 22.62 18.55 4.66
C VAL F 249 22.17 17.54 3.62
N ILE F 250 23.09 16.68 3.15
CA ILE F 250 22.69 15.70 2.15
C ILE F 250 21.83 14.59 2.73
N ASN F 251 21.83 14.41 4.04
CA ASN F 251 21.00 13.40 4.66
C ASN F 251 19.68 13.95 5.20
N SER F 252 19.54 15.27 5.34
CA SER F 252 18.32 15.84 5.88
C SER F 252 17.12 15.60 4.97
N ARG F 253 17.31 15.72 3.66
CA ARG F 253 16.19 15.56 2.74
C ARG F 253 16.74 15.21 1.35
N THR F 254 15.81 14.80 0.48
CA THR F 254 16.19 14.39 -0.87
C THR F 254 16.83 15.55 -1.64
N GLN F 255 16.29 16.76 -1.49
CA GLN F 255 16.80 17.93 -2.17
C GLN F 255 17.94 18.58 -1.42
N GLY F 256 18.55 17.88 -0.46
CA GLY F 256 19.57 18.48 0.38
C GLY F 256 20.83 18.84 -0.37
N PHE F 257 21.20 18.05 -1.38
CA PHE F 257 22.44 18.33 -2.11
C PHE F 257 22.40 19.71 -2.77
N LEU F 258 21.22 20.18 -3.17
CA LEU F 258 21.11 21.54 -3.69
C LEU F 258 21.20 22.55 -2.57
N ALA F 259 20.79 22.16 -1.35
CA ALA F 259 20.92 23.04 -0.20
C ALA F 259 22.38 23.25 0.17
N LEU F 260 23.29 22.40 -0.30
CA LEU F 260 24.72 22.63 -0.07
C LEU F 260 25.20 23.91 -0.73
N PHE F 261 24.53 24.36 -1.78
CA PHE F 261 24.89 25.56 -2.51
C PHE F 261 23.91 26.70 -2.29
N SER F 262 22.61 26.41 -2.19
CA SER F 262 21.61 27.44 -2.03
C SER F 262 21.36 27.83 -0.58
N GLY F 263 22.07 27.23 0.38
CA GLY F 263 21.63 27.34 1.75
C GLY F 263 20.29 26.65 1.89
N ASP F 264 19.31 27.34 2.49
CA ASP F 264 17.93 26.86 2.56
C ASP F 264 17.84 25.47 3.20
N THR F 265 18.72 25.19 4.16
CA THR F 265 18.68 23.93 4.87
C THR F 265 17.63 23.88 5.96
N GLY F 266 17.05 25.03 6.34
CA GLY F 266 16.12 25.03 7.45
C GLY F 266 16.81 24.63 8.75
N GLU F 267 16.09 23.91 9.59
CA GLU F 267 16.64 23.36 10.82
C GLU F 267 16.73 21.84 10.69
N ILE F 268 17.95 21.32 10.75
CA ILE F 268 18.17 19.89 10.61
C ILE F 268 17.74 19.18 11.88
N LYS F 269 17.03 18.06 11.71
CA LYS F 269 16.57 17.29 12.85
C LYS F 269 17.74 16.80 13.68
N SER F 270 17.55 16.77 14.99
CA SER F 270 18.59 16.23 15.87
C SER F 270 18.78 14.74 15.66
N GLU F 271 17.74 14.04 15.23
CA GLU F 271 17.87 12.61 14.95
C GLU F 271 18.87 12.36 13.83
N VAL F 272 18.83 13.17 12.78
CA VAL F 272 19.76 13.03 11.66
C VAL F 272 21.20 13.20 12.13
N ARG F 273 21.44 14.23 12.96
CA ARG F 273 22.79 14.47 13.45
C ARG F 273 23.25 13.36 14.39
N GLU F 274 22.36 12.83 15.22
CA GLU F 274 22.75 11.72 16.09
C GLU F 274 23.10 10.48 15.28
N GLN F 275 22.30 10.17 14.26
CA GLN F 275 22.60 9.05 13.39
C GLN F 275 23.94 9.24 12.68
N ILE F 276 24.21 10.46 12.22
CA ILE F 276 25.47 10.72 11.53
C ILE F 276 26.65 10.60 12.49
N ASN F 277 26.51 11.11 13.71
CA ASN F 277 27.57 10.96 14.70
C ASN F 277 27.85 9.49 14.97
N ALA F 278 26.79 8.68 15.07
CA ALA F 278 26.96 7.25 15.33
C ALA F 278 27.64 6.58 14.14
N LYS F 279 27.21 6.90 12.93
CA LYS F 279 27.78 6.26 11.74
C LYS F 279 29.24 6.65 11.56
N VAL F 280 29.59 7.91 11.82
CA VAL F 280 30.97 8.33 11.66
C VAL F 280 31.84 7.68 12.73
N ALA F 281 31.32 7.54 13.95
CA ALA F 281 32.07 6.81 14.98
C ALA F 281 32.29 5.36 14.57
N GLU F 282 31.24 4.73 14.01
CA GLU F 282 31.38 3.36 13.54
C GLU F 282 32.42 3.25 12.44
N TRP F 283 32.42 4.20 11.50
CA TRP F 283 33.42 4.20 10.44
C TRP F 283 34.82 4.34 11.01
N ARG F 284 34.99 5.23 11.99
CA ARG F 284 36.30 5.42 12.61
C ARG F 284 36.78 4.16 13.31
N GLU F 285 35.87 3.45 13.98
CA GLU F 285 36.25 2.19 14.61
C GLU F 285 36.55 1.10 13.58
N GLU F 286 35.79 1.08 12.49
CA GLU F 286 35.95 0.10 11.42
C GLU F 286 37.04 0.47 10.42
N GLY F 287 37.73 1.59 10.63
CA GLY F 287 38.79 1.99 9.73
C GLY F 287 38.36 2.46 8.36
N LYS F 288 37.08 2.74 8.16
CA LYS F 288 36.63 3.22 6.85
C LYS F 288 37.03 4.67 6.64
N ALA F 289 36.89 5.49 7.67
CA ALA F 289 37.04 6.93 7.55
C ALA F 289 37.84 7.46 8.72
N GLU F 290 38.55 8.57 8.48
CA GLU F 290 39.26 9.29 9.52
C GLU F 290 38.68 10.69 9.68
N ILE F 291 38.59 11.13 10.93
CA ILE F 291 38.04 12.44 11.28
C ILE F 291 39.16 13.45 11.33
N ILE F 292 38.97 14.59 10.65
CA ILE F 292 39.98 15.64 10.57
C ILE F 292 39.43 16.87 11.28
N PRO F 293 39.56 16.95 12.61
CA PRO F 293 39.02 18.12 13.32
C PRO F 293 39.73 19.40 12.91
N GLY F 294 38.96 20.48 12.84
CA GLY F 294 39.49 21.76 12.44
C GLY F 294 39.24 22.87 13.46
N VAL F 295 39.08 24.09 12.97
CA VAL F 295 38.90 25.26 13.82
C VAL F 295 37.69 26.04 13.34
N LEU F 296 36.91 26.56 14.27
CA LEU F 296 35.92 27.59 13.99
C LEU F 296 36.42 28.90 14.60
N PHE F 297 36.52 29.93 13.78
CA PHE F 297 36.97 31.25 14.22
C PHE F 297 35.79 32.20 14.13
N ILE F 298 35.28 32.64 15.27
CA ILE F 298 34.22 33.62 15.35
C ILE F 298 34.86 34.97 15.65
N ASP F 299 34.94 35.83 14.64
CA ASP F 299 35.41 37.19 14.84
C ASP F 299 34.29 38.04 15.42
N GLU F 300 34.67 38.91 16.37
CA GLU F 300 33.72 39.80 17.05
C GLU F 300 32.62 38.98 17.72
N VAL F 301 33.05 38.10 18.63
CA VAL F 301 32.14 37.21 19.33
C VAL F 301 31.19 37.95 20.27
N HIS F 302 31.48 39.21 20.57
CA HIS F 302 30.63 40.01 21.44
C HIS F 302 29.26 40.30 20.85
N MET F 303 29.05 40.01 19.57
CA MET F 303 27.73 40.17 18.97
C MET F 303 26.78 39.02 19.29
N LEU F 304 27.30 37.92 19.81
CA LEU F 304 26.46 36.82 20.25
C LEU F 304 25.67 37.25 21.49
N ASP F 305 24.44 36.73 21.60
CA ASP F 305 23.63 37.02 22.77
C ASP F 305 23.80 35.92 23.82
N ILE F 306 23.08 36.09 24.94
CA ILE F 306 23.20 35.15 26.06
C ILE F 306 22.79 33.74 25.64
N GLU F 307 21.77 33.63 24.80
CA GLU F 307 21.34 32.31 24.34
C GLU F 307 22.43 31.62 23.52
N SER F 308 23.08 32.37 22.64
CA SER F 308 24.18 31.79 21.85
C SER F 308 25.34 31.37 22.74
N PHE F 309 25.70 32.20 23.72
CA PHE F 309 26.77 31.84 24.63
C PHE F 309 26.41 30.60 25.46
N SER F 310 25.15 30.51 25.88
CA SER F 310 24.69 29.33 26.60
C SER F 310 24.76 28.08 25.74
N PHE F 311 24.47 28.21 24.44
CA PHE F 311 24.63 27.07 23.55
C PHE F 311 26.10 26.70 23.38
N LEU F 312 26.96 27.71 23.24
CA LEU F 312 28.39 27.46 23.12
C LEU F 312 28.92 26.71 24.32
N ASN F 313 28.42 27.05 25.51
CA ASN F 313 28.87 26.39 26.74
C ASN F 313 28.77 24.88 26.66
N ARG F 314 27.64 24.37 26.18
CA ARG F 314 27.41 22.94 26.14
C ARG F 314 27.77 22.28 24.81
N ALA F 315 27.81 23.04 23.72
CA ALA F 315 28.17 22.45 22.44
C ALA F 315 29.64 22.08 22.38
N LEU F 316 30.48 22.69 23.20
CA LEU F 316 31.90 22.36 23.27
C LEU F 316 32.17 21.07 24.03
N GLU F 317 31.16 20.49 24.69
CA GLU F 317 31.33 19.28 25.47
C GLU F 317 31.17 18.01 24.65
N SER F 318 30.94 18.13 23.35
CA SER F 318 30.81 16.98 22.47
C SER F 318 32.18 16.57 21.94
N ASP F 319 32.33 15.29 21.64
CA ASP F 319 33.57 14.79 21.07
C ASP F 319 33.71 15.13 19.60
N MET F 320 32.67 15.65 18.96
CA MET F 320 32.72 16.11 17.59
C MET F 320 32.94 17.61 17.47
N ALA F 321 33.14 18.29 18.58
CA ALA F 321 33.33 19.73 18.55
C ALA F 321 34.75 20.07 18.09
N PRO F 322 34.91 21.13 17.30
CA PRO F 322 36.26 21.56 16.91
C PRO F 322 36.88 22.50 17.93
N VAL F 323 38.07 23.00 17.63
CA VAL F 323 38.67 24.06 18.42
C VAL F 323 38.01 25.39 18.06
N LEU F 324 37.56 26.12 19.07
CA LEU F 324 36.89 27.40 18.89
C LEU F 324 37.82 28.53 19.27
N ILE F 325 38.01 29.48 18.35
CA ILE F 325 38.85 30.65 18.58
C ILE F 325 38.00 31.90 18.40
N MET F 326 38.01 32.75 19.41
CA MET F 326 37.23 33.98 19.42
C MET F 326 38.15 35.18 19.49
N ALA F 327 37.70 36.29 18.92
CA ALA F 327 38.41 37.57 19.00
C ALA F 327 37.43 38.64 19.44
N THR F 328 37.85 39.45 20.42
CA THR F 328 37.02 40.56 20.87
C THR F 328 37.91 41.69 21.38
N ASN F 329 37.48 42.92 21.16
CA ASN F 329 38.17 44.10 21.64
C ASN F 329 37.37 44.86 22.68
N ARG F 330 36.47 44.17 23.38
CA ARG F 330 35.60 44.79 24.36
C ARG F 330 36.21 44.66 25.76
N GLY F 331 35.95 45.67 26.58
CA GLY F 331 36.31 45.60 27.99
C GLY F 331 35.19 44.99 28.81
N ILE F 332 34.88 45.59 29.95
CA ILE F 332 33.72 45.17 30.74
C ILE F 332 32.49 45.80 30.08
N THR F 333 31.69 44.98 29.42
CA THR F 333 30.65 45.47 28.53
C THR F 333 29.37 44.68 28.78
N ARG F 334 28.24 45.31 28.46
CA ARG F 334 26.95 44.65 28.59
C ARG F 334 26.85 43.47 27.62
N ILE F 335 26.40 42.33 28.13
CA ILE F 335 26.17 41.18 27.27
C ILE F 335 24.92 41.42 26.44
N ARG F 336 25.00 41.14 25.14
CA ARG F 336 23.86 41.37 24.27
C ARG F 336 22.70 40.48 24.69
N GLY F 337 21.49 41.06 24.66
CA GLY F 337 20.30 40.37 25.08
C GLY F 337 20.04 40.41 26.58
N THR F 338 20.94 41.01 27.36
CA THR F 338 20.78 41.10 28.80
C THR F 338 21.13 42.52 29.24
N SER F 339 21.10 42.73 30.56
CA SER F 339 21.52 43.99 31.17
C SER F 339 22.71 43.76 32.11
N TYR F 340 23.52 42.75 31.83
CA TYR F 340 24.60 42.32 32.71
C TYR F 340 25.93 42.75 32.13
N GLN F 341 26.75 43.38 32.96
CA GLN F 341 28.11 43.76 32.56
C GLN F 341 29.06 42.60 32.86
N SER F 342 29.83 42.21 31.84
CA SER F 342 30.77 41.10 31.96
C SER F 342 32.04 41.45 31.21
N PRO F 343 33.17 40.85 31.59
CA PRO F 343 34.40 41.02 30.79
C PRO F 343 34.22 40.53 29.37
N HIS F 344 34.75 41.30 28.42
CA HIS F 344 34.76 41.00 27.00
C HIS F 344 33.37 40.84 26.40
N GLY F 345 32.33 41.24 27.13
CA GLY F 345 30.98 40.99 26.67
C GLY F 345 30.57 39.54 26.69
N ILE F 346 31.31 38.70 27.42
CA ILE F 346 31.08 37.26 27.41
C ILE F 346 30.71 36.83 28.82
N PRO F 347 29.72 35.96 28.99
CA PRO F 347 29.34 35.52 30.34
C PRO F 347 30.49 34.78 31.03
N ILE F 348 30.51 34.89 32.36
CA ILE F 348 31.60 34.33 33.12
C ILE F 348 31.62 32.81 33.04
N ASP F 349 30.47 32.18 32.79
CA ASP F 349 30.43 30.73 32.66
C ASP F 349 31.21 30.27 31.44
N LEU F 350 31.11 31.02 30.34
CA LEU F 350 31.89 30.70 29.15
C LEU F 350 33.35 31.10 29.28
N LEU F 351 33.64 32.18 29.99
CA LEU F 351 35.02 32.61 30.16
C LEU F 351 35.84 31.61 30.98
N ASP F 352 35.19 30.78 31.79
CA ASP F 352 35.89 29.77 32.56
C ASP F 352 36.31 28.58 31.70
N ARG F 353 35.62 28.35 30.59
CA ARG F 353 35.89 27.23 29.69
C ARG F 353 36.95 27.55 28.65
N LEU F 354 37.61 28.70 28.73
CA LEU F 354 38.52 29.09 27.67
C LEU F 354 39.76 29.79 28.21
N LEU F 355 40.86 29.64 27.47
CA LEU F 355 42.11 30.33 27.75
C LEU F 355 42.16 31.61 26.94
N ILE F 356 42.65 32.69 27.56
CA ILE F 356 42.63 34.02 26.98
C ILE F 356 44.04 34.42 26.59
N VAL F 357 44.20 34.90 25.36
CA VAL F 357 45.48 35.32 24.81
C VAL F 357 45.41 36.83 24.59
N SER F 358 46.17 37.58 25.37
CA SER F 358 46.17 39.04 25.28
C SER F 358 47.20 39.53 24.27
N THR F 359 46.82 40.57 23.53
CA THR F 359 47.69 41.21 22.55
C THR F 359 48.05 42.60 23.05
N THR F 360 49.35 42.85 23.23
CA THR F 360 49.84 44.14 23.69
C THR F 360 49.99 45.11 22.52
N PRO F 361 49.93 46.41 22.78
CA PRO F 361 50.09 47.39 21.69
C PRO F 361 51.49 47.33 21.10
N TYR F 362 51.58 47.80 19.86
CA TYR F 362 52.85 47.81 19.14
C TYR F 362 53.68 49.03 19.52
N SER F 363 55.00 48.85 19.47
CA SER F 363 55.94 49.93 19.72
C SER F 363 56.22 50.68 18.43
N GLU F 364 57.22 51.56 18.44
CA GLU F 364 57.59 52.30 17.23
C GLU F 364 58.27 51.40 16.21
N LYS F 365 59.21 50.57 16.65
CA LYS F 365 59.94 49.73 15.71
C LYS F 365 59.04 48.64 15.14
N ASP F 366 58.14 48.09 15.95
CA ASP F 366 57.18 47.12 15.43
C ASP F 366 56.27 47.77 14.41
N THR F 367 55.84 49.01 14.66
CA THR F 367 55.00 49.72 13.70
C THR F 367 55.75 49.95 12.39
N LYS F 368 57.02 50.36 12.48
CA LYS F 368 57.80 50.58 11.27
C LYS F 368 57.99 49.29 10.49
N GLN F 369 58.23 48.18 11.19
CA GLN F 369 58.40 46.90 10.50
C GLN F 369 57.10 46.44 9.85
N ILE F 370 55.97 46.67 10.51
CA ILE F 370 54.69 46.34 9.92
C ILE F 370 54.46 47.18 8.67
N LEU F 371 54.81 48.47 8.72
CA LEU F 371 54.68 49.32 7.55
C LEU F 371 55.58 48.84 6.41
N ARG F 372 56.81 48.41 6.75
CA ARG F 372 57.71 47.91 5.72
C ARG F 372 57.14 46.65 5.06
N ILE F 373 56.61 45.73 5.86
CA ILE F 373 56.03 44.51 5.29
C ILE F 373 54.82 44.85 4.43
N ARG F 374 54.01 45.81 4.85
CA ARG F 374 52.87 46.22 4.05
C ARG F 374 53.31 46.83 2.73
N CYS F 375 54.36 47.67 2.76
CA CYS F 375 54.87 48.26 1.53
C CYS F 375 55.43 47.19 0.60
N GLU F 376 56.11 46.20 1.15
CA GLU F 376 56.62 45.10 0.34
C GLU F 376 55.48 44.30 -0.29
N GLU F 377 54.40 44.08 0.46
CA GLU F 377 53.26 43.37 -0.09
C GLU F 377 52.56 44.17 -1.17
N GLU F 378 52.48 45.49 -1.01
CA GLU F 378 51.84 46.36 -1.98
C GLU F 378 52.77 46.79 -3.12
N ASP F 379 54.02 46.32 -3.11
CA ASP F 379 55.02 46.70 -4.11
C ASP F 379 55.18 48.22 -4.19
N VAL F 380 55.28 48.86 -3.03
CA VAL F 380 55.42 50.30 -2.91
C VAL F 380 56.82 50.59 -2.38
N GLU F 381 57.55 51.47 -3.07
CA GLU F 381 58.87 51.86 -2.64
C GLU F 381 58.79 53.20 -1.91
N MET F 382 59.38 53.24 -0.71
CA MET F 382 59.25 54.39 0.18
C MET F 382 60.62 54.78 0.73
N SER F 383 60.82 56.08 0.96
CA SER F 383 62.07 56.55 1.51
C SER F 383 62.10 56.40 3.02
N GLU F 384 63.30 56.49 3.58
CA GLU F 384 63.47 56.35 5.03
C GLU F 384 62.78 57.48 5.78
N ASP F 385 62.89 58.72 5.28
CA ASP F 385 62.19 59.83 5.91
C ASP F 385 60.69 59.64 5.84
N ALA F 386 60.19 59.14 4.72
CA ALA F 386 58.78 58.85 4.59
C ALA F 386 58.36 57.75 5.56
N TYR F 387 59.22 56.75 5.75
CA TYR F 387 58.92 55.71 6.73
C TYR F 387 58.83 56.28 8.14
N THR F 388 59.75 57.20 8.48
CA THR F 388 59.72 57.81 9.80
C THR F 388 58.43 58.61 10.00
N VAL F 389 58.07 59.42 9.01
CA VAL F 389 56.85 60.23 9.11
C VAL F 389 55.62 59.33 9.20
N LEU F 390 55.59 58.27 8.41
CA LEU F 390 54.44 57.36 8.42
C LEU F 390 54.34 56.62 9.74
N THR F 391 55.47 56.23 10.32
CA THR F 391 55.44 55.57 11.62
C THR F 391 54.95 56.53 12.70
N ARG F 392 55.38 57.80 12.63
CA ARG F 392 54.88 58.79 13.57
C ARG F 392 53.37 58.98 13.43
N ILE F 393 52.88 59.04 12.19
CA ILE F 393 51.44 59.18 11.96
C ILE F 393 50.69 57.95 12.46
N GLY F 394 51.26 56.77 12.27
CA GLY F 394 50.61 55.55 12.74
C GLY F 394 50.55 55.47 14.25
N LEU F 395 51.62 55.92 14.92
CA LEU F 395 51.59 55.97 16.37
C LEU F 395 50.59 57.01 16.86
N GLU F 396 50.53 58.16 16.19
CA GLU F 396 49.60 59.21 16.62
C GLU F 396 48.15 58.85 16.30
N THR F 397 47.90 58.36 15.09
CA THR F 397 46.52 58.08 14.68
C THR F 397 46.12 56.64 14.93
N SER F 398 46.68 55.72 14.14
CA SER F 398 46.41 54.29 14.23
C SER F 398 47.24 53.59 13.16
N LEU F 399 47.39 52.28 13.32
CA LEU F 399 48.16 51.50 12.35
C LEU F 399 47.43 51.40 11.02
N ARG F 400 46.11 51.22 11.07
CA ARG F 400 45.33 51.06 9.84
C ARG F 400 45.34 52.34 9.00
N TYR F 401 45.33 53.50 9.65
CA TYR F 401 45.37 54.74 8.90
C TYR F 401 46.69 54.86 8.13
N ALA F 402 47.80 54.55 8.78
CA ALA F 402 49.09 54.57 8.10
C ALA F 402 49.13 53.55 6.97
N ILE F 403 48.58 52.35 7.19
CA ILE F 403 48.53 51.35 6.13
C ILE F 403 47.77 51.87 4.93
N GLN F 404 46.64 52.54 5.15
CA GLN F 404 45.89 53.10 4.03
C GLN F 404 46.67 54.21 3.34
N LEU F 405 47.38 55.03 4.12
CA LEU F 405 48.18 56.09 3.54
C LEU F 405 49.30 55.53 2.68
N ILE F 406 49.74 54.30 2.93
CA ILE F 406 50.80 53.71 2.12
C ILE F 406 50.40 53.74 0.65
N THR F 407 49.29 53.09 0.31
CA THR F 407 48.85 53.05 -1.08
C THR F 407 48.33 54.40 -1.54
N ALA F 408 47.77 55.22 -0.62
CA ALA F 408 47.35 56.55 -1.06
C ALA F 408 48.54 57.36 -1.56
N ALA F 409 49.64 57.33 -0.81
CA ALA F 409 50.84 58.05 -1.22
C ALA F 409 51.50 57.41 -2.42
N SER F 410 51.40 56.08 -2.55
CA SER F 410 51.88 55.44 -3.77
C SER F 410 51.15 55.96 -5.00
N LEU F 411 49.83 56.08 -4.92
CA LEU F 411 49.07 56.61 -6.05
C LEU F 411 49.40 58.07 -6.32
N VAL F 412 49.54 58.87 -5.26
CA VAL F 412 49.91 60.28 -5.44
C VAL F 412 51.29 60.41 -6.08
N CYS F 413 52.25 59.57 -5.66
CA CYS F 413 53.57 59.60 -6.26
C CYS F 413 53.53 59.18 -7.72
N ARG F 414 52.75 58.14 -8.04
CA ARG F 414 52.67 57.69 -9.42
C ARG F 414 51.99 58.74 -10.30
N LYS F 415 51.10 59.54 -9.73
CA LYS F 415 50.44 60.58 -10.52
C LYS F 415 51.44 61.62 -11.01
N ARG F 416 52.38 62.01 -10.15
CA ARG F 416 53.38 63.00 -10.51
C ARG F 416 54.60 62.39 -11.17
N LYS F 417 54.46 61.19 -11.76
CA LYS F 417 55.53 60.53 -12.50
C LYS F 417 56.77 60.35 -11.64
N GLY F 418 56.58 59.81 -10.43
CA GLY F 418 57.66 59.51 -9.54
C GLY F 418 57.88 58.01 -9.39
N THR F 419 58.90 57.67 -8.61
CA THR F 419 59.26 56.28 -8.37
C THR F 419 59.34 55.89 -6.90
N GLU F 420 59.56 56.84 -5.99
CA GLU F 420 59.71 56.55 -4.58
C GLU F 420 58.82 57.49 -3.77
N VAL F 421 58.11 56.93 -2.80
CA VAL F 421 57.18 57.72 -2.00
C VAL F 421 57.97 58.59 -1.04
N GLN F 422 57.78 59.91 -1.14
CA GLN F 422 58.52 60.88 -0.35
C GLN F 422 57.63 61.40 0.78
N VAL F 423 58.21 62.26 1.62
CA VAL F 423 57.46 62.87 2.71
C VAL F 423 56.35 63.79 2.18
N ASP F 424 56.59 64.42 1.03
CA ASP F 424 55.57 65.30 0.45
C ASP F 424 54.32 64.54 0.07
N ASP F 425 54.48 63.33 -0.48
CA ASP F 425 53.32 62.52 -0.84
C ASP F 425 52.54 62.11 0.42
N ILE F 426 53.25 61.75 1.49
CA ILE F 426 52.58 61.36 2.72
C ILE F 426 51.82 62.55 3.30
N LYS F 427 52.43 63.75 3.26
CA LYS F 427 51.73 64.94 3.74
C LYS F 427 50.51 65.24 2.88
N ARG F 428 50.63 65.04 1.56
CA ARG F 428 49.51 65.28 0.66
C ARG F 428 48.34 64.35 0.95
N VAL F 429 48.61 63.06 1.17
CA VAL F 429 47.53 62.14 1.46
C VAL F 429 47.00 62.35 2.88
N TYR F 430 47.85 62.80 3.80
CA TYR F 430 47.40 63.14 5.14
C TYR F 430 46.43 64.32 5.10
N SER F 431 46.67 65.27 4.20
CA SER F 431 45.76 66.39 4.02
C SER F 431 44.48 65.98 3.31
N LEU F 432 44.60 65.12 2.30
CA LEU F 432 43.42 64.71 1.52
C LEU F 432 42.51 63.79 2.32
N PHE F 433 43.07 62.82 3.02
CA PHE F 433 42.30 61.85 3.78
C PHE F 433 42.50 62.07 5.27
N LEU F 434 41.39 62.10 6.00
CA LEU F 434 41.39 62.38 7.43
C LEU F 434 41.20 61.11 8.26
N ASP F 435 41.73 61.14 9.47
CA ASP F 435 41.54 60.08 10.44
C ASP F 435 40.26 60.34 11.23
N GLU F 436 40.00 59.48 12.22
CA GLU F 436 38.80 59.67 13.05
C GLU F 436 38.92 60.93 13.91
N SER F 437 40.12 61.22 14.42
CA SER F 437 40.28 62.33 15.35
C SER F 437 40.05 63.67 14.67
N ARG F 438 40.70 63.90 13.54
CA ARG F 438 40.55 65.17 12.84
C ARG F 438 39.16 65.32 12.25
N SER F 439 38.55 64.23 11.79
CA SER F 439 37.18 64.29 11.32
C SER F 439 36.23 64.66 12.44
N THR F 440 36.42 64.08 13.63
CA THR F 440 35.58 64.43 14.77
C THR F 440 35.79 65.88 15.19
N GLN F 441 37.03 66.36 15.14
CA GLN F 441 37.29 67.77 15.44
C GLN F 441 36.55 68.69 14.46
N TYR F 442 36.67 68.40 13.16
CA TYR F 442 36.01 69.25 12.17
C TYR F 442 34.49 69.15 12.28
N MET F 443 33.98 68.00 12.72
CA MET F 443 32.54 67.87 12.93
C MET F 443 32.08 68.63 14.17
N LYS F 444 32.90 68.67 15.20
CA LYS F 444 32.61 69.52 16.36
C LYS F 444 32.61 70.99 15.97
N GLU F 445 33.49 71.37 15.05
CA GLU F 445 33.55 72.76 14.61
C GLU F 445 32.26 73.18 13.91
N TYR F 446 31.55 72.23 13.30
CA TYR F 446 30.31 72.48 12.58
C TYR F 446 29.20 71.60 13.11
N GLN F 447 29.13 71.46 14.44
CA GLN F 447 28.23 70.51 15.07
C GLN F 447 26.77 70.75 14.67
N ASP F 448 26.37 72.01 14.51
CA ASP F 448 25.00 72.30 14.13
C ASP F 448 24.68 71.87 12.70
N ALA F 449 25.67 71.89 11.81
CA ALA F 449 25.43 71.53 10.42
C ALA F 449 25.09 70.04 10.29
N PHE F 450 25.73 69.19 11.09
CA PHE F 450 25.38 67.78 11.10
C PHE F 450 24.03 67.56 11.78
N LEU F 451 23.37 66.47 11.42
CA LEU F 451 21.93 66.37 11.66
C LEU F 451 21.59 66.10 13.12
N PHE F 452 21.95 64.92 13.63
CA PHE F 452 21.59 64.53 14.99
C PHE F 452 22.84 64.39 15.83
N ASN F 453 22.83 65.00 17.01
CA ASN F 453 23.95 64.94 17.93
C ASN F 453 23.54 64.31 19.26
N THR G 12 16.39 58.24 -19.09
CA THR G 12 17.54 58.96 -19.64
C THR G 12 17.14 60.37 -20.06
N GLN G 13 15.99 60.49 -20.72
CA GLN G 13 15.53 61.80 -21.17
C GLN G 13 15.03 62.65 -20.01
N ARG G 14 14.50 62.01 -18.96
CA ARG G 14 14.07 62.75 -17.78
C ARG G 14 15.28 63.20 -16.96
N ILE G 15 15.15 64.37 -16.34
CA ILE G 15 16.25 65.02 -15.65
C ILE G 15 16.11 64.73 -14.16
N ALA G 16 17.10 64.03 -13.61
CA ALA G 16 17.11 63.67 -12.20
C ALA G 16 17.97 64.66 -11.41
N SER G 17 18.19 64.36 -10.13
CA SER G 17 18.84 65.33 -9.27
C SER G 17 20.33 65.45 -9.56
N HIS G 18 20.96 64.39 -10.05
CA HIS G 18 22.38 64.40 -10.39
C HIS G 18 22.59 64.23 -11.89
N SER G 19 21.71 64.82 -12.70
CA SER G 19 21.83 64.67 -14.14
C SER G 19 22.95 65.52 -14.73
N HIS G 20 23.44 66.52 -13.98
CA HIS G 20 24.48 67.41 -14.46
C HIS G 20 25.87 66.93 -14.11
N VAL G 21 26.01 65.88 -13.31
CA VAL G 21 27.31 65.39 -12.87
C VAL G 21 27.86 64.46 -13.94
N LYS G 22 28.86 64.93 -14.67
CA LYS G 22 29.49 64.13 -15.71
C LYS G 22 30.87 63.63 -15.31
N GLY G 23 31.24 63.78 -14.05
CA GLY G 23 32.52 63.32 -13.56
C GLY G 23 33.12 64.35 -12.62
N LEU G 24 34.37 64.08 -12.22
CA LEU G 24 35.13 65.01 -11.40
C LEU G 24 35.93 65.94 -12.31
N GLY G 25 35.77 67.25 -12.11
CA GLY G 25 36.48 68.21 -12.92
C GLY G 25 37.94 68.32 -12.53
N LEU G 26 38.71 67.27 -12.76
CA LEU G 26 40.10 67.22 -12.35
C LEU G 26 41.02 67.48 -13.53
N ASP G 27 42.07 68.27 -13.29
CA ASP G 27 43.13 68.43 -14.27
C ASP G 27 43.92 67.13 -14.40
N GLU G 28 44.75 67.06 -15.44
CA GLU G 28 45.57 65.88 -15.65
C GLU G 28 46.52 65.62 -14.49
N SER G 29 46.81 66.65 -13.69
CA SER G 29 47.70 66.52 -12.55
C SER G 29 46.95 66.18 -11.27
N GLY G 30 45.63 66.04 -11.33
CA GLY G 30 44.83 65.69 -10.18
C GLY G 30 44.24 66.87 -9.42
N LEU G 31 44.72 68.08 -9.66
CA LEU G 31 44.15 69.26 -9.05
C LEU G 31 42.73 69.49 -9.58
N ALA G 32 41.84 69.95 -8.69
CA ALA G 32 40.43 70.09 -9.02
C ALA G 32 40.16 71.50 -9.53
N LYS G 33 39.58 71.58 -10.72
CA LYS G 33 39.16 72.87 -11.28
C LYS G 33 37.96 73.41 -10.52
N GLN G 34 37.83 74.74 -10.49
CA GLN G 34 36.78 75.36 -9.68
C GLN G 34 35.40 74.93 -10.14
N ALA G 35 35.18 74.88 -11.46
CA ALA G 35 33.90 74.44 -12.01
C ALA G 35 34.18 73.66 -13.30
N ALA G 36 33.95 72.35 -13.26
CA ALA G 36 34.12 71.53 -14.44
C ALA G 36 33.32 70.24 -14.27
N SER G 37 32.87 69.70 -15.40
CA SER G 37 32.15 68.43 -15.46
C SER G 37 30.88 68.44 -14.62
N GLY G 38 30.28 69.61 -14.44
CA GLY G 38 29.07 69.75 -13.67
C GLY G 38 29.27 69.92 -12.18
N LEU G 39 30.50 69.90 -11.70
CA LEU G 39 30.79 70.02 -10.27
C LEU G 39 31.39 71.39 -9.98
N VAL G 40 30.98 71.97 -8.85
CA VAL G 40 31.44 73.29 -8.45
C VAL G 40 31.99 73.19 -7.03
N GLY G 41 33.19 73.74 -6.81
CA GLY G 41 33.78 73.72 -5.49
C GLY G 41 34.17 72.32 -5.07
N GLN G 42 34.18 72.10 -3.75
CA GLN G 42 34.57 70.81 -3.16
C GLN G 42 35.91 70.31 -3.71
N GLU G 43 36.86 71.23 -3.86
CA GLU G 43 38.10 70.90 -4.56
C GLU G 43 38.88 69.80 -3.84
N ASN G 44 38.98 69.89 -2.52
CA ASN G 44 39.74 68.88 -1.78
C ASN G 44 39.07 67.52 -1.84
N ALA G 45 37.75 67.50 -1.66
CA ALA G 45 37.00 66.24 -1.76
C ALA G 45 37.10 65.66 -3.15
N ARG G 46 37.05 66.52 -4.18
CA ARG G 46 37.17 66.02 -5.55
C ARG G 46 38.54 65.45 -5.81
N GLU G 47 39.59 66.08 -5.28
CA GLU G 47 40.94 65.53 -5.44
C GLU G 47 41.07 64.18 -4.76
N ALA G 48 40.55 64.06 -3.54
CA ALA G 48 40.58 62.78 -2.84
C ALA G 48 39.80 61.72 -3.60
N CYS G 49 38.64 62.09 -4.16
CA CYS G 49 37.87 61.14 -4.95
C CYS G 49 38.61 60.75 -6.23
N GLY G 50 39.39 61.66 -6.79
CA GLY G 50 40.23 61.28 -7.93
C GLY G 50 41.31 60.28 -7.56
N VAL G 51 41.90 60.45 -6.37
CA VAL G 51 42.88 59.48 -5.89
C VAL G 51 42.20 58.12 -5.69
N ILE G 52 40.98 58.14 -5.17
CA ILE G 52 40.22 56.90 -5.00
C ILE G 52 39.90 56.28 -6.35
N VAL G 53 39.62 57.10 -7.36
CA VAL G 53 39.38 56.58 -8.71
C VAL G 53 40.62 55.89 -9.25
N GLU G 54 41.79 56.49 -9.04
CA GLU G 54 43.03 55.85 -9.45
C GLU G 54 43.21 54.53 -8.70
N LEU G 55 42.85 54.50 -7.42
CA LEU G 55 42.93 53.26 -6.65
C LEU G 55 42.04 52.18 -7.24
N ILE G 56 40.82 52.55 -7.63
CA ILE G 56 39.90 51.58 -8.23
C ILE G 56 40.44 51.08 -9.55
N LYS G 57 40.98 51.99 -10.37
CA LYS G 57 41.49 51.58 -11.68
C LYS G 57 42.74 50.72 -11.58
N SER G 58 43.51 50.87 -10.49
CA SER G 58 44.72 50.07 -10.36
C SER G 58 44.41 48.59 -10.21
N LYS G 59 43.24 48.25 -9.67
CA LYS G 59 42.72 46.89 -9.59
C LYS G 59 43.56 45.97 -8.71
N LYS G 60 44.46 46.52 -7.91
CA LYS G 60 45.36 45.71 -7.09
C LYS G 60 45.03 45.75 -5.60
N MET G 61 43.94 46.40 -5.21
CA MET G 61 43.56 46.51 -3.82
C MET G 61 42.16 45.97 -3.61
N ALA G 62 41.93 45.35 -2.46
CA ALA G 62 40.65 44.75 -2.12
C ALA G 62 40.21 45.17 -0.72
N GLY G 63 38.91 45.41 -0.57
CA GLY G 63 38.34 45.70 0.72
C GLY G 63 38.59 47.08 1.27
N ARG G 64 39.11 47.99 0.45
CA ARG G 64 39.40 49.34 0.91
C ARG G 64 38.10 50.15 1.00
N ALA G 65 37.93 50.88 2.09
CA ALA G 65 36.72 51.63 2.34
C ALA G 65 37.00 53.12 2.46
N VAL G 66 36.07 53.92 1.94
CA VAL G 66 36.15 55.37 1.96
C VAL G 66 34.83 55.89 2.53
N LEU G 67 34.90 56.80 3.49
CA LEU G 67 33.72 57.42 4.07
C LEU G 67 33.64 58.89 3.66
N LEU G 68 32.55 59.26 3.01
CA LEU G 68 32.26 60.65 2.68
C LEU G 68 31.44 61.25 3.81
N ALA G 69 32.04 62.17 4.56
CA ALA G 69 31.44 62.75 5.75
C ALA G 69 31.25 64.24 5.56
N GLY G 70 30.04 64.73 5.84
CA GLY G 70 29.74 66.13 5.75
C GLY G 70 28.27 66.43 5.93
N PRO G 71 27.94 67.71 6.10
CA PRO G 71 26.55 68.12 6.27
C PRO G 71 25.70 67.69 5.08
N PRO G 72 24.38 67.63 5.23
CA PRO G 72 23.54 67.26 4.10
C PRO G 72 23.61 68.30 2.99
N GLY G 73 23.44 67.83 1.75
CA GLY G 73 23.54 68.71 0.60
C GLY G 73 24.92 69.26 0.33
N THR G 74 25.95 68.44 0.50
CA THR G 74 27.33 68.88 0.30
C THR G 74 28.04 68.09 -0.79
N GLY G 75 27.30 67.33 -1.59
CA GLY G 75 27.88 66.63 -2.73
C GLY G 75 28.40 65.23 -2.47
N LYS G 76 28.01 64.59 -1.37
CA LYS G 76 28.51 63.24 -1.11
C LYS G 76 28.01 62.26 -2.17
N THR G 77 26.70 62.25 -2.41
CA THR G 77 26.15 61.41 -3.47
C THR G 77 26.61 61.90 -4.83
N ALA G 78 26.71 63.21 -4.99
CA ALA G 78 27.20 63.77 -6.24
C ALA G 78 28.65 63.33 -6.49
N LEU G 79 29.47 63.33 -5.44
CA LEU G 79 30.84 62.88 -5.58
C LEU G 79 30.92 61.39 -5.91
N ALA G 80 30.08 60.58 -5.27
CA ALA G 80 30.08 59.15 -5.60
C ALA G 80 29.66 58.91 -7.03
N LEU G 81 28.64 59.62 -7.51
CA LEU G 81 28.22 59.47 -8.89
C LEU G 81 29.26 60.01 -9.86
N ALA G 82 30.00 61.04 -9.47
CA ALA G 82 31.12 61.49 -10.29
C ALA G 82 32.21 60.44 -10.38
N ILE G 83 32.47 59.73 -9.27
CA ILE G 83 33.41 58.62 -9.30
C ILE G 83 32.91 57.55 -10.27
N ALA G 84 31.62 57.23 -10.21
CA ALA G 84 31.06 56.23 -11.12
C ALA G 84 31.20 56.67 -12.57
N GLN G 85 30.97 57.96 -12.84
CA GLN G 85 31.14 58.49 -14.20
C GLN G 85 32.60 58.39 -14.65
N GLU G 86 33.54 58.68 -13.75
CA GLU G 86 34.94 58.58 -14.09
C GLU G 86 35.33 57.14 -14.43
N LEU G 87 34.82 56.18 -13.66
CA LEU G 87 35.15 54.79 -13.94
C LEU G 87 34.58 54.34 -15.27
N GLY G 88 33.34 54.69 -15.55
CA GLY G 88 32.67 54.26 -16.77
C GLY G 88 31.75 53.07 -16.53
N SER G 89 31.03 52.70 -17.59
CA SER G 89 30.07 51.61 -17.49
C SER G 89 30.76 50.25 -17.43
N LYS G 90 32.01 50.15 -17.88
CA LYS G 90 32.74 48.89 -17.78
C LYS G 90 32.94 48.48 -16.32
N VAL G 91 33.27 49.42 -15.46
CA VAL G 91 33.50 49.11 -14.05
C VAL G 91 32.16 48.99 -13.34
N PRO G 92 31.88 47.89 -12.65
CA PRO G 92 30.63 47.78 -11.90
C PRO G 92 30.52 48.82 -10.81
N PHE G 93 29.32 49.36 -10.64
CA PHE G 93 29.02 50.34 -9.59
C PHE G 93 27.66 50.01 -9.02
N CYS G 94 27.64 49.52 -7.78
CA CYS G 94 26.43 49.01 -7.14
C CYS G 94 25.96 49.99 -6.08
N PRO G 95 25.02 50.88 -6.38
CA PRO G 95 24.49 51.76 -5.34
C PRO G 95 23.62 51.01 -4.36
N MET G 96 23.56 51.53 -3.14
CA MET G 96 22.84 50.86 -2.06
C MET G 96 22.62 51.83 -0.92
N VAL G 97 21.43 51.80 -0.34
CA VAL G 97 21.12 52.55 0.87
C VAL G 97 21.13 51.59 2.05
N GLY G 98 21.44 52.13 3.23
CA GLY G 98 21.56 51.30 4.40
C GLY G 98 20.27 50.63 4.82
N SER G 99 19.13 51.20 4.44
CA SER G 99 17.83 50.62 4.81
C SER G 99 17.55 49.32 4.07
N GLU G 100 18.27 49.04 2.99
CA GLU G 100 17.97 47.88 2.16
C GLU G 100 18.40 46.56 2.79
N VAL G 101 19.22 46.59 3.84
CA VAL G 101 19.64 45.34 4.45
C VAL G 101 18.51 44.66 5.22
N TYR G 102 17.44 45.39 5.52
CA TYR G 102 16.34 44.85 6.30
C TYR G 102 15.34 44.21 5.34
N SER G 103 15.50 42.91 5.12
CA SER G 103 14.70 42.15 4.17
C SER G 103 13.92 41.08 4.91
N THR G 104 12.76 40.73 4.35
CA THR G 104 11.90 39.70 4.92
C THR G 104 12.27 38.30 4.46
N GLU G 105 13.29 38.15 3.62
CA GLU G 105 13.65 36.86 3.04
C GLU G 105 15.02 36.37 3.50
N ILE G 106 16.01 37.23 3.55
CA ILE G 106 17.37 36.85 3.92
C ILE G 106 17.87 37.78 5.02
N LYS G 107 18.94 37.34 5.67
CA LYS G 107 19.52 38.11 6.76
C LYS G 107 20.33 39.28 6.21
N LYS G 108 20.62 40.23 7.11
CA LYS G 108 21.30 41.46 6.70
C LYS G 108 22.69 41.18 6.15
N THR G 109 23.41 40.27 6.80
CA THR G 109 24.75 39.93 6.33
C THR G 109 24.70 39.33 4.94
N GLU G 110 23.65 38.58 4.60
CA GLU G 110 23.53 38.04 3.27
C GLU G 110 23.31 39.15 2.24
N VAL G 111 22.48 40.14 2.57
CA VAL G 111 22.29 41.28 1.68
C VAL G 111 23.61 42.01 1.45
N LEU G 112 24.37 42.24 2.52
CA LEU G 112 25.65 42.93 2.38
C LEU G 112 26.61 42.11 1.53
N MET G 113 26.68 40.80 1.77
CA MET G 113 27.57 39.95 0.98
C MET G 113 27.16 39.94 -0.49
N GLU G 114 25.86 39.88 -0.76
CA GLU G 114 25.39 39.90 -2.13
C GLU G 114 25.75 41.20 -2.83
N ASN G 115 25.62 42.33 -2.14
CA ASN G 115 26.02 43.60 -2.76
C ASN G 115 27.53 43.66 -2.97
N PHE G 116 28.30 43.03 -2.07
CA PHE G 116 29.74 42.94 -2.25
C PHE G 116 30.05 42.15 -3.51
N ARG G 117 29.36 41.03 -3.72
CA ARG G 117 29.64 40.25 -4.91
C ARG G 117 29.10 40.94 -6.17
N ARG G 118 28.07 41.76 -6.01
CA ARG G 118 27.58 42.55 -7.14
C ARG G 118 28.60 43.55 -7.61
N ALA G 119 29.46 44.03 -6.70
CA ALA G 119 30.41 45.05 -7.10
C ALA G 119 31.62 44.49 -7.84
N ILE G 120 31.93 43.21 -7.67
CA ILE G 120 33.03 42.56 -8.38
C ILE G 120 32.53 42.01 -9.71
N GLY G 121 32.99 42.60 -10.82
CA GLY G 121 32.58 42.18 -12.14
C GLY G 121 33.59 41.30 -12.85
N LEU G 122 33.11 40.59 -13.88
CA LEU G 122 33.95 39.74 -14.71
C LEU G 122 33.59 39.95 -16.18
N ARG G 123 34.60 40.18 -17.01
CA ARG G 123 34.42 40.36 -18.44
C ARG G 123 34.96 39.14 -19.18
N ILE G 124 34.10 38.47 -19.94
CA ILE G 124 34.43 37.23 -20.64
C ILE G 124 34.50 37.51 -22.13
N LYS G 125 35.62 37.15 -22.75
CA LYS G 125 35.81 37.29 -24.19
C LYS G 125 35.96 35.91 -24.82
N GLU G 126 35.12 35.63 -25.82
CA GLU G 126 35.16 34.37 -26.53
C GLU G 126 34.90 34.61 -28.00
N THR G 127 35.39 33.70 -28.84
CA THR G 127 35.15 33.72 -30.28
C THR G 127 34.17 32.62 -30.64
N LYS G 128 33.05 33.01 -31.24
CA LYS G 128 32.03 32.06 -31.70
C LYS G 128 32.14 31.93 -33.21
N GLU G 129 32.57 30.76 -33.67
CA GLU G 129 32.72 30.47 -35.09
C GLU G 129 31.60 29.53 -35.51
N VAL G 130 30.84 29.93 -36.53
CA VAL G 130 29.69 29.16 -37.00
C VAL G 130 29.74 29.10 -38.52
N TYR G 131 29.09 28.08 -39.07
CA TYR G 131 28.90 27.95 -40.52
C TYR G 131 27.40 27.96 -40.81
N GLU G 132 26.94 29.01 -41.49
CA GLU G 132 25.54 29.15 -41.87
C GLU G 132 25.35 28.75 -43.33
N GLY G 133 24.14 28.38 -43.67
CA GLY G 133 23.79 28.20 -45.07
C GLY G 133 22.57 27.33 -45.24
N GLU G 134 22.06 27.35 -46.46
CA GLU G 134 20.99 26.45 -46.88
C GLU G 134 21.60 25.21 -47.51
N VAL G 135 21.20 24.04 -47.02
CA VAL G 135 21.84 22.80 -47.44
C VAL G 135 21.46 22.54 -48.90
N THR G 136 22.44 22.67 -49.79
CA THR G 136 22.24 22.37 -51.20
C THR G 136 22.65 20.94 -51.55
N GLU G 137 23.69 20.43 -50.91
CA GLU G 137 24.24 19.12 -51.23
C GLU G 137 24.51 18.37 -49.93
N LEU G 138 24.24 17.06 -49.94
CA LEU G 138 24.48 16.17 -48.80
C LEU G 138 24.98 14.85 -49.38
N THR G 139 26.30 14.71 -49.49
CA THR G 139 26.90 13.61 -50.24
C THR G 139 27.95 12.93 -49.38
N PRO G 140 27.81 11.64 -49.08
CA PRO G 140 28.89 10.91 -48.41
C PRO G 140 30.08 10.70 -49.35
N CYS G 141 31.26 10.62 -48.75
CA CYS G 141 32.50 10.35 -49.48
C CYS G 141 32.89 8.90 -49.22
N GLU G 142 32.47 8.02 -50.14
CA GLU G 142 32.78 6.61 -50.00
C GLU G 142 34.26 6.36 -50.26
N THR G 143 34.73 5.20 -49.81
CA THR G 143 36.11 4.76 -50.01
C THR G 143 36.12 3.58 -50.96
N GLU G 144 37.04 3.61 -51.93
CA GLU G 144 37.11 2.55 -52.94
C GLU G 144 37.46 1.20 -52.33
N ASN G 145 38.01 1.18 -51.12
CA ASN G 145 38.35 -0.07 -50.42
C ASN G 145 37.51 -0.15 -49.14
N PRO G 146 36.35 -0.79 -49.20
CA PRO G 146 35.51 -0.90 -47.99
C PRO G 146 36.20 -1.72 -46.91
N MET G 147 36.23 -1.17 -45.70
CA MET G 147 36.82 -1.88 -44.57
C MET G 147 35.95 -3.08 -44.19
N GLY G 148 36.58 -4.24 -44.07
CA GLY G 148 35.87 -5.48 -43.83
C GLY G 148 35.42 -6.21 -45.07
N GLY G 149 35.61 -5.63 -46.25
CA GLY G 149 35.28 -6.25 -47.52
C GLY G 149 33.86 -6.03 -48.00
N TYR G 150 32.88 -6.09 -47.11
CA TYR G 150 31.48 -5.96 -47.46
C TYR G 150 30.97 -4.57 -47.13
N GLY G 151 29.86 -4.21 -47.78
CA GLY G 151 29.22 -2.94 -47.52
C GLY G 151 30.01 -1.75 -48.05
N LYS G 152 29.57 -0.57 -47.62
CA LYS G 152 30.19 0.69 -48.00
C LYS G 152 30.67 1.42 -46.76
N THR G 153 31.90 1.94 -46.83
CA THR G 153 32.47 2.75 -45.77
C THR G 153 32.62 4.19 -46.26
N ILE G 154 32.40 5.14 -45.36
CA ILE G 154 32.45 6.56 -45.70
C ILE G 154 33.48 7.25 -44.81
N SER G 155 34.22 8.19 -45.39
CA SER G 155 35.27 8.91 -44.70
C SER G 155 34.95 10.38 -44.47
N HIS G 156 34.03 10.94 -45.24
CA HIS G 156 33.57 12.31 -45.03
C HIS G 156 32.12 12.41 -45.46
N VAL G 157 31.47 13.49 -45.03
CA VAL G 157 30.15 13.87 -45.51
C VAL G 157 30.25 15.30 -46.02
N ILE G 158 30.07 15.49 -47.32
CA ILE G 158 30.17 16.83 -47.91
C ILE G 158 28.83 17.52 -47.74
N ILE G 159 28.84 18.68 -47.08
CA ILE G 159 27.65 19.50 -46.89
C ILE G 159 27.88 20.82 -47.61
N GLY G 160 26.97 21.16 -48.51
CA GLY G 160 27.02 22.42 -49.23
C GLY G 160 26.12 23.44 -48.58
N LEU G 161 26.70 24.57 -48.21
CA LEU G 161 25.98 25.64 -47.51
C LEU G 161 25.93 26.86 -48.42
N LYS G 162 24.73 27.40 -48.61
CA LYS G 162 24.49 28.52 -49.51
C LYS G 162 23.97 29.71 -48.71
N THR G 163 24.57 30.87 -48.92
CA THR G 163 24.09 32.09 -48.30
C THR G 163 23.83 33.15 -49.36
N ALA G 164 23.56 34.39 -48.93
CA ALA G 164 23.22 35.44 -49.87
C ALA G 164 24.37 35.74 -50.82
N LYS G 165 25.59 35.79 -50.31
CA LYS G 165 26.74 36.26 -51.08
C LYS G 165 27.83 35.19 -51.21
N GLY G 166 27.46 33.92 -51.22
CA GLY G 166 28.46 32.89 -51.42
C GLY G 166 27.87 31.50 -51.30
N THR G 167 28.72 30.52 -51.56
CA THR G 167 28.40 29.11 -51.38
C THR G 167 29.69 28.36 -51.11
N LYS G 168 29.70 27.56 -50.06
CA LYS G 168 30.90 26.82 -49.65
C LYS G 168 30.54 25.37 -49.34
N GLN G 169 31.52 24.50 -49.54
CA GLN G 169 31.38 23.07 -49.27
C GLN G 169 32.29 22.68 -48.12
N LEU G 170 31.78 21.82 -47.24
CA LEU G 170 32.48 21.46 -46.01
C LEU G 170 32.62 19.94 -45.93
N LYS G 171 33.86 19.46 -45.92
CA LYS G 171 34.13 18.04 -45.76
C LYS G 171 34.22 17.75 -44.27
N LEU G 172 33.21 17.10 -43.72
CA LEU G 172 33.04 16.95 -42.28
C LEU G 172 33.30 15.50 -41.86
N ASP G 173 33.34 15.30 -40.55
CA ASP G 173 33.51 13.98 -39.98
C ASP G 173 32.30 13.11 -40.30
N PRO G 174 32.52 11.81 -40.53
CA PRO G 174 31.38 10.91 -40.78
C PRO G 174 30.38 10.86 -39.63
N SER G 175 30.81 11.14 -38.41
CA SER G 175 29.92 11.01 -37.25
C SER G 175 28.75 11.98 -37.31
N ILE G 176 28.83 13.02 -38.15
CA ILE G 176 27.76 13.99 -38.25
C ILE G 176 26.52 13.41 -38.92
N PHE G 177 26.65 12.25 -39.58
CA PHE G 177 25.50 11.62 -40.22
C PHE G 177 24.39 11.35 -39.22
N GLU G 178 24.73 11.04 -37.98
CA GLU G 178 23.71 10.81 -36.96
C GLU G 178 23.03 12.12 -36.56
N SER G 179 23.83 13.18 -36.41
CA SER G 179 23.25 14.48 -36.06
C SER G 179 22.35 15.00 -37.17
N LEU G 180 22.75 14.79 -38.43
CA LEU G 180 21.92 15.22 -39.55
C LEU G 180 20.58 14.51 -39.55
N GLN G 181 20.58 13.21 -39.23
CA GLN G 181 19.32 12.47 -39.21
C GLN G 181 18.47 12.86 -38.00
N LYS G 182 19.10 13.08 -36.85
CA LYS G 182 18.34 13.47 -35.66
C LYS G 182 17.68 14.82 -35.87
N GLU G 183 18.38 15.77 -36.50
CA GLU G 183 17.80 17.07 -36.80
C GLU G 183 16.93 17.04 -38.04
N ARG G 184 16.85 15.90 -38.74
CA ARG G 184 16.04 15.75 -39.95
C ARG G 184 16.41 16.82 -40.97
N VAL G 185 17.71 16.99 -41.18
CA VAL G 185 18.20 17.98 -42.14
C VAL G 185 18.15 17.40 -43.54
N GLU G 186 17.49 18.11 -44.44
CA GLU G 186 17.40 17.74 -45.85
C GLU G 186 17.85 18.93 -46.70
N ALA G 187 17.87 18.73 -48.01
CA ALA G 187 18.25 19.81 -48.91
C ALA G 187 17.23 20.93 -48.83
N GLY G 188 17.71 22.16 -48.96
CA GLY G 188 16.86 23.33 -48.85
C GLY G 188 16.59 23.80 -47.45
N ASP G 189 17.11 23.12 -46.44
CA ASP G 189 16.96 23.57 -45.06
C ASP G 189 18.14 24.44 -44.65
N VAL G 190 17.85 25.41 -43.79
CA VAL G 190 18.88 26.30 -43.25
C VAL G 190 19.38 25.73 -41.93
N ILE G 191 20.68 25.47 -41.85
CA ILE G 191 21.30 24.92 -40.66
C ILE G 191 22.52 25.77 -40.30
N TYR G 192 22.99 25.60 -39.07
CA TYR G 192 24.26 26.18 -38.65
C TYR G 192 25.05 25.15 -37.87
N ILE G 193 26.35 25.09 -38.15
CA ILE G 193 27.27 24.17 -37.50
C ILE G 193 28.29 24.98 -36.71
N GLU G 194 28.49 24.62 -35.45
CA GLU G 194 29.42 25.32 -34.57
C GLU G 194 30.75 24.59 -34.57
N ALA G 195 31.83 25.32 -34.85
CA ALA G 195 33.15 24.72 -34.89
C ALA G 195 33.57 24.20 -33.51
N ASN G 196 33.33 25.00 -32.47
CA ASN G 196 33.79 24.67 -31.13
C ASN G 196 33.12 23.43 -30.55
N SER G 197 32.03 22.96 -31.15
CA SER G 197 31.31 21.80 -30.64
C SER G 197 31.12 20.69 -31.66
N GLY G 198 31.17 20.99 -32.96
CA GLY G 198 30.91 19.99 -33.96
C GLY G 198 29.50 19.43 -33.95
N ALA G 199 28.51 20.31 -33.82
CA ALA G 199 27.11 19.89 -33.79
C ALA G 199 26.32 20.64 -34.84
N VAL G 200 25.32 19.97 -35.40
CA VAL G 200 24.47 20.51 -36.45
C VAL G 200 23.13 20.87 -35.84
N LYS G 201 22.69 22.10 -36.10
CA LYS G 201 21.40 22.59 -35.62
C LYS G 201 20.60 23.11 -36.80
N ARG G 202 19.38 22.61 -36.95
CA ARG G 202 18.51 22.96 -38.07
C ARG G 202 17.65 24.13 -37.65
N GLN G 203 17.97 25.32 -38.14
CA GLN G 203 17.17 26.51 -37.86
C GLN G 203 16.10 26.74 -38.93
N GLY G 204 15.32 25.70 -39.20
CA GLY G 204 14.21 25.82 -40.12
C GLY G 204 14.57 25.55 -41.56
N ARG G 205 13.57 25.71 -42.41
CA ARG G 205 13.68 25.55 -43.86
C ARG G 205 13.71 26.92 -44.53
N CYS G 206 14.35 26.98 -45.68
CA CYS G 206 14.46 28.24 -46.40
C CYS G 206 13.08 28.73 -46.84
N ASP G 207 12.91 30.05 -46.84
CA ASP G 207 11.62 30.65 -47.17
C ASP G 207 11.33 30.64 -48.66
N THR G 208 12.34 30.45 -49.51
CA THR G 208 12.11 30.45 -50.95
C THR G 208 11.28 29.27 -51.41
N TYR G 209 11.17 28.22 -50.59
CA TYR G 209 10.35 27.06 -50.92
C TYR G 209 8.98 27.10 -50.27
N ALA G 210 8.61 28.24 -49.68
CA ALA G 210 7.32 28.40 -49.02
C ALA G 210 6.35 29.11 -49.96
N THR G 211 5.12 28.61 -50.01
CA THR G 211 4.07 29.20 -50.80
C THR G 211 3.15 30.03 -49.90
N GLU G 212 2.40 30.93 -50.54
CA GLU G 212 1.49 31.80 -49.79
C GLU G 212 0.36 31.02 -49.12
N PHE G 213 0.14 29.77 -49.53
CA PHE G 213 -0.90 28.93 -48.96
C PHE G 213 -0.43 28.08 -47.79
N ASP G 214 0.83 28.20 -47.38
CA ASP G 214 1.32 27.46 -46.23
C ASP G 214 0.95 28.18 -44.94
N LEU G 215 0.86 27.42 -43.85
CA LEU G 215 0.44 27.95 -42.57
C LEU G 215 1.47 27.78 -41.47
N GLU G 216 2.62 27.19 -41.76
CA GLU G 216 3.65 27.02 -40.74
C GLU G 216 4.16 28.38 -40.27
N ALA G 217 4.55 28.44 -38.99
CA ALA G 217 4.97 29.69 -38.36
C ALA G 217 6.48 29.77 -38.20
N GLU G 218 7.09 28.80 -37.53
CA GLU G 218 8.52 28.82 -37.23
C GLU G 218 9.32 27.87 -38.11
N GLU G 219 8.72 27.39 -39.20
CA GLU G 219 9.41 26.44 -40.07
C GLU G 219 10.24 27.12 -41.15
N TYR G 220 9.73 28.21 -41.72
CA TYR G 220 10.37 28.87 -42.84
C TYR G 220 11.16 30.08 -42.35
N VAL G 221 12.43 30.14 -42.75
CA VAL G 221 13.34 31.19 -42.30
C VAL G 221 13.98 31.82 -43.53
N PRO G 222 14.38 33.09 -43.48
CA PRO G 222 15.03 33.71 -44.64
C PRO G 222 16.40 33.11 -44.88
N LEU G 223 16.84 33.18 -46.14
CA LEU G 223 18.18 32.73 -46.47
C LEU G 223 19.20 33.60 -45.76
N PRO G 224 20.19 33.02 -45.09
CA PRO G 224 21.14 33.83 -44.31
C PRO G 224 21.89 34.82 -45.19
N LYS G 225 22.05 36.03 -44.66
CA LYS G 225 22.86 37.05 -45.31
C LYS G 225 24.33 36.82 -44.96
N GLY G 226 25.21 37.57 -45.64
CA GLY G 226 26.61 37.48 -45.31
C GLY G 226 27.27 36.18 -45.76
N ASP G 227 28.44 35.93 -45.20
CA ASP G 227 29.26 34.81 -45.59
C ASP G 227 28.84 33.53 -44.85
N VAL G 228 29.19 32.39 -45.45
CA VAL G 228 28.87 31.10 -44.83
C VAL G 228 29.60 30.96 -43.51
N HIS G 229 30.87 31.35 -43.48
CA HIS G 229 31.69 31.24 -42.28
C HIS G 229 31.63 32.57 -41.53
N LYS G 230 30.93 32.59 -40.40
CA LYS G 230 30.82 33.77 -39.56
C LYS G 230 31.54 33.51 -38.25
N LYS G 231 32.48 34.39 -37.90
CA LYS G 231 33.15 34.35 -36.62
C LYS G 231 33.19 35.76 -36.03
N LYS G 232 32.94 35.86 -34.73
CA LYS G 232 32.92 37.14 -34.04
C LYS G 232 33.44 36.94 -32.63
N GLU G 233 33.89 38.03 -32.02
CA GLU G 233 34.36 38.03 -30.64
C GLU G 233 33.21 38.51 -29.75
N ILE G 234 32.81 37.66 -28.81
CA ILE G 234 31.70 37.96 -27.91
C ILE G 234 32.29 38.42 -26.58
N ILE G 235 31.95 39.64 -26.17
CA ILE G 235 32.32 40.18 -24.87
C ILE G 235 31.07 40.17 -23.99
N GLN G 236 31.12 39.41 -22.90
CA GLN G 236 30.01 39.30 -21.96
C GLN G 236 30.48 39.75 -20.59
N ASP G 237 29.75 40.69 -20.00
CA ASP G 237 30.06 41.21 -18.67
C ASP G 237 29.13 40.58 -17.65
N VAL G 238 29.70 39.91 -16.65
CA VAL G 238 28.94 39.29 -15.59
C VAL G 238 29.56 39.69 -14.25
N THR G 239 28.78 39.52 -13.19
CA THR G 239 29.24 39.73 -11.83
C THR G 239 29.26 38.41 -11.07
N LEU G 240 30.06 38.37 -10.01
CA LEU G 240 30.11 37.17 -9.17
C LEU G 240 28.74 36.86 -8.57
N HIS G 241 27.96 37.89 -8.27
CA HIS G 241 26.62 37.67 -7.75
C HIS G 241 25.73 37.02 -8.79
N ASP G 242 25.91 37.35 -10.07
CA ASP G 242 25.13 36.71 -11.13
C ASP G 242 25.38 35.21 -11.15
N LEU G 243 26.65 34.80 -11.12
CA LEU G 243 26.97 33.38 -11.11
C LEU G 243 26.45 32.71 -9.85
N ASP G 244 26.60 33.38 -8.70
CA ASP G 244 26.12 32.82 -7.44
C ASP G 244 24.62 32.57 -7.49
N VAL G 245 23.85 33.56 -7.97
CA VAL G 245 22.40 33.42 -8.00
C VAL G 245 21.98 32.38 -9.04
N ALA G 246 22.64 32.37 -10.19
CA ALA G 246 22.30 31.39 -11.23
C ALA G 246 22.62 29.97 -10.79
N ASN G 247 23.59 29.79 -9.90
CA ASN G 247 23.90 28.46 -9.41
C ASN G 247 23.09 28.07 -8.18
N ALA G 248 22.66 29.04 -7.38
CA ALA G 248 21.89 28.72 -6.18
C ALA G 248 20.47 28.30 -6.53
N ARG G 249 19.84 29.01 -7.48
CA ARG G 249 18.49 28.70 -7.94
C ARG G 249 18.53 28.55 -9.45
N PRO G 250 19.02 27.41 -9.94
CA PRO G 250 19.23 27.27 -11.39
C PRO G 250 17.91 27.22 -12.14
N GLN G 251 17.93 27.74 -13.36
CA GLN G 251 16.78 27.79 -14.23
C GLN G 251 17.11 27.10 -15.55
N GLY G 252 16.23 26.21 -15.99
CA GLY G 252 16.39 25.53 -17.26
C GLY G 252 16.44 24.02 -17.18
N GLY G 253 16.54 23.44 -15.99
CA GLY G 253 16.53 21.99 -15.88
C GLY G 253 15.17 21.40 -16.15
N GLN G 254 15.18 20.10 -16.47
CA GLN G 254 13.96 19.35 -16.73
C GLN G 254 13.64 18.35 -15.64
N ASP G 255 14.36 18.39 -14.53
CA ASP G 255 14.10 17.50 -13.42
C ASP G 255 13.00 18.08 -12.52
N ILE G 256 12.62 17.31 -11.49
CA ILE G 256 11.51 17.74 -10.64
C ILE G 256 11.90 18.95 -9.80
N LEU G 257 13.19 19.10 -9.48
CA LEU G 257 13.61 20.23 -8.67
C LEU G 257 13.49 21.54 -9.43
N SER G 258 13.85 21.55 -10.72
CA SER G 258 13.66 22.75 -11.53
C SER G 258 12.18 23.07 -11.68
N MET G 259 11.35 22.04 -11.84
CA MET G 259 9.91 22.26 -11.91
C MET G 259 9.39 22.88 -10.62
N MET G 260 9.88 22.40 -9.48
CA MET G 260 9.51 22.99 -8.20
C MET G 260 9.96 24.44 -8.11
N GLY G 261 11.17 24.74 -8.58
CA GLY G 261 11.64 26.11 -8.60
C GLY G 261 10.76 27.02 -9.44
N GLN G 262 10.31 26.51 -10.60
CA GLN G 262 9.41 27.29 -11.44
C GLN G 262 8.05 27.47 -10.75
N LEU G 263 7.54 26.42 -10.11
CA LEU G 263 6.24 26.51 -9.44
C LEU G 263 6.29 27.44 -8.23
N MET G 264 7.23 27.18 -7.31
CA MET G 264 7.28 27.94 -6.08
C MET G 264 7.67 29.39 -6.33
N LYS G 265 7.23 30.25 -5.42
CA LYS G 265 7.56 31.67 -5.50
C LYS G 265 9.07 31.83 -5.31
N PRO G 266 9.73 32.63 -6.15
CA PRO G 266 11.16 32.83 -5.97
C PRO G 266 11.45 33.53 -4.66
N LYS G 267 12.55 33.14 -4.02
CA LYS G 267 12.92 33.68 -2.72
C LYS G 267 14.43 33.73 -2.62
N LYS G 268 14.96 34.87 -2.18
CA LYS G 268 16.39 34.97 -1.94
C LYS G 268 16.79 34.01 -0.83
N THR G 269 17.93 33.35 -1.01
CA THR G 269 18.43 32.38 -0.06
C THR G 269 19.83 32.76 0.41
N GLU G 270 20.25 32.15 1.51
CA GLU G 270 21.56 32.38 2.09
C GLU G 270 22.57 31.52 1.33
N ILE G 271 23.19 32.13 0.31
CA ILE G 271 24.17 31.40 -0.49
C ILE G 271 25.35 31.02 0.37
N THR G 272 25.78 29.77 0.26
CA THR G 272 26.81 29.23 1.14
C THR G 272 28.21 29.61 0.64
N ASP G 273 29.17 29.54 1.56
CA ASP G 273 30.57 29.77 1.20
C ASP G 273 31.11 28.70 0.25
N LYS G 274 30.50 27.52 0.24
CA LYS G 274 30.93 26.47 -0.70
C LYS G 274 30.68 26.89 -2.14
N LEU G 275 29.47 27.35 -2.43
CA LEU G 275 29.15 27.78 -3.79
C LEU G 275 29.98 28.98 -4.21
N ARG G 276 30.20 29.92 -3.29
CA ARG G 276 31.00 31.09 -3.62
C ARG G 276 32.45 30.73 -3.86
N GLY G 277 32.98 29.78 -3.08
CA GLY G 277 34.33 29.31 -3.33
C GLY G 277 34.45 28.59 -4.67
N GLU G 278 33.43 27.82 -5.02
CA GLU G 278 33.43 27.17 -6.34
C GLU G 278 33.40 28.21 -7.45
N ILE G 279 32.60 29.26 -7.29
CA ILE G 279 32.55 30.33 -8.27
C ILE G 279 33.90 31.02 -8.38
N ASN G 280 34.56 31.25 -7.25
CA ASN G 280 35.88 31.87 -7.26
C ASN G 280 36.89 31.00 -8.00
N LYS G 281 36.84 29.68 -7.77
CA LYS G 281 37.72 28.77 -8.47
C LYS G 281 37.47 28.79 -9.97
N VAL G 282 36.20 28.80 -10.38
CA VAL G 282 35.88 28.84 -11.81
C VAL G 282 36.35 30.15 -12.43
N VAL G 283 36.18 31.25 -11.70
CA VAL G 283 36.61 32.55 -12.22
C VAL G 283 38.12 32.60 -12.36
N ASN G 284 38.84 32.05 -11.39
CA ASN G 284 40.30 31.99 -11.49
C ASN G 284 40.73 31.11 -12.66
N LYS G 285 40.03 29.98 -12.88
CA LYS G 285 40.36 29.14 -14.01
C LYS G 285 40.15 29.88 -15.33
N TYR G 286 39.04 30.61 -15.45
CA TYR G 286 38.79 31.37 -16.67
C TYR G 286 39.85 32.46 -16.87
N ILE G 287 40.22 33.14 -15.78
CA ILE G 287 41.24 34.19 -15.88
C ILE G 287 42.57 33.61 -16.33
N ASP G 288 42.96 32.48 -15.75
CA ASP G 288 44.22 31.84 -16.13
C ASP G 288 44.18 31.37 -17.58
N GLN G 289 43.03 30.86 -18.03
CA GLN G 289 42.91 30.42 -19.41
C GLN G 289 42.94 31.58 -20.39
N GLY G 290 42.76 32.81 -19.93
CA GLY G 290 42.67 33.96 -20.80
C GLY G 290 41.28 34.27 -21.31
N ILE G 291 40.27 33.50 -20.89
CA ILE G 291 38.91 33.76 -21.33
C ILE G 291 38.38 35.04 -20.71
N ALA G 292 38.64 35.25 -19.41
CA ALA G 292 37.99 36.32 -18.66
C ALA G 292 39.02 37.24 -18.04
N GLU G 293 38.58 38.48 -17.78
CA GLU G 293 39.38 39.49 -17.11
C GLU G 293 38.58 40.05 -15.94
N LEU G 294 39.17 40.06 -14.75
CA LEU G 294 38.47 40.52 -13.57
C LEU G 294 38.35 42.04 -13.57
N VAL G 295 37.16 42.52 -13.25
CA VAL G 295 36.88 43.96 -13.20
C VAL G 295 36.36 44.31 -11.82
N PRO G 296 37.24 44.53 -10.83
CA PRO G 296 36.77 44.92 -9.50
C PRO G 296 36.20 46.33 -9.50
N GLY G 297 34.96 46.47 -9.05
CA GLY G 297 34.29 47.75 -9.05
C GLY G 297 34.11 48.37 -7.67
N VAL G 298 33.03 49.12 -7.50
CA VAL G 298 32.78 49.88 -6.29
C VAL G 298 31.40 49.54 -5.76
N LEU G 299 31.29 49.39 -4.44
CA LEU G 299 30.01 49.33 -3.75
C LEU G 299 29.80 50.63 -2.98
N PHE G 300 28.76 51.38 -3.36
CA PHE G 300 28.43 52.63 -2.70
C PHE G 300 27.28 52.41 -1.72
N VAL G 301 27.54 52.60 -0.44
CA VAL G 301 26.52 52.40 0.58
C VAL G 301 26.13 53.75 1.16
N ASP G 302 25.09 54.37 0.59
CA ASP G 302 24.59 55.63 1.09
C ASP G 302 23.76 55.41 2.34
N GLU G 303 23.74 56.43 3.21
CA GLU G 303 23.05 56.36 4.50
C GLU G 303 23.52 55.14 5.29
N VAL G 304 24.84 55.05 5.46
CA VAL G 304 25.43 53.92 6.19
C VAL G 304 24.95 53.92 7.63
N HIS G 305 24.59 55.07 8.18
CA HIS G 305 24.13 55.15 9.56
C HIS G 305 22.86 54.35 9.79
N MET G 306 22.11 54.01 8.74
CA MET G 306 20.93 53.17 8.87
C MET G 306 21.26 51.70 9.09
N LEU G 307 22.51 51.30 8.87
CA LEU G 307 22.93 49.97 9.25
C LEU G 307 22.96 49.83 10.76
N ASP G 308 22.67 48.62 11.24
CA ASP G 308 22.70 48.37 12.67
C ASP G 308 24.07 47.84 13.08
N ILE G 309 24.20 47.53 14.38
CA ILE G 309 25.50 47.12 14.90
C ILE G 309 25.94 45.79 14.32
N GLU G 310 25.00 44.91 14.01
CA GLU G 310 25.34 43.63 13.39
C GLU G 310 25.94 43.84 12.00
N CYS G 311 25.35 44.73 11.20
CA CYS G 311 25.91 45.01 9.87
C CYS G 311 27.29 45.62 9.97
N PHE G 312 27.46 46.58 10.89
CA PHE G 312 28.77 47.21 11.06
C PHE G 312 29.80 46.18 11.48
N THR G 313 29.45 45.29 12.41
CA THR G 313 30.38 44.26 12.85
C THR G 313 30.75 43.32 11.71
N TYR G 314 29.76 42.92 10.91
CA TYR G 314 30.05 42.06 9.76
C TYR G 314 30.93 42.76 8.74
N LEU G 315 30.81 44.08 8.61
CA LEU G 315 31.61 44.81 7.64
C LEU G 315 33.10 44.73 7.94
N HIS G 316 33.48 44.51 9.20
CA HIS G 316 34.89 44.34 9.51
C HIS G 316 35.47 43.13 8.80
N ARG G 317 34.82 41.98 8.95
CA ARG G 317 35.27 40.78 8.24
C ARG G 317 35.09 40.93 6.73
N ALA G 318 34.03 41.61 6.30
CA ALA G 318 33.79 41.78 4.87
C ALA G 318 34.90 42.58 4.21
N LEU G 319 35.34 43.66 4.85
CA LEU G 319 36.38 44.51 4.26
C LEU G 319 37.76 43.89 4.36
N GLU G 320 38.01 43.08 5.39
CA GLU G 320 39.30 42.43 5.54
C GLU G 320 39.54 41.33 4.51
N SER G 321 38.53 40.96 3.73
CA SER G 321 38.67 39.91 2.74
C SER G 321 39.52 40.40 1.56
N SER G 322 40.14 39.44 0.86
CA SER G 322 40.95 39.73 -0.29
C SER G 322 40.16 39.73 -1.59
N ILE G 323 38.87 39.42 -1.54
CA ILE G 323 38.00 39.46 -2.71
C ILE G 323 37.06 40.66 -2.71
N ALA G 324 37.01 41.40 -1.60
CA ALA G 324 36.04 42.48 -1.47
C ALA G 324 36.33 43.62 -2.44
N PRO G 325 35.31 44.34 -2.88
CA PRO G 325 35.53 45.53 -3.70
C PRO G 325 35.93 46.73 -2.84
N ILE G 326 36.07 47.87 -3.49
CA ILE G 326 36.29 49.13 -2.80
C ILE G 326 34.95 49.74 -2.44
N VAL G 327 34.69 49.91 -1.15
CA VAL G 327 33.40 50.36 -0.64
C VAL G 327 33.48 51.85 -0.33
N ILE G 328 32.49 52.60 -0.80
CA ILE G 328 32.38 54.03 -0.51
C ILE G 328 31.16 54.21 0.37
N PHE G 329 31.36 54.75 1.56
CA PHE G 329 30.27 55.08 2.48
C PHE G 329 29.93 56.56 2.40
N ALA G 330 28.80 56.92 2.98
CA ALA G 330 28.37 58.31 3.05
C ALA G 330 27.42 58.47 4.23
N SER G 331 27.69 59.46 5.07
CA SER G 331 26.87 59.71 6.25
C SER G 331 26.88 61.20 6.57
N ASN G 332 25.69 61.75 6.79
CA ASN G 332 25.52 63.14 7.18
C ASN G 332 25.21 63.31 8.66
N ARG G 333 25.38 62.28 9.46
CA ARG G 333 25.06 62.33 10.88
C ARG G 333 26.23 62.87 11.68
N GLY G 334 25.91 63.45 12.83
CA GLY G 334 26.89 63.85 13.81
C GLY G 334 27.07 62.79 14.89
N ASN G 335 27.22 63.24 16.13
CA ASN G 335 27.44 62.30 17.23
C ASN G 335 26.15 61.57 17.57
N CYS G 336 25.72 60.69 16.68
CA CYS G 336 24.44 60.01 16.79
C CYS G 336 24.60 58.66 17.47
N VAL G 337 23.47 58.06 17.81
CA VAL G 337 23.42 56.77 18.50
C VAL G 337 23.39 55.67 17.45
N ILE G 338 24.30 54.69 17.60
CA ILE G 338 24.36 53.57 16.68
C ILE G 338 23.07 52.76 16.79
N ARG G 339 22.51 52.40 15.65
CA ARG G 339 21.29 51.60 15.64
C ARG G 339 21.59 50.19 16.11
N GLY G 340 20.65 49.61 16.86
CA GLY G 340 20.82 48.32 17.46
C GLY G 340 21.51 48.34 18.81
N THR G 341 22.00 49.49 19.24
CA THR G 341 22.63 49.65 20.54
C THR G 341 21.82 50.60 21.39
N GLU G 342 21.95 50.46 22.70
CA GLU G 342 21.24 51.31 23.66
C GLU G 342 22.20 52.37 24.18
N ASP G 343 22.02 53.61 23.69
CA ASP G 343 22.77 54.77 24.17
C ASP G 343 24.28 54.58 23.98
N ILE G 344 24.68 54.27 22.75
CA ILE G 344 26.08 54.29 22.34
C ILE G 344 26.20 55.29 21.20
N THR G 345 27.01 56.33 21.41
CA THR G 345 27.15 57.43 20.47
C THR G 345 28.50 57.38 19.78
N SER G 346 28.50 57.59 18.47
CA SER G 346 29.71 57.57 17.67
C SER G 346 29.70 58.73 16.69
N PRO G 347 30.87 59.19 16.24
CA PRO G 347 30.94 60.47 15.52
C PRO G 347 30.10 60.56 14.24
N HIS G 348 29.92 59.47 13.50
CA HIS G 348 29.09 59.53 12.31
C HIS G 348 27.96 58.51 12.33
N GLY G 349 27.54 58.08 13.52
CA GLY G 349 26.65 56.95 13.57
C GLY G 349 27.32 55.62 13.29
N ILE G 350 28.64 55.59 13.22
CA ILE G 350 29.41 54.43 12.83
C ILE G 350 30.32 54.07 13.99
N PRO G 351 30.36 52.82 14.44
CA PRO G 351 31.26 52.46 15.53
C PRO G 351 32.71 52.76 15.18
N LEU G 352 33.49 53.08 16.21
CA LEU G 352 34.86 53.51 16.01
C LEU G 352 35.73 52.40 15.42
N ASP G 353 35.33 51.14 15.57
CA ASP G 353 36.07 50.05 14.96
C ASP G 353 36.00 50.12 13.44
N LEU G 354 34.84 50.47 12.89
CA LEU G 354 34.73 50.60 11.43
C LEU G 354 35.34 51.91 10.94
N LEU G 355 35.34 52.94 11.78
CA LEU G 355 35.98 54.19 11.39
C LEU G 355 37.50 54.04 11.30
N ASP G 356 38.06 53.08 12.04
CA ASP G 356 39.49 52.82 11.93
C ASP G 356 39.86 52.16 10.62
N ARG G 357 38.90 51.60 9.90
CA ARG G 357 39.15 50.88 8.66
C ARG G 357 38.84 51.70 7.42
N VAL G 358 38.45 52.97 7.57
CA VAL G 358 38.03 53.78 6.44
C VAL G 358 38.89 55.04 6.36
N MET G 359 38.94 55.60 5.16
CA MET G 359 39.56 56.90 4.91
C MET G 359 38.43 57.90 4.78
N ILE G 360 38.49 58.97 5.56
CA ILE G 360 37.41 59.95 5.62
C ILE G 360 37.69 61.11 4.68
N ILE G 361 36.73 61.41 3.82
CA ILE G 361 36.78 62.56 2.91
C ILE G 361 35.75 63.56 3.42
N ARG G 362 36.20 64.77 3.72
CA ARG G 362 35.32 65.78 4.28
C ARG G 362 34.75 66.68 3.19
N THR G 363 33.44 66.90 3.24
CA THR G 363 32.74 67.81 2.34
C THR G 363 32.32 69.03 3.14
N MET G 364 32.62 70.21 2.63
CA MET G 364 32.35 71.47 3.31
C MET G 364 31.06 72.09 2.78
N LEU G 365 30.59 73.12 3.48
CA LEU G 365 29.43 73.86 3.03
C LEU G 365 29.82 74.76 1.86
N TYR G 366 28.80 75.19 1.12
CA TYR G 366 29.01 75.99 -0.07
C TYR G 366 28.88 77.47 0.24
N THR G 367 29.80 78.26 -0.31
CA THR G 367 29.69 79.70 -0.29
C THR G 367 28.57 80.15 -1.21
N PRO G 368 28.05 81.38 -1.03
CA PRO G 368 26.98 81.86 -1.91
C PRO G 368 27.35 81.83 -3.38
N GLN G 369 28.60 82.10 -3.73
CA GLN G 369 29.01 82.07 -5.13
C GLN G 369 28.91 80.66 -5.70
N GLU G 370 29.37 79.67 -4.94
CA GLU G 370 29.25 78.29 -5.39
C GLU G 370 27.80 77.86 -5.49
N MET G 371 26.95 78.32 -4.57
CA MET G 371 25.53 78.03 -4.67
C MET G 371 24.92 78.63 -5.93
N LYS G 372 25.30 79.86 -6.26
CA LYS G 372 24.82 80.48 -7.49
C LYS G 372 25.28 79.71 -8.72
N GLN G 373 26.54 79.26 -8.71
CA GLN G 373 27.04 78.47 -9.84
C GLN G 373 26.27 77.16 -9.98
N ILE G 374 25.99 76.49 -8.86
CA ILE G 374 25.27 75.22 -8.92
C ILE G 374 23.84 75.45 -9.40
N ILE G 375 23.21 76.55 -8.96
CA ILE G 375 21.87 76.87 -9.43
C ILE G 375 21.88 77.14 -10.93
N LYS G 376 22.87 77.87 -11.41
CA LYS G 376 22.96 78.13 -12.85
C LYS G 376 23.16 76.83 -13.63
N ILE G 377 23.99 75.93 -13.12
CA ILE G 377 24.22 74.66 -13.80
C ILE G 377 22.92 73.85 -13.85
N ARG G 378 22.19 73.81 -12.73
CA ARG G 378 20.94 73.06 -12.70
C ARG G 378 19.91 73.67 -13.64
N ALA G 379 19.88 75.01 -13.72
CA ALA G 379 18.98 75.66 -14.67
C ALA G 379 19.33 75.32 -16.11
N GLN G 380 20.63 75.27 -16.41
CA GLN G 380 21.06 74.87 -17.75
C GLN G 380 20.65 73.43 -18.04
N THR G 381 20.79 72.54 -17.05
CA THR G 381 20.44 71.14 -17.25
C THR G 381 18.95 70.97 -17.52
N GLU G 382 18.12 71.71 -16.80
CA GLU G 382 16.67 71.59 -16.93
C GLU G 382 16.12 72.35 -18.12
N GLY G 383 16.97 72.95 -18.95
CA GLY G 383 16.50 73.72 -20.09
C GLY G 383 15.73 74.96 -19.69
N ILE G 384 16.24 75.71 -18.71
CA ILE G 384 15.55 76.86 -18.14
C ILE G 384 16.44 78.09 -18.30
N ASN G 385 15.89 79.14 -18.88
CA ASN G 385 16.58 80.42 -19.00
C ASN G 385 16.21 81.30 -17.83
N ILE G 386 17.21 81.76 -17.08
CA ILE G 386 17.01 82.55 -15.87
C ILE G 386 17.77 83.85 -16.00
N SER G 387 17.12 84.95 -15.66
CA SER G 387 17.76 86.26 -15.73
C SER G 387 18.75 86.44 -14.59
N GLU G 388 19.64 87.42 -14.75
CA GLU G 388 20.67 87.66 -13.74
C GLU G 388 20.05 88.09 -12.40
N GLU G 389 19.05 88.96 -12.44
CA GLU G 389 18.41 89.38 -11.20
C GLU G 389 17.67 88.23 -10.54
N ALA G 390 16.98 87.41 -11.33
CA ALA G 390 16.32 86.23 -10.77
C ALA G 390 17.33 85.26 -10.20
N LEU G 391 18.46 85.08 -10.87
CA LEU G 391 19.51 84.20 -10.35
C LEU G 391 20.06 84.71 -9.04
N ASN G 392 20.29 86.02 -8.93
CA ASN G 392 20.79 86.59 -7.69
C ASN G 392 19.77 86.45 -6.57
N HIS G 393 18.49 86.67 -6.87
CA HIS G 393 17.46 86.49 -5.86
C HIS G 393 17.37 85.04 -5.40
N LEU G 394 17.49 84.09 -6.33
CA LEU G 394 17.44 82.68 -5.96
C LEU G 394 18.67 82.29 -5.15
N GLY G 395 19.82 82.90 -5.44
CA GLY G 395 20.98 82.66 -4.62
C GLY G 395 20.84 83.24 -3.22
N GLU G 396 20.20 84.40 -3.11
CA GLU G 396 19.92 84.95 -1.78
C GLU G 396 18.96 84.04 -1.02
N ILE G 397 17.95 83.50 -1.72
CA ILE G 397 17.04 82.54 -1.11
C ILE G 397 17.82 81.31 -0.66
N GLY G 398 18.85 80.94 -1.42
CA GLY G 398 19.68 79.80 -1.07
C GLY G 398 20.65 80.07 0.06
N THR G 399 20.96 81.34 0.33
CA THR G 399 21.81 81.65 1.48
C THR G 399 21.07 81.32 2.76
N LYS G 400 19.84 81.80 2.88
CA LYS G 400 18.90 81.31 3.89
C LYS G 400 18.36 79.98 3.37
N THR G 401 17.40 79.38 4.07
CA THR G 401 16.81 78.08 3.66
C THR G 401 17.97 77.13 3.36
N THR G 402 18.00 76.48 2.19
CA THR G 402 19.08 75.57 1.83
C THR G 402 19.30 75.65 0.32
N LEU G 403 20.33 74.95 -0.15
CA LEU G 403 20.63 74.91 -1.58
C LEU G 403 19.61 74.07 -2.34
N ARG G 404 19.15 72.97 -1.73
CA ARG G 404 18.18 72.12 -2.41
C ARG G 404 16.88 72.86 -2.65
N TYR G 405 16.47 73.70 -1.70
CA TYR G 405 15.24 74.46 -1.87
C TYR G 405 15.33 75.40 -3.08
N SER G 406 16.47 76.08 -3.24
CA SER G 406 16.63 77.00 -4.36
C SER G 406 16.62 76.28 -5.70
N VAL G 407 17.30 75.13 -5.79
CA VAL G 407 17.33 74.41 -7.06
C VAL G 407 16.00 73.79 -7.39
N GLN G 408 15.11 73.64 -6.40
CA GLN G 408 13.79 73.07 -6.63
C GLN G 408 12.75 74.11 -7.02
N LEU G 409 13.10 75.39 -6.94
CA LEU G 409 12.21 76.47 -7.37
C LEU G 409 12.35 76.79 -8.86
N LEU G 410 13.30 76.16 -9.55
CA LEU G 410 13.57 76.54 -10.93
C LEU G 410 12.44 76.11 -11.86
N THR G 411 11.98 74.87 -11.73
CA THR G 411 10.94 74.38 -12.64
C THR G 411 9.55 74.94 -12.30
N PRO G 412 9.15 75.10 -11.03
CA PRO G 412 7.89 75.83 -10.77
C PRO G 412 7.92 77.25 -11.29
N ALA G 413 9.05 77.95 -11.14
CA ALA G 413 9.14 79.31 -11.64
C ALA G 413 9.11 79.35 -13.16
N ASN G 414 9.75 78.37 -13.81
CA ASN G 414 9.68 78.29 -15.27
C ASN G 414 8.26 78.05 -15.73
N LEU G 415 7.54 77.15 -15.05
CA LEU G 415 6.15 76.91 -15.41
C LEU G 415 5.31 78.17 -15.23
N LEU G 416 5.55 78.89 -14.13
CA LEU G 416 4.79 80.11 -13.88
C LEU G 416 5.07 81.17 -14.93
N ALA G 417 6.34 81.29 -15.34
CA ALA G 417 6.68 82.21 -16.43
C ALA G 417 6.02 81.81 -17.74
N LYS G 418 6.02 80.51 -18.06
CA LYS G 418 5.40 80.05 -19.28
C LYS G 418 3.90 80.33 -19.29
N ILE G 419 3.25 80.12 -18.13
CA ILE G 419 1.84 80.47 -18.00
C ILE G 419 1.64 81.97 -18.19
N ASN G 420 2.53 82.78 -17.60
CA ASN G 420 2.48 84.22 -17.78
C ASN G 420 2.85 84.64 -19.19
N GLY G 421 3.44 83.74 -19.98
CA GLY G 421 3.78 84.04 -21.35
C GLY G 421 5.18 84.59 -21.54
N LYS G 422 6.14 84.15 -20.74
CA LYS G 422 7.51 84.60 -20.83
C LYS G 422 8.44 83.39 -20.96
N ASP G 423 9.51 83.57 -21.73
CA ASP G 423 10.44 82.49 -22.01
C ASP G 423 11.61 82.45 -21.04
N SER G 424 11.66 83.35 -20.07
CA SER G 424 12.71 83.37 -19.08
C SER G 424 12.09 83.58 -17.70
N ILE G 425 12.81 83.14 -16.67
CA ILE G 425 12.40 83.37 -15.29
C ILE G 425 12.86 84.76 -14.87
N GLU G 426 11.92 85.61 -14.48
CA GLU G 426 12.23 86.90 -13.90
C GLU G 426 12.17 86.80 -12.37
N LYS G 427 12.51 87.92 -11.71
CA LYS G 427 12.51 87.94 -10.25
C LYS G 427 11.12 87.75 -9.68
N GLU G 428 10.10 88.30 -10.35
CA GLU G 428 8.74 88.20 -9.84
C GLU G 428 8.27 86.76 -9.79
N HIS G 429 8.66 85.96 -10.77
CA HIS G 429 8.29 84.54 -10.77
C HIS G 429 8.90 83.82 -9.58
N VAL G 430 10.16 84.09 -9.28
CA VAL G 430 10.81 83.45 -8.13
C VAL G 430 10.16 83.92 -6.84
N GLU G 431 9.79 85.20 -6.76
CA GLU G 431 9.13 85.70 -5.56
C GLU G 431 7.78 85.02 -5.35
N GLU G 432 6.99 84.88 -6.43
CA GLU G 432 5.69 84.21 -6.31
C GLU G 432 5.85 82.75 -5.92
N ILE G 433 6.84 82.06 -6.50
CA ILE G 433 7.06 80.67 -6.14
C ILE G 433 7.49 80.56 -4.68
N SER G 434 8.35 81.46 -4.23
CA SER G 434 8.76 81.47 -2.82
C SER G 434 7.58 81.72 -1.91
N GLU G 435 6.62 82.54 -2.34
CA GLU G 435 5.40 82.73 -1.55
C GLU G 435 4.53 81.49 -1.55
N LEU G 436 4.47 80.76 -2.67
CA LEU G 436 3.57 79.62 -2.75
C LEU G 436 4.11 78.43 -1.96
N PHE G 437 5.41 78.20 -1.99
CA PHE G 437 6.02 77.03 -1.37
C PHE G 437 6.90 77.43 -0.20
N TYR G 438 6.79 76.68 0.89
CA TYR G 438 7.56 76.92 2.10
C TYR G 438 8.74 75.95 2.21
N ASP G 439 9.80 76.42 2.85
CA ASP G 439 10.95 75.58 3.12
C ASP G 439 10.80 74.93 4.50
N ALA G 440 11.78 74.11 4.87
CA ALA G 440 11.70 73.41 6.15
C ALA G 440 11.69 74.37 7.33
N LYS G 441 12.53 75.39 7.30
CA LYS G 441 12.63 76.31 8.43
C LYS G 441 11.37 77.14 8.61
N SER G 442 10.80 77.64 7.51
CA SER G 442 9.57 78.42 7.62
C SER G 442 8.40 77.56 8.10
N SER G 443 8.29 76.35 7.59
CA SER G 443 7.25 75.44 8.06
C SER G 443 7.44 75.12 9.53
N ALA G 444 8.69 74.92 9.96
CA ALA G 444 8.95 74.65 11.38
C ALA G 444 8.55 75.84 12.24
N LYS G 445 8.82 77.06 11.77
CA LYS G 445 8.38 78.25 12.50
C LYS G 445 6.86 78.28 12.62
N ILE G 446 6.16 77.98 11.52
CA ILE G 446 4.70 77.93 11.56
C ILE G 446 4.22 76.88 12.56
N LEU G 447 4.83 75.69 12.52
CA LEU G 447 4.43 74.61 13.40
C LEU G 447 4.63 74.98 14.87
N ALA G 448 5.78 75.59 15.18
CA ALA G 448 6.04 76.00 16.55
C ALA G 448 5.06 77.08 17.00
N ASP G 449 4.73 78.03 16.13
CA ASP G 449 3.80 79.08 16.50
C ASP G 449 2.38 78.56 16.72
N GLN G 450 2.03 77.39 16.17
CA GLN G 450 0.69 76.84 16.27
C GLN G 450 0.73 75.40 16.75
N GLN G 451 1.64 75.10 17.68
CA GLN G 451 1.82 73.71 18.12
C GLN G 451 0.58 73.12 18.76
N ASP G 452 -0.31 73.96 19.30
CA ASP G 452 -1.54 73.45 19.90
C ASP G 452 -2.50 72.91 18.85
N LYS G 453 -2.61 73.59 17.71
CA LYS G 453 -3.57 73.21 16.68
C LYS G 453 -3.13 72.00 15.87
N TYR G 454 -1.84 71.68 15.87
CA TYR G 454 -1.35 70.51 15.16
C TYR G 454 -1.45 69.27 16.03
N MET G 455 -1.12 68.12 15.46
CA MET G 455 -1.34 66.83 16.12
C MET G 455 -0.04 66.29 16.69
N LYS G 456 -0.14 65.66 17.86
CA LYS G 456 0.97 64.99 18.55
C LYS G 456 2.05 65.98 18.99
N VAL H 16 -30.15 53.79 -9.73
CA VAL H 16 -29.82 52.66 -8.88
C VAL H 16 -28.59 52.98 -8.02
N THR H 17 -28.25 52.05 -7.13
CA THR H 17 -27.11 52.21 -6.24
C THR H 17 -25.91 51.49 -6.86
N ARG H 18 -24.96 52.29 -7.36
CA ARG H 18 -23.71 51.74 -7.87
C ARG H 18 -22.71 51.57 -6.73
N ILE H 19 -21.57 50.93 -7.05
CA ILE H 19 -20.59 50.61 -6.02
C ILE H 19 -19.94 51.88 -5.48
N GLU H 20 -19.89 52.95 -6.28
CA GLU H 20 -19.35 54.22 -5.85
C GLU H 20 -20.49 55.08 -5.29
N ARG H 21 -20.39 55.43 -4.01
CA ARG H 21 -21.44 56.16 -3.31
C ARG H 21 -20.84 57.42 -2.71
N ILE H 22 -21.68 58.19 -2.02
CA ILE H 22 -21.25 59.49 -1.50
C ILE H 22 -20.23 59.28 -0.39
N GLY H 23 -19.00 59.72 -0.63
CA GLY H 23 -17.93 59.64 0.33
C GLY H 23 -17.54 60.99 0.88
N ALA H 24 -16.36 61.03 1.50
CA ALA H 24 -15.88 62.26 2.11
C ALA H 24 -15.34 63.25 1.08
N HIS H 25 -15.08 62.80 -0.15
CA HIS H 25 -14.52 63.67 -1.18
C HIS H 25 -15.22 63.47 -2.52
N SER H 26 -16.49 63.05 -2.49
CA SER H 26 -17.23 62.84 -3.73
C SER H 26 -17.60 64.16 -4.41
N HIS H 27 -17.59 65.27 -3.67
CA HIS H 27 -17.94 66.57 -4.20
C HIS H 27 -16.80 67.27 -4.90
N ILE H 28 -15.60 66.69 -4.88
CA ILE H 28 -14.41 67.31 -5.45
C ILE H 28 -14.20 66.75 -6.85
N ARG H 29 -14.24 67.64 -7.85
CA ARG H 29 -14.03 67.27 -9.23
C ARG H 29 -12.76 67.84 -9.82
N GLY H 30 -12.04 68.68 -9.08
CA GLY H 30 -10.84 69.31 -9.62
C GLY H 30 -10.32 70.35 -8.65
N LEU H 31 -9.31 71.08 -9.11
CA LEU H 31 -8.67 72.09 -8.27
C LEU H 31 -9.30 73.46 -8.41
N GLY H 32 -10.22 73.64 -9.37
CA GLY H 32 -10.91 74.90 -9.53
C GLY H 32 -10.01 76.06 -9.93
N LEU H 33 -9.14 75.84 -10.91
CA LEU H 33 -8.24 76.88 -11.38
C LEU H 33 -8.63 77.31 -12.79
N ASP H 34 -8.21 78.51 -13.15
CA ASP H 34 -8.39 79.02 -14.50
C ASP H 34 -7.16 78.66 -15.35
N ASP H 35 -7.05 79.27 -16.53
CA ASP H 35 -5.90 79.02 -17.38
C ASP H 35 -4.61 79.55 -16.79
N ALA H 36 -4.70 80.52 -15.89
CA ALA H 36 -3.53 81.10 -15.25
C ALA H 36 -3.21 80.45 -13.90
N LEU H 37 -3.84 79.31 -13.61
CA LEU H 37 -3.70 78.61 -12.33
C LEU H 37 -4.11 79.46 -11.15
N GLU H 38 -4.94 80.47 -11.36
CA GLU H 38 -5.46 81.27 -10.27
C GLU H 38 -6.71 80.58 -9.72
N PRO H 39 -6.75 80.24 -8.43
CA PRO H 39 -7.89 79.49 -7.90
C PRO H 39 -9.13 80.36 -7.79
N ARG H 40 -10.25 79.83 -8.26
CA ARG H 40 -11.54 80.47 -8.04
C ARG H 40 -12.00 80.24 -6.61
N GLN H 41 -12.86 81.13 -6.12
CA GLN H 41 -13.29 81.05 -4.73
C GLN H 41 -14.09 79.77 -4.48
N ALA H 42 -14.92 79.37 -5.43
CA ALA H 42 -15.69 78.13 -5.30
C ALA H 42 -15.91 77.57 -6.71
N SER H 43 -15.09 76.59 -7.08
CA SER H 43 -15.16 75.99 -8.40
C SER H 43 -14.78 74.52 -8.30
N GLN H 44 -15.52 73.68 -9.02
CA GLN H 44 -15.30 72.23 -9.07
C GLN H 44 -15.35 71.59 -7.69
N GLY H 45 -16.05 72.21 -6.75
CA GLY H 45 -16.26 71.62 -5.43
C GLY H 45 -15.23 71.98 -4.39
N MET H 46 -14.37 72.95 -4.65
CA MET H 46 -13.35 73.36 -3.70
C MET H 46 -13.55 74.81 -3.28
N VAL H 47 -13.42 75.07 -1.99
CA VAL H 47 -13.64 76.39 -1.40
C VAL H 47 -12.37 76.83 -0.71
N GLY H 48 -11.95 78.07 -0.97
CA GLY H 48 -10.81 78.61 -0.25
C GLY H 48 -9.52 77.87 -0.55
N GLN H 49 -8.60 77.92 0.41
CA GLN H 49 -7.26 77.34 0.27
C GLN H 49 -6.60 77.81 -1.04
N LEU H 50 -6.69 79.12 -1.28
CA LEU H 50 -6.27 79.66 -2.57
C LEU H 50 -4.79 79.41 -2.83
N ALA H 51 -3.94 79.75 -1.86
CA ALA H 51 -2.50 79.56 -2.04
C ALA H 51 -2.17 78.08 -2.21
N ALA H 52 -2.78 77.23 -1.38
CA ALA H 52 -2.51 75.79 -1.48
C ALA H 52 -3.00 75.23 -2.80
N ARG H 53 -4.15 75.68 -3.28
CA ARG H 53 -4.66 75.19 -4.56
C ARG H 53 -3.79 75.67 -5.72
N ARG H 54 -3.30 76.91 -5.65
CA ARG H 54 -2.39 77.39 -6.68
C ARG H 54 -1.10 76.59 -6.70
N ALA H 55 -0.56 76.29 -5.51
CA ALA H 55 0.65 75.45 -5.45
C ALA H 55 0.38 74.06 -6.00
N ALA H 56 -0.78 73.49 -5.67
CA ALA H 56 -1.15 72.18 -6.20
C ALA H 56 -1.27 72.22 -7.71
N GLY H 57 -1.81 73.30 -8.27
CA GLY H 57 -1.90 73.42 -9.70
C GLY H 57 -0.55 73.53 -10.38
N VAL H 58 0.38 74.26 -9.75
CA VAL H 58 1.74 74.33 -10.28
C VAL H 58 2.37 72.95 -10.28
N VAL H 59 2.20 72.22 -9.17
CA VAL H 59 2.74 70.85 -9.09
C VAL H 59 2.08 69.97 -10.15
N LEU H 60 0.80 70.19 -10.42
CA LEU H 60 0.09 69.40 -11.42
C LEU H 60 0.62 69.68 -12.82
N GLU H 61 0.93 70.94 -13.11
CA GLU H 61 1.59 71.26 -14.38
C GLU H 61 2.95 70.60 -14.48
N MET H 62 3.69 70.58 -13.36
CA MET H 62 4.98 69.89 -13.35
C MET H 62 4.80 68.40 -13.64
N ILE H 63 3.76 67.80 -13.08
CA ILE H 63 3.46 66.38 -13.33
C ILE H 63 3.12 66.17 -14.80
N ARG H 64 2.29 67.05 -15.35
CA ARG H 64 1.86 66.89 -16.74
C ARG H 64 3.02 67.04 -17.71
N GLU H 65 3.97 67.94 -17.42
CA GLU H 65 5.12 68.07 -18.31
C GLU H 65 5.95 66.80 -18.31
N GLY H 66 6.15 66.19 -17.14
CA GLY H 66 6.87 64.94 -17.07
C GLY H 66 8.36 65.00 -17.30
N LYS H 67 8.92 66.21 -17.41
CA LYS H 67 10.34 66.33 -17.72
C LYS H 67 11.21 65.99 -16.52
N ILE H 68 10.85 66.49 -15.35
CA ILE H 68 11.67 66.38 -14.16
C ILE H 68 11.21 65.19 -13.33
N ALA H 69 12.17 64.40 -12.86
CA ALA H 69 11.88 63.16 -12.16
C ALA H 69 12.15 63.32 -10.67
N GLY H 70 11.37 62.59 -9.87
CA GLY H 70 11.61 62.53 -8.44
C GLY H 70 11.37 63.81 -7.68
N ARG H 71 10.28 64.51 -7.97
CA ARG H 71 9.94 65.74 -7.28
C ARG H 71 8.98 65.42 -6.13
N ALA H 72 9.28 65.96 -4.95
CA ALA H 72 8.52 65.66 -3.75
C ALA H 72 7.84 66.91 -3.23
N VAL H 73 6.56 66.80 -2.89
CA VAL H 73 5.79 67.89 -2.31
C VAL H 73 5.06 67.36 -1.07
N LEU H 74 5.12 68.13 0.02
CA LEU H 74 4.43 67.79 1.25
C LEU H 74 3.30 68.79 1.48
N ILE H 75 2.08 68.28 1.57
CA ILE H 75 0.92 69.10 1.92
C ILE H 75 0.75 69.05 3.43
N ALA H 76 1.08 70.14 4.10
CA ALA H 76 1.05 70.21 5.55
C ALA H 76 -0.02 71.19 6.02
N GLY H 77 -0.60 70.90 7.18
CA GLY H 77 -1.61 71.77 7.74
C GLY H 77 -2.31 71.10 8.89
N GLN H 78 -3.17 71.88 9.54
CA GLN H 78 -3.96 71.37 10.65
C GLN H 78 -4.98 70.36 10.15
N PRO H 79 -5.46 69.48 11.04
CA PRO H 79 -6.47 68.51 10.61
C PRO H 79 -7.72 69.20 10.10
N GLY H 80 -8.27 68.68 9.00
CA GLY H 80 -9.47 69.24 8.43
C GLY H 80 -9.27 70.46 7.56
N THR H 81 -8.03 70.81 7.21
CA THR H 81 -7.75 72.00 6.43
C THR H 81 -7.72 71.75 4.93
N GLY H 82 -8.06 70.55 4.48
CA GLY H 82 -8.18 70.28 3.06
C GLY H 82 -6.98 69.62 2.40
N LYS H 83 -6.09 68.99 3.15
CA LYS H 83 -4.92 68.37 2.53
C LYS H 83 -5.32 67.20 1.64
N THR H 84 -6.11 66.27 2.17
CA THR H 84 -6.59 65.18 1.35
C THR H 84 -7.58 65.67 0.30
N ALA H 85 -8.32 66.74 0.62
CA ALA H 85 -9.17 67.36 -0.39
C ALA H 85 -8.36 67.86 -1.57
N ILE H 86 -7.22 68.50 -1.30
CA ILE H 86 -6.36 69.00 -2.37
C ILE H 86 -5.75 67.85 -3.15
N ALA H 87 -5.36 66.77 -2.46
CA ALA H 87 -4.81 65.62 -3.16
C ALA H 87 -5.85 64.99 -4.08
N MET H 88 -7.09 64.87 -3.62
CA MET H 88 -8.15 64.34 -4.47
C MET H 88 -8.46 65.26 -5.63
N GLY H 89 -8.39 66.58 -5.41
CA GLY H 89 -8.56 67.51 -6.52
C GLY H 89 -7.47 67.36 -7.56
N MET H 90 -6.23 67.15 -7.12
CA MET H 90 -5.15 66.91 -8.06
C MET H 90 -5.37 65.61 -8.82
N ALA H 91 -5.81 64.56 -8.13
CA ALA H 91 -6.06 63.29 -8.79
C ALA H 91 -7.17 63.39 -9.82
N GLN H 92 -8.25 64.09 -9.48
CA GLN H 92 -9.35 64.26 -10.43
C GLN H 92 -8.93 65.10 -11.63
N ALA H 93 -8.23 66.21 -11.38
CA ALA H 93 -7.80 67.07 -12.47
C ALA H 93 -6.84 66.34 -13.41
N LEU H 94 -5.93 65.56 -12.84
CA LEU H 94 -5.09 64.69 -13.64
C LEU H 94 -5.95 63.62 -14.30
N GLY H 95 -5.70 63.36 -15.58
CA GLY H 95 -6.47 62.40 -16.31
C GLY H 95 -6.30 60.99 -15.78
N PRO H 96 -7.29 60.13 -16.04
CA PRO H 96 -7.12 58.70 -15.74
C PRO H 96 -5.99 58.05 -16.53
N ASP H 97 -5.55 58.69 -17.62
CA ASP H 97 -4.41 58.17 -18.37
C ASP H 97 -3.14 58.20 -17.53
N THR H 98 -2.92 59.28 -16.80
CA THR H 98 -1.71 59.41 -15.98
C THR H 98 -1.90 58.67 -14.66
N PRO H 99 -0.99 57.77 -14.30
CA PRO H 99 -1.16 57.01 -13.05
C PRO H 99 -1.17 57.90 -11.82
N PHE H 100 -1.99 57.52 -10.84
CA PHE H 100 -2.05 58.22 -9.55
C PHE H 100 -2.22 57.12 -8.49
N THR H 101 -1.11 56.70 -7.91
CA THR H 101 -1.11 55.67 -6.87
C THR H 101 -1.27 56.37 -5.53
N ALA H 102 -2.42 56.16 -4.88
CA ALA H 102 -2.69 56.73 -3.57
C ALA H 102 -2.60 55.61 -2.55
N ILE H 103 -1.61 55.70 -1.66
CA ILE H 103 -1.42 54.75 -0.58
C ILE H 103 -1.34 55.50 0.73
N ALA H 104 -1.65 54.80 1.82
CA ALA H 104 -1.41 55.30 3.15
C ALA H 104 -0.04 54.85 3.66
N GLY H 105 0.46 55.56 4.67
CA GLY H 105 1.77 55.24 5.19
C GLY H 105 1.85 53.86 5.80
N SER H 106 0.73 53.37 6.34
CA SER H 106 0.75 52.07 7.02
C SER H 106 0.80 50.89 6.06
N GLU H 107 0.52 51.11 4.78
CA GLU H 107 0.43 50.01 3.83
C GLU H 107 1.78 49.46 3.41
N ILE H 108 2.88 50.14 3.74
CA ILE H 108 4.20 49.63 3.38
C ILE H 108 4.72 48.63 4.40
N PHE H 109 4.06 48.48 5.54
CA PHE H 109 4.44 47.50 6.54
C PHE H 109 3.75 46.18 6.19
N SER H 110 4.47 45.35 5.46
CA SER H 110 3.93 44.10 4.93
C SER H 110 4.67 42.92 5.56
N LEU H 111 3.94 41.81 5.74
CA LEU H 111 4.52 40.57 6.21
C LEU H 111 5.22 39.80 5.10
N GLU H 112 5.09 40.24 3.85
CA GLU H 112 5.62 39.51 2.70
C GLU H 112 6.86 40.15 2.10
N MET H 113 6.96 41.48 2.14
CA MET H 113 8.08 42.19 1.54
C MET H 113 8.51 43.31 2.45
N SER H 114 9.77 43.72 2.31
CA SER H 114 10.32 44.75 3.18
C SER H 114 9.71 46.11 2.86
N LYS H 115 9.99 47.07 3.73
CA LYS H 115 9.47 48.42 3.54
C LYS H 115 10.03 49.06 2.29
N THR H 116 11.33 48.86 2.03
CA THR H 116 11.94 49.41 0.82
C THR H 116 11.36 48.74 -0.42
N GLU H 117 11.09 47.44 -0.35
CA GLU H 117 10.47 46.77 -1.48
C GLU H 117 9.05 47.28 -1.71
N ALA H 118 8.30 47.51 -0.64
CA ALA H 118 6.96 48.08 -0.78
C ALA H 118 7.01 49.46 -1.42
N LEU H 119 7.96 50.29 -0.99
CA LEU H 119 8.07 51.63 -1.56
C LEU H 119 8.54 51.58 -3.01
N THR H 120 9.41 50.63 -3.34
CA THR H 120 9.84 50.47 -4.73
C THR H 120 8.67 50.05 -5.62
N GLN H 121 7.84 49.12 -5.13
CA GLN H 121 6.68 48.70 -5.90
C GLN H 121 5.69 49.85 -6.05
N ALA H 122 5.51 50.66 -5.00
CA ALA H 122 4.63 51.82 -5.10
C ALA H 122 5.17 52.83 -6.10
N PHE H 123 6.49 53.05 -6.10
CA PHE H 123 7.10 53.97 -7.05
C PHE H 123 6.93 53.49 -8.48
N ARG H 124 7.13 52.20 -8.72
CA ARG H 124 7.01 51.65 -10.06
C ARG H 124 5.55 51.48 -10.50
N ARG H 125 4.61 51.46 -9.57
CA ARG H 125 3.20 51.46 -9.93
C ARG H 125 2.75 52.83 -10.42
N SER H 126 3.49 53.89 -10.10
CA SER H 126 3.12 55.24 -10.47
C SER H 126 3.65 55.63 -11.85
N ILE H 127 4.43 54.79 -12.51
CA ILE H 127 4.89 55.05 -13.87
C ILE H 127 4.14 54.13 -14.82
N GLY H 128 3.39 54.72 -15.75
CA GLY H 128 2.65 53.95 -16.73
C GLY H 128 3.42 53.78 -18.03
N VAL H 129 3.30 52.60 -18.61
CA VAL H 129 3.90 52.26 -19.89
C VAL H 129 2.77 51.87 -20.83
N ARG H 130 2.53 52.67 -21.85
CA ARG H 130 1.49 52.40 -22.84
C ARG H 130 2.13 51.68 -24.02
N ILE H 131 1.69 50.44 -24.24
CA ILE H 131 2.25 49.60 -25.29
C ILE H 131 1.37 49.70 -26.54
N LYS H 132 1.96 49.37 -27.68
CA LYS H 132 1.27 49.46 -28.96
C LYS H 132 1.86 48.38 -29.86
N GLU H 133 1.11 47.29 -30.03
CA GLU H 133 1.55 46.15 -30.81
C GLU H 133 0.63 45.97 -32.01
N GLU H 134 1.22 45.84 -33.19
CA GLU H 134 0.49 45.57 -34.41
C GLU H 134 0.88 44.19 -34.92
N THR H 135 -0.11 43.33 -35.15
CA THR H 135 0.13 41.93 -35.43
C THR H 135 -0.79 41.47 -36.55
N GLU H 136 -0.24 40.70 -37.49
CA GLU H 136 -1.01 40.09 -38.55
C GLU H 136 -1.62 38.78 -38.07
N ILE H 137 -2.90 38.58 -38.35
CA ILE H 137 -3.63 37.41 -37.91
C ILE H 137 -4.45 36.86 -39.08
N ILE H 138 -4.79 35.59 -38.99
CA ILE H 138 -5.78 34.96 -39.87
C ILE H 138 -7.03 34.70 -39.05
N GLU H 139 -8.18 35.10 -39.59
CA GLU H 139 -9.44 35.03 -38.86
C GLU H 139 -10.52 34.45 -39.76
N GLY H 140 -11.12 33.35 -39.35
CA GLY H 140 -12.17 32.74 -40.13
C GLY H 140 -12.83 31.62 -39.37
N GLU H 141 -13.85 31.04 -40.00
CA GLU H 141 -14.57 29.89 -39.47
C GLU H 141 -14.00 28.62 -40.10
N VAL H 142 -13.74 27.62 -39.27
CA VAL H 142 -13.16 26.38 -39.75
C VAL H 142 -14.23 25.57 -40.48
N VAL H 143 -13.94 25.19 -41.71
CA VAL H 143 -14.87 24.42 -42.53
C VAL H 143 -14.53 22.94 -42.51
N GLU H 144 -13.27 22.60 -42.76
CA GLU H 144 -12.83 21.22 -42.77
C GLU H 144 -11.39 21.16 -42.29
N ILE H 145 -11.07 20.10 -41.54
CA ILE H 145 -9.71 19.81 -41.13
C ILE H 145 -9.44 18.36 -41.54
N GLN H 146 -8.55 18.18 -42.51
CA GLN H 146 -8.14 16.86 -42.94
C GLN H 146 -6.67 16.67 -42.61
N ILE H 147 -6.36 15.57 -41.92
CA ILE H 147 -5.00 15.21 -41.55
C ILE H 147 -4.73 13.81 -42.06
N ASP H 148 -3.63 13.65 -42.79
CA ASP H 148 -3.26 12.36 -43.34
C ASP H 148 -2.27 11.65 -42.42
N ARG H 149 -2.26 10.33 -42.50
CA ARG H 149 -1.38 9.51 -41.66
C ARG H 149 -0.93 8.26 -42.41
N SER H 156 0.04 11.96 -39.07
CA SER H 156 -0.26 13.37 -38.83
C SER H 156 0.86 14.27 -39.36
N LYS H 157 1.59 13.76 -40.35
CA LYS H 157 2.72 14.52 -40.90
C LYS H 157 2.24 15.73 -41.71
N VAL H 158 1.18 15.57 -42.51
CA VAL H 158 0.71 16.64 -43.37
C VAL H 158 -0.82 16.62 -43.42
N GLY H 159 -1.41 17.80 -43.62
CA GLY H 159 -2.84 17.95 -43.67
C GLY H 159 -3.21 19.29 -44.28
N LYS H 160 -4.53 19.52 -44.38
CA LYS H 160 -5.06 20.75 -44.94
C LYS H 160 -6.14 21.31 -44.02
N LEU H 161 -6.19 22.64 -43.95
CA LEU H 161 -7.19 23.36 -43.17
C LEU H 161 -7.92 24.34 -44.07
N THR H 162 -9.25 24.33 -44.02
CA THR H 162 -10.09 25.23 -44.80
C THR H 162 -10.75 26.24 -43.87
N LEU H 163 -10.55 27.52 -44.15
CA LEU H 163 -11.13 28.61 -43.38
C LEU H 163 -11.98 29.47 -44.29
N LYS H 164 -13.04 30.06 -43.73
CA LYS H 164 -13.93 30.87 -44.53
C LYS H 164 -14.42 32.08 -43.74
N THR H 165 -14.83 33.10 -44.48
CA THR H 165 -15.52 34.28 -43.97
C THR H 165 -16.86 34.39 -44.70
N THR H 166 -17.58 35.48 -44.45
CA THR H 166 -18.80 35.71 -45.22
C THR H 166 -18.50 36.13 -46.64
N GLU H 167 -17.26 36.49 -46.96
CA GLU H 167 -16.89 36.99 -48.27
C GLU H 167 -15.67 36.28 -48.86
N MET H 168 -15.22 35.18 -48.25
CA MET H 168 -13.98 34.56 -48.69
C MET H 168 -13.93 33.12 -48.19
N GLU H 169 -13.06 32.34 -48.83
CA GLU H 169 -12.83 30.95 -48.45
C GLU H 169 -11.52 30.49 -49.07
N THR H 170 -10.65 29.90 -48.27
CA THR H 170 -9.37 29.43 -48.78
C THR H 170 -8.95 28.17 -48.04
N ILE H 171 -7.95 27.50 -48.58
CA ILE H 171 -7.42 26.26 -48.03
C ILE H 171 -5.92 26.45 -47.76
N TYR H 172 -5.47 25.89 -46.64
CA TYR H 172 -4.09 26.07 -46.19
C TYR H 172 -3.43 24.70 -46.02
N ASP H 173 -2.14 24.63 -46.34
CA ASP H 173 -1.35 23.44 -46.13
C ASP H 173 -0.71 23.52 -44.75
N LEU H 174 -0.87 22.46 -43.96
CA LEU H 174 -0.39 22.45 -42.59
C LEU H 174 0.89 21.65 -42.45
N GLY H 175 1.72 22.07 -41.51
CA GLY H 175 2.91 21.34 -41.14
C GLY H 175 2.72 20.52 -39.88
N THR H 176 3.85 20.04 -39.34
CA THR H 176 3.79 19.20 -38.14
C THR H 176 3.35 20.01 -36.93
N LYS H 177 3.97 21.17 -36.71
CA LYS H 177 3.64 21.95 -35.51
C LYS H 177 2.25 22.54 -35.60
N MET H 178 1.82 22.97 -36.79
CA MET H 178 0.47 23.48 -36.93
C MET H 178 -0.56 22.40 -36.68
N ILE H 179 -0.32 21.18 -37.19
CA ILE H 179 -1.23 20.07 -36.95
C ILE H 179 -1.28 19.75 -35.45
N GLU H 180 -0.11 19.74 -34.80
CA GLU H 180 -0.08 19.47 -33.37
C GLU H 180 -0.84 20.53 -32.58
N SER H 181 -0.68 21.79 -32.96
CA SER H 181 -1.38 22.87 -32.26
C SER H 181 -2.89 22.78 -32.49
N LEU H 182 -3.31 22.41 -33.70
CA LEU H 182 -4.74 22.28 -33.97
C LEU H 182 -5.32 21.09 -33.21
N THR H 183 -4.58 20.00 -33.09
CA THR H 183 -5.09 18.84 -32.36
C THR H 183 -5.10 19.10 -30.86
N LYS H 184 -4.14 19.86 -30.34
CA LYS H 184 -4.11 20.16 -28.92
C LYS H 184 -5.32 20.99 -28.51
N ASP H 185 -5.70 21.97 -29.32
CA ASP H 185 -6.85 22.80 -29.02
C ASP H 185 -8.16 22.16 -29.44
N LYS H 186 -8.11 20.97 -30.05
CA LYS H 186 -9.30 20.24 -30.48
C LYS H 186 -10.18 21.10 -31.37
N VAL H 187 -9.54 21.77 -32.33
CA VAL H 187 -10.27 22.60 -33.27
C VAL H 187 -11.00 21.70 -34.26
N GLN H 188 -12.29 21.97 -34.45
CA GLN H 188 -13.08 21.19 -35.40
C GLN H 188 -13.91 22.10 -36.29
N ALA H 189 -14.76 21.51 -37.12
CA ALA H 189 -15.60 22.30 -38.00
C ALA H 189 -16.54 23.20 -37.21
N GLY H 190 -16.85 24.35 -37.79
CA GLY H 190 -17.72 25.33 -37.18
C GLY H 190 -17.07 26.22 -36.15
N ASP H 191 -15.81 25.98 -35.80
CA ASP H 191 -15.12 26.81 -34.82
C ASP H 191 -14.59 28.07 -35.48
N VAL H 192 -14.79 29.21 -34.81
CA VAL H 192 -14.30 30.49 -35.29
C VAL H 192 -13.01 30.79 -34.51
N ILE H 193 -11.89 30.80 -35.23
CA ILE H 193 -10.57 30.86 -34.61
C ILE H 193 -9.77 31.97 -35.27
N THR H 194 -8.74 32.42 -34.56
CA THR H 194 -7.75 33.32 -35.12
C THR H 194 -6.37 32.72 -34.94
N ILE H 195 -5.53 32.85 -35.96
CA ILE H 195 -4.18 32.30 -35.97
C ILE H 195 -3.19 33.44 -36.18
N ASP H 196 -2.20 33.53 -35.29
CA ASP H 196 -1.15 34.53 -35.44
C ASP H 196 -0.13 34.05 -36.46
N LYS H 197 0.14 34.87 -37.47
CA LYS H 197 1.04 34.46 -38.54
C LYS H 197 2.47 34.31 -38.03
N ALA H 198 2.91 35.22 -37.15
CA ALA H 198 4.29 35.20 -36.69
C ALA H 198 4.58 34.00 -35.80
N THR H 199 3.70 33.70 -34.85
CA THR H 199 3.97 32.67 -33.85
C THR H 199 3.17 31.39 -34.05
N GLY H 200 2.09 31.42 -34.81
CA GLY H 200 1.30 30.23 -35.04
C GLY H 200 0.34 29.85 -33.93
N LYS H 201 0.24 30.67 -32.88
CA LYS H 201 -0.65 30.33 -31.78
C LYS H 201 -2.10 30.50 -32.22
N ILE H 202 -2.94 29.58 -31.74
CA ILE H 202 -4.34 29.51 -32.13
C ILE H 202 -5.18 29.77 -30.89
N SER H 203 -6.04 30.77 -30.96
CA SER H 203 -7.03 31.03 -29.92
C SER H 203 -8.41 30.94 -30.54
N LYS H 204 -9.32 30.28 -29.83
CA LYS H 204 -10.66 30.02 -30.33
C LYS H 204 -11.60 31.11 -29.83
N LEU H 205 -12.20 31.85 -30.76
CA LEU H 205 -13.11 32.93 -30.40
C LEU H 205 -14.48 32.37 -30.04
N GLY H 206 -14.98 31.46 -30.87
CA GLY H 206 -16.25 30.83 -30.63
C GLY H 206 -16.53 29.81 -31.71
N ARG H 207 -17.78 29.37 -31.78
CA ARG H 207 -18.21 28.50 -32.86
C ARG H 207 -19.47 29.05 -33.52
N SER H 208 -19.60 28.75 -34.81
CA SER H 208 -20.78 29.16 -35.57
C SER H 208 -21.99 28.33 -35.14
N PHE H 209 -23.16 28.95 -35.22
CA PHE H 209 -24.41 28.28 -34.87
C PHE H 209 -25.04 27.69 -36.12
N THR H 210 -25.32 26.38 -36.07
CA THR H 210 -26.09 25.70 -37.09
C THR H 210 -27.32 25.07 -36.46
N ARG H 211 -28.19 24.54 -37.32
CA ARG H 211 -29.41 23.91 -36.85
C ARG H 211 -29.12 22.70 -35.97
N ALA H 212 -28.02 22.01 -36.24
CA ALA H 212 -27.66 20.81 -35.48
C ALA H 212 -26.93 21.09 -34.18
N ARG H 213 -26.56 22.35 -33.91
CA ARG H 213 -25.85 22.70 -32.69
C ARG H 213 -26.78 23.28 -31.63
N ASP H 214 -28.07 22.94 -31.68
CA ASP H 214 -29.04 23.39 -30.68
C ASP H 214 -28.88 22.56 -29.41
N TYR H 215 -27.78 22.82 -28.71
CA TYR H 215 -27.46 22.09 -27.50
C TYR H 215 -28.45 22.43 -26.39
N ASP H 216 -28.75 21.43 -25.55
CA ASP H 216 -29.55 21.65 -24.36
C ASP H 216 -28.72 22.11 -23.18
N ALA H 217 -27.47 21.68 -23.10
CA ALA H 217 -26.52 22.13 -22.09
C ALA H 217 -25.24 22.57 -22.78
N MET H 218 -24.68 23.68 -22.32
CA MET H 218 -23.46 24.22 -22.89
C MET H 218 -22.34 24.26 -21.85
N GLY H 219 -21.12 24.06 -22.31
CA GLY H 219 -19.95 24.17 -21.48
C GLY H 219 -19.70 25.60 -21.04
N SER H 220 -18.83 25.74 -20.04
CA SER H 220 -18.61 27.04 -19.43
C SER H 220 -17.85 28.01 -20.33
N GLN H 221 -17.17 27.51 -21.36
CA GLN H 221 -16.38 28.37 -22.24
C GLN H 221 -16.94 28.49 -23.65
N THR H 222 -17.83 27.60 -24.06
CA THR H 222 -18.40 27.67 -25.39
C THR H 222 -19.37 28.84 -25.53
N LYS H 223 -19.30 29.53 -26.66
CA LYS H 223 -20.22 30.62 -26.97
C LYS H 223 -20.33 30.69 -28.49
N PHE H 224 -21.53 31.03 -28.96
CA PHE H 224 -21.80 31.09 -30.39
C PHE H 224 -21.60 32.51 -30.89
N VAL H 225 -20.83 32.66 -31.97
CA VAL H 225 -20.52 33.95 -32.57
C VAL H 225 -20.83 33.89 -34.06
N GLN H 226 -21.06 35.07 -34.63
CA GLN H 226 -21.26 35.16 -36.07
C GLN H 226 -19.95 34.92 -36.81
N CYS H 227 -20.06 34.37 -38.01
CA CYS H 227 -18.89 34.17 -38.86
C CYS H 227 -18.29 35.53 -39.21
N PRO H 228 -16.98 35.70 -39.10
CA PRO H 228 -16.39 37.01 -39.42
C PRO H 228 -16.55 37.35 -40.90
N ASP H 229 -16.63 38.65 -41.16
CA ASP H 229 -16.74 39.17 -42.52
C ASP H 229 -15.38 39.68 -42.98
N GLY H 230 -15.36 40.25 -44.18
CA GLY H 230 -14.14 40.85 -44.69
C GLY H 230 -13.14 39.84 -45.22
N GLU H 231 -11.86 40.07 -44.92
CA GLU H 231 -10.78 39.31 -45.49
C GLU H 231 -10.17 38.39 -44.45
N LEU H 232 -9.73 37.21 -44.89
CA LEU H 232 -9.19 36.22 -43.97
C LEU H 232 -7.93 36.70 -43.26
N GLN H 233 -7.11 37.51 -43.93
CA GLN H 233 -5.93 38.08 -43.30
C GLN H 233 -6.26 39.45 -42.76
N LYS H 234 -5.95 39.68 -41.48
CA LYS H 234 -6.31 40.90 -40.80
C LYS H 234 -5.13 41.35 -39.95
N ARG H 235 -5.11 42.65 -39.65
CA ARG H 235 -4.11 43.23 -38.77
C ARG H 235 -4.74 43.60 -37.44
N LYS H 236 -4.11 43.18 -36.36
CA LYS H 236 -4.61 43.41 -35.00
C LYS H 236 -3.72 44.43 -34.31
N GLU H 237 -4.31 45.54 -33.89
CA GLU H 237 -3.61 46.59 -33.18
C GLU H 237 -4.13 46.64 -31.74
N VAL H 238 -3.22 46.48 -30.78
CA VAL H 238 -3.57 46.47 -29.37
C VAL H 238 -2.79 47.57 -28.68
N VAL H 239 -3.50 48.47 -28.00
CA VAL H 239 -2.90 49.53 -27.22
C VAL H 239 -3.42 49.39 -25.79
N HIS H 240 -2.49 49.26 -24.85
CA HIS H 240 -2.84 49.10 -23.44
C HIS H 240 -1.80 49.81 -22.59
N THR H 241 -2.21 50.22 -21.39
CA THR H 241 -1.34 50.89 -20.44
C THR H 241 -1.05 49.96 -19.28
N VAL H 242 0.23 49.68 -19.05
CA VAL H 242 0.70 48.87 -17.93
C VAL H 242 1.73 49.67 -17.17
N SER H 243 1.91 49.33 -15.90
CA SER H 243 2.91 50.02 -15.09
C SER H 243 4.20 49.22 -15.06
N LEU H 244 5.26 49.88 -14.57
CA LEU H 244 6.54 49.19 -14.44
C LEU H 244 6.44 48.04 -13.44
N HIS H 245 5.68 48.22 -12.37
CA HIS H 245 5.51 47.16 -11.39
C HIS H 245 4.84 45.94 -12.00
N GLU H 246 3.88 46.15 -12.90
CA GLU H 246 3.23 45.03 -13.56
C GLU H 246 4.20 44.26 -14.45
N ILE H 247 5.07 44.97 -15.17
CA ILE H 247 6.06 44.30 -16.00
C ILE H 247 7.07 43.55 -15.13
N ASP H 248 7.41 44.14 -13.98
CA ASP H 248 8.29 43.46 -13.04
C ASP H 248 7.67 42.16 -12.55
N VAL H 249 6.39 42.22 -12.16
CA VAL H 249 5.72 41.04 -11.63
C VAL H 249 5.55 39.98 -12.70
N ILE H 250 5.26 40.39 -13.94
CA ILE H 250 5.10 39.42 -15.03
C ILE H 250 6.39 38.65 -15.26
N ASN H 251 7.53 39.32 -15.17
CA ASN H 251 8.83 38.68 -15.42
C ASN H 251 9.50 38.18 -14.16
N SER H 252 8.83 38.26 -13.00
CA SER H 252 9.44 37.77 -11.77
C SER H 252 9.52 36.24 -11.74
N ARG H 253 8.48 35.56 -12.23
CA ARG H 253 8.45 34.10 -12.23
C ARG H 253 7.78 33.63 -13.52
N THR H 254 7.68 32.31 -13.67
CA THR H 254 7.13 31.73 -14.89
C THR H 254 5.69 32.16 -15.14
N GLN H 255 4.87 32.18 -14.10
CA GLN H 255 3.49 32.64 -14.23
C GLN H 255 3.28 33.86 -13.35
N GLY H 256 4.19 34.83 -13.47
CA GLY H 256 4.16 36.00 -12.61
C GLY H 256 2.92 36.84 -12.73
N PHE H 257 2.22 36.75 -13.86
CA PHE H 257 0.98 37.53 -13.99
C PHE H 257 -0.06 37.12 -12.96
N LEU H 258 0.05 35.91 -12.40
CA LEU H 258 -0.86 35.50 -11.34
C LEU H 258 -0.64 36.32 -10.07
N ALA H 259 0.59 36.76 -9.83
CA ALA H 259 0.86 37.60 -8.66
C ALA H 259 0.25 38.99 -8.79
N LEU H 260 -0.12 39.40 -10.00
CA LEU H 260 -0.83 40.66 -10.15
C LEU H 260 -2.26 40.59 -9.65
N PHE H 261 -2.77 39.39 -9.40
CA PHE H 261 -4.06 39.18 -8.75
C PHE H 261 -3.93 38.84 -7.27
N SER H 262 -3.04 37.89 -6.95
CA SER H 262 -2.88 37.47 -5.57
C SER H 262 -2.12 38.49 -4.73
N GLY H 263 -1.16 39.19 -5.33
CA GLY H 263 -0.29 40.06 -4.59
C GLY H 263 0.89 39.39 -3.93
N ASP H 264 1.06 38.08 -4.11
CA ASP H 264 2.18 37.33 -3.53
C ASP H 264 3.43 37.54 -4.39
N THR H 265 3.80 38.82 -4.53
CA THR H 265 4.93 39.17 -5.38
C THR H 265 6.26 38.81 -4.74
N GLY H 266 6.41 39.05 -3.45
CA GLY H 266 7.70 38.91 -2.83
C GLY H 266 8.60 40.09 -3.16
N GLU H 267 9.90 39.88 -2.98
CA GLU H 267 10.92 40.89 -3.28
C GLU H 267 11.51 40.60 -4.65
N ILE H 268 11.16 41.44 -5.62
CA ILE H 268 11.65 41.26 -6.98
C ILE H 268 13.14 41.62 -7.03
N LYS H 269 13.91 40.82 -7.76
CA LYS H 269 15.34 41.05 -7.87
C LYS H 269 15.62 42.37 -8.58
N SER H 270 16.65 43.07 -8.13
CA SER H 270 17.01 44.34 -8.75
C SER H 270 17.51 44.16 -10.18
N GLU H 271 18.12 43.02 -10.48
CA GLU H 271 18.58 42.76 -11.83
C GLU H 271 17.41 42.67 -12.80
N VAL H 272 16.31 42.06 -12.38
CA VAL H 272 15.11 42.01 -13.21
C VAL H 272 14.59 43.41 -13.49
N ARG H 273 14.58 44.27 -12.45
CA ARG H 273 14.13 45.64 -12.63
C ARG H 273 15.03 46.41 -13.58
N GLU H 274 16.35 46.19 -13.51
CA GLU H 274 17.25 46.87 -14.42
C GLU H 274 17.06 46.38 -15.86
N GLN H 275 16.88 45.07 -16.03
CA GLN H 275 16.60 44.53 -17.35
C GLN H 275 15.31 45.11 -17.92
N ILE H 276 14.29 45.26 -17.07
CA ILE H 276 13.02 45.81 -17.54
C ILE H 276 13.15 47.29 -17.86
N ASN H 277 13.94 48.03 -17.08
CA ASN H 277 14.19 49.42 -17.42
C ASN H 277 14.85 49.55 -18.78
N ALA H 278 15.85 48.69 -19.04
CA ALA H 278 16.52 48.74 -20.34
C ALA H 278 15.58 48.33 -21.47
N LYS H 279 14.78 47.29 -21.26
CA LYS H 279 13.85 46.84 -22.28
C LYS H 279 12.79 47.89 -22.56
N VAL H 280 12.33 48.59 -21.52
CA VAL H 280 11.34 49.64 -21.68
C VAL H 280 11.95 50.83 -22.44
N ALA H 281 13.22 51.14 -22.17
CA ALA H 281 13.89 52.17 -22.95
C ALA H 281 14.01 51.76 -24.41
N GLU H 282 14.32 50.48 -24.65
CA GLU H 282 14.39 49.99 -26.01
C GLU H 282 13.04 50.09 -26.72
N TRP H 283 11.97 49.72 -26.02
CA TRP H 283 10.62 49.87 -26.59
C TRP H 283 10.32 51.32 -26.89
N ARG H 284 10.71 52.22 -26.01
CA ARG H 284 10.46 53.65 -26.20
C ARG H 284 11.22 54.18 -27.41
N GLU H 285 12.44 53.69 -27.63
CA GLU H 285 13.18 54.08 -28.83
C GLU H 285 12.56 53.49 -30.08
N GLU H 286 12.08 52.24 -30.01
CA GLU H 286 11.51 51.59 -31.18
C GLU H 286 10.11 52.10 -31.53
N GLY H 287 9.48 52.89 -30.67
CA GLY H 287 8.13 53.34 -30.90
C GLY H 287 7.04 52.41 -30.44
N LYS H 288 7.39 51.32 -29.76
CA LYS H 288 6.42 50.35 -29.30
C LYS H 288 5.87 50.64 -27.91
N ALA H 289 6.40 51.66 -27.23
CA ALA H 289 5.91 52.02 -25.91
C ALA H 289 6.13 53.50 -25.65
N GLU H 290 5.33 54.04 -24.74
CA GLU H 290 5.41 55.42 -24.30
C GLU H 290 5.39 55.44 -22.78
N ILE H 291 6.15 56.35 -22.19
CA ILE H 291 6.24 56.46 -20.74
C ILE H 291 5.35 57.61 -20.28
N ILE H 292 4.52 57.34 -19.28
CA ILE H 292 3.65 58.33 -18.67
C ILE H 292 3.99 58.37 -17.19
N PRO H 293 4.95 59.19 -16.77
CA PRO H 293 5.22 59.32 -15.33
C PRO H 293 4.00 59.90 -14.61
N GLY H 294 3.76 59.40 -13.41
CA GLY H 294 2.57 59.76 -12.67
C GLY H 294 2.85 60.30 -11.28
N VAL H 295 1.93 60.06 -10.36
CA VAL H 295 2.01 60.56 -9.00
C VAL H 295 1.86 59.42 -8.02
N LEU H 296 2.70 59.41 -6.99
CA LEU H 296 2.51 58.55 -5.83
C LEU H 296 2.13 59.45 -4.67
N PHE H 297 0.89 59.30 -4.19
CA PHE H 297 0.42 60.05 -3.03
C PHE H 297 0.47 59.15 -1.81
N ILE H 298 1.29 59.53 -0.83
CA ILE H 298 1.34 58.86 0.46
C ILE H 298 0.64 59.77 1.47
N ASP H 299 -0.51 59.32 1.96
CA ASP H 299 -1.26 60.07 2.96
C ASP H 299 -0.86 59.61 4.35
N GLU H 300 -0.67 60.58 5.25
CA GLU H 300 -0.21 60.32 6.61
C GLU H 300 1.16 59.64 6.61
N VAL H 301 2.13 60.41 6.11
CA VAL H 301 3.48 59.91 5.94
C VAL H 301 4.18 59.73 7.29
N HIS H 302 3.74 60.45 8.32
CA HIS H 302 4.34 60.34 9.63
C HIS H 302 4.35 58.90 10.16
N MET H 303 3.54 58.01 9.58
CA MET H 303 3.58 56.60 9.95
C MET H 303 4.79 55.87 9.40
N LEU H 304 5.46 56.44 8.40
CA LEU H 304 6.69 55.85 7.89
C LEU H 304 7.79 55.89 8.95
N ASP H 305 8.62 54.85 8.95
CA ASP H 305 9.75 54.80 9.87
C ASP H 305 10.94 55.55 9.29
N ILE H 306 11.99 55.66 10.10
CA ILE H 306 13.20 56.36 9.66
C ILE H 306 13.86 55.65 8.49
N GLU H 307 13.80 54.32 8.47
CA GLU H 307 14.35 53.58 7.35
C GLU H 307 13.62 53.92 6.06
N SER H 308 12.29 54.03 6.12
CA SER H 308 11.51 54.36 4.93
C SER H 308 11.87 55.75 4.41
N PHE H 309 12.05 56.71 5.32
CA PHE H 309 12.47 58.04 4.90
C PHE H 309 13.85 58.02 4.27
N SER H 310 14.78 57.24 4.86
CA SER H 310 16.11 57.14 4.29
C SER H 310 16.07 56.53 2.89
N PHE H 311 15.21 55.53 2.69
CA PHE H 311 15.08 54.97 1.35
C PHE H 311 14.46 55.98 0.38
N LEU H 312 13.46 56.74 0.85
CA LEU H 312 12.83 57.75 0.00
C LEU H 312 13.84 58.81 -0.42
N ASN H 313 14.81 59.12 0.44
CA ASN H 313 15.80 60.14 0.12
C ASN H 313 16.50 59.85 -1.20
N ARG H 314 16.91 58.61 -1.40
CA ARG H 314 17.66 58.22 -2.60
C ARG H 314 16.79 57.61 -3.68
N ALA H 315 15.56 57.21 -3.36
CA ALA H 315 14.67 56.71 -4.40
C ALA H 315 14.19 57.84 -5.31
N LEU H 316 14.04 59.05 -4.77
CA LEU H 316 13.63 60.18 -5.58
C LEU H 316 14.70 60.62 -6.57
N GLU H 317 15.93 60.16 -6.41
CA GLU H 317 17.03 60.59 -7.25
C GLU H 317 17.16 59.77 -8.54
N SER H 318 16.28 58.81 -8.76
CA SER H 318 16.34 58.02 -9.98
C SER H 318 15.71 58.78 -11.14
N ASP H 319 16.07 58.36 -12.35
CA ASP H 319 15.47 58.93 -13.56
C ASP H 319 14.12 58.32 -13.86
N MET H 320 13.73 57.27 -13.14
CA MET H 320 12.41 56.66 -13.28
C MET H 320 11.64 56.81 -11.98
N ALA H 321 11.66 58.01 -11.40
CA ALA H 321 10.94 58.28 -10.17
C ALA H 321 9.79 59.23 -10.45
N PRO H 322 8.58 58.92 -9.99
CA PRO H 322 7.45 59.81 -10.23
C PRO H 322 7.46 61.00 -9.29
N VAL H 323 6.40 61.80 -9.33
CA VAL H 323 6.24 62.88 -8.36
C VAL H 323 5.65 62.29 -7.08
N LEU H 324 6.31 62.56 -5.96
CA LEU H 324 5.89 62.06 -4.66
C LEU H 324 5.17 63.19 -3.92
N ILE H 325 3.84 63.08 -3.82
CA ILE H 325 3.04 64.01 -3.05
C ILE H 325 2.75 63.37 -1.70
N MET H 326 2.98 64.13 -0.63
CA MET H 326 2.82 63.63 0.73
C MET H 326 1.93 64.58 1.51
N ALA H 327 1.35 64.06 2.60
CA ALA H 327 0.47 64.85 3.44
C ALA H 327 0.60 64.40 4.89
N THR H 328 0.91 65.34 5.77
CA THR H 328 0.96 65.09 7.21
C THR H 328 0.28 66.25 7.93
N ASN H 329 -0.27 65.95 9.11
CA ASN H 329 -0.86 66.97 9.98
C ASN H 329 -0.14 67.06 11.31
N ARG H 330 1.07 66.53 11.40
CA ARG H 330 1.83 66.51 12.64
C ARG H 330 2.61 67.81 12.82
N GLY H 331 2.72 68.25 14.07
CA GLY H 331 3.62 69.33 14.44
C GLY H 331 5.02 68.78 14.64
N ILE H 332 5.81 69.51 15.42
CA ILE H 332 7.13 69.00 15.75
C ILE H 332 6.94 67.78 16.66
N THR H 333 7.15 66.60 16.10
CA THR H 333 6.84 65.34 16.77
C THR H 333 8.01 64.39 16.65
N ARG H 334 7.81 63.17 17.15
CA ARG H 334 8.84 62.15 17.18
C ARG H 334 8.81 61.33 15.89
N ILE H 335 9.98 61.15 15.28
CA ILE H 335 10.09 60.29 14.10
C ILE H 335 9.93 58.84 14.53
N ARG H 336 9.11 58.09 13.80
CA ARG H 336 8.89 56.70 14.14
C ARG H 336 10.18 55.90 13.95
N GLY H 337 10.47 55.04 14.92
CA GLY H 337 11.70 54.28 14.93
C GLY H 337 12.88 55.00 15.55
N THR H 338 12.71 56.26 15.95
CA THR H 338 13.76 57.02 16.60
C THR H 338 13.20 57.71 17.84
N SER H 339 14.07 58.44 18.53
CA SER H 339 13.69 59.25 19.68
C SER H 339 13.85 60.75 19.38
N TYR H 340 14.02 61.12 18.12
CA TYR H 340 14.28 62.50 17.74
C TYR H 340 12.98 63.21 17.40
N GLN H 341 12.99 64.53 17.58
CA GLN H 341 11.86 65.39 17.26
C GLN H 341 12.17 66.16 15.97
N SER H 342 11.23 66.12 15.03
CA SER H 342 11.38 66.77 13.74
C SER H 342 10.10 67.49 13.38
N PRO H 343 10.19 68.54 12.54
CA PRO H 343 9.04 69.45 12.38
C PRO H 343 7.76 68.78 11.90
N HIS H 344 7.82 67.72 11.08
CA HIS H 344 6.60 67.04 10.67
C HIS H 344 6.60 65.56 10.99
N GLY H 345 7.51 65.11 11.87
CA GLY H 345 7.78 63.69 11.99
C GLY H 345 8.69 63.15 10.92
N ILE H 346 9.15 64.00 10.01
CA ILE H 346 9.98 63.62 8.87
C ILE H 346 11.39 64.16 9.11
N PRO H 347 12.44 63.37 8.91
CA PRO H 347 13.78 63.90 9.13
C PRO H 347 14.06 65.08 8.22
N ILE H 348 14.85 66.03 8.74
CA ILE H 348 15.10 67.28 8.05
C ILE H 348 15.86 67.07 6.75
N ASP H 349 16.51 65.91 6.60
CA ASP H 349 17.20 65.62 5.33
C ASP H 349 16.20 65.41 4.20
N LEU H 350 15.11 64.69 4.47
CA LEU H 350 14.08 64.52 3.44
C LEU H 350 13.30 65.81 3.23
N LEU H 351 13.07 66.58 4.29
CA LEU H 351 12.35 67.84 4.16
C LEU H 351 13.07 68.86 3.29
N ASP H 352 14.40 68.74 3.16
CA ASP H 352 15.13 69.61 2.25
C ASP H 352 14.95 69.20 0.80
N ARG H 353 14.48 67.99 0.53
CA ARG H 353 14.25 67.49 -0.81
C ARG H 353 12.86 67.81 -1.34
N LEU H 354 12.02 68.50 -0.57
CA LEU H 354 10.62 68.65 -0.92
C LEU H 354 10.14 70.07 -0.65
N LEU H 355 9.13 70.47 -1.42
CA LEU H 355 8.45 71.75 -1.25
C LEU H 355 7.21 71.55 -0.40
N ILE H 356 6.98 72.47 0.54
CA ILE H 356 5.91 72.33 1.52
C ILE H 356 4.77 73.27 1.13
N VAL H 357 3.58 72.71 1.00
CA VAL H 357 2.36 73.47 0.74
C VAL H 357 1.55 73.50 2.03
N SER H 358 1.38 74.69 2.60
CA SER H 358 0.71 74.86 3.88
C SER H 358 -0.75 75.21 3.66
N THR H 359 -1.63 74.55 4.41
CA THR H 359 -3.06 74.82 4.36
C THR H 359 -3.47 75.57 5.62
N THR H 360 -4.19 76.67 5.44
CA THR H 360 -4.64 77.52 6.54
C THR H 360 -6.02 77.09 7.01
N PRO H 361 -6.37 77.39 8.26
CA PRO H 361 -7.71 77.08 8.75
C PRO H 361 -8.77 77.87 7.99
N TYR H 362 -9.95 77.28 7.88
CA TYR H 362 -11.05 77.92 7.16
C TYR H 362 -11.74 78.96 8.01
N SER H 363 -12.32 79.96 7.34
CA SER H 363 -13.09 80.99 7.99
C SER H 363 -14.57 80.58 8.04
N GLU H 364 -15.39 81.46 8.61
CA GLU H 364 -16.83 81.17 8.69
C GLU H 364 -17.45 81.08 7.30
N LYS H 365 -17.09 81.99 6.40
CA LYS H 365 -17.64 81.96 5.05
C LYS H 365 -17.23 80.69 4.32
N ASP H 366 -15.96 80.29 4.45
CA ASP H 366 -15.49 79.07 3.80
C ASP H 366 -16.18 77.85 4.38
N THR H 367 -16.37 77.81 5.70
CA THR H 367 -17.05 76.70 6.33
C THR H 367 -18.50 76.60 5.85
N LYS H 368 -19.19 77.73 5.74
CA LYS H 368 -20.57 77.72 5.26
C LYS H 368 -20.64 77.27 3.81
N GLN H 369 -19.69 77.71 2.98
CA GLN H 369 -19.68 77.29 1.59
C GLN H 369 -19.40 75.80 1.45
N ILE H 370 -18.51 75.27 2.28
CA ILE H 370 -18.23 73.84 2.26
C ILE H 370 -19.47 73.06 2.70
N LEU H 371 -20.17 73.56 3.73
CA LEU H 371 -21.39 72.90 4.16
C LEU H 371 -22.44 72.93 3.05
N ARG H 372 -22.53 74.04 2.32
CA ARG H 372 -23.47 74.12 1.21
C ARG H 372 -23.12 73.11 0.12
N ILE H 373 -21.83 72.97 -0.20
CA ILE H 373 -21.42 72.01 -1.22
C ILE H 373 -21.73 70.59 -0.77
N ARG H 374 -21.48 70.27 0.50
CA ARG H 374 -21.78 68.94 1.00
C ARG H 374 -23.29 68.66 0.96
N CYS H 375 -24.10 69.65 1.32
CA CYS H 375 -25.55 69.48 1.27
C CYS H 375 -26.02 69.26 -0.15
N GLU H 376 -25.47 70.02 -1.10
CA GLU H 376 -25.82 69.81 -2.51
C GLU H 376 -25.41 68.43 -2.97
N GLU H 377 -24.23 67.96 -2.54
CA GLU H 377 -23.76 66.63 -2.92
C GLU H 377 -24.69 65.55 -2.37
N GLU H 378 -25.13 65.68 -1.13
CA GLU H 378 -25.98 64.69 -0.51
C GLU H 378 -27.46 64.90 -0.80
N ASP H 379 -27.81 65.95 -1.55
CA ASP H 379 -29.20 66.28 -1.88
C ASP H 379 -30.02 66.50 -0.61
N VAL H 380 -29.55 67.44 0.22
CA VAL H 380 -30.23 67.83 1.44
C VAL H 380 -30.57 69.31 1.34
N GLU H 381 -31.82 69.64 1.65
CA GLU H 381 -32.26 71.03 1.70
C GLU H 381 -32.22 71.50 3.15
N MET H 382 -31.54 72.63 3.38
CA MET H 382 -31.41 73.21 4.71
C MET H 382 -31.83 74.67 4.67
N SER H 383 -32.47 75.13 5.74
CA SER H 383 -32.81 76.54 5.85
C SER H 383 -31.56 77.36 6.18
N GLU H 384 -31.66 78.68 5.96
CA GLU H 384 -30.52 79.54 6.22
C GLU H 384 -30.19 79.62 7.69
N ASP H 385 -31.20 79.60 8.56
CA ASP H 385 -30.94 79.52 9.99
C ASP H 385 -30.23 78.22 10.34
N ALA H 386 -30.65 77.12 9.71
CA ALA H 386 -29.96 75.85 9.91
C ALA H 386 -28.52 75.92 9.44
N TYR H 387 -28.28 76.60 8.32
CA TYR H 387 -26.90 76.76 7.84
C TYR H 387 -26.07 77.57 8.81
N THR H 388 -26.64 78.64 9.38
CA THR H 388 -25.92 79.44 10.36
C THR H 388 -25.58 78.61 11.60
N VAL H 389 -26.55 77.85 12.09
CA VAL H 389 -26.32 77.02 13.28
C VAL H 389 -25.25 75.97 12.99
N LEU H 390 -25.33 75.34 11.82
CA LEU H 390 -24.36 74.30 11.49
C LEU H 390 -22.97 74.87 11.30
N THR H 391 -22.86 76.07 10.72
CA THR H 391 -21.55 76.71 10.59
C THR H 391 -20.99 77.07 11.95
N ARG H 392 -21.84 77.56 12.87
CA ARG H 392 -21.37 77.84 14.22
C ARG H 392 -20.88 76.57 14.91
N ILE H 393 -21.61 75.46 14.74
CA ILE H 393 -21.18 74.19 15.31
C ILE H 393 -19.85 73.75 14.70
N GLY H 394 -19.73 73.88 13.38
CA GLY H 394 -18.50 73.45 12.72
C GLY H 394 -17.29 74.25 13.16
N LEU H 395 -17.45 75.57 13.32
CA LEU H 395 -16.36 76.38 13.85
C LEU H 395 -16.06 75.99 15.29
N GLU H 396 -17.09 75.75 16.11
CA GLU H 396 -16.86 75.45 17.51
C GLU H 396 -16.23 74.07 17.68
N THR H 397 -16.79 73.04 17.03
CA THR H 397 -16.27 71.69 17.22
C THR H 397 -15.28 71.27 16.13
N SER H 398 -15.77 71.16 14.89
CA SER H 398 -14.96 70.74 13.75
C SER H 398 -15.84 70.75 12.51
N LEU H 399 -15.19 70.82 11.34
CA LEU H 399 -15.92 70.80 10.08
C LEU H 399 -16.51 69.44 9.77
N ARG H 400 -15.76 68.37 10.07
CA ARG H 400 -16.24 67.03 9.79
C ARG H 400 -17.46 66.66 10.65
N TYR H 401 -17.51 67.16 11.89
CA TYR H 401 -18.68 66.93 12.72
C TYR H 401 -19.92 67.56 12.08
N ALA H 402 -19.80 68.79 11.58
CA ALA H 402 -20.92 69.44 10.90
C ALA H 402 -21.30 68.67 9.65
N ILE H 403 -20.31 68.16 8.92
CA ILE H 403 -20.61 67.41 7.71
C ILE H 403 -21.42 66.16 8.03
N GLN H 404 -21.04 65.45 9.11
CA GLN H 404 -21.82 64.29 9.55
C GLN H 404 -23.21 64.70 10.02
N LEU H 405 -23.31 65.80 10.75
CA LEU H 405 -24.60 66.29 11.20
C LEU H 405 -25.50 66.62 10.03
N ILE H 406 -24.93 66.94 8.86
CA ILE H 406 -25.77 67.20 7.69
C ILE H 406 -26.65 66.00 7.40
N THR H 407 -26.04 64.82 7.29
CA THR H 407 -26.80 63.61 6.98
C THR H 407 -27.66 63.18 8.16
N ALA H 408 -27.15 63.36 9.38
CA ALA H 408 -27.96 63.00 10.56
C ALA H 408 -29.25 63.83 10.61
N ALA H 409 -29.13 65.14 10.37
CA ALA H 409 -30.29 66.02 10.40
C ALA H 409 -31.21 65.73 9.22
N SER H 410 -30.65 65.39 8.06
CA SER H 410 -31.49 64.99 6.93
C SER H 410 -32.33 63.77 7.27
N LEU H 411 -31.71 62.77 7.91
CA LEU H 411 -32.44 61.57 8.29
C LEU H 411 -33.53 61.89 9.31
N VAL H 412 -33.20 62.71 10.32
CA VAL H 412 -34.20 63.05 11.33
C VAL H 412 -35.36 63.83 10.70
N CYS H 413 -35.04 64.75 9.78
CA CYS H 413 -36.09 65.50 9.10
C CYS H 413 -36.98 64.58 8.29
N ARG H 414 -36.39 63.61 7.59
CA ARG H 414 -37.20 62.67 6.83
C ARG H 414 -38.05 61.79 7.73
N LYS H 415 -37.58 61.52 8.95
CA LYS H 415 -38.34 60.68 9.86
C LYS H 415 -39.64 61.34 10.28
N ARG H 416 -39.61 62.64 10.55
CA ARG H 416 -40.80 63.39 10.92
C ARG H 416 -41.59 63.88 9.71
N LYS H 417 -41.36 63.27 8.53
CA LYS H 417 -42.08 63.62 7.31
C LYS H 417 -41.93 65.09 6.97
N GLY H 418 -40.71 65.61 7.11
CA GLY H 418 -40.37 66.94 6.67
C GLY H 418 -39.64 66.93 5.33
N THR H 419 -39.47 68.13 4.76
CA THR H 419 -38.82 68.29 3.48
C THR H 419 -37.57 69.14 3.53
N GLU H 420 -37.43 70.03 4.52
CA GLU H 420 -36.28 70.90 4.66
C GLU H 420 -35.77 70.81 6.08
N VAL H 421 -34.45 70.65 6.23
CA VAL H 421 -33.87 70.56 7.56
C VAL H 421 -33.95 71.90 8.26
N GLN H 422 -34.47 71.90 9.48
CA GLN H 422 -34.60 73.11 10.28
C GLN H 422 -33.59 73.09 11.42
N VAL H 423 -33.63 74.14 12.24
CA VAL H 423 -32.72 74.25 13.37
C VAL H 423 -33.03 73.17 14.39
N ASP H 424 -34.31 72.80 14.52
CA ASP H 424 -34.68 71.77 15.49
C ASP H 424 -34.02 70.44 15.17
N ASP H 425 -33.96 70.07 13.89
CA ASP H 425 -33.32 68.82 13.50
C ASP H 425 -31.82 68.85 13.83
N ILE H 426 -31.16 69.97 13.56
CA ILE H 426 -29.74 70.08 13.83
C ILE H 426 -29.48 70.01 15.33
N LYS H 427 -30.31 70.69 16.13
CA LYS H 427 -30.17 70.59 17.58
C LYS H 427 -30.41 69.16 18.06
N ARG H 428 -31.39 68.48 17.47
CA ARG H 428 -31.69 67.11 17.86
C ARG H 428 -30.50 66.19 17.59
N VAL H 429 -29.88 66.31 16.41
CA VAL H 429 -28.75 65.44 16.11
C VAL H 429 -27.51 65.87 16.87
N TYR H 430 -27.41 67.15 17.24
CA TYR H 430 -26.34 67.60 18.10
C TYR H 430 -26.46 66.99 19.48
N SER H 431 -27.68 66.87 19.98
CA SER H 431 -27.90 66.22 21.28
C SER H 431 -27.70 64.71 21.18
N LEU H 432 -28.07 64.11 20.05
CA LEU H 432 -27.95 62.65 19.91
C LEU H 432 -26.50 62.22 19.73
N PHE H 433 -25.74 62.92 18.88
CA PHE H 433 -24.37 62.54 18.56
C PHE H 433 -23.40 63.57 19.12
N LEU H 434 -22.39 63.10 19.83
CA LEU H 434 -21.42 63.95 20.50
C LEU H 434 -20.14 64.04 19.67
N ASP H 435 -19.51 65.22 19.72
CA ASP H 435 -18.18 65.40 19.17
C ASP H 435 -17.15 64.93 20.20
N GLU H 436 -15.87 65.16 19.92
CA GLU H 436 -14.83 64.67 20.81
C GLU H 436 -14.82 65.42 22.13
N SER H 437 -15.07 66.74 22.10
CA SER H 437 -14.96 67.54 23.31
C SER H 437 -16.01 67.15 24.34
N ARG H 438 -17.27 67.08 23.92
CA ARG H 438 -18.35 66.73 24.84
C ARG H 438 -18.19 65.31 25.36
N SER H 439 -17.80 64.37 24.49
CA SER H 439 -17.59 63.00 24.94
C SER H 439 -16.46 62.92 25.96
N THR H 440 -15.38 63.66 25.72
CA THR H 440 -14.27 63.69 26.67
C THR H 440 -14.71 64.27 28.01
N GLN H 441 -15.52 65.33 27.98
CA GLN H 441 -16.02 65.90 29.23
C GLN H 441 -16.89 64.90 29.98
N TYR H 442 -17.79 64.22 29.27
CA TYR H 442 -18.66 63.25 29.91
C TYR H 442 -17.86 62.08 30.47
N MET H 443 -16.80 61.67 29.78
CA MET H 443 -15.93 60.63 30.30
C MET H 443 -15.20 61.10 31.56
N LYS H 444 -14.72 62.34 31.55
CA LYS H 444 -14.07 62.87 32.74
C LYS H 444 -15.03 62.95 33.91
N GLU H 445 -16.32 63.15 33.64
CA GLU H 445 -17.30 63.14 34.72
C GLU H 445 -17.38 61.77 35.38
N TYR H 446 -17.22 60.70 34.59
CA TYR H 446 -17.31 59.35 35.10
C TYR H 446 -16.01 58.59 34.87
N GLN H 447 -14.87 59.22 35.20
CA GLN H 447 -13.57 58.68 34.82
C GLN H 447 -13.32 57.31 35.45
N ASP H 448 -13.72 57.14 36.71
CA ASP H 448 -13.46 55.87 37.39
C ASP H 448 -14.21 54.70 36.76
N ALA H 449 -15.30 54.98 36.05
CA ALA H 449 -16.05 53.90 35.40
C ALA H 449 -15.26 53.29 34.26
N PHE H 450 -14.59 54.11 33.46
CA PHE H 450 -13.84 53.62 32.31
C PHE H 450 -12.58 52.90 32.76
N LEU H 451 -12.00 52.13 31.84
CA LEU H 451 -10.89 51.24 32.16
C LEU H 451 -9.55 51.82 31.74
N PHE H 452 -8.55 51.63 32.60
CA PHE H 452 -7.16 52.01 32.32
C PHE H 452 -7.02 53.49 31.97
N ASN H 453 -7.38 54.33 32.93
CA ASN H 453 -7.26 55.77 32.73
C ASN H 453 -5.79 56.20 32.78
N THR I 12 -30.97 29.72 16.94
CA THR I 12 -29.98 29.41 17.96
C THR I 12 -30.61 28.73 19.16
N GLN I 13 -30.44 27.41 19.26
CA GLN I 13 -31.00 26.67 20.38
C GLN I 13 -30.36 27.08 21.69
N ARG I 14 -29.03 27.24 21.69
CA ARG I 14 -28.33 27.65 22.90
C ARG I 14 -28.49 29.14 23.14
N ILE I 15 -28.50 29.53 24.42
CA ILE I 15 -28.73 30.91 24.82
C ILE I 15 -27.38 31.59 24.98
N ALA I 16 -27.17 32.66 24.23
CA ALA I 16 -25.95 33.43 24.30
C ALA I 16 -26.16 34.68 25.17
N SER I 17 -25.14 35.54 25.21
CA SER I 17 -25.20 36.74 26.04
C SER I 17 -26.23 37.74 25.53
N HIS I 18 -26.45 37.80 24.22
CA HIS I 18 -27.40 38.73 23.62
C HIS I 18 -28.56 38.02 22.93
N SER I 19 -28.90 36.80 23.38
CA SER I 19 -29.98 36.05 22.76
C SER I 19 -31.34 36.72 22.93
N HIS I 20 -31.46 37.68 23.84
CA HIS I 20 -32.71 38.35 24.12
C HIS I 20 -32.89 39.65 23.34
N VAL I 21 -31.88 40.08 22.60
CA VAL I 21 -31.92 41.35 21.88
C VAL I 21 -32.54 41.09 20.51
N LYS I 22 -33.73 41.64 20.27
CA LYS I 22 -34.44 41.48 19.02
C LYS I 22 -34.49 42.75 18.18
N GLY I 23 -34.14 43.89 18.75
CA GLY I 23 -34.20 45.14 18.01
C GLY I 23 -33.93 46.31 18.95
N LEU I 24 -34.06 47.51 18.38
CA LEU I 24 -33.79 48.72 19.15
C LEU I 24 -34.95 49.11 20.05
N GLY I 25 -36.14 48.57 19.82
CA GLY I 25 -37.27 48.89 20.66
C GLY I 25 -37.84 50.28 20.44
N LEU I 26 -37.64 50.85 19.26
CA LEU I 26 -38.16 52.18 18.98
C LEU I 26 -39.62 52.10 18.54
N ASP I 27 -40.27 53.26 18.53
CA ASP I 27 -41.62 53.39 18.00
C ASP I 27 -41.56 53.94 16.59
N GLU I 28 -42.73 54.25 16.02
CA GLU I 28 -42.78 54.76 14.66
C GLU I 28 -42.15 56.14 14.52
N SER I 29 -42.10 56.91 15.59
CA SER I 29 -41.52 58.24 15.57
C SER I 29 -40.01 58.23 15.78
N GLY I 30 -39.42 57.07 16.02
CA GLY I 30 -38.01 56.97 16.33
C GLY I 30 -37.67 57.11 17.80
N LEU I 31 -38.62 57.50 18.64
CA LEU I 31 -38.37 57.60 20.07
C LEU I 31 -38.25 56.20 20.67
N ALA I 32 -37.50 56.12 21.76
CA ALA I 32 -37.13 54.84 22.36
C ALA I 32 -38.11 54.50 23.47
N LYS I 33 -38.74 53.34 23.36
CA LYS I 33 -39.54 52.81 24.46
C LYS I 33 -38.64 52.43 25.64
N GLN I 34 -39.23 52.45 26.83
CA GLN I 34 -38.44 52.16 28.03
C GLN I 34 -37.95 50.72 28.03
N ALA I 35 -38.82 49.78 27.69
CA ALA I 35 -38.47 48.36 27.64
C ALA I 35 -39.18 47.74 26.45
N ALA I 36 -38.44 47.46 25.38
CA ALA I 36 -39.00 46.81 24.21
C ALA I 36 -37.89 46.12 23.44
N SER I 37 -38.25 45.04 22.75
CA SER I 37 -37.32 44.27 21.92
C SER I 37 -36.13 43.76 22.73
N GLY I 38 -36.34 43.52 24.02
CA GLY I 38 -35.29 43.00 24.88
C GLY I 38 -34.33 44.03 25.41
N LEU I 39 -34.50 45.31 25.08
CA LEU I 39 -33.61 46.37 25.54
C LEU I 39 -34.30 47.21 26.61
N VAL I 40 -33.59 47.48 27.69
CA VAL I 40 -34.09 48.26 28.81
C VAL I 40 -33.19 49.47 28.99
N GLY I 41 -33.80 50.67 28.99
CA GLY I 41 -33.01 51.86 29.17
C GLY I 41 -32.20 52.20 27.93
N GLN I 42 -31.16 53.01 28.14
CA GLN I 42 -30.30 53.49 27.06
C GLN I 42 -31.12 54.13 25.94
N GLU I 43 -32.04 55.00 26.34
CA GLU I 43 -33.00 55.56 25.39
C GLU I 43 -32.30 56.43 24.35
N ASN I 44 -31.42 57.32 24.79
CA ASN I 44 -30.74 58.21 23.85
C ASN I 44 -29.84 57.43 22.90
N ALA I 45 -29.11 56.45 23.43
CA ALA I 45 -28.27 55.62 22.57
C ALA I 45 -29.11 54.82 21.58
N ARG I 46 -30.27 54.35 22.01
CA ARG I 46 -31.13 53.59 21.10
C ARG I 46 -31.72 54.47 20.01
N GLU I 47 -32.07 55.71 20.34
CA GLU I 47 -32.52 56.64 19.31
C GLU I 47 -31.41 56.96 18.33
N ALA I 48 -30.19 57.17 18.83
CA ALA I 48 -29.05 57.39 17.94
C ALA I 48 -28.81 56.19 17.03
N CYS I 49 -28.91 54.97 17.59
CA CYS I 49 -28.75 53.78 16.79
C CYS I 49 -29.88 53.63 15.78
N GLY I 50 -31.08 54.11 16.09
CA GLY I 50 -32.14 54.13 15.10
C GLY I 50 -31.84 55.07 13.95
N VAL I 51 -31.30 56.24 14.27
CA VAL I 51 -30.86 57.15 13.21
C VAL I 51 -29.78 56.49 12.35
N ILE I 52 -28.87 55.75 13.00
CA ILE I 52 -27.81 55.08 12.26
C ILE I 52 -28.38 53.98 11.37
N VAL I 53 -29.40 53.27 11.87
CA VAL I 53 -30.06 52.24 11.06
C VAL I 53 -30.72 52.86 9.84
N GLU I 54 -31.40 54.00 10.04
CA GLU I 54 -31.97 54.72 8.90
C GLU I 54 -30.88 55.15 7.93
N LEU I 55 -29.71 55.50 8.45
CA LEU I 55 -28.59 55.85 7.57
C LEU I 55 -28.16 54.64 6.75
N ILE I 56 -28.06 53.47 7.39
CA ILE I 56 -27.61 52.28 6.69
C ILE I 56 -28.62 51.86 5.63
N LYS I 57 -29.91 51.97 5.95
CA LYS I 57 -30.95 51.61 4.99
C LYS I 57 -30.91 52.51 3.77
N SER I 58 -30.71 53.81 3.98
CA SER I 58 -30.53 54.74 2.86
C SER I 58 -29.12 54.56 2.33
N LYS I 59 -29.00 53.75 1.27
CA LYS I 59 -27.71 53.22 0.83
C LYS I 59 -26.77 54.27 0.26
N LYS I 60 -27.14 55.56 0.28
CA LYS I 60 -26.40 56.54 -0.50
C LYS I 60 -25.13 57.04 0.18
N MET I 61 -24.89 56.70 1.44
CA MET I 61 -23.72 57.18 2.16
C MET I 61 -22.70 56.07 2.35
N ALA I 62 -21.43 56.41 2.17
CA ALA I 62 -20.33 55.45 2.23
C ALA I 62 -19.24 55.98 3.15
N GLY I 63 -18.73 55.12 4.02
CA GLY I 63 -17.62 55.45 4.88
C GLY I 63 -17.97 56.15 6.17
N ARG I 64 -19.25 56.38 6.45
CA ARG I 64 -19.63 56.99 7.71
C ARG I 64 -19.34 56.05 8.86
N ALA I 65 -18.76 56.59 9.93
CA ALA I 65 -18.31 55.79 11.06
C ALA I 65 -18.97 56.26 12.35
N VAL I 66 -19.21 55.32 13.25
CA VAL I 66 -19.89 55.57 14.50
C VAL I 66 -19.10 54.91 15.63
N LEU I 67 -18.96 55.61 16.75
CA LEU I 67 -18.31 55.08 17.93
C LEU I 67 -19.31 54.97 19.06
N LEU I 68 -19.33 53.81 19.72
CA LEU I 68 -20.12 53.59 20.93
C LEU I 68 -19.16 53.63 22.12
N ALA I 69 -19.23 54.70 22.89
CA ALA I 69 -18.32 54.92 24.00
C ALA I 69 -19.10 54.91 25.31
N GLY I 70 -18.62 54.12 26.27
CA GLY I 70 -19.25 54.04 27.57
C GLY I 70 -18.53 53.05 28.46
N PRO I 71 -18.94 52.99 29.72
CA PRO I 71 -18.31 52.04 30.65
C PRO I 71 -18.62 50.61 30.25
N PRO I 72 -17.82 49.65 30.72
CA PRO I 72 -18.12 48.24 30.43
C PRO I 72 -19.49 47.83 30.94
N GLY I 73 -20.14 46.94 30.20
CA GLY I 73 -21.42 46.40 30.60
C GLY I 73 -22.61 47.31 30.36
N THR I 74 -22.43 48.40 29.62
CA THR I 74 -23.50 49.36 29.42
C THR I 74 -24.31 49.11 28.15
N GLY I 75 -23.94 48.12 27.36
CA GLY I 75 -24.74 47.68 26.24
C GLY I 75 -24.30 48.14 24.87
N LYS I 76 -23.01 48.36 24.66
CA LYS I 76 -22.55 48.77 23.33
C LYS I 76 -22.65 47.61 22.34
N THR I 77 -22.19 46.43 22.74
CA THR I 77 -22.28 45.27 21.87
C THR I 77 -23.74 44.88 21.66
N ALA I 78 -24.56 45.00 22.71
CA ALA I 78 -25.98 44.73 22.57
C ALA I 78 -26.62 45.71 21.63
N LEU I 79 -26.21 46.98 21.67
CA LEU I 79 -26.76 47.96 20.74
C LEU I 79 -26.36 47.64 19.31
N ALA I 80 -25.10 47.22 19.09
CA ALA I 80 -24.69 46.85 17.74
C ALA I 80 -25.47 45.64 17.24
N LEU I 81 -25.68 44.63 18.09
CA LEU I 81 -26.46 43.48 17.68
C LEU I 81 -27.92 43.85 17.44
N ALA I 82 -28.45 44.82 18.17
CA ALA I 82 -29.79 45.31 17.91
C ALA I 82 -29.87 46.01 16.56
N ILE I 83 -28.84 46.77 16.21
CA ILE I 83 -28.75 47.37 14.89
C ILE I 83 -28.77 46.28 13.82
N ALA I 84 -27.98 45.22 14.04
CA ALA I 84 -27.94 44.12 13.08
C ALA I 84 -29.31 43.46 12.94
N GLN I 85 -30.02 43.27 14.05
CA GLN I 85 -31.35 42.69 14.00
C GLN I 85 -32.33 43.60 13.27
N GLU I 86 -32.23 44.91 13.48
CA GLU I 86 -33.10 45.85 12.80
C GLU I 86 -32.85 45.82 11.30
N LEU I 87 -31.59 45.69 10.89
CA LEU I 87 -31.29 45.63 9.46
C LEU I 87 -31.82 44.34 8.85
N GLY I 88 -31.62 43.21 9.52
CA GLY I 88 -32.02 41.93 9.02
C GLY I 88 -30.86 41.15 8.41
N SER I 89 -31.15 39.88 8.09
CA SER I 89 -30.14 39.01 7.52
C SER I 89 -29.83 39.34 6.07
N LYS I 90 -30.61 40.21 5.44
CA LYS I 90 -30.36 40.61 4.07
C LYS I 90 -29.26 41.66 3.95
N VAL I 91 -28.88 42.30 5.04
CA VAL I 91 -27.85 43.33 5.06
C VAL I 91 -26.60 42.74 5.70
N PRO I 92 -25.43 42.84 5.05
CA PRO I 92 -24.23 42.19 5.61
C PRO I 92 -23.72 42.87 6.85
N PHE I 93 -23.77 42.18 7.99
CA PHE I 93 -23.23 42.67 9.25
C PHE I 93 -22.00 41.83 9.60
N CYS I 94 -20.82 42.44 9.49
CA CYS I 94 -19.57 41.74 9.70
C CYS I 94 -19.02 42.07 11.08
N PRO I 95 -19.07 41.16 12.04
CA PRO I 95 -18.51 41.45 13.36
C PRO I 95 -17.05 41.06 13.46
N MET I 96 -16.21 42.00 13.88
CA MET I 96 -14.79 41.73 14.05
C MET I 96 -14.32 42.34 15.36
N VAL I 97 -13.27 41.75 15.91
CA VAL I 97 -12.65 42.21 17.14
C VAL I 97 -11.34 42.91 16.77
N GLY I 98 -11.02 43.98 17.49
CA GLY I 98 -9.85 44.77 17.16
C GLY I 98 -8.57 43.97 17.15
N SER I 99 -8.50 42.91 17.95
CA SER I 99 -7.31 42.09 18.02
C SER I 99 -7.23 41.05 16.92
N GLU I 100 -8.20 41.01 16.01
CA GLU I 100 -8.18 40.06 14.91
C GLU I 100 -7.34 40.51 13.73
N VAL I 101 -6.77 41.72 13.78
CA VAL I 101 -5.95 42.20 12.67
C VAL I 101 -4.50 41.75 12.75
N TYR I 102 -4.12 41.09 13.84
CA TYR I 102 -2.74 40.64 14.01
C TYR I 102 -2.58 39.22 13.44
N SER I 103 -2.69 39.15 12.11
CA SER I 103 -2.54 37.89 11.41
C SER I 103 -1.07 37.58 11.17
N THR I 104 -0.78 36.29 10.98
CA THR I 104 0.56 35.82 10.66
C THR I 104 0.75 35.54 9.18
N GLU I 105 -0.25 35.86 8.35
CA GLU I 105 -0.17 35.60 6.92
C GLU I 105 -0.24 36.87 6.08
N ILE I 106 -1.04 37.86 6.50
CA ILE I 106 -1.19 39.10 5.76
C ILE I 106 -1.02 40.28 6.72
N LYS I 107 -0.71 41.44 6.15
CA LYS I 107 -0.54 42.64 6.94
C LYS I 107 -1.89 43.11 7.50
N LYS I 108 -1.80 43.97 8.52
CA LYS I 108 -3.00 44.41 9.22
C LYS I 108 -3.93 45.18 8.31
N THR I 109 -3.38 46.04 7.46
CA THR I 109 -4.22 46.80 6.54
C THR I 109 -4.95 45.89 5.57
N GLU I 110 -4.33 44.77 5.19
CA GLU I 110 -5.02 43.80 4.35
C GLU I 110 -6.20 43.17 5.07
N VAL I 111 -6.04 42.86 6.37
CA VAL I 111 -7.15 42.34 7.15
C VAL I 111 -8.28 43.36 7.21
N LEU I 112 -7.94 44.62 7.47
CA LEU I 112 -8.95 45.67 7.55
C LEU I 112 -9.69 45.83 6.22
N MET I 113 -8.96 45.80 5.11
CA MET I 113 -9.62 45.96 3.81
C MET I 113 -10.46 44.74 3.47
N GLU I 114 -10.01 43.55 3.87
CA GLU I 114 -10.81 42.36 3.65
C GLU I 114 -12.12 42.44 4.43
N ASN I 115 -12.08 42.91 5.67
CA ASN I 115 -13.31 43.07 6.43
C ASN I 115 -14.20 44.16 5.83
N PHE I 116 -13.59 45.25 5.35
CA PHE I 116 -14.35 46.29 4.67
C PHE I 116 -15.11 45.74 3.47
N ARG I 117 -14.43 44.91 2.66
CA ARG I 117 -15.10 44.31 1.51
C ARG I 117 -16.11 43.25 1.94
N ARG I 118 -15.87 42.59 3.07
CA ARG I 118 -16.86 41.65 3.61
C ARG I 118 -18.16 42.35 3.96
N ALA I 119 -18.06 43.58 4.46
CA ALA I 119 -19.26 44.29 4.88
C ALA I 119 -20.12 44.71 3.68
N ILE I 120 -19.50 44.96 2.54
CA ILE I 120 -20.24 45.33 1.34
C ILE I 120 -20.80 44.08 0.68
N GLY I 121 -22.11 44.08 0.43
CA GLY I 121 -22.80 42.92 -0.09
C GLY I 121 -23.37 43.15 -1.48
N LEU I 122 -23.50 42.06 -2.25
CA LEU I 122 -24.05 42.09 -3.59
C LEU I 122 -25.12 41.01 -3.71
N ARG I 123 -26.29 41.40 -4.18
CA ARG I 123 -27.42 40.48 -4.33
C ARG I 123 -27.66 40.21 -5.81
N ILE I 124 -27.64 38.93 -6.19
CA ILE I 124 -27.69 38.51 -7.58
C ILE I 124 -28.89 37.62 -7.78
N LYS I 125 -29.73 37.96 -8.74
CA LYS I 125 -30.92 37.19 -9.08
C LYS I 125 -30.64 36.38 -10.34
N GLU I 126 -30.84 35.07 -10.28
CA GLU I 126 -30.45 34.18 -11.35
C GLU I 126 -31.36 32.96 -11.34
N THR I 127 -31.66 32.46 -12.54
CA THR I 127 -32.40 31.22 -12.71
C THR I 127 -31.44 30.11 -13.11
N LYS I 128 -31.43 29.03 -12.35
CA LYS I 128 -30.53 27.91 -12.58
C LYS I 128 -31.29 26.75 -13.21
N GLU I 129 -30.65 26.06 -14.13
CA GLU I 129 -31.23 24.91 -14.82
C GLU I 129 -30.31 23.72 -14.66
N VAL I 130 -30.87 22.60 -14.20
CA VAL I 130 -30.12 21.37 -13.99
C VAL I 130 -30.89 20.21 -14.61
N TYR I 131 -30.20 19.38 -15.38
CA TYR I 131 -30.76 18.14 -15.91
C TYR I 131 -30.31 16.99 -15.02
N GLU I 132 -31.27 16.34 -14.37
CA GLU I 132 -30.99 15.34 -13.35
C GLU I 132 -31.77 14.08 -13.64
N GLY I 133 -31.12 12.93 -13.47
CA GLY I 133 -31.79 11.65 -13.62
C GLY I 133 -30.81 10.53 -13.86
N GLU I 134 -31.37 9.33 -13.94
CA GLU I 134 -30.59 8.14 -14.25
C GLU I 134 -30.28 8.10 -15.74
N VAL I 135 -29.04 7.70 -16.06
CA VAL I 135 -28.58 7.70 -17.44
C VAL I 135 -29.05 6.41 -18.12
N THR I 136 -29.86 6.57 -19.17
CA THR I 136 -30.38 5.43 -19.92
C THR I 136 -29.66 5.21 -21.23
N GLU I 137 -28.89 6.19 -21.70
CA GLU I 137 -28.19 6.12 -22.97
C GLU I 137 -27.15 7.23 -23.00
N LEU I 138 -25.95 6.91 -23.48
CA LEU I 138 -24.87 7.89 -23.57
C LEU I 138 -24.14 7.62 -24.89
N THR I 139 -24.52 8.36 -25.93
CA THR I 139 -24.04 8.11 -27.29
C THR I 139 -23.39 9.37 -27.86
N PRO I 140 -22.07 9.43 -27.97
CA PRO I 140 -21.45 10.53 -28.71
C PRO I 140 -21.64 10.34 -30.22
N CYS I 141 -21.96 11.44 -30.89
CA CYS I 141 -22.22 11.42 -32.33
C CYS I 141 -20.98 11.95 -33.05
N GLU I 142 -20.34 11.08 -33.82
CA GLU I 142 -19.14 11.46 -34.55
C GLU I 142 -19.48 12.35 -35.73
N THR I 143 -18.53 13.19 -36.12
CA THR I 143 -18.71 14.10 -37.24
C THR I 143 -18.95 13.36 -38.54
N THR I 153 -13.73 13.27 -34.53
CA THR I 153 -14.20 14.16 -33.48
C THR I 153 -15.68 13.93 -33.19
N ILE I 154 -16.18 14.55 -32.14
CA ILE I 154 -17.55 14.36 -31.67
C ILE I 154 -18.31 15.66 -31.91
N SER I 155 -19.38 15.58 -32.69
CA SER I 155 -20.19 16.76 -32.96
C SER I 155 -21.05 17.14 -31.76
N HIS I 156 -21.62 16.13 -31.09
CA HIS I 156 -22.44 16.35 -29.91
C HIS I 156 -22.60 15.02 -29.20
N VAL I 157 -23.11 15.08 -27.98
CA VAL I 157 -23.39 13.89 -27.18
C VAL I 157 -24.89 13.85 -26.90
N ILE I 158 -25.52 12.73 -27.26
CA ILE I 158 -26.92 12.50 -26.96
C ILE I 158 -27.00 11.66 -25.70
N ILE I 159 -27.72 12.17 -24.69
CA ILE I 159 -27.84 11.49 -23.41
C ILE I 159 -29.31 11.26 -23.12
N GLY I 160 -29.59 10.18 -22.41
CA GLY I 160 -30.94 9.87 -21.99
C GLY I 160 -31.07 9.80 -20.48
N LEU I 161 -31.85 10.71 -19.90
CA LEU I 161 -32.00 10.81 -18.46
C LEU I 161 -33.41 10.40 -18.07
N LYS I 162 -33.51 9.59 -17.02
CA LYS I 162 -34.78 9.04 -16.57
C LYS I 162 -35.07 9.54 -15.15
N THR I 163 -36.33 9.89 -14.91
CA THR I 163 -36.82 10.22 -13.58
C THR I 163 -38.15 9.53 -13.36
N ALA I 164 -38.74 9.74 -12.19
CA ALA I 164 -40.05 9.16 -11.90
C ALA I 164 -41.13 9.73 -12.79
N LYS I 165 -40.93 10.92 -13.36
CA LYS I 165 -41.95 11.58 -14.17
C LYS I 165 -41.73 11.40 -15.67
N GLY I 166 -40.77 10.60 -16.08
CA GLY I 166 -40.61 10.33 -17.48
C GLY I 166 -39.15 10.20 -17.89
N THR I 167 -38.93 10.25 -19.20
CA THR I 167 -37.62 10.18 -19.81
C THR I 167 -37.44 11.37 -20.74
N LYS I 168 -36.23 11.94 -20.76
CA LYS I 168 -35.91 13.05 -21.64
C LYS I 168 -34.62 12.76 -22.38
N GLN I 169 -34.60 13.09 -23.67
CA GLN I 169 -33.41 12.96 -24.50
C GLN I 169 -32.79 14.33 -24.69
N LEU I 170 -31.49 14.44 -24.39
CA LEU I 170 -30.80 15.71 -24.40
C LEU I 170 -29.61 15.67 -25.35
N LYS I 171 -29.38 16.80 -26.03
CA LYS I 171 -28.22 16.99 -26.87
C LYS I 171 -27.23 17.85 -26.09
N LEU I 172 -26.04 17.30 -25.84
CA LEU I 172 -25.03 17.96 -25.02
C LEU I 172 -23.92 18.53 -25.89
N ASP I 173 -23.40 19.69 -25.46
CA ASP I 173 -22.22 20.27 -26.10
C ASP I 173 -21.07 19.26 -26.04
N PRO I 174 -20.29 19.11 -27.11
CA PRO I 174 -19.23 18.09 -27.10
C PRO I 174 -18.18 18.27 -26.01
N SER I 175 -18.07 19.46 -25.41
CA SER I 175 -17.11 19.63 -24.33
C SER I 175 -17.53 18.89 -23.07
N ILE I 176 -18.82 18.60 -22.93
CA ILE I 176 -19.32 17.87 -21.76
C ILE I 176 -18.92 16.40 -21.81
N PHE I 177 -18.54 15.89 -22.98
CA PHE I 177 -18.13 14.49 -23.07
C PHE I 177 -16.88 14.23 -22.25
N GLU I 178 -15.95 15.18 -22.22
CA GLU I 178 -14.77 15.02 -21.38
C GLU I 178 -15.16 14.97 -19.91
N SER I 179 -16.09 15.82 -19.48
CA SER I 179 -16.55 15.80 -18.10
C SER I 179 -17.27 14.49 -17.78
N LEU I 180 -18.08 13.99 -18.72
CA LEU I 180 -18.78 12.73 -18.51
C LEU I 180 -17.80 11.57 -18.40
N GLN I 181 -16.74 11.58 -19.21
CA GLN I 181 -15.76 10.51 -19.15
C GLN I 181 -14.91 10.60 -17.89
N LYS I 182 -14.60 11.81 -17.44
CA LYS I 182 -13.85 11.95 -16.20
C LYS I 182 -14.66 11.47 -15.01
N GLU I 183 -15.95 11.78 -14.99
CA GLU I 183 -16.81 11.35 -13.90
C GLU I 183 -17.18 9.87 -13.96
N ARG I 184 -16.77 9.17 -15.02
CA ARG I 184 -17.04 7.75 -15.18
C ARG I 184 -18.54 7.48 -15.21
N VAL I 185 -19.23 8.15 -16.12
CA VAL I 185 -20.68 8.06 -16.21
C VAL I 185 -21.04 6.95 -17.19
N GLU I 186 -21.81 5.98 -16.71
CA GLU I 186 -22.29 4.87 -17.52
C GLU I 186 -23.81 4.78 -17.39
N ALA I 187 -24.40 3.90 -18.19
CA ALA I 187 -25.84 3.67 -18.08
C ALA I 187 -26.17 3.10 -16.71
N GLY I 188 -27.25 3.61 -16.12
CA GLY I 188 -27.67 3.20 -14.80
C GLY I 188 -27.19 4.09 -13.67
N ASP I 189 -26.29 5.03 -13.96
CA ASP I 189 -25.82 5.96 -12.95
C ASP I 189 -26.77 7.15 -12.86
N VAL I 190 -26.91 7.67 -11.64
CA VAL I 190 -27.71 8.87 -11.40
C VAL I 190 -26.77 10.07 -11.39
N ILE I 191 -26.99 11.00 -12.32
CA ILE I 191 -26.13 12.16 -12.51
C ILE I 191 -27.00 13.40 -12.57
N TYR I 192 -26.36 14.56 -12.45
CA TYR I 192 -26.98 15.82 -12.84
C TYR I 192 -26.00 16.60 -13.70
N ILE I 193 -26.55 17.36 -14.64
CA ILE I 193 -25.77 18.19 -15.56
C ILE I 193 -26.25 19.62 -15.43
N GLU I 194 -25.31 20.54 -15.23
CA GLU I 194 -25.64 21.96 -15.20
C GLU I 194 -25.74 22.49 -16.63
N ALA I 195 -26.88 23.12 -16.94
CA ALA I 195 -27.11 23.60 -18.30
C ALA I 195 -26.16 24.74 -18.65
N ASN I 196 -25.89 25.63 -17.70
CA ASN I 196 -25.11 26.82 -18.00
C ASN I 196 -23.61 26.54 -18.06
N SER I 197 -23.12 25.55 -17.31
CA SER I 197 -21.69 25.31 -17.20
C SER I 197 -21.25 23.98 -17.76
N GLY I 198 -22.15 23.03 -17.96
CA GLY I 198 -21.77 21.71 -18.41
C GLY I 198 -21.12 20.84 -17.35
N ALA I 199 -21.17 21.26 -16.09
CA ALA I 199 -20.59 20.46 -15.02
C ALA I 199 -21.42 19.20 -14.80
N VAL I 200 -20.71 18.08 -14.61
CA VAL I 200 -21.34 16.78 -14.41
C VAL I 200 -20.89 16.26 -13.05
N LYS I 201 -21.86 15.84 -12.24
CA LYS I 201 -21.60 15.15 -10.98
C LYS I 201 -22.33 13.82 -11.02
N ARG I 202 -21.58 12.73 -10.88
CA ARG I 202 -22.15 11.39 -10.83
C ARG I 202 -22.40 11.08 -9.36
N GLN I 203 -23.65 11.20 -8.93
CA GLN I 203 -24.01 11.00 -7.53
C GLN I 203 -24.53 9.58 -7.30
N GLY I 204 -23.70 8.61 -7.66
CA GLY I 204 -24.01 7.22 -7.36
C GLY I 204 -24.73 6.49 -8.47
N ARG I 205 -25.02 5.22 -8.18
CA ARG I 205 -25.76 4.32 -9.04
C ARG I 205 -27.22 4.28 -8.62
N CYS I 206 -28.09 3.97 -9.57
CA CYS I 206 -29.51 3.85 -9.24
C CYS I 206 -29.75 2.59 -8.42
N ASP I 207 -30.64 2.71 -7.44
CA ASP I 207 -30.90 1.58 -6.55
C ASP I 207 -31.65 0.44 -7.23
N THR I 208 -32.19 0.66 -8.43
CA THR I 208 -32.77 -0.43 -9.20
C THR I 208 -31.72 -1.45 -9.63
N TYR I 209 -30.45 -1.05 -9.69
CA TYR I 209 -29.37 -1.95 -10.06
C TYR I 209 -28.59 -2.46 -8.84
N ALA I 210 -29.13 -2.26 -7.64
CA ALA I 210 -28.41 -2.67 -6.43
C ALA I 210 -28.21 -4.18 -6.35
N THR I 211 -29.03 -4.97 -7.06
CA THR I 211 -28.95 -6.42 -7.01
C THR I 211 -28.22 -7.01 -8.19
N GLU I 212 -27.56 -6.18 -9.01
CA GLU I 212 -26.83 -6.70 -10.16
C GLU I 212 -25.59 -7.47 -9.73
N PHE I 213 -25.05 -7.18 -8.55
CA PHE I 213 -23.98 -7.96 -7.94
C PHE I 213 -24.30 -8.14 -6.46
N ASP I 214 -23.75 -9.20 -5.88
CA ASP I 214 -23.95 -9.42 -4.45
C ASP I 214 -22.98 -8.60 -3.59
N LEU I 215 -21.88 -8.11 -4.17
CA LEU I 215 -20.91 -7.33 -3.38
C LEU I 215 -20.14 -6.42 -4.33
N GLU I 216 -20.58 -5.16 -4.42
CA GLU I 216 -19.83 -4.12 -5.11
C GLU I 216 -19.66 -2.93 -4.18
N ALA I 217 -18.53 -2.24 -4.33
CA ALA I 217 -18.26 -1.02 -3.57
C ALA I 217 -18.88 0.17 -4.29
N GLU I 218 -20.21 0.22 -4.25
CA GLU I 218 -20.98 1.24 -4.93
C GLU I 218 -21.93 1.93 -3.96
N GLU I 219 -22.24 3.19 -4.26
CA GLU I 219 -23.22 3.97 -3.51
C GLU I 219 -24.49 4.02 -4.35
N TYR I 220 -25.54 3.34 -3.89
CA TYR I 220 -26.78 3.23 -4.63
C TYR I 220 -27.76 4.29 -4.16
N VAL I 221 -28.32 5.04 -5.10
CA VAL I 221 -29.09 6.24 -4.82
C VAL I 221 -30.48 6.08 -5.45
N PRO I 222 -31.54 6.55 -4.81
CA PRO I 222 -32.87 6.45 -5.41
C PRO I 222 -32.97 7.27 -6.70
N LEU I 223 -33.86 6.83 -7.57
CA LEU I 223 -34.17 7.58 -8.78
C LEU I 223 -34.79 8.94 -8.41
N PRO I 224 -34.37 10.01 -9.07
CA PRO I 224 -34.94 11.33 -8.76
C PRO I 224 -36.44 11.34 -9.03
N LYS I 225 -37.15 12.14 -8.23
CA LYS I 225 -38.60 12.12 -8.22
C LYS I 225 -39.22 13.10 -9.21
N GLY I 226 -38.72 14.33 -9.26
CA GLY I 226 -39.33 15.34 -10.11
C GLY I 226 -39.03 15.16 -11.58
N ASP I 227 -39.13 16.24 -12.35
CA ASP I 227 -38.81 16.19 -13.77
C ASP I 227 -37.30 16.15 -13.99
N VAL I 228 -36.92 15.72 -15.19
CA VAL I 228 -35.51 15.72 -15.56
C VAL I 228 -34.98 17.15 -15.59
N HIS I 229 -35.74 18.07 -16.18
CA HIS I 229 -35.35 19.46 -16.27
C HIS I 229 -35.94 20.23 -15.10
N LYS I 230 -35.07 20.78 -14.26
CA LYS I 230 -35.48 21.52 -13.07
C LYS I 230 -35.02 22.97 -13.18
N LYS I 231 -35.97 23.88 -13.03
CA LYS I 231 -35.71 25.32 -13.07
C LYS I 231 -36.00 25.92 -11.71
N LYS I 232 -35.07 26.74 -11.22
CA LYS I 232 -35.28 27.45 -9.96
C LYS I 232 -34.71 28.86 -10.05
N GLU I 233 -35.52 29.84 -9.70
CA GLU I 233 -35.08 31.23 -9.65
C GLU I 233 -34.66 31.54 -8.22
N ILE I 234 -33.40 31.90 -8.03
CA ILE I 234 -32.83 32.04 -6.70
C ILE I 234 -32.22 33.43 -6.54
N ILE I 235 -32.14 33.86 -5.28
CA ILE I 235 -31.52 35.12 -4.91
C ILE I 235 -30.46 34.79 -3.87
N GLN I 236 -29.19 35.00 -4.23
CA GLN I 236 -28.07 34.68 -3.38
C GLN I 236 -27.26 35.95 -3.11
N ASP I 237 -26.89 36.15 -1.86
CA ASP I 237 -26.12 37.31 -1.45
C ASP I 237 -24.65 36.94 -1.38
N VAL I 238 -23.80 37.74 -2.03
CA VAL I 238 -22.36 37.59 -1.96
C VAL I 238 -21.76 38.93 -1.55
N THR I 239 -20.57 38.87 -0.97
CA THR I 239 -19.83 40.05 -0.58
C THR I 239 -18.68 40.28 -1.55
N LEU I 240 -18.18 41.52 -1.56
CA LEU I 240 -17.07 41.85 -2.45
C LEU I 240 -15.83 41.04 -2.13
N HIS I 241 -15.67 40.63 -0.86
CA HIS I 241 -14.53 39.80 -0.50
C HIS I 241 -14.61 38.44 -1.16
N ASP I 242 -15.83 37.89 -1.30
CA ASP I 242 -15.99 36.61 -1.98
C ASP I 242 -15.52 36.70 -3.42
N LEU I 243 -15.86 37.79 -4.10
CA LEU I 243 -15.41 37.98 -5.48
C LEU I 243 -13.91 38.25 -5.54
N ASP I 244 -13.37 38.91 -4.51
CA ASP I 244 -11.93 39.16 -4.47
C ASP I 244 -11.15 37.86 -4.31
N VAL I 245 -11.54 37.03 -3.35
CA VAL I 245 -10.81 35.80 -3.11
C VAL I 245 -11.02 34.76 -4.21
N ALA I 246 -12.12 34.86 -4.95
CA ALA I 246 -12.33 33.95 -6.08
C ALA I 246 -11.37 34.23 -7.22
N ASN I 247 -10.86 35.46 -7.32
CA ASN I 247 -9.96 35.85 -8.40
C ASN I 247 -8.52 35.99 -7.91
N ALA I 248 -8.23 35.59 -6.67
CA ALA I 248 -6.86 35.65 -6.17
C ALA I 248 -6.01 34.51 -6.70
N ARG I 249 -6.59 33.32 -6.83
CA ARG I 249 -5.88 32.15 -7.32
C ARG I 249 -6.70 31.49 -8.43
N PRO I 250 -6.04 30.89 -9.41
CA PRO I 250 -6.77 30.18 -10.45
C PRO I 250 -7.37 28.88 -9.93
N GLN I 251 -8.41 28.43 -10.62
CA GLN I 251 -9.11 27.20 -10.28
C GLN I 251 -9.03 26.24 -11.45
N GLY I 252 -8.95 24.94 -11.14
CA GLY I 252 -8.83 23.96 -12.19
C GLY I 252 -7.49 24.07 -12.89
N GLY I 253 -7.49 23.84 -14.19
CA GLY I 253 -6.27 23.89 -14.97
C GLY I 253 -5.58 22.54 -15.09
N GLN I 254 -5.45 22.04 -16.30
CA GLN I 254 -4.84 20.74 -16.56
C GLN I 254 -3.33 20.82 -16.72
N ASP I 255 -2.75 22.01 -16.68
CA ASP I 255 -1.30 22.14 -16.80
C ASP I 255 -0.62 21.61 -15.55
N ILE I 256 0.68 21.32 -15.68
CA ILE I 256 1.42 20.77 -14.55
C ILE I 256 1.55 21.82 -13.45
N LEU I 257 1.77 23.08 -13.82
CA LEU I 257 1.88 24.13 -12.82
C LEU I 257 0.55 24.33 -12.08
N SER I 258 -0.57 24.21 -12.80
CA SER I 258 -1.87 24.35 -12.17
C SER I 258 -2.14 23.20 -11.21
N MET I 259 -1.82 21.96 -11.62
CA MET I 259 -2.06 20.82 -10.77
C MET I 259 -1.21 20.89 -9.51
N MET I 260 0.06 21.25 -9.65
CA MET I 260 0.92 21.34 -8.47
C MET I 260 0.49 22.46 -7.54
N GLY I 261 -0.17 23.49 -8.08
CA GLY I 261 -0.70 24.56 -7.25
C GLY I 261 -1.82 24.15 -6.34
N GLN I 262 -2.53 23.07 -6.68
CA GLN I 262 -3.59 22.57 -5.81
C GLN I 262 -3.01 21.96 -4.54
N LEU I 263 -1.79 21.44 -4.60
CA LEU I 263 -1.15 20.86 -3.43
C LEU I 263 -0.59 21.90 -2.48
N MET I 264 -0.33 23.11 -2.96
CA MET I 264 0.24 24.15 -2.12
C MET I 264 -0.75 24.56 -1.04
N LYS I 265 -0.21 24.83 0.15
CA LYS I 265 -1.04 25.22 1.29
C LYS I 265 -1.77 26.52 1.00
N PRO I 266 -3.07 26.61 1.26
CA PRO I 266 -3.81 27.85 0.99
C PRO I 266 -3.45 28.92 2.00
N LYS I 267 -2.90 30.02 1.51
CA LYS I 267 -2.46 31.13 2.34
C LYS I 267 -3.17 32.40 1.91
N LYS I 268 -3.61 33.20 2.87
CA LYS I 268 -4.18 34.49 2.55
C LYS I 268 -3.14 35.40 1.94
N THR I 269 -3.54 36.18 0.95
CA THR I 269 -2.62 37.02 0.19
C THR I 269 -3.13 38.45 0.16
N GLU I 270 -2.19 39.38 0.00
CA GLU I 270 -2.50 40.80 -0.10
C GLU I 270 -3.03 41.08 -1.50
N ILE I 271 -4.36 41.03 -1.63
CA ILE I 271 -4.98 41.20 -2.94
C ILE I 271 -4.74 42.62 -3.45
N THR I 272 -4.39 42.71 -4.73
CA THR I 272 -3.97 43.98 -5.31
C THR I 272 -5.16 44.93 -5.46
N ASP I 273 -4.86 46.22 -5.50
CA ASP I 273 -5.89 47.22 -5.75
C ASP I 273 -6.36 47.18 -7.20
N LYS I 274 -5.50 46.74 -8.12
CA LYS I 274 -5.93 46.56 -9.50
C LYS I 274 -7.07 45.55 -9.58
N LEU I 275 -6.93 44.43 -8.88
CA LEU I 275 -7.98 43.41 -8.88
C LEU I 275 -9.25 43.96 -8.23
N ARG I 276 -9.11 44.72 -7.15
CA ARG I 276 -10.27 45.32 -6.50
C ARG I 276 -11.02 46.23 -7.46
N GLY I 277 -10.28 47.09 -8.18
CA GLY I 277 -10.93 47.99 -9.12
C GLY I 277 -11.59 47.27 -10.29
N GLU I 278 -10.91 46.25 -10.82
CA GLU I 278 -11.52 45.48 -11.91
C GLU I 278 -12.79 44.77 -11.46
N ILE I 279 -12.78 44.21 -10.24
CA ILE I 279 -13.97 43.56 -9.72
C ILE I 279 -15.07 44.59 -9.48
N ASN I 280 -14.70 45.79 -9.04
CA ASN I 280 -15.69 46.86 -8.90
C ASN I 280 -16.32 47.19 -10.24
N LYS I 281 -15.51 47.24 -11.30
CA LYS I 281 -16.04 47.50 -12.64
C LYS I 281 -17.01 46.40 -13.07
N VAL I 282 -16.66 45.15 -12.80
CA VAL I 282 -17.53 44.03 -13.14
C VAL I 282 -18.86 44.14 -12.39
N VAL I 283 -18.77 44.47 -11.09
CA VAL I 283 -19.98 44.62 -10.28
C VAL I 283 -20.86 45.73 -10.83
N ASN I 284 -20.25 46.86 -11.22
CA ASN I 284 -21.03 47.95 -11.79
C ASN I 284 -21.67 47.54 -13.11
N LYS I 285 -20.96 46.78 -13.93
CA LYS I 285 -21.54 46.28 -15.17
C LYS I 285 -22.77 45.44 -14.90
N TYR I 286 -22.68 44.52 -13.94
CA TYR I 286 -23.83 43.66 -13.67
C TYR I 286 -24.95 44.41 -12.97
N ILE I 287 -24.63 45.45 -12.20
CA ILE I 287 -25.67 46.28 -11.62
C ILE I 287 -26.42 47.04 -12.71
N ASP I 288 -25.67 47.58 -13.68
CA ASP I 288 -26.30 48.27 -14.79
C ASP I 288 -27.14 47.32 -15.63
N GLN I 289 -26.69 46.08 -15.80
CA GLN I 289 -27.48 45.09 -16.52
C GLN I 289 -28.81 44.81 -15.82
N GLY I 290 -28.84 44.94 -14.48
CA GLY I 290 -30.05 44.70 -13.72
C GLY I 290 -30.15 43.35 -13.06
N ILE I 291 -29.09 42.54 -13.10
CA ILE I 291 -29.10 41.25 -12.42
C ILE I 291 -28.45 41.29 -11.04
N ALA I 292 -27.86 42.41 -10.66
CA ALA I 292 -27.19 42.56 -9.38
C ALA I 292 -27.76 43.75 -8.61
N GLU I 293 -27.76 43.63 -7.29
CA GLU I 293 -28.15 44.72 -6.41
C GLU I 293 -27.09 44.85 -5.32
N LEU I 294 -26.80 46.09 -4.93
CA LEU I 294 -25.77 46.38 -3.94
C LEU I 294 -26.40 46.60 -2.58
N VAL I 295 -25.85 45.93 -1.57
CA VAL I 295 -26.25 46.10 -0.18
C VAL I 295 -25.02 46.55 0.61
N PRO I 296 -24.89 47.84 0.91
CA PRO I 296 -23.65 48.35 1.50
C PRO I 296 -23.25 47.69 2.81
N GLY I 297 -24.21 47.45 3.72
CA GLY I 297 -23.92 46.68 4.90
C GLY I 297 -23.13 47.45 5.95
N VAL I 298 -22.77 46.73 7.01
CA VAL I 298 -22.18 47.32 8.21
C VAL I 298 -21.03 46.43 8.67
N LEU I 299 -19.93 47.07 9.07
CA LEU I 299 -18.81 46.40 9.71
C LEU I 299 -18.69 46.89 11.14
N PHE I 300 -18.81 45.97 12.09
CA PHE I 300 -18.76 46.29 13.52
C PHE I 300 -17.41 45.88 14.07
N VAL I 301 -16.65 46.84 14.60
CA VAL I 301 -15.35 46.58 15.18
C VAL I 301 -15.48 46.76 16.69
N ASP I 302 -15.36 45.66 17.42
CA ASP I 302 -15.44 45.66 18.87
C ASP I 302 -14.02 45.62 19.44
N GLU I 303 -13.84 46.25 20.59
CA GLU I 303 -12.53 46.35 21.23
C GLU I 303 -11.53 47.04 20.30
N VAL I 304 -11.99 48.15 19.69
CA VAL I 304 -11.21 48.87 18.71
C VAL I 304 -9.91 49.41 19.30
N HIS I 305 -9.84 49.54 20.62
CA HIS I 305 -8.61 49.97 21.26
C HIS I 305 -7.47 48.98 21.09
N MET I 306 -7.75 47.76 20.64
CA MET I 306 -6.71 46.80 20.35
C MET I 306 -6.02 47.05 19.00
N LEU I 307 -6.59 47.91 18.17
CA LEU I 307 -5.89 48.37 16.97
C LEU I 307 -4.74 49.28 17.36
N ASP I 308 -3.66 49.22 16.59
CA ASP I 308 -2.50 50.05 16.87
C ASP I 308 -2.56 51.30 16.00
N ILE I 309 -1.50 52.12 16.07
CA ILE I 309 -1.53 53.41 15.40
C ILE I 309 -1.57 53.25 13.88
N GLU I 310 -0.88 52.22 13.36
CA GLU I 310 -0.90 51.98 11.91
C GLU I 310 -2.30 51.64 11.43
N CYS I 311 -3.03 50.81 12.18
CA CYS I 311 -4.39 50.46 11.79
C CYS I 311 -5.29 51.68 11.77
N PHE I 312 -5.18 52.53 12.80
CA PHE I 312 -5.99 53.74 12.83
C PHE I 312 -5.65 54.67 11.68
N THR I 313 -4.37 54.81 11.37
CA THR I 313 -3.98 55.65 10.24
C THR I 313 -4.53 55.11 8.93
N TYR I 314 -4.50 53.79 8.75
CA TYR I 314 -5.09 53.21 7.55
C TYR I 314 -6.60 53.39 7.52
N LEU I 315 -7.24 53.33 8.69
CA LEU I 315 -8.67 53.57 8.77
C LEU I 315 -9.01 55.00 8.36
N HIS I 316 -8.12 55.94 8.64
CA HIS I 316 -8.33 57.32 8.19
C HIS I 316 -8.56 57.38 6.68
N ARG I 317 -7.73 56.66 5.92
CA ARG I 317 -7.88 56.65 4.48
C ARG I 317 -9.06 55.78 4.05
N ALA I 318 -9.24 54.63 4.69
CA ALA I 318 -10.27 53.69 4.26
C ALA I 318 -11.67 54.27 4.44
N LEU I 319 -11.90 54.98 5.55
CA LEU I 319 -13.21 55.57 5.77
C LEU I 319 -13.52 56.66 4.74
N GLU I 320 -12.49 57.29 4.17
CA GLU I 320 -12.70 58.34 3.18
C GLU I 320 -13.00 57.79 1.79
N SER I 321 -12.94 56.47 1.60
CA SER I 321 -13.28 55.87 0.32
C SER I 321 -14.77 56.02 0.04
N SER I 322 -15.11 56.14 -1.25
CA SER I 322 -16.49 56.20 -1.68
C SER I 322 -17.12 54.81 -1.79
N ILE I 323 -16.38 53.76 -1.47
CA ILE I 323 -16.86 52.39 -1.59
C ILE I 323 -17.00 51.71 -0.23
N ALA I 324 -16.55 52.35 0.84
CA ALA I 324 -16.49 51.70 2.13
C ALA I 324 -17.89 51.56 2.74
N PRO I 325 -18.06 50.65 3.68
CA PRO I 325 -19.35 50.53 4.38
C PRO I 325 -19.48 51.47 5.56
N ILE I 326 -20.57 51.33 6.30
CA ILE I 326 -20.71 51.99 7.59
C ILE I 326 -19.99 51.16 8.63
N VAL I 327 -19.11 51.80 9.40
CA VAL I 327 -18.30 51.13 10.41
C VAL I 327 -18.75 51.61 11.78
N ILE I 328 -19.01 50.67 12.68
CA ILE I 328 -19.39 50.96 14.05
C ILE I 328 -18.27 50.47 14.96
N PHE I 329 -17.73 51.38 15.77
CA PHE I 329 -16.70 51.06 16.74
C PHE I 329 -17.30 51.01 18.14
N ALA I 330 -16.59 50.36 19.05
CA ALA I 330 -16.97 50.32 20.45
C ALA I 330 -15.72 50.34 21.31
N SER I 331 -15.77 51.11 22.40
CA SER I 331 -14.62 51.23 23.29
C SER I 331 -15.10 51.47 24.71
N ASN I 332 -14.44 50.83 25.66
CA ASN I 332 -14.69 51.04 27.08
C ASN I 332 -13.53 51.69 27.80
N ARG I 333 -12.43 51.95 27.12
CA ARG I 333 -11.27 52.57 27.73
C ARG I 333 -11.54 54.05 28.03
N GLY I 334 -10.86 54.55 29.06
CA GLY I 334 -10.80 55.98 29.28
C GLY I 334 -9.58 56.60 28.61
N ASN I 335 -8.96 57.57 29.26
CA ASN I 335 -7.76 58.20 28.71
C ASN I 335 -6.58 57.24 28.83
N CYS I 336 -6.32 56.46 27.78
CA CYS I 336 -5.30 55.43 27.82
C CYS I 336 -4.35 55.58 26.65
N VAL I 337 -3.26 54.83 26.71
CA VAL I 337 -2.19 54.90 25.72
C VAL I 337 -2.61 54.17 24.46
N ILE I 338 -2.43 54.82 23.31
CA ILE I 338 -2.64 54.14 22.03
C ILE I 338 -1.63 53.00 21.89
N ARG I 339 -2.11 51.88 21.33
CA ARG I 339 -1.38 50.63 21.45
C ARG I 339 0.00 50.72 20.80
N GLY I 340 0.07 51.29 19.60
CA GLY I 340 1.34 51.33 18.91
C GLY I 340 2.28 52.42 19.33
N THR I 341 1.81 53.35 20.17
CA THR I 341 2.60 54.52 20.54
C THR I 341 3.35 54.25 21.85
N GLU I 342 4.28 55.17 22.16
CA GLU I 342 5.08 55.02 23.38
C GLU I 342 4.30 55.52 24.60
N ASP I 343 3.93 56.80 24.61
CA ASP I 343 3.29 57.40 25.77
C ASP I 343 2.10 58.28 25.38
N ILE I 344 1.62 58.21 24.14
CA ILE I 344 0.54 59.08 23.69
C ILE I 344 -0.79 58.54 24.21
N THR I 345 -1.46 59.34 25.03
CA THR I 345 -2.78 59.00 25.55
C THR I 345 -3.85 59.72 24.74
N SER I 346 -5.00 59.07 24.60
CA SER I 346 -6.12 59.61 23.84
C SER I 346 -7.42 59.29 24.57
N PRO I 347 -8.49 60.04 24.27
CA PRO I 347 -9.71 59.91 25.10
C PRO I 347 -10.28 58.49 25.19
N HIS I 348 -10.28 57.73 24.10
CA HIS I 348 -10.83 56.37 24.14
C HIS I 348 -9.81 55.32 23.74
N GLY I 349 -8.52 55.63 23.81
CA GLY I 349 -7.52 54.81 23.18
C GLY I 349 -7.45 54.98 21.68
N ILE I 350 -8.13 55.99 21.14
CA ILE I 350 -8.27 56.17 19.70
C ILE I 350 -7.67 57.52 19.36
N PRO I 351 -6.84 57.63 18.33
CA PRO I 351 -6.20 58.91 18.01
C PRO I 351 -7.22 60.01 17.76
N LEU I 352 -6.84 61.24 18.13
CA LEU I 352 -7.75 62.37 18.00
C LEU I 352 -8.13 62.63 16.55
N ASP I 353 -7.31 62.19 15.59
CA ASP I 353 -7.64 62.39 14.19
C ASP I 353 -8.79 61.48 13.75
N LEU I 354 -8.82 60.24 14.26
CA LEU I 354 -9.92 59.35 13.94
C LEU I 354 -11.18 59.71 14.69
N LEU I 355 -11.06 60.23 15.91
CA LEU I 355 -12.24 60.66 16.65
C LEU I 355 -12.94 61.82 15.94
N ASP I 356 -12.19 62.61 15.17
CA ASP I 356 -12.80 63.68 14.39
C ASP I 356 -13.66 63.16 13.25
N ARG I 357 -13.49 61.89 12.87
CA ARG I 357 -14.19 61.32 11.74
C ARG I 357 -15.40 60.47 12.12
N VAL I 358 -15.73 60.39 13.41
CA VAL I 358 -16.78 59.50 13.87
C VAL I 358 -17.82 60.29 14.63
N MET I 359 -19.06 59.80 14.59
CA MET I 359 -20.12 60.28 15.46
C MET I 359 -20.20 59.39 16.69
N ILE I 360 -20.15 60.00 17.87
CA ILE I 360 -20.01 59.28 19.13
C ILE I 360 -21.39 59.10 19.75
N ILE I 361 -21.75 57.85 20.05
CA ILE I 361 -22.95 57.51 20.79
C ILE I 361 -22.52 57.12 22.21
N ARG I 362 -23.07 57.81 23.20
CA ARG I 362 -22.67 57.60 24.59
C ARG I 362 -23.66 56.69 25.29
N THR I 363 -23.13 55.66 25.95
CA THR I 363 -23.92 54.75 26.77
C THR I 363 -23.69 55.07 28.23
N MET I 364 -24.78 55.07 29.00
CA MET I 364 -24.72 55.39 30.42
C MET I 364 -24.85 54.12 31.26
N LEU I 365 -24.54 54.27 32.55
CA LEU I 365 -24.68 53.20 33.51
C LEU I 365 -26.16 52.99 33.86
N TYR I 366 -26.47 51.80 34.35
CA TYR I 366 -27.85 51.41 34.61
C TYR I 366 -28.22 51.63 36.07
N THR I 367 -29.46 52.06 36.28
CA THR I 367 -30.03 52.18 37.61
C THR I 367 -30.43 50.80 38.14
N PRO I 368 -30.63 50.67 39.46
CA PRO I 368 -31.04 49.36 40.00
C PRO I 368 -32.32 48.83 39.37
N GLN I 369 -33.29 49.69 39.07
CA GLN I 369 -34.52 49.23 38.43
C GLN I 369 -34.23 48.68 37.04
N GLU I 370 -33.38 49.36 36.27
CA GLU I 370 -33.00 48.86 34.95
C GLU I 370 -32.27 47.53 35.07
N MET I 371 -31.41 47.39 36.08
CA MET I 371 -30.72 46.12 36.30
C MET I 371 -31.71 45.01 36.61
N LYS I 372 -32.72 45.30 37.42
CA LYS I 372 -33.74 44.30 37.73
C LYS I 372 -34.52 43.91 36.48
N GLN I 373 -34.83 44.88 35.63
CA GLN I 373 -35.53 44.58 34.39
C GLN I 373 -34.68 43.69 33.48
N ILE I 374 -33.38 43.98 33.38
CA ILE I 374 -32.50 43.17 32.53
C ILE I 374 -32.36 41.77 33.11
N ILE I 375 -32.29 41.65 34.43
CA ILE I 375 -32.20 40.34 35.06
C ILE I 375 -33.47 39.53 34.79
N LYS I 376 -34.64 40.18 34.88
CA LYS I 376 -35.89 39.48 34.59
C LYS I 376 -35.94 39.05 33.12
N ILE I 377 -35.49 39.90 32.21
CA ILE I 377 -35.48 39.53 30.79
C ILE I 377 -34.54 38.34 30.55
N ARG I 378 -33.36 38.36 31.18
CA ARG I 378 -32.43 37.25 31.04
C ARG I 378 -33.01 35.97 31.62
N ALA I 379 -33.72 36.07 32.74
CA ALA I 379 -34.36 34.89 33.32
C ALA I 379 -35.42 34.34 32.39
N GLN I 380 -36.21 35.20 31.77
CA GLN I 380 -37.23 34.75 30.83
C GLN I 380 -36.59 34.10 29.61
N THR I 381 -35.49 34.67 29.11
CA THR I 381 -34.81 34.11 27.96
C THR I 381 -34.20 32.75 28.25
N GLU I 382 -33.75 32.53 29.48
CA GLU I 382 -33.13 31.27 29.86
C GLU I 382 -34.12 30.24 30.37
N GLY I 383 -35.41 30.55 30.34
CA GLY I 383 -36.42 29.62 30.82
C GLY I 383 -36.37 29.38 32.30
N ILE I 384 -36.17 30.42 33.10
CA ILE I 384 -35.96 30.32 34.53
C ILE I 384 -37.06 31.11 35.24
N ASN I 385 -37.74 30.48 36.19
CA ASN I 385 -38.71 31.15 37.04
C ASN I 385 -38.02 31.65 38.30
N ILE I 386 -38.21 32.93 38.62
CA ILE I 386 -37.56 33.57 39.75
C ILE I 386 -38.60 34.32 40.58
N SER I 387 -38.56 34.13 41.89
CA SER I 387 -39.49 34.79 42.79
C SER I 387 -39.13 36.26 42.94
N GLU I 388 -40.11 37.05 43.41
CA GLU I 388 -39.89 38.48 43.58
C GLU I 388 -38.78 38.77 44.57
N GLU I 389 -38.74 38.05 45.69
CA GLU I 389 -37.68 38.28 46.67
C GLU I 389 -36.32 37.87 46.11
N ALA I 390 -36.28 36.78 45.35
CA ALA I 390 -35.03 36.37 44.71
C ALA I 390 -34.58 37.40 43.68
N LEU I 391 -35.53 37.94 42.91
CA LEU I 391 -35.19 38.96 41.93
C LEU I 391 -34.65 40.22 42.61
N ASN I 392 -35.27 40.61 43.73
CA ASN I 392 -34.79 41.78 44.46
C ASN I 392 -33.39 41.53 45.02
N HIS I 393 -33.14 40.33 45.55
CA HIS I 393 -31.81 40.01 46.04
C HIS I 393 -30.78 40.03 44.92
N LEU I 394 -31.14 39.51 43.75
CA LEU I 394 -30.23 39.56 42.61
C LEU I 394 -29.96 41.00 42.19
N GLY I 395 -30.98 41.85 42.21
CA GLY I 395 -30.77 43.25 41.89
C GLY I 395 -29.84 43.94 42.87
N GLU I 396 -29.99 43.62 44.16
CA GLU I 396 -29.08 44.17 45.17
C GLU I 396 -27.66 43.67 44.95
N ILE I 397 -27.50 42.40 44.58
CA ILE I 397 -26.18 41.88 44.27
C ILE I 397 -25.59 42.60 43.06
N GLY I 398 -26.42 42.88 42.05
CA GLY I 398 -25.94 43.60 40.89
C GLY I 398 -25.50 45.01 41.23
N THR I 399 -26.25 45.68 42.10
CA THR I 399 -25.85 47.00 42.54
C THR I 399 -24.55 46.95 43.34
N LYS I 400 -24.39 45.89 44.14
CA LYS I 400 -23.18 45.77 44.94
C LYS I 400 -21.97 45.36 44.11
N THR I 401 -22.15 44.46 43.14
CA THR I 401 -21.00 43.95 42.37
C THR I 401 -21.03 44.38 40.90
N THR I 402 -21.94 43.83 40.10
CA THR I 402 -22.03 44.15 38.67
C THR I 402 -23.24 43.46 38.04
N LEU I 403 -23.82 44.08 37.01
CA LEU I 403 -24.97 43.49 36.33
C LEU I 403 -24.62 42.14 35.70
N ARG I 404 -23.44 42.04 35.09
CA ARG I 404 -23.03 40.79 34.47
C ARG I 404 -22.93 39.66 35.47
N TYR I 405 -22.45 39.95 36.68
CA TYR I 405 -22.35 38.92 37.71
C TYR I 405 -23.72 38.39 38.13
N SER I 406 -24.69 39.28 38.35
CA SER I 406 -26.03 38.84 38.72
C SER I 406 -26.67 37.99 37.64
N VAL I 407 -26.45 38.33 36.38
CA VAL I 407 -27.02 37.55 35.28
C VAL I 407 -26.41 36.16 35.25
N GLN I 408 -25.12 36.05 35.56
CA GLN I 408 -24.45 34.76 35.54
C GLN I 408 -24.84 33.86 36.72
N LEU I 409 -25.54 34.40 37.71
CA LEU I 409 -26.00 33.62 38.85
C LEU I 409 -27.33 32.93 38.61
N LEU I 410 -28.03 33.24 37.51
CA LEU I 410 -29.36 32.68 37.29
C LEU I 410 -29.31 31.18 37.05
N THR I 411 -28.47 30.73 36.12
CA THR I 411 -28.45 29.31 35.77
C THR I 411 -27.96 28.43 36.92
N PRO I 412 -26.85 28.73 37.61
CA PRO I 412 -26.48 27.90 38.76
C PRO I 412 -27.53 27.87 39.86
N ALA I 413 -28.20 29.00 40.12
CA ALA I 413 -29.24 29.01 41.14
C ALA I 413 -30.43 28.17 40.70
N ASN I 414 -30.78 28.22 39.42
CA ASN I 414 -31.84 27.36 38.90
C ASN I 414 -31.46 25.89 39.02
N LEU I 415 -30.18 25.58 38.80
CA LEU I 415 -29.73 24.20 38.95
C LEU I 415 -29.82 23.74 40.39
N LEU I 416 -29.44 24.59 41.35
CA LEU I 416 -29.60 24.22 42.75
C LEU I 416 -31.06 24.05 43.13
N ALA I 417 -31.94 24.92 42.60
CA ALA I 417 -33.36 24.77 42.86
C ALA I 417 -33.89 23.46 42.30
N LYS I 418 -33.47 23.10 41.09
CA LYS I 418 -33.92 21.86 40.48
C LYS I 418 -33.42 20.65 41.25
N ILE I 419 -32.18 20.71 41.75
CA ILE I 419 -31.65 19.61 42.55
C ILE I 419 -32.42 19.50 43.87
N ASN I 420 -32.69 20.63 44.52
CA ASN I 420 -33.44 20.63 45.77
C ASN I 420 -34.91 20.24 45.56
N GLY I 421 -35.37 20.17 44.32
CA GLY I 421 -36.73 19.77 44.04
C GLY I 421 -37.70 20.90 43.78
N LYS I 422 -37.23 22.12 43.61
CA LYS I 422 -38.08 23.29 43.40
C LYS I 422 -37.92 23.79 41.97
N ASP I 423 -39.04 24.15 41.35
CA ASP I 423 -39.05 24.60 39.97
C ASP I 423 -38.78 26.10 39.83
N SER I 424 -38.57 26.81 40.93
CA SER I 424 -38.34 28.25 40.90
C SER I 424 -37.17 28.60 41.80
N ILE I 425 -36.54 29.74 41.49
CA ILE I 425 -35.41 30.22 42.28
C ILE I 425 -35.93 30.97 43.50
N GLU I 426 -35.51 30.54 44.68
CA GLU I 426 -35.78 31.24 45.92
C GLU I 426 -34.56 32.04 46.36
N LYS I 427 -34.74 32.84 47.41
CA LYS I 427 -33.65 33.68 47.90
C LYS I 427 -32.50 32.83 48.44
N GLU I 428 -32.82 31.70 49.06
CA GLU I 428 -31.77 30.84 49.64
C GLU I 428 -30.85 30.31 48.55
N HIS I 429 -31.40 29.98 47.38
CA HIS I 429 -30.57 29.50 46.28
C HIS I 429 -29.61 30.59 45.81
N VAL I 430 -30.09 31.82 45.68
CA VAL I 430 -29.23 32.92 45.28
C VAL I 430 -28.14 33.15 46.32
N GLU I 431 -28.50 33.06 47.60
CA GLU I 431 -27.50 33.21 48.66
C GLU I 431 -26.45 32.12 48.57
N GLU I 432 -26.87 30.88 48.34
CA GLU I 432 -25.93 29.77 48.26
C GLU I 432 -24.99 29.94 47.07
N ILE I 433 -25.52 30.38 45.92
CA ILE I 433 -24.66 30.58 44.76
C ILE I 433 -23.71 31.74 44.98
N SER I 434 -24.19 32.82 45.61
CA SER I 434 -23.30 33.93 45.93
C SER I 434 -22.20 33.52 46.91
N GLU I 435 -22.48 32.53 47.76
CA GLU I 435 -21.42 32.00 48.62
C GLU I 435 -20.47 31.12 47.82
N LEU I 436 -20.99 30.35 46.87
CA LEU I 436 -20.15 29.40 46.13
C LEU I 436 -19.19 30.12 45.19
N PHE I 437 -19.65 31.18 44.53
CA PHE I 437 -18.86 31.87 43.54
C PHE I 437 -18.55 33.29 44.01
N TYR I 438 -17.41 33.80 43.56
CA TYR I 438 -16.97 35.15 43.90
C TYR I 438 -16.93 36.02 42.66
N ASP I 439 -17.15 37.32 42.86
CA ASP I 439 -17.03 38.30 41.80
C ASP I 439 -15.62 38.86 41.77
N ALA I 440 -15.36 39.77 40.83
CA ALA I 440 -14.02 40.32 40.68
C ALA I 440 -13.59 41.09 41.92
N LYS I 441 -14.49 41.89 42.50
CA LYS I 441 -14.13 42.72 43.65
C LYS I 441 -13.84 41.88 44.88
N SER I 442 -14.65 40.84 45.13
CA SER I 442 -14.41 39.99 46.29
C SER I 442 -13.12 39.21 46.14
N SER I 443 -12.87 38.67 44.95
CA SER I 443 -11.62 37.96 44.71
C SER I 443 -10.43 38.89 44.86
N ALA I 444 -10.56 40.14 44.38
CA ALA I 444 -9.47 41.10 44.51
C ALA I 444 -9.22 41.44 45.98
N LYS I 445 -10.28 41.55 46.78
CA LYS I 445 -10.10 41.77 48.21
C LYS I 445 -9.39 40.60 48.86
N ILE I 446 -9.76 39.38 48.48
CA ILE I 446 -9.07 38.20 49.01
C ILE I 446 -7.59 38.23 48.62
N LEU I 447 -7.31 38.62 47.38
CA LEU I 447 -5.94 38.68 46.89
C LEU I 447 -5.12 39.73 47.63
N ALA I 448 -5.71 40.90 47.90
CA ALA I 448 -4.99 41.93 48.63
C ALA I 448 -4.73 41.53 50.07
N ASP I 449 -5.61 40.71 50.65
CA ASP I 449 -5.41 40.25 52.02
C ASP I 449 -4.36 39.15 52.12
N GLN I 450 -4.01 38.50 51.00
CA GLN I 450 -3.06 37.39 50.99
C GLN I 450 -2.03 37.57 49.88
N GLN I 451 -1.45 38.77 49.82
CA GLN I 451 -0.51 39.10 48.75
C GLN I 451 0.68 38.16 48.75
N ASP I 452 1.22 37.85 49.93
CA ASP I 452 2.45 37.06 50.02
C ASP I 452 2.24 35.65 49.49
N LYS I 453 1.07 35.05 49.77
CA LYS I 453 0.87 33.65 49.43
C LYS I 453 0.65 33.47 47.93
N TYR I 454 -0.09 34.38 47.30
CA TYR I 454 -0.34 34.26 45.87
C TYR I 454 0.91 34.63 45.06
N MET I 455 0.96 34.10 43.84
CA MET I 455 2.10 34.36 42.97
C MET I 455 2.10 35.80 42.48
N LYS I 456 3.31 36.33 42.29
CA LYS I 456 3.47 37.73 41.88
C LYS I 456 3.49 37.85 40.36
N VAL J 16 2.71 -5.22 32.66
CA VAL J 16 3.55 -4.60 31.66
C VAL J 16 3.40 -3.08 31.72
N THR J 17 4.48 -2.36 31.39
CA THR J 17 4.47 -0.91 31.45
C THR J 17 3.82 -0.36 30.18
N ARG J 18 2.67 0.31 30.34
CA ARG J 18 1.99 0.98 29.26
C ARG J 18 2.40 2.45 29.22
N ILE J 19 1.88 3.17 28.24
CA ILE J 19 2.24 4.59 28.09
C ILE J 19 1.75 5.40 29.28
N GLU J 20 0.52 5.16 29.72
CA GLU J 20 -0.06 5.90 30.84
C GLU J 20 0.48 5.32 32.13
N ARG J 21 1.51 5.95 32.68
CA ARG J 21 2.06 5.59 33.97
C ARG J 21 1.43 6.49 35.04
N ILE J 22 1.97 6.43 36.25
CA ILE J 22 1.42 7.21 37.36
C ILE J 22 1.87 8.66 37.20
N GLY J 23 0.91 9.57 37.05
CA GLY J 23 1.18 10.98 36.93
C GLY J 23 0.80 11.75 38.18
N ALA J 24 0.72 13.07 38.04
CA ALA J 24 0.45 13.92 39.18
C ALA J 24 -1.01 13.87 39.61
N HIS J 25 -1.92 13.65 38.66
CA HIS J 25 -3.34 13.60 38.95
C HIS J 25 -3.94 12.25 38.61
N SER J 26 -3.13 11.19 38.61
CA SER J 26 -3.61 9.87 38.23
C SER J 26 -4.62 9.34 39.24
N HIS J 27 -4.55 9.78 40.49
CA HIS J 27 -5.47 9.33 41.52
C HIS J 27 -6.82 10.02 41.44
N ILE J 28 -6.94 11.10 40.69
CA ILE J 28 -8.20 11.82 40.57
C ILE J 28 -9.11 11.09 39.60
N ARG J 29 -10.26 10.63 40.08
CA ARG J 29 -11.22 9.92 39.27
C ARG J 29 -12.57 10.63 39.14
N GLY J 30 -12.70 11.80 39.74
CA GLY J 30 -13.96 12.52 39.71
C GLY J 30 -13.96 13.60 40.77
N LEU J 31 -15.14 14.18 40.98
CA LEU J 31 -15.30 15.21 41.99
C LEU J 31 -15.74 14.68 43.35
N GLY J 32 -16.17 13.42 43.42
CA GLY J 32 -16.57 12.84 44.69
C GLY J 32 -17.79 13.48 45.31
N LEU J 33 -18.84 13.73 44.51
CA LEU J 33 -20.05 14.37 44.97
C LEU J 33 -21.19 13.36 45.01
N ASP J 34 -22.19 13.67 45.83
CA ASP J 34 -23.41 12.87 45.88
C ASP J 34 -24.43 13.45 44.90
N ASP J 35 -25.67 12.95 44.95
CA ASP J 35 -26.69 13.41 44.01
C ASP J 35 -27.08 14.86 44.24
N ALA J 36 -26.84 15.40 45.43
CA ALA J 36 -27.15 16.78 45.75
C ALA J 36 -25.96 17.70 45.57
N LEU J 37 -24.91 17.24 44.89
CA LEU J 37 -23.68 18.00 44.70
C LEU J 37 -23.03 18.38 46.02
N GLU J 38 -23.24 17.58 47.05
CA GLU J 38 -22.59 17.81 48.33
C GLU J 38 -21.31 17.00 48.38
N PRO J 39 -20.14 17.62 48.45
CA PRO J 39 -18.89 16.87 48.39
C PRO J 39 -18.70 15.97 49.60
N ARG J 40 -18.03 14.85 49.36
CA ARG J 40 -17.58 13.97 50.42
C ARG J 40 -16.17 14.35 50.84
N GLN J 41 -15.82 14.01 52.09
CA GLN J 41 -14.51 14.38 52.60
C GLN J 41 -13.40 13.72 51.79
N ALA J 42 -13.57 12.44 51.47
CA ALA J 42 -12.63 11.72 50.61
C ALA J 42 -13.43 10.79 49.71
N SER J 43 -13.43 11.07 48.41
CA SER J 43 -14.12 10.22 47.45
C SER J 43 -13.55 10.46 46.06
N GLN J 44 -13.35 9.37 45.32
CA GLN J 44 -12.88 9.44 43.93
C GLN J 44 -11.55 10.18 43.82
N GLY J 45 -10.70 9.98 44.82
CA GLY J 45 -9.38 10.60 44.80
C GLY J 45 -9.32 12.03 45.29
N MET J 46 -10.44 12.63 45.66
CA MET J 46 -10.48 14.02 46.08
C MET J 46 -10.60 14.14 47.60
N VAL J 47 -9.83 15.05 48.18
CA VAL J 47 -9.83 15.29 49.62
C VAL J 47 -10.09 16.77 49.86
N GLY J 48 -11.03 17.06 50.75
CA GLY J 48 -11.31 18.41 51.21
C GLY J 48 -11.82 19.32 50.10
N GLN J 49 -11.59 20.62 50.32
CA GLN J 49 -12.03 21.69 49.41
C GLN J 49 -13.48 21.48 48.98
N LEU J 50 -14.35 21.44 49.99
CA LEU J 50 -15.76 21.20 49.77
C LEU J 50 -16.42 22.29 48.91
N ALA J 51 -16.08 23.56 49.16
CA ALA J 51 -16.67 24.64 48.39
C ALA J 51 -16.27 24.59 46.92
N ALA J 52 -14.98 24.40 46.65
CA ALA J 52 -14.51 24.34 45.27
C ALA J 52 -15.11 23.15 44.54
N ARG J 53 -15.18 21.99 45.20
CA ARG J 53 -15.75 20.81 44.56
C ARG J 53 -17.25 20.96 44.31
N ARG J 54 -17.96 21.62 45.23
CA ARG J 54 -19.37 21.88 45.01
C ARG J 54 -19.60 22.84 43.86
N ALA J 55 -18.79 23.91 43.77
CA ALA J 55 -18.90 24.82 42.65
C ALA J 55 -18.57 24.12 41.33
N ALA J 56 -17.55 23.27 41.34
CA ALA J 56 -17.21 22.52 40.14
C ALA J 56 -18.34 21.58 39.74
N GLY J 57 -19.03 20.99 40.72
CA GLY J 57 -20.17 20.15 40.39
C GLY J 57 -21.32 20.94 39.80
N VAL J 58 -21.55 22.16 40.30
CA VAL J 58 -22.58 23.00 39.70
C VAL J 58 -22.20 23.35 38.26
N VAL J 59 -20.93 23.68 38.03
CA VAL J 59 -20.49 23.99 36.68
C VAL J 59 -20.62 22.76 35.78
N LEU J 60 -20.38 21.57 36.34
CA LEU J 60 -20.56 20.34 35.57
C LEU J 60 -22.01 20.12 35.19
N GLU J 61 -22.94 20.38 36.11
CA GLU J 61 -24.36 20.30 35.78
C GLU J 61 -24.70 21.29 34.67
N MET J 62 -24.11 22.48 34.73
CA MET J 62 -24.34 23.46 33.67
C MET J 62 -23.80 22.97 32.33
N ILE J 63 -22.62 22.35 32.34
CA ILE J 63 -22.02 21.83 31.12
C ILE J 63 -22.89 20.73 30.54
N ARG J 64 -23.36 19.82 31.38
CA ARG J 64 -24.13 18.68 30.90
C ARG J 64 -25.51 19.10 30.42
N GLU J 65 -26.08 20.16 31.00
CA GLU J 65 -27.37 20.65 30.53
C GLU J 65 -27.28 21.13 29.09
N GLY J 66 -26.22 21.86 28.76
CA GLY J 66 -25.96 22.22 27.38
C GLY J 66 -26.79 23.36 26.82
N LYS J 67 -27.46 24.13 27.67
CA LYS J 67 -28.36 25.17 27.18
C LYS J 67 -27.68 26.53 27.06
N ILE J 68 -26.84 26.89 28.03
CA ILE J 68 -26.22 28.21 28.08
C ILE J 68 -24.85 28.12 27.42
N ALA J 69 -24.53 29.09 26.57
CA ALA J 69 -23.31 29.06 25.78
C ALA J 69 -22.36 30.15 26.26
N GLY J 70 -21.06 29.85 26.24
CA GLY J 70 -20.06 30.83 26.54
C GLY J 70 -19.91 31.20 28.00
N ARG J 71 -20.37 30.35 28.91
CA ARG J 71 -20.17 30.62 30.33
C ARG J 71 -18.71 30.36 30.69
N ALA J 72 -18.11 31.29 31.43
CA ALA J 72 -16.70 31.23 31.77
C ALA J 72 -16.55 31.18 33.29
N VAL J 73 -15.68 30.29 33.77
CA VAL J 73 -15.42 30.12 35.19
C VAL J 73 -13.91 30.14 35.40
N LEU J 74 -13.48 30.85 36.44
CA LEU J 74 -12.08 30.93 36.82
C LEU J 74 -11.86 30.24 38.15
N ILE J 75 -10.91 29.32 38.19
CA ILE J 75 -10.49 28.67 39.43
C ILE J 75 -9.20 29.35 39.87
N ALA J 76 -9.27 30.11 40.97
CA ALA J 76 -8.17 30.90 41.47
C ALA J 76 -7.81 30.47 42.88
N GLY J 77 -6.51 30.44 43.17
CA GLY J 77 -6.05 30.03 44.48
C GLY J 77 -4.55 29.92 44.49
N GLN J 78 -4.02 29.69 45.69
CA GLN J 78 -2.59 29.61 45.87
C GLN J 78 -2.02 28.38 45.17
N PRO J 79 -0.71 28.37 44.90
CA PRO J 79 -0.10 27.18 44.28
C PRO J 79 -0.32 25.93 45.11
N GLY J 80 -0.60 24.83 44.43
CA GLY J 80 -0.83 23.56 45.09
C GLY J 80 -2.08 23.51 45.93
N THR J 81 -3.20 24.04 45.42
CA THR J 81 -4.46 24.04 46.14
C THR J 81 -5.55 23.31 45.37
N GLY J 82 -5.16 22.38 44.50
CA GLY J 82 -6.10 21.56 43.79
C GLY J 82 -6.80 22.16 42.59
N LYS J 83 -6.32 23.31 42.08
CA LYS J 83 -6.98 23.92 40.92
C LYS J 83 -6.97 22.97 39.73
N THR J 84 -5.79 22.48 39.37
CA THR J 84 -5.70 21.53 38.27
C THR J 84 -6.31 20.19 38.67
N ALA J 85 -6.26 19.86 39.96
CA ALA J 85 -6.95 18.66 40.44
C ALA J 85 -8.45 18.79 40.22
N ILE J 86 -9.01 19.97 40.53
CA ILE J 86 -10.43 20.20 40.30
C ILE J 86 -10.76 20.10 38.82
N ALA J 87 -9.90 20.64 37.97
CA ALA J 87 -10.14 20.56 36.54
C ALA J 87 -10.09 19.12 36.04
N MET J 88 -9.12 18.33 36.52
CA MET J 88 -9.03 16.94 36.10
C MET J 88 -10.21 16.13 36.60
N GLY J 89 -10.69 16.40 37.82
CA GLY J 89 -11.89 15.74 38.29
C GLY J 89 -13.12 16.10 37.49
N MET J 90 -13.21 17.37 37.06
CA MET J 90 -14.30 17.77 36.18
C MET J 90 -14.23 17.04 34.86
N ALA J 91 -13.02 16.90 34.31
CA ALA J 91 -12.84 16.18 33.06
C ALA J 91 -13.19 14.70 33.21
N GLN J 92 -12.85 14.10 34.36
CA GLN J 92 -13.15 12.69 34.56
C GLN J 92 -14.64 12.45 34.77
N ALA J 93 -15.32 13.37 35.47
CA ALA J 93 -16.75 13.20 35.69
C ALA J 93 -17.53 13.25 34.38
N LEU J 94 -17.15 14.16 33.48
CA LEU J 94 -17.62 14.07 32.11
C LEU J 94 -17.04 12.83 31.45
N GLY J 95 -17.83 12.20 30.59
CA GLY J 95 -17.35 11.07 29.84
C GLY J 95 -16.51 11.49 28.66
N PRO J 96 -16.00 10.49 27.94
CA PRO J 96 -15.34 10.78 26.65
C PRO J 96 -16.28 11.39 25.63
N ASP J 97 -17.60 11.25 25.83
CA ASP J 97 -18.55 11.77 24.86
C ASP J 97 -18.47 13.29 24.77
N THR J 98 -18.38 13.98 25.90
CA THR J 98 -18.31 15.43 25.88
C THR J 98 -16.88 15.88 25.67
N PRO J 99 -16.62 16.75 24.69
CA PRO J 99 -15.25 17.23 24.46
C PRO J 99 -14.73 17.99 25.68
N PHE J 100 -13.45 17.78 25.97
CA PHE J 100 -12.76 18.50 27.06
C PHE J 100 -11.37 18.86 26.53
N THR J 101 -11.26 20.05 25.96
CA THR J 101 -9.98 20.52 25.41
C THR J 101 -9.19 21.20 26.51
N ALA J 102 -8.01 20.65 26.81
CA ALA J 102 -7.13 21.18 27.84
C ALA J 102 -5.86 21.69 27.18
N ILE J 103 -5.64 23.00 27.27
CA ILE J 103 -4.43 23.63 26.77
C ILE J 103 -3.85 24.52 27.86
N ALA J 104 -2.60 24.89 27.68
CA ALA J 104 -1.96 25.91 28.50
C ALA J 104 -1.97 27.24 27.77
N GLY J 105 -1.81 28.32 28.54
CA GLY J 105 -1.81 29.64 27.95
C GLY J 105 -0.69 29.85 26.96
N SER J 106 0.45 29.19 27.19
CA SER J 106 1.59 29.34 26.30
C SER J 106 1.36 28.69 24.94
N GLU J 107 0.44 27.73 24.86
CA GLU J 107 0.25 26.98 23.62
C GLU J 107 -0.39 27.81 22.52
N ILE J 108 -1.06 28.91 22.88
CA ILE J 108 -1.70 29.74 21.86
C ILE J 108 -0.71 30.63 21.11
N PHE J 109 0.53 30.74 21.59
CA PHE J 109 1.55 31.52 20.93
C PHE J 109 2.23 30.61 19.90
N SER J 110 1.94 30.84 18.62
CA SER J 110 2.37 29.95 17.56
C SER J 110 2.96 30.74 16.40
N LEU J 111 3.86 30.10 15.68
CA LEU J 111 4.39 30.64 14.43
C LEU J 111 3.56 30.22 13.22
N GLU J 112 2.60 29.33 13.41
CA GLU J 112 1.75 28.84 12.32
C GLU J 112 0.50 29.69 12.14
N MET J 113 0.00 30.30 13.21
CA MET J 113 -1.25 31.05 13.14
C MET J 113 -1.22 32.17 14.18
N SER J 114 -2.20 33.05 14.10
CA SER J 114 -2.34 34.12 15.07
C SER J 114 -2.90 33.59 16.39
N LYS J 115 -2.82 34.42 17.42
CA LYS J 115 -3.37 34.07 18.72
C LYS J 115 -4.88 33.93 18.67
N THR J 116 -5.54 34.84 17.95
CA THR J 116 -7.00 34.75 17.79
C THR J 116 -7.39 33.49 17.04
N GLU J 117 -6.60 33.12 16.03
CA GLU J 117 -6.86 31.87 15.32
C GLU J 117 -6.67 30.66 16.22
N ALA J 118 -5.62 30.68 17.05
CA ALA J 118 -5.38 29.58 17.98
C ALA J 118 -6.52 29.44 18.97
N LEU J 119 -7.02 30.56 19.50
CA LEU J 119 -8.16 30.48 20.41
C LEU J 119 -9.45 30.08 19.70
N THR J 120 -9.62 30.49 18.43
CA THR J 120 -10.78 30.05 17.67
C THR J 120 -10.76 28.55 17.46
N GLN J 121 -9.59 28.00 17.16
CA GLN J 121 -9.46 26.55 17.00
C GLN J 121 -9.66 25.83 18.34
N ALA J 122 -9.20 26.44 19.44
CA ALA J 122 -9.43 25.85 20.74
C ALA J 122 -10.91 25.82 21.10
N PHE J 123 -11.63 26.90 20.77
CA PHE J 123 -13.07 26.95 21.04
C PHE J 123 -13.82 25.90 20.21
N ARG J 124 -13.54 25.86 18.91
CA ARG J 124 -14.27 24.94 18.03
C ARG J 124 -13.92 23.48 18.29
N ARG J 125 -12.72 23.20 18.82
CA ARG J 125 -12.40 21.84 19.23
C ARG J 125 -13.24 21.37 20.42
N SER J 126 -13.84 22.30 21.16
CA SER J 126 -14.63 21.97 22.33
C SER J 126 -16.11 21.73 22.05
N ILE J 127 -16.58 21.99 20.83
CA ILE J 127 -17.96 21.74 20.46
C ILE J 127 -17.99 20.59 19.45
N GLY J 128 -18.80 19.59 19.73
CA GLY J 128 -18.85 18.39 18.93
C GLY J 128 -20.20 18.23 18.25
N VAL J 129 -20.20 17.55 17.11
CA VAL J 129 -21.41 17.28 16.32
C VAL J 129 -21.57 15.77 16.26
N ARG J 130 -22.62 15.25 16.89
CA ARG J 130 -22.84 13.81 16.96
C ARG J 130 -23.77 13.39 15.84
N ILE J 131 -23.26 12.55 14.94
CA ILE J 131 -23.99 12.11 13.77
C ILE J 131 -24.09 10.59 13.80
N LYS J 132 -25.31 10.07 13.70
CA LYS J 132 -25.56 8.64 13.66
C LYS J 132 -25.91 8.23 12.24
N GLU J 133 -25.27 7.17 11.75
CA GLU J 133 -25.59 6.61 10.46
C GLU J 133 -25.50 5.08 10.53
N GLU J 134 -26.15 4.43 9.57
CA GLU J 134 -26.20 2.97 9.50
C GLU J 134 -25.31 2.48 8.37
N THR J 135 -24.56 1.42 8.64
CA THR J 135 -23.68 0.81 7.65
C THR J 135 -23.83 -0.70 7.67
N GLU J 136 -23.53 -1.33 6.54
CA GLU J 136 -23.52 -2.78 6.43
C GLU J 136 -22.08 -3.26 6.52
N ILE J 137 -21.81 -4.15 7.47
CA ILE J 137 -20.46 -4.65 7.74
C ILE J 137 -20.45 -6.16 7.54
N ILE J 138 -19.54 -6.64 6.71
CA ILE J 138 -19.38 -8.06 6.43
C ILE J 138 -18.08 -8.53 7.07
N GLU J 139 -18.19 -9.40 8.06
CA GLU J 139 -17.04 -9.91 8.80
C GLU J 139 -17.08 -11.44 8.76
N GLY J 140 -16.02 -12.05 8.25
CA GLY J 140 -15.97 -13.49 8.18
C GLY J 140 -14.59 -13.98 7.79
N GLU J 141 -14.50 -15.29 7.59
CA GLU J 141 -13.27 -15.95 7.18
C GLU J 141 -13.34 -16.31 5.70
N VAL J 142 -12.30 -15.95 4.96
CA VAL J 142 -12.26 -16.20 3.53
C VAL J 142 -12.04 -17.69 3.27
N VAL J 143 -12.90 -18.28 2.45
CA VAL J 143 -12.78 -19.69 2.08
C VAL J 143 -12.15 -19.85 0.70
N GLU J 144 -12.69 -19.15 -0.30
CA GLU J 144 -12.18 -19.24 -1.66
C GLU J 144 -12.42 -17.91 -2.36
N ILE J 145 -11.41 -17.43 -3.08
CA ILE J 145 -11.50 -16.20 -3.86
C ILE J 145 -11.10 -16.53 -5.29
N GLN J 146 -11.98 -16.20 -6.24
CA GLN J 146 -11.76 -16.49 -7.65
C GLN J 146 -11.96 -15.22 -8.45
N ILE J 147 -11.00 -14.89 -9.31
CA ILE J 147 -11.06 -13.74 -10.19
C ILE J 147 -10.64 -14.18 -11.57
N ASP J 148 -11.45 -13.84 -12.58
CA ASP J 148 -11.18 -14.22 -13.96
C ASP J 148 -11.31 -13.00 -14.87
N ARG J 149 -10.48 -12.99 -15.91
CA ARG J 149 -10.49 -11.91 -16.89
C ARG J 149 -11.85 -11.77 -17.56
N LYS J 157 -14.44 -7.67 -16.00
CA LYS J 157 -13.90 -8.66 -15.08
C LYS J 157 -15.00 -9.23 -14.18
N VAL J 158 -14.90 -10.52 -13.87
CA VAL J 158 -15.87 -11.20 -13.02
C VAL J 158 -15.11 -11.92 -11.91
N GLY J 159 -15.81 -12.20 -10.83
CA GLY J 159 -15.19 -12.87 -9.70
C GLY J 159 -16.22 -13.41 -8.74
N LYS J 160 -15.76 -14.33 -7.89
CA LYS J 160 -16.56 -14.89 -6.82
C LYS J 160 -15.76 -14.86 -5.53
N LEU J 161 -16.46 -14.71 -4.41
CA LEU J 161 -15.86 -14.70 -3.09
C LEU J 161 -16.69 -15.53 -2.14
N THR J 162 -16.04 -16.46 -1.43
CA THR J 162 -16.70 -17.34 -0.48
C THR J 162 -16.24 -17.01 0.93
N LEU J 163 -17.19 -16.64 1.79
CA LEU J 163 -16.91 -16.27 3.16
C LEU J 163 -17.72 -17.15 4.10
N LYS J 164 -17.16 -17.42 5.27
CA LYS J 164 -17.82 -18.28 6.24
C LYS J 164 -17.69 -17.72 7.64
N THR J 165 -18.71 -17.96 8.45
CA THR J 165 -18.66 -17.79 9.89
C THR J 165 -18.75 -19.17 10.54
N THR J 166 -18.82 -19.18 11.87
CA THR J 166 -19.01 -20.46 12.56
C THR J 166 -20.42 -21.00 12.42
N GLU J 167 -21.36 -20.21 11.87
CA GLU J 167 -22.74 -20.63 11.76
C GLU J 167 -23.28 -20.68 10.33
N MET J 168 -22.63 -20.01 9.38
CA MET J 168 -23.14 -20.00 8.01
C MET J 168 -22.00 -19.76 7.03
N GLU J 169 -22.21 -20.22 5.79
CA GLU J 169 -21.26 -20.03 4.70
C GLU J 169 -22.00 -19.57 3.46
N THR J 170 -21.32 -18.77 2.64
CA THR J 170 -21.96 -18.06 1.54
C THR J 170 -20.96 -17.84 0.42
N ILE J 171 -21.47 -17.76 -0.80
CA ILE J 171 -20.68 -17.37 -1.96
C ILE J 171 -21.24 -16.07 -2.51
N TYR J 172 -20.37 -15.10 -2.77
CA TYR J 172 -20.76 -13.79 -3.28
C TYR J 172 -20.32 -13.63 -4.73
N ASP J 173 -21.15 -12.97 -5.52
CA ASP J 173 -20.78 -12.54 -6.86
C ASP J 173 -20.26 -11.11 -6.78
N LEU J 174 -19.00 -10.92 -7.16
CA LEU J 174 -18.30 -9.67 -6.91
C LEU J 174 -18.44 -8.71 -8.10
N GLY J 175 -18.48 -7.42 -7.78
CA GLY J 175 -18.44 -6.39 -8.79
C GLY J 175 -17.02 -5.93 -9.08
N THR J 176 -16.92 -5.02 -10.06
CA THR J 176 -15.59 -4.57 -10.49
C THR J 176 -14.86 -3.84 -9.38
N LYS J 177 -15.57 -2.95 -8.67
CA LYS J 177 -14.91 -2.14 -7.65
C LYS J 177 -14.47 -2.98 -6.46
N MET J 178 -15.31 -3.92 -6.03
CA MET J 178 -14.91 -4.80 -4.94
C MET J 178 -13.79 -5.73 -5.37
N ILE J 179 -13.78 -6.16 -6.63
CA ILE J 179 -12.67 -6.97 -7.13
C ILE J 179 -11.38 -6.18 -7.08
N GLU J 180 -11.43 -4.91 -7.50
CA GLU J 180 -10.24 -4.06 -7.43
C GLU J 180 -9.79 -3.87 -5.99
N SER J 181 -10.74 -3.67 -5.08
CA SER J 181 -10.38 -3.49 -3.67
C SER J 181 -9.73 -4.74 -3.10
N LEU J 182 -10.25 -5.91 -3.45
CA LEU J 182 -9.66 -7.16 -2.96
C LEU J 182 -8.33 -7.46 -3.63
N THR J 183 -8.11 -6.97 -4.85
CA THR J 183 -6.82 -7.15 -5.49
C THR J 183 -5.77 -6.23 -4.88
N LYS J 184 -6.14 -4.98 -4.59
CA LYS J 184 -5.18 -4.03 -4.03
C LYS J 184 -4.68 -4.50 -2.66
N ASP J 185 -5.58 -4.99 -1.82
CA ASP J 185 -5.23 -5.51 -0.50
C ASP J 185 -5.25 -7.02 -0.60
N LYS J 186 -4.07 -7.63 -0.65
CA LYS J 186 -3.93 -9.06 -0.90
C LYS J 186 -4.76 -9.87 0.08
N VAL J 187 -5.78 -10.56 -0.42
CA VAL J 187 -6.67 -11.38 0.38
C VAL J 187 -6.61 -12.80 -0.14
N GLN J 188 -6.28 -13.75 0.73
CA GLN J 188 -6.16 -15.15 0.38
C GLN J 188 -7.00 -15.98 1.35
N ALA J 189 -7.18 -17.24 1.00
CA ALA J 189 -7.99 -18.13 1.82
C ALA J 189 -7.41 -18.27 3.22
N GLY J 190 -8.29 -18.24 4.22
CA GLY J 190 -7.92 -18.36 5.61
C GLY J 190 -7.85 -17.05 6.36
N ASP J 191 -7.79 -15.92 5.64
CA ASP J 191 -7.76 -14.62 6.29
C ASP J 191 -9.13 -14.26 6.86
N VAL J 192 -9.12 -13.64 8.04
CA VAL J 192 -10.34 -13.11 8.65
C VAL J 192 -10.37 -11.62 8.37
N ILE J 193 -11.37 -11.19 7.59
CA ILE J 193 -11.45 -9.80 7.14
C ILE J 193 -12.83 -9.25 7.44
N THR J 194 -12.90 -7.93 7.53
CA THR J 194 -14.16 -7.20 7.59
C THR J 194 -14.23 -6.24 6.41
N ILE J 195 -15.40 -6.19 5.76
CA ILE J 195 -15.62 -5.37 4.60
C ILE J 195 -16.74 -4.38 4.90
N ASP J 196 -16.50 -3.10 4.61
CA ASP J 196 -17.55 -2.10 4.55
C ASP J 196 -18.14 -2.12 3.15
N LYS J 197 -19.41 -2.52 3.04
CA LYS J 197 -19.99 -2.84 1.74
C LYS J 197 -20.00 -1.63 0.81
N ALA J 198 -20.33 -0.45 1.33
CA ALA J 198 -20.52 0.71 0.47
C ALA J 198 -19.20 1.24 -0.06
N THR J 199 -18.10 1.02 0.66
CA THR J 199 -16.82 1.61 0.31
C THR J 199 -15.77 0.62 -0.16
N GLY J 200 -15.96 -0.68 0.09
CA GLY J 200 -14.91 -1.63 -0.20
C GLY J 200 -13.76 -1.59 0.77
N LYS J 201 -13.92 -0.93 1.91
CA LYS J 201 -12.85 -0.82 2.91
C LYS J 201 -12.61 -2.19 3.54
N ILE J 202 -11.53 -2.84 3.13
CA ILE J 202 -11.18 -4.18 3.62
C ILE J 202 -9.99 -4.04 4.56
N SER J 203 -10.15 -4.51 5.79
CA SER J 203 -9.09 -4.55 6.77
C SER J 203 -8.92 -5.98 7.27
N LYS J 204 -7.72 -6.53 7.11
CA LYS J 204 -7.42 -7.88 7.56
C LYS J 204 -7.07 -7.86 9.04
N LEU J 205 -7.85 -8.56 9.84
CA LEU J 205 -7.65 -8.57 11.29
C LEU J 205 -7.00 -9.85 11.79
N GLY J 206 -6.43 -10.66 10.90
CA GLY J 206 -5.67 -11.82 11.29
C GLY J 206 -5.91 -12.98 10.35
N ARG J 207 -5.39 -14.14 10.73
CA ARG J 207 -5.58 -15.38 10.00
C ARG J 207 -6.09 -16.46 10.94
N SER J 208 -6.92 -17.35 10.42
CA SER J 208 -7.52 -18.41 11.23
C SER J 208 -7.24 -19.78 10.61
N PHE J 209 -7.04 -20.76 11.48
CA PHE J 209 -6.83 -22.15 11.08
C PHE J 209 -7.28 -23.10 12.19
N PHE J 224 -3.35 -14.57 15.14
CA PHE J 224 -4.40 -15.55 14.97
C PHE J 224 -5.66 -15.14 15.73
N VAL J 225 -6.77 -15.02 15.01
CA VAL J 225 -8.04 -14.58 15.57
C VAL J 225 -9.11 -15.60 15.22
N GLN J 226 -9.98 -15.90 16.19
CA GLN J 226 -11.07 -16.84 15.97
C GLN J 226 -12.05 -16.28 14.94
N CYS J 227 -12.60 -17.19 14.13
CA CYS J 227 -13.55 -16.77 13.10
C CYS J 227 -14.81 -16.20 13.74
N PRO J 228 -15.43 -15.19 13.14
CA PRO J 228 -16.66 -14.63 13.71
C PRO J 228 -17.78 -15.66 13.77
N ASP J 229 -18.68 -15.47 14.72
CA ASP J 229 -19.68 -16.48 15.06
C ASP J 229 -20.99 -16.28 14.31
N GLY J 230 -21.61 -15.11 14.46
CA GLY J 230 -22.98 -14.94 14.02
C GLY J 230 -23.17 -14.72 12.53
N GLU J 231 -24.06 -13.81 12.18
CA GLU J 231 -24.36 -13.52 10.78
C GLU J 231 -23.16 -12.90 10.07
N LEU J 232 -23.01 -13.23 8.79
CA LEU J 232 -21.89 -12.71 8.01
C LEU J 232 -22.08 -11.24 7.69
N GLN J 233 -23.30 -10.85 7.30
CA GLN J 233 -23.61 -9.48 6.91
C GLN J 233 -24.43 -8.85 8.02
N LYS J 234 -23.91 -7.78 8.62
CA LYS J 234 -24.54 -7.12 9.75
C LYS J 234 -24.77 -5.64 9.44
N ARG J 235 -25.95 -5.15 9.77
CA ARG J 235 -26.26 -3.73 9.69
C ARG J 235 -25.93 -3.08 11.03
N LYS J 236 -24.96 -2.18 11.03
CA LYS J 236 -24.46 -1.58 12.25
C LYS J 236 -24.78 -0.09 12.28
N GLU J 237 -25.00 0.43 13.48
CA GLU J 237 -25.17 1.86 13.71
C GLU J 237 -23.85 2.42 14.22
N VAL J 238 -23.23 3.28 13.41
CA VAL J 238 -21.95 3.91 13.75
C VAL J 238 -22.22 5.36 14.10
N VAL J 239 -21.69 5.79 15.24
CA VAL J 239 -21.89 7.14 15.75
C VAL J 239 -20.54 7.83 15.80
N HIS J 240 -20.46 9.01 15.19
CA HIS J 240 -19.26 9.83 15.21
C HIS J 240 -19.58 11.15 15.87
N THR J 241 -18.72 11.59 16.78
CA THR J 241 -18.78 12.91 17.37
C THR J 241 -17.64 13.73 16.77
N VAL J 242 -17.99 14.69 15.93
CA VAL J 242 -17.02 15.45 15.14
C VAL J 242 -17.04 16.88 15.63
N SER J 243 -15.87 17.41 15.96
CA SER J 243 -15.77 18.79 16.41
C SER J 243 -15.90 19.74 15.23
N LEU J 244 -16.31 20.97 15.54
CA LEU J 244 -16.44 21.99 14.50
C LEU J 244 -15.10 22.25 13.83
N HIS J 245 -14.01 22.23 14.60
CA HIS J 245 -12.69 22.40 14.04
C HIS J 245 -12.35 21.30 13.03
N GLU J 246 -12.73 20.06 13.34
CA GLU J 246 -12.49 18.95 12.42
C GLU J 246 -13.26 19.16 11.12
N ILE J 247 -14.52 19.60 11.21
CA ILE J 247 -15.31 19.86 10.02
C ILE J 247 -14.67 20.97 9.20
N ASP J 248 -14.24 22.05 9.86
CA ASP J 248 -13.61 23.15 9.15
C ASP J 248 -12.34 22.70 8.43
N VAL J 249 -11.51 21.90 9.11
CA VAL J 249 -10.25 21.47 8.51
C VAL J 249 -10.50 20.50 7.36
N ILE J 250 -11.43 19.56 7.53
CA ILE J 250 -11.73 18.60 6.47
C ILE J 250 -12.24 19.32 5.23
N ASN J 251 -13.07 20.35 5.41
CA ASN J 251 -13.64 21.11 4.32
C ASN J 251 -12.80 22.33 3.92
N SER J 252 -11.65 22.53 4.55
CA SER J 252 -10.83 23.69 4.21
C SER J 252 -10.22 23.57 2.83
N ARG J 253 -9.81 22.36 2.44
CA ARG J 253 -9.17 22.13 1.15
C ARG J 253 -9.23 20.64 0.85
N THR J 254 -8.86 20.30 -0.38
CA THR J 254 -8.78 18.89 -0.74
C THR J 254 -7.65 18.22 0.02
N GLN J 255 -7.93 17.01 0.52
CA GLN J 255 -7.02 16.30 1.43
C GLN J 255 -6.70 17.13 2.66
N GLY J 256 -7.64 17.99 3.06
CA GLY J 256 -7.39 18.91 4.16
C GLY J 256 -7.40 18.25 5.53
N PHE J 257 -8.00 17.06 5.64
CA PHE J 257 -8.00 16.34 6.90
C PHE J 257 -6.59 16.03 7.39
N LEU J 258 -5.61 15.99 6.49
CA LEU J 258 -4.24 15.75 6.90
C LEU J 258 -3.76 16.79 7.90
N ALA J 259 -4.28 18.01 7.79
CA ALA J 259 -3.90 19.08 8.71
C ALA J 259 -4.36 18.81 10.14
N LEU J 260 -5.32 17.91 10.33
CA LEU J 260 -5.71 17.55 11.69
C LEU J 260 -4.61 16.82 12.44
N PHE J 261 -3.62 16.29 11.73
CA PHE J 261 -2.54 15.53 12.35
C PHE J 261 -1.20 16.21 12.33
N SER J 262 -0.96 17.11 11.37
CA SER J 262 0.35 17.74 11.20
C SER J 262 0.30 19.25 11.34
N GLY J 263 -0.69 19.78 12.04
CA GLY J 263 -0.86 21.23 12.09
C GLY J 263 -1.21 21.78 10.72
N ASP J 264 -0.37 22.67 10.18
CA ASP J 264 -0.45 23.09 8.78
C ASP J 264 -1.84 23.58 8.39
N THR J 265 -2.68 23.94 9.37
CA THR J 265 -4.00 24.47 9.07
C THR J 265 -3.96 25.89 8.52
N GLY J 266 -2.87 26.63 8.78
CA GLY J 266 -2.89 28.03 8.43
C GLY J 266 -3.91 28.78 9.27
N GLU J 267 -4.50 29.80 8.65
CA GLU J 267 -5.58 30.57 9.27
C GLU J 267 -6.83 30.33 8.43
N ILE J 268 -7.73 29.49 8.95
CA ILE J 268 -8.93 29.13 8.22
C ILE J 268 -9.80 30.36 7.99
N LYS J 269 -10.29 30.51 6.76
CA LYS J 269 -11.08 31.68 6.42
C LYS J 269 -12.37 31.71 7.22
N SER J 270 -12.82 32.93 7.54
CA SER J 270 -14.08 33.09 8.24
C SER J 270 -15.27 32.67 7.39
N GLU J 271 -15.13 32.71 6.06
CA GLU J 271 -16.24 32.29 5.21
C GLU J 271 -16.52 30.80 5.36
N VAL J 272 -15.47 29.98 5.43
CA VAL J 272 -15.63 28.55 5.63
C VAL J 272 -16.29 28.28 6.99
N ARG J 273 -15.82 28.98 8.03
CA ARG J 273 -16.39 28.78 9.35
C ARG J 273 -17.86 29.20 9.42
N GLU J 274 -18.20 30.30 8.77
CA GLU J 274 -19.61 30.72 8.76
C GLU J 274 -20.48 29.73 8.00
N GLN J 275 -19.97 29.23 6.86
CA GLN J 275 -20.72 28.23 6.11
C GLN J 275 -20.91 26.96 6.92
N ILE J 276 -19.88 26.54 7.64
CA ILE J 276 -19.98 25.34 8.47
C ILE J 276 -20.97 25.56 9.60
N ASN J 277 -20.94 26.73 10.24
CA ASN J 277 -21.90 27.01 11.30
C ASN J 277 -23.33 26.96 10.76
N ALA J 278 -23.54 27.50 9.55
CA ALA J 278 -24.87 27.46 8.95
C ALA J 278 -25.29 26.04 8.65
N LYS J 279 -24.39 25.23 8.10
CA LYS J 279 -24.75 23.86 7.77
C LYS J 279 -24.99 23.02 9.02
N VAL J 280 -24.24 23.28 10.09
CA VAL J 280 -24.45 22.58 11.35
C VAL J 280 -25.79 22.96 11.96
N ALA J 281 -26.16 24.25 11.87
CA ALA J 281 -27.48 24.66 12.30
C ALA J 281 -28.57 23.97 11.48
N GLU J 282 -28.36 23.86 10.17
CA GLU J 282 -29.31 23.17 9.32
C GLU J 282 -29.45 21.71 9.72
N TRP J 283 -28.34 21.04 10.00
CA TRP J 283 -28.38 19.65 10.45
C TRP J 283 -29.15 19.53 11.76
N ARG J 284 -28.88 20.41 12.71
CA ARG J 284 -29.57 20.35 14.00
C ARG J 284 -31.06 20.57 13.83
N GLU J 285 -31.45 21.52 12.98
CA GLU J 285 -32.87 21.75 12.74
C GLU J 285 -33.52 20.56 12.04
N GLU J 286 -32.81 19.94 11.11
CA GLU J 286 -33.36 18.83 10.34
C GLU J 286 -33.24 17.49 11.06
N GLY J 287 -32.63 17.45 12.24
CA GLY J 287 -32.49 16.23 13.00
C GLY J 287 -31.37 15.32 12.56
N LYS J 288 -30.57 15.72 11.57
CA LYS J 288 -29.48 14.89 11.09
C LYS J 288 -28.32 14.80 12.08
N ALA J 289 -28.24 15.71 13.05
CA ALA J 289 -27.12 15.75 13.96
C ALA J 289 -27.53 16.40 15.27
N GLU J 290 -26.77 16.11 16.32
CA GLU J 290 -26.97 16.70 17.63
C GLU J 290 -25.69 17.41 18.06
N ILE J 291 -25.85 18.55 18.72
CA ILE J 291 -24.72 19.34 19.20
C ILE J 291 -24.38 18.90 20.61
N ILE J 292 -23.09 18.69 20.87
CA ILE J 292 -22.62 18.29 22.19
C ILE J 292 -21.66 19.37 22.69
N PRO J 293 -22.13 20.40 23.36
CA PRO J 293 -21.22 21.43 23.88
C PRO J 293 -20.26 20.84 24.91
N GLY J 294 -19.02 21.29 24.86
CA GLY J 294 -18.00 20.77 25.76
C GLY J 294 -17.29 21.84 26.56
N VAL J 295 -16.07 21.56 26.98
CA VAL J 295 -15.33 22.42 27.90
C VAL J 295 -13.96 22.69 27.32
N LEU J 296 -13.56 23.96 27.32
CA LEU J 296 -12.19 24.36 27.02
C LEU J 296 -11.53 24.77 28.34
N PHE J 297 -10.44 24.11 28.69
CA PHE J 297 -9.71 24.40 29.91
C PHE J 297 -8.37 25.03 29.55
N ILE J 298 -8.12 26.22 30.08
CA ILE J 298 -6.88 26.96 29.86
C ILE J 298 -6.19 27.06 31.21
N ASP J 299 -5.31 26.11 31.51
CA ASP J 299 -4.51 26.19 32.72
C ASP J 299 -3.44 27.26 32.57
N GLU J 300 -3.21 28.01 33.65
CA GLU J 300 -2.27 29.13 33.65
C GLU J 300 -2.66 30.15 32.59
N VAL J 301 -3.89 30.66 32.72
CA VAL J 301 -4.43 31.61 31.77
C VAL J 301 -3.71 32.96 31.84
N HIS J 302 -2.97 33.22 32.92
CA HIS J 302 -2.23 34.47 33.04
C HIS J 302 -1.14 34.62 31.98
N MET J 303 -0.82 33.57 31.23
CA MET J 303 0.11 33.69 30.13
C MET J 303 -0.50 34.37 28.91
N LEU J 304 -1.82 34.42 28.83
CA LEU J 304 -2.48 35.13 27.74
C LEU J 304 -2.19 36.62 27.83
N ASP J 305 -2.13 37.28 26.68
CA ASP J 305 -1.91 38.71 26.64
C ASP J 305 -3.24 39.44 26.47
N ILE J 306 -3.16 40.78 26.46
CA ILE J 306 -4.35 41.61 26.34
C ILE J 306 -5.11 41.34 25.04
N GLU J 307 -4.41 41.04 23.96
CA GLU J 307 -5.10 40.71 22.71
C GLU J 307 -5.93 39.43 22.84
N SER J 308 -5.34 38.39 23.43
CA SER J 308 -6.07 37.14 23.62
C SER J 308 -7.27 37.33 24.56
N PHE J 309 -7.09 38.10 25.62
CA PHE J 309 -8.19 38.37 26.54
C PHE J 309 -9.31 39.15 25.85
N SER J 310 -8.94 40.17 25.06
CA SER J 310 -9.93 40.93 24.32
C SER J 310 -10.69 40.04 23.34
N PHE J 311 -10.00 39.09 22.72
CA PHE J 311 -10.69 38.15 21.84
C PHE J 311 -11.63 37.25 22.63
N LEU J 312 -11.20 36.77 23.79
CA LEU J 312 -12.04 35.92 24.62
C LEU J 312 -13.29 36.65 25.09
N ASN J 313 -13.18 37.96 25.34
CA ASN J 313 -14.32 38.74 25.80
C ASN J 313 -15.51 38.61 24.84
N ARG J 314 -15.25 38.65 23.53
CA ARG J 314 -16.33 38.57 22.54
C ARG J 314 -16.53 37.18 21.97
N ALA J 315 -15.50 36.32 21.98
CA ALA J 315 -15.67 34.96 21.50
C ALA J 315 -16.65 34.16 22.35
N LEU J 316 -16.80 34.53 23.62
CA LEU J 316 -17.74 33.85 24.51
C LEU J 316 -19.18 34.24 24.26
N GLU J 317 -19.43 35.27 23.46
CA GLU J 317 -20.78 35.75 23.19
C GLU J 317 -21.46 35.02 22.04
N SER J 318 -20.76 34.10 21.37
CA SER J 318 -21.37 33.33 20.31
C SER J 318 -22.22 32.21 20.89
N ASP J 319 -23.21 31.78 20.11
CA ASP J 319 -24.05 30.66 20.52
C ASP J 319 -23.34 29.31 20.41
N MET J 320 -22.21 29.26 19.72
CA MET J 320 -21.43 28.04 19.58
C MET J 320 -20.25 28.00 20.55
N ALA J 321 -20.19 28.93 21.49
CA ALA J 321 -19.08 28.95 22.43
C ALA J 321 -19.28 27.85 23.49
N PRO J 322 -18.22 27.17 23.87
CA PRO J 322 -18.30 26.18 24.94
C PRO J 322 -18.20 26.85 26.30
N VAL J 323 -18.21 26.04 27.35
CA VAL J 323 -17.91 26.52 28.69
C VAL J 323 -16.41 26.65 28.85
N LEU J 324 -15.97 27.82 29.31
CA LEU J 324 -14.55 28.13 29.44
C LEU J 324 -14.16 28.04 30.91
N ILE J 325 -13.14 27.23 31.21
CA ILE J 325 -12.63 27.07 32.57
C ILE J 325 -11.16 27.46 32.55
N MET J 326 -10.77 28.34 33.47
CA MET J 326 -9.42 28.85 33.55
C MET J 326 -8.90 28.71 34.97
N ALA J 327 -7.58 28.57 35.10
CA ALA J 327 -6.93 28.47 36.40
C ALA J 327 -5.73 29.40 36.45
N THR J 328 -5.57 30.09 37.56
CA THR J 328 -4.43 30.98 37.76
C THR J 328 -4.18 31.13 39.26
N ASN J 329 -2.90 31.27 39.62
CA ASN J 329 -2.49 31.49 40.99
C ASN J 329 -1.97 32.89 41.23
N ARG J 330 -2.07 33.77 40.23
CA ARG J 330 -1.53 35.11 40.31
C ARG J 330 -2.37 36.00 41.22
N GLY J 331 -1.68 36.85 41.99
CA GLY J 331 -2.31 37.93 42.72
C GLY J 331 -2.40 39.14 41.80
N ILE J 332 -2.51 40.33 42.41
CA ILE J 332 -2.57 41.54 41.59
C ILE J 332 -1.26 41.62 40.82
N THR J 333 -1.33 41.46 39.50
CA THR J 333 -0.13 41.27 38.70
C THR J 333 -0.30 41.98 37.35
N ARG J 334 0.83 42.34 36.75
CA ARG J 334 0.86 42.97 35.44
C ARG J 334 0.28 42.04 34.38
N ILE J 335 -0.64 42.58 33.58
CA ILE J 335 -1.19 41.83 32.46
C ILE J 335 -0.16 41.77 31.35
N ARG J 336 0.07 40.58 30.81
CA ARG J 336 1.08 40.41 29.76
C ARG J 336 0.72 41.25 28.53
N GLY J 337 1.71 41.97 28.02
CA GLY J 337 1.54 42.85 26.89
C GLY J 337 1.17 44.27 27.25
N THR J 338 0.96 44.57 28.54
CA THR J 338 0.60 45.89 29.01
C THR J 338 1.47 46.25 30.21
N SER J 339 1.20 47.41 30.78
CA SER J 339 1.80 47.83 32.04
C SER J 339 0.77 47.92 33.16
N TYR J 340 -0.47 47.50 32.90
CA TYR J 340 -1.54 47.58 33.86
C TYR J 340 -1.52 46.41 34.82
N GLN J 341 -1.90 46.66 36.06
CA GLN J 341 -1.99 45.65 37.10
C GLN J 341 -3.45 45.25 37.26
N SER J 342 -3.69 43.94 37.35
CA SER J 342 -5.04 43.43 37.49
C SER J 342 -5.04 42.31 38.52
N PRO J 343 -6.17 42.07 39.19
CA PRO J 343 -6.20 41.11 40.30
C PRO J 343 -5.71 39.71 39.97
N HIS J 344 -5.91 39.22 38.75
CA HIS J 344 -5.42 37.89 38.38
C HIS J 344 -4.54 37.93 37.14
N GLY J 345 -4.06 39.11 36.76
CA GLY J 345 -3.40 39.21 35.47
C GLY J 345 -4.37 39.17 34.33
N ILE J 346 -5.66 39.17 34.64
CA ILE J 346 -6.75 39.15 33.67
C ILE J 346 -7.42 40.52 33.72
N PRO J 347 -7.66 41.17 32.58
CA PRO J 347 -8.29 42.49 32.63
C PRO J 347 -9.68 42.41 33.24
N ILE J 348 -10.06 43.51 33.90
CA ILE J 348 -11.31 43.56 34.65
C ILE J 348 -12.53 43.40 33.74
N ASP J 349 -12.40 43.74 32.46
CA ASP J 349 -13.53 43.55 31.56
C ASP J 349 -13.85 42.07 31.37
N LEU J 350 -12.83 41.22 31.25
CA LEU J 350 -13.07 39.79 31.16
C LEU J 350 -13.52 39.21 32.50
N LEU J 351 -12.93 39.68 33.60
CA LEU J 351 -13.29 39.19 34.93
C LEU J 351 -14.76 39.44 35.24
N ASP J 352 -15.34 40.48 34.67
CA ASP J 352 -16.77 40.72 34.88
C ASP J 352 -17.64 39.64 34.26
N ARG J 353 -17.10 38.88 33.31
CA ARG J 353 -17.81 37.79 32.67
C ARG J 353 -17.53 36.44 33.33
N LEU J 354 -16.69 36.40 34.34
CA LEU J 354 -16.29 35.14 34.97
C LEU J 354 -16.99 34.92 36.30
N LEU J 355 -17.20 33.65 36.63
CA LEU J 355 -17.50 33.23 37.99
C LEU J 355 -16.24 32.62 38.58
N ILE J 356 -15.84 33.12 39.74
CA ILE J 356 -14.55 32.76 40.33
C ILE J 356 -14.76 31.76 41.46
N VAL J 357 -14.02 30.67 41.41
CA VAL J 357 -14.03 29.63 42.43
C VAL J 357 -12.69 29.66 43.15
N SER J 358 -12.71 29.91 44.45
CA SER J 358 -11.50 30.08 45.25
C SER J 358 -11.16 28.78 45.97
N THR J 359 -9.89 28.38 45.89
CA THR J 359 -9.39 27.19 46.56
C THR J 359 -8.64 27.60 47.83
N THR J 360 -8.95 26.93 48.94
CA THR J 360 -8.35 27.26 50.22
C THR J 360 -7.21 26.30 50.55
N PRO J 361 -6.23 26.74 51.34
CA PRO J 361 -5.12 25.85 51.70
C PRO J 361 -5.62 24.65 52.49
N TYR J 362 -4.87 23.56 52.39
CA TYR J 362 -5.25 22.31 53.04
C TYR J 362 -4.81 22.29 54.50
N SER J 363 -5.57 21.57 55.31
CA SER J 363 -5.27 21.38 56.72
C SER J 363 -4.35 20.18 56.89
N GLU J 364 -4.01 19.89 58.15
CA GLU J 364 -3.19 18.71 58.45
C GLU J 364 -3.92 17.42 58.08
N LYS J 365 -5.21 17.34 58.39
CA LYS J 365 -5.99 16.15 58.09
C LYS J 365 -6.09 15.94 56.58
N ASP J 366 -6.40 17.00 55.84
CA ASP J 366 -6.50 16.89 54.39
C ASP J 366 -5.16 16.54 53.77
N THR J 367 -4.07 17.13 54.28
CA THR J 367 -2.74 16.80 53.78
C THR J 367 -2.41 15.33 54.00
N LYS J 368 -2.70 14.82 55.20
CA LYS J 368 -2.43 13.41 55.47
C LYS J 368 -3.29 12.51 54.59
N GLN J 369 -4.54 12.89 54.36
CA GLN J 369 -5.40 12.07 53.51
C GLN J 369 -4.92 12.07 52.07
N ILE J 370 -4.46 13.21 51.57
CA ILE J 370 -3.89 13.27 50.23
C ILE J 370 -2.64 12.41 50.14
N LEU J 371 -1.80 12.45 51.18
CA LEU J 371 -0.60 11.61 51.19
C LEU J 371 -0.97 10.13 51.18
N ARG J 372 -2.01 9.76 51.94
CA ARG J 372 -2.47 8.37 51.93
C ARG J 372 -2.97 7.96 50.55
N ILE J 373 -3.74 8.84 49.90
CA ILE J 373 -4.26 8.52 48.58
C ILE J 373 -3.12 8.35 47.59
N ARG J 374 -2.12 9.24 47.64
CA ARG J 374 -0.98 9.11 46.73
C ARG J 374 -0.18 7.85 47.02
N CYS J 375 -0.03 7.49 48.29
CA CYS J 375 0.66 6.24 48.63
C CYS J 375 -0.09 5.04 48.07
N GLU J 376 -1.42 5.04 48.19
CA GLU J 376 -2.21 3.96 47.59
C GLU J 376 -2.06 3.93 46.08
N GLU J 377 -2.01 5.11 45.45
CA GLU J 377 -1.84 5.18 44.00
C GLU J 377 -0.50 4.61 43.56
N GLU J 378 0.56 4.91 44.31
CA GLU J 378 1.90 4.47 43.95
C GLU J 378 2.24 3.11 44.55
N ASP J 379 1.31 2.48 45.27
CA ASP J 379 1.54 1.19 45.93
C ASP J 379 2.72 1.26 46.89
N VAL J 380 2.64 2.22 47.81
CA VAL J 380 3.69 2.46 48.79
C VAL J 380 3.07 2.31 50.18
N GLU J 381 3.72 1.52 51.03
CA GLU J 381 3.27 1.30 52.40
C GLU J 381 4.13 2.11 53.36
N MET J 382 3.48 2.93 54.18
CA MET J 382 4.16 3.75 55.17
C MET J 382 3.65 3.41 56.57
N SER J 383 4.51 3.64 57.56
CA SER J 383 4.08 3.58 58.95
C SER J 383 3.33 4.85 59.32
N GLU J 384 2.60 4.78 60.43
CA GLU J 384 1.86 5.96 60.89
C GLU J 384 2.79 7.08 61.32
N ASP J 385 3.93 6.73 61.92
CA ASP J 385 4.92 7.75 62.25
C ASP J 385 5.47 8.40 60.99
N ALA J 386 5.68 7.60 59.95
CA ALA J 386 6.10 8.15 58.66
C ALA J 386 5.04 9.10 58.11
N TYR J 387 3.76 8.73 58.23
CA TYR J 387 2.71 9.61 57.76
C TYR J 387 2.70 10.93 58.54
N THR J 388 2.89 10.87 59.86
CA THR J 388 2.92 12.10 60.65
C THR J 388 4.09 12.98 60.25
N VAL J 389 5.27 12.39 60.09
CA VAL J 389 6.45 13.16 59.70
C VAL J 389 6.26 13.77 58.32
N LEU J 390 5.71 13.00 57.38
CA LEU J 390 5.52 13.49 56.03
C LEU J 390 4.47 14.60 55.99
N THR J 391 3.42 14.48 56.81
CA THR J 391 2.42 15.54 56.88
C THR J 391 3.04 16.82 57.44
N ARG J 392 3.88 16.69 58.46
CA ARG J 392 4.55 17.87 59.01
C ARG J 392 5.47 18.49 57.97
N ILE J 393 6.19 17.66 57.22
CA ILE J 393 7.07 18.18 56.17
C ILE J 393 6.26 18.89 55.09
N GLY J 394 5.11 18.34 54.72
CA GLY J 394 4.30 18.96 53.69
C GLY J 394 3.69 20.27 54.15
N LEU J 395 3.24 20.33 55.41
CA LEU J 395 2.69 21.58 55.93
C LEU J 395 3.78 22.63 56.07
N GLU J 396 4.98 22.24 56.51
CA GLU J 396 6.04 23.21 56.72
C GLU J 396 6.59 23.74 55.39
N THR J 397 6.68 22.88 54.38
CA THR J 397 7.31 23.25 53.11
C THR J 397 6.31 23.30 51.96
N SER J 398 5.72 22.17 51.58
CA SER J 398 4.77 22.11 50.47
C SER J 398 4.19 20.71 50.29
N LEU J 399 2.93 20.64 49.86
CA LEU J 399 2.28 19.36 49.62
C LEU J 399 2.94 18.60 48.46
N ARG J 400 3.35 19.33 47.42
CA ARG J 400 4.01 18.68 46.29
C ARG J 400 5.36 18.12 46.67
N TYR J 401 6.09 18.79 47.57
CA TYR J 401 7.36 18.25 48.03
C TYR J 401 7.16 16.94 48.77
N ALA J 402 6.14 16.86 49.63
CA ALA J 402 5.88 15.63 50.35
C ALA J 402 5.45 14.51 49.39
N ILE J 403 4.58 14.85 48.43
CA ILE J 403 4.18 13.84 47.45
C ILE J 403 5.39 13.33 46.68
N GLN J 404 6.33 14.22 46.34
CA GLN J 404 7.53 13.79 45.66
C GLN J 404 8.38 12.90 46.54
N LEU J 405 8.49 13.24 47.83
CA LEU J 405 9.27 12.46 48.77
C LEU J 405 8.70 11.08 49.01
N ILE J 406 7.42 10.87 48.72
CA ILE J 406 6.84 9.54 48.89
C ILE J 406 7.60 8.51 48.05
N THR J 407 7.80 8.80 46.77
CA THR J 407 8.46 7.85 45.88
C THR J 407 9.93 7.71 46.23
N ALA J 408 10.58 8.81 46.60
CA ALA J 408 11.99 8.73 46.98
C ALA J 408 12.17 7.86 48.21
N ALA J 409 11.30 8.03 49.21
CA ALA J 409 11.37 7.19 50.40
C ALA J 409 11.08 5.73 50.08
N SER J 410 10.14 5.48 49.17
CA SER J 410 9.88 4.10 48.76
C SER J 410 11.10 3.47 48.11
N LEU J 411 11.78 4.22 47.24
CA LEU J 411 12.98 3.71 46.61
C LEU J 411 14.09 3.47 47.63
N VAL J 412 14.25 4.38 48.59
CA VAL J 412 15.26 4.22 49.62
C VAL J 412 14.96 2.98 50.46
N CYS J 413 13.69 2.77 50.79
CA CYS J 413 13.31 1.58 51.55
C CYS J 413 13.59 0.31 50.76
N ARG J 414 13.32 0.34 49.45
CA ARG J 414 13.58 -0.84 48.64
C ARG J 414 15.08 -1.09 48.49
N LYS J 415 15.90 -0.04 48.60
CA LYS J 415 17.34 -0.22 48.51
C LYS J 415 17.87 -1.05 49.68
N ARG J 416 17.37 -0.80 50.88
CA ARG J 416 17.80 -1.53 52.07
C ARG J 416 16.95 -2.77 52.34
N LYS J 417 16.35 -3.34 51.31
CA LYS J 417 15.60 -4.59 51.38
C LYS J 417 14.41 -4.50 52.33
N GLY J 418 13.94 -3.29 52.61
CA GLY J 418 12.77 -3.12 53.44
C GLY J 418 11.48 -3.25 52.66
N THR J 419 10.37 -3.32 53.41
CA THR J 419 9.05 -3.45 52.81
C THR J 419 8.10 -2.32 53.14
N GLU J 420 8.31 -1.61 54.26
CA GLU J 420 7.45 -0.51 54.67
C GLU J 420 8.31 0.72 54.91
N VAL J 421 7.83 1.88 54.46
CA VAL J 421 8.60 3.10 54.59
C VAL J 421 8.57 3.56 56.04
N GLN J 422 9.76 3.83 56.58
CA GLN J 422 9.92 4.27 57.97
C GLN J 422 10.27 5.75 57.99
N VAL J 423 10.34 6.28 59.22
CA VAL J 423 10.74 7.68 59.40
C VAL J 423 12.19 7.89 58.95
N ASP J 424 13.03 6.87 59.12
CA ASP J 424 14.42 6.99 58.70
C ASP J 424 14.54 7.22 57.20
N ASP J 425 13.74 6.51 56.41
CA ASP J 425 13.74 6.73 54.96
C ASP J 425 13.27 8.13 54.61
N ILE J 426 12.25 8.63 55.31
CA ILE J 426 11.74 9.97 55.04
C ILE J 426 12.80 11.01 55.37
N LYS J 427 13.50 10.84 56.50
CA LYS J 427 14.58 11.76 56.84
C LYS J 427 15.72 11.68 55.82
N ARG J 428 16.03 10.48 55.36
CA ARG J 428 17.07 10.31 54.36
C ARG J 428 16.75 11.04 53.07
N VAL J 429 15.51 10.92 52.60
CA VAL J 429 15.15 11.61 51.37
C VAL J 429 14.99 13.11 51.60
N TYR J 430 14.63 13.51 52.82
CA TYR J 430 14.58 14.93 53.17
C TYR J 430 15.97 15.55 53.08
N SER J 431 16.98 14.82 53.55
CA SER J 431 18.35 15.32 53.46
C SER J 431 18.89 15.24 52.04
N LEU J 432 18.53 14.20 51.29
CA LEU J 432 19.03 14.03 49.93
C LEU J 432 18.44 15.08 48.99
N PHE J 433 17.13 15.30 49.05
CA PHE J 433 16.45 16.24 48.16
C PHE J 433 15.95 17.42 48.96
N LEU J 434 16.39 18.61 48.57
CA LEU J 434 16.01 19.86 49.23
C LEU J 434 14.73 20.44 48.63
N ASP J 435 14.10 21.30 49.41
CA ASP J 435 12.93 22.08 48.98
C ASP J 435 13.39 23.45 48.52
N GLU J 436 12.42 24.30 48.12
CA GLU J 436 12.77 25.62 47.63
C GLU J 436 13.38 26.48 48.74
N SER J 437 12.86 26.36 49.96
CA SER J 437 13.33 27.23 51.05
C SER J 437 14.78 26.94 51.42
N ARG J 438 15.10 25.66 51.65
CA ARG J 438 16.47 25.32 52.03
C ARG J 438 17.44 25.56 50.89
N SER J 439 16.99 25.32 49.65
CA SER J 439 17.83 25.62 48.50
C SER J 439 18.14 27.12 48.42
N THR J 440 17.12 27.95 48.66
CA THR J 440 17.34 29.39 48.64
C THR J 440 18.27 29.82 49.76
N GLN J 441 18.15 29.21 50.94
CA GLN J 441 19.04 29.53 52.04
C GLN J 441 20.49 29.18 51.71
N TYR J 442 20.71 27.96 51.18
CA TYR J 442 22.06 27.56 50.82
C TYR J 442 22.63 28.43 49.72
N MET J 443 21.79 28.82 48.75
CA MET J 443 22.24 29.73 47.71
C MET J 443 22.63 31.09 48.27
N LYS J 444 21.84 31.60 49.22
CA LYS J 444 22.18 32.86 49.86
C LYS J 444 23.46 32.77 50.66
N GLU J 445 23.78 31.57 51.17
CA GLU J 445 25.05 31.40 51.87
C GLU J 445 26.24 31.65 50.94
N TYR J 446 26.14 31.18 49.69
CA TYR J 446 27.21 31.32 48.72
C TYR J 446 26.76 32.13 47.50
N GLN J 447 26.06 33.23 47.74
CA GLN J 447 25.45 33.99 46.65
C GLN J 447 26.49 34.57 45.69
N ASP J 448 27.73 34.79 46.15
CA ASP J 448 28.75 35.32 45.26
C ASP J 448 29.20 34.28 44.25
N ALA J 449 29.13 32.99 44.60
CA ALA J 449 29.55 31.94 43.69
C ALA J 449 28.54 31.72 42.56
N PHE J 450 27.28 32.07 42.76
CA PHE J 450 26.27 31.91 41.73
C PHE J 450 26.38 33.04 40.71
N LEU J 451 25.55 32.96 39.67
CA LEU J 451 25.65 33.84 38.52
C LEU J 451 24.45 34.78 38.44
N PHE J 452 24.75 36.07 38.28
CA PHE J 452 23.74 37.09 37.99
C PHE J 452 22.69 37.17 39.10
N ASN J 453 23.16 37.59 40.27
CA ASN J 453 22.28 37.84 41.41
C ASN J 453 21.85 39.30 41.40
N GLU J 454 20.55 39.53 41.56
CA GLU J 454 20.02 40.88 41.58
C GLU J 454 20.20 41.52 42.95
N LYS K 15 -44.79 -119.74 4.56
CA LYS K 15 -43.49 -119.71 3.88
C LYS K 15 -43.05 -118.26 3.68
N THR K 16 -41.85 -117.95 4.19
CA THR K 16 -41.36 -116.57 4.16
C THR K 16 -41.08 -116.11 2.74
N ARG K 17 -41.31 -114.82 2.50
CA ARG K 17 -41.04 -114.25 1.18
C ARG K 17 -39.55 -114.28 0.85
N SER K 18 -38.69 -114.29 1.87
CA SER K 18 -37.26 -114.41 1.62
C SER K 18 -36.92 -115.77 1.03
N SER K 19 -37.59 -116.83 1.49
CA SER K 19 -37.33 -118.15 0.95
C SER K 19 -37.78 -118.28 -0.49
N ARG K 20 -38.86 -117.60 -0.87
CA ARG K 20 -39.34 -117.65 -2.25
C ARG K 20 -38.32 -117.05 -3.22
N ALA K 21 -37.72 -115.93 -2.84
CA ALA K 21 -36.73 -115.26 -3.67
C ALA K 21 -35.34 -115.84 -3.52
N GLY K 22 -35.15 -116.82 -2.64
CA GLY K 22 -33.82 -117.35 -2.39
C GLY K 22 -32.88 -116.33 -1.77
N LEU K 23 -33.37 -115.59 -0.79
CA LEU K 23 -32.59 -114.56 -0.12
C LEU K 23 -32.54 -114.83 1.37
N GLN K 24 -31.48 -114.35 2.02
CA GLN K 24 -31.32 -114.49 3.46
C GLN K 24 -31.80 -113.26 4.22
N PHE K 25 -31.88 -112.10 3.58
CA PHE K 25 -32.37 -110.89 4.21
C PHE K 25 -33.89 -110.90 4.30
N PRO K 26 -34.47 -110.25 5.32
CA PRO K 26 -35.92 -110.32 5.53
C PRO K 26 -36.66 -109.44 4.53
N VAL K 27 -37.40 -110.08 3.62
CA VAL K 27 -38.19 -109.34 2.65
C VAL K 27 -39.36 -108.66 3.34
N GLY K 28 -40.02 -109.34 4.29
CA GLY K 28 -41.14 -108.75 4.99
C GLY K 28 -40.75 -107.53 5.81
N ARG K 29 -39.62 -107.62 6.50
CA ARG K 29 -39.17 -106.48 7.31
C ARG K 29 -38.82 -105.29 6.43
N VAL K 30 -38.17 -105.54 5.29
CA VAL K 30 -37.87 -104.46 4.35
C VAL K 30 -39.15 -103.86 3.81
N HIS K 31 -40.14 -104.69 3.49
CA HIS K 31 -41.43 -104.18 3.02
C HIS K 31 -42.10 -103.30 4.07
N ARG K 32 -42.08 -103.74 5.33
CA ARG K 32 -42.68 -102.96 6.40
C ARG K 32 -41.96 -101.64 6.60
N LEU K 33 -40.62 -101.66 6.53
CA LEU K 33 -39.86 -100.42 6.67
C LEU K 33 -40.13 -99.47 5.52
N LEU K 34 -40.28 -100.01 4.30
CA LEU K 34 -40.64 -99.17 3.16
C LEU K 34 -42.03 -98.56 3.33
N ARG K 35 -42.98 -99.35 3.83
CA ARG K 35 -44.33 -98.84 4.05
C ARG K 35 -44.35 -97.79 5.16
N LYS K 36 -43.60 -98.03 6.23
CA LYS K 36 -43.62 -97.16 7.39
C LYS K 36 -42.45 -96.18 7.42
N GLY K 37 -41.74 -96.02 6.29
CA GLY K 37 -40.63 -95.11 6.20
C GLY K 37 -40.96 -93.78 5.56
N ASN K 38 -42.22 -93.53 5.23
CA ASN K 38 -42.65 -92.29 4.59
C ASN K 38 -41.86 -92.02 3.31
N TYR K 39 -41.86 -93.01 2.42
CA TYR K 39 -41.19 -92.91 1.13
C TYR K 39 -42.15 -92.73 -0.04
N ALA K 40 -43.28 -93.44 -0.03
CA ALA K 40 -44.30 -93.29 -1.07
C ALA K 40 -45.63 -93.75 -0.51
N GLU K 41 -46.70 -93.39 -1.23
CA GLU K 41 -48.03 -93.78 -0.80
C GLU K 41 -48.21 -95.29 -0.83
N ARG K 42 -47.62 -95.95 -1.83
CA ARG K 42 -47.73 -97.39 -1.99
C ARG K 42 -46.35 -97.97 -2.27
N VAL K 43 -46.19 -99.25 -1.93
CA VAL K 43 -44.95 -99.99 -2.16
C VAL K 43 -45.27 -101.24 -2.95
N GLY K 44 -44.50 -101.47 -4.02
CA GLY K 44 -44.74 -102.62 -4.87
C GLY K 44 -44.36 -103.92 -4.20
N ALA K 45 -44.77 -105.02 -4.84
CA ALA K 45 -44.47 -106.36 -4.30
C ALA K 45 -43.02 -106.76 -4.53
N GLY K 46 -42.46 -106.41 -5.69
CA GLY K 46 -41.11 -106.83 -6.02
C GLY K 46 -40.04 -105.91 -5.49
N ALA K 47 -40.44 -104.70 -5.08
CA ALA K 47 -39.47 -103.74 -4.55
C ALA K 47 -38.76 -104.25 -3.30
N PRO K 48 -39.43 -104.79 -2.28
CA PRO K 48 -38.69 -105.32 -1.13
C PRO K 48 -37.80 -106.48 -1.49
N VAL K 49 -38.22 -107.33 -2.44
CA VAL K 49 -37.38 -108.43 -2.87
C VAL K 49 -36.09 -107.90 -3.49
N TYR K 50 -36.22 -106.93 -4.39
CA TYR K 50 -35.06 -106.37 -5.07
C TYR K 50 -34.13 -105.67 -4.09
N LEU K 51 -34.70 -104.92 -3.14
CA LEU K 51 -33.89 -104.21 -2.15
C LEU K 51 -33.18 -105.19 -1.22
N ALA K 52 -33.87 -106.25 -0.81
CA ALA K 52 -33.23 -107.26 0.03
C ALA K 52 -32.11 -107.95 -0.72
N ALA K 53 -32.30 -108.23 -2.01
CA ALA K 53 -31.25 -108.85 -2.79
C ALA K 53 -30.03 -107.94 -2.89
N VAL K 54 -30.26 -106.64 -3.12
CA VAL K 54 -29.14 -105.70 -3.23
C VAL K 54 -28.40 -105.60 -1.89
N LEU K 55 -29.15 -105.48 -0.80
CA LEU K 55 -28.52 -105.40 0.52
C LEU K 55 -27.73 -106.66 0.84
N GLU K 56 -28.29 -107.82 0.51
CA GLU K 56 -27.58 -109.08 0.73
C GLU K 56 -26.31 -109.14 -0.09
N TYR K 57 -26.36 -108.69 -1.35
CA TYR K 57 -25.16 -108.72 -2.18
C TYR K 57 -24.08 -107.81 -1.62
N LEU K 58 -24.44 -106.60 -1.21
CA LEU K 58 -23.45 -105.69 -0.66
C LEU K 58 -22.85 -106.23 0.63
N THR K 59 -23.71 -106.79 1.50
CA THR K 59 -23.22 -107.39 2.73
C THR K 59 -22.29 -108.56 2.43
N ALA K 60 -22.62 -109.37 1.44
CA ALA K 60 -21.78 -110.50 1.07
C ALA K 60 -20.42 -110.03 0.57
N GLU K 61 -20.40 -108.99 -0.26
CA GLU K 61 -19.13 -108.47 -0.76
C GLU K 61 -18.25 -107.98 0.38
N ILE K 62 -18.82 -107.13 1.24
CA ILE K 62 -18.02 -106.58 2.34
C ILE K 62 -17.57 -107.68 3.29
N LEU K 63 -18.44 -108.66 3.57
CA LEU K 63 -18.07 -109.73 4.48
C LEU K 63 -17.00 -110.63 3.88
N GLU K 64 -17.06 -110.89 2.58
CA GLU K 64 -16.02 -111.68 1.93
C GLU K 64 -14.67 -110.98 2.00
N LEU K 65 -14.65 -109.68 1.69
CA LEU K 65 -13.38 -108.96 1.76
C LEU K 65 -12.87 -108.87 3.19
N ALA K 66 -13.77 -108.66 4.16
CA ALA K 66 -13.35 -108.59 5.56
C ALA K 66 -12.84 -109.94 6.06
N GLY K 67 -13.46 -111.03 5.61
CA GLY K 67 -12.96 -112.35 5.98
C GLY K 67 -11.59 -112.62 5.37
N ASN K 68 -11.38 -112.17 4.13
CA ASN K 68 -10.05 -112.30 3.54
C ASN K 68 -9.01 -111.52 4.35
N ALA K 69 -9.36 -110.30 4.75
CA ALA K 69 -8.45 -109.51 5.58
C ALA K 69 -8.19 -110.19 6.93
N ALA K 70 -9.23 -110.73 7.55
CA ALA K 70 -9.06 -111.41 8.83
C ALA K 70 -8.17 -112.64 8.70
N ARG K 71 -8.34 -113.41 7.63
CA ARG K 71 -7.47 -114.56 7.40
C ARG K 71 -6.05 -114.12 7.14
N ASP K 72 -5.87 -112.98 6.47
CA ASP K 72 -4.53 -112.43 6.27
C ASP K 72 -3.91 -111.93 7.56
N ASN K 73 -4.71 -111.57 8.56
CA ASN K 73 -4.22 -111.13 9.85
C ASN K 73 -4.23 -112.24 10.89
N LYS K 74 -4.37 -113.49 10.46
CA LYS K 74 -4.35 -114.66 11.36
C LYS K 74 -5.47 -114.61 12.39
N LYS K 75 -6.58 -113.97 12.07
CA LYS K 75 -7.74 -113.92 12.96
C LYS K 75 -8.91 -114.67 12.34
N THR K 76 -9.75 -115.24 13.21
CA THR K 76 -10.96 -115.93 12.77
C THR K 76 -12.23 -115.13 13.03
N ARG K 77 -12.14 -113.99 13.71
CA ARG K 77 -13.29 -113.14 13.97
C ARG K 77 -13.06 -111.79 13.30
N ILE K 78 -14.07 -111.30 12.59
CA ILE K 78 -13.97 -110.01 11.91
C ILE K 78 -14.07 -108.89 12.94
N ILE K 79 -13.12 -107.96 12.90
CA ILE K 79 -13.10 -106.81 13.80
C ILE K 79 -13.27 -105.55 12.96
N PRO K 80 -13.52 -104.38 13.56
CA PRO K 80 -13.67 -103.17 12.73
C PRO K 80 -12.48 -102.86 11.86
N ARG K 81 -11.27 -103.22 12.30
CA ARG K 81 -10.09 -103.00 11.47
C ARG K 81 -10.21 -103.75 10.15
N HIS K 82 -10.69 -104.99 10.19
CA HIS K 82 -10.86 -105.76 8.97
C HIS K 82 -11.88 -105.12 8.04
N LEU K 83 -12.99 -104.62 8.60
CA LEU K 83 -13.99 -103.96 7.77
C LEU K 83 -13.42 -102.70 7.13
N GLN K 84 -12.67 -101.91 7.90
CA GLN K 84 -12.06 -100.70 7.35
C GLN K 84 -11.07 -101.03 6.24
N LEU K 85 -10.25 -102.05 6.45
CA LEU K 85 -9.30 -102.47 5.41
C LEU K 85 -10.03 -102.93 4.17
N ALA K 86 -11.09 -103.72 4.34
CA ALA K 86 -11.85 -104.23 3.20
C ALA K 86 -12.49 -103.09 2.42
N VAL K 87 -13.07 -102.12 3.11
CA VAL K 87 -13.74 -101.02 2.44
C VAL K 87 -12.74 -100.14 1.70
N ARG K 88 -11.65 -99.77 2.36
CA ARG K 88 -10.71 -98.83 1.75
C ARG K 88 -9.80 -99.49 0.73
N ASN K 89 -9.69 -100.82 0.72
CA ASN K 89 -8.89 -101.50 -0.29
C ASN K 89 -9.66 -101.75 -1.57
N ASP K 90 -10.99 -101.86 -1.50
CA ASP K 90 -11.82 -101.98 -2.68
C ASP K 90 -12.18 -100.60 -3.20
N GLU K 91 -11.93 -100.37 -4.49
CA GLU K 91 -12.10 -99.04 -5.07
C GLU K 91 -13.56 -98.61 -5.05
N GLU K 92 -14.46 -99.50 -5.51
CA GLU K 92 -15.87 -99.14 -5.57
C GLU K 92 -16.47 -99.04 -4.18
N LEU K 93 -16.09 -99.94 -3.27
CA LEU K 93 -16.58 -99.85 -1.90
C LEU K 93 -16.05 -98.59 -1.21
N ASN K 94 -14.80 -98.21 -1.50
CA ASN K 94 -14.28 -96.96 -0.97
C ASN K 94 -15.06 -95.76 -1.50
N LYS K 95 -15.41 -95.79 -2.79
CA LYS K 95 -16.22 -94.71 -3.35
C LYS K 95 -17.61 -94.65 -2.71
N LEU K 96 -18.21 -95.81 -2.48
CA LEU K 96 -19.55 -95.84 -1.88
C LEU K 96 -19.53 -95.31 -0.45
N LEU K 97 -18.52 -95.67 0.33
CA LEU K 97 -18.39 -95.25 1.72
C LEU K 97 -17.31 -94.18 1.88
N GLY K 98 -17.21 -93.26 0.92
CA GLY K 98 -16.16 -92.25 0.98
C GLY K 98 -16.31 -91.33 2.16
N ARG K 99 -17.54 -90.92 2.48
CA ARG K 99 -17.79 -89.99 3.57
C ARG K 99 -18.29 -90.70 4.82
N VAL K 100 -17.88 -91.96 5.00
CA VAL K 100 -18.31 -92.78 6.13
C VAL K 100 -17.09 -93.09 6.99
N THR K 101 -17.25 -92.93 8.29
CA THR K 101 -16.19 -93.22 9.26
C THR K 101 -16.55 -94.48 10.03
N ILE K 102 -15.64 -95.45 10.02
CA ILE K 102 -15.82 -96.70 10.75
C ILE K 102 -15.09 -96.59 12.08
N ALA K 103 -15.82 -96.75 13.17
CA ALA K 103 -15.23 -96.64 14.50
C ALA K 103 -14.22 -97.75 14.73
N GLN K 104 -13.08 -97.38 15.32
CA GLN K 104 -12.00 -98.33 15.63
C GLN K 104 -11.47 -99.00 14.37
N GLY K 105 -11.55 -98.33 13.23
CA GLY K 105 -11.06 -98.89 11.99
C GLY K 105 -9.65 -98.50 11.63
N GLY K 106 -9.17 -97.39 12.20
CA GLY K 106 -7.83 -96.92 11.89
C GLY K 106 -7.72 -96.39 10.46
N VAL K 107 -6.46 -96.36 9.98
CA VAL K 107 -6.15 -95.89 8.64
C VAL K 107 -5.20 -96.89 7.98
N LEU K 108 -5.07 -96.77 6.67
CA LEU K 108 -4.18 -97.65 5.92
C LEU K 108 -2.72 -97.28 6.15
N PRO K 109 -1.81 -98.25 6.05
CA PRO K 109 -0.38 -97.94 6.16
C PRO K 109 0.14 -97.27 4.90
N ASN K 110 -0.02 -95.95 4.80
CA ASN K 110 0.43 -95.18 3.66
C ASN K 110 1.47 -94.17 4.12
N ILE K 111 2.70 -94.31 3.64
CA ILE K 111 3.78 -93.37 3.89
C ILE K 111 4.25 -92.80 2.56
N GLN K 112 4.28 -91.47 2.47
CA GLN K 112 4.66 -90.82 1.24
C GLN K 112 6.11 -91.13 0.87
N SER K 113 6.35 -91.30 -0.43
CA SER K 113 7.68 -91.71 -0.89
C SER K 113 8.74 -90.66 -0.62
N VAL K 114 8.35 -89.38 -0.56
CA VAL K 114 9.31 -88.33 -0.30
C VAL K 114 9.81 -88.38 1.14
N LEU K 115 9.02 -88.93 2.06
CA LEU K 115 9.42 -88.98 3.46
C LEU K 115 10.28 -90.19 3.81
N LEU K 116 10.40 -91.16 2.91
CA LEU K 116 11.22 -92.31 3.19
C LEU K 116 12.71 -91.93 3.20
N PRO K 117 13.54 -92.63 3.98
CA PRO K 117 14.98 -92.35 4.02
C PRO K 117 15.68 -92.63 2.70
N LYS L 28 -35.99 -108.17 36.04
CA LYS L 28 -37.41 -108.48 36.18
C LYS L 28 -38.10 -108.50 34.82
N ARG L 29 -38.22 -107.32 34.22
CA ARG L 29 -38.88 -107.17 32.93
C ARG L 29 -37.84 -107.15 31.82
N ARG L 30 -38.11 -107.92 30.76
CA ARG L 30 -37.23 -107.95 29.60
C ARG L 30 -37.22 -106.60 28.90
N LYS L 31 -36.05 -106.22 28.40
CA LYS L 31 -35.94 -104.97 27.65
C LYS L 31 -36.75 -105.04 26.37
N THR L 32 -37.25 -103.88 25.94
CA THR L 32 -38.03 -103.80 24.71
C THR L 32 -37.18 -104.24 23.53
N ARG L 33 -37.76 -105.07 22.66
CA ARG L 33 -37.00 -105.66 21.57
C ARG L 33 -36.59 -104.60 20.56
N LYS L 34 -35.34 -104.68 20.11
CA LYS L 34 -34.78 -103.75 19.14
C LYS L 34 -34.35 -104.57 17.92
N GLU L 35 -34.99 -104.30 16.78
CA GLU L 35 -34.75 -105.08 15.58
C GLU L 35 -33.44 -104.67 14.92
N SER L 36 -32.62 -105.66 14.57
CA SER L 36 -31.36 -105.43 13.89
C SER L 36 -31.17 -106.52 12.85
N TYR L 37 -30.19 -106.32 11.97
CA TYR L 37 -29.89 -107.25 10.88
C TYR L 37 -28.81 -108.25 11.26
N ALA L 38 -28.65 -108.55 12.56
CA ALA L 38 -27.53 -109.36 13.02
C ALA L 38 -27.59 -110.78 12.46
N ILE L 39 -28.75 -111.43 12.55
CA ILE L 39 -28.84 -112.83 12.16
C ILE L 39 -28.67 -112.98 10.66
N TYR L 40 -29.20 -112.05 9.88
CA TYR L 40 -29.06 -112.13 8.42
C TYR L 40 -27.61 -111.91 8.00
N VAL L 41 -26.93 -110.95 8.62
CA VAL L 41 -25.51 -110.75 8.34
C VAL L 41 -24.71 -111.98 8.74
N TYR L 42 -25.08 -112.61 9.85
CA TYR L 42 -24.39 -113.83 10.28
C TYR L 42 -24.61 -114.95 9.28
N LYS L 43 -25.83 -115.10 8.76
CA LYS L 43 -26.10 -116.12 7.76
C LYS L 43 -25.30 -115.86 6.49
N VAL L 44 -25.24 -114.61 6.05
CA VAL L 44 -24.47 -114.28 4.86
C VAL L 44 -22.98 -114.55 5.08
N LEU L 45 -22.47 -114.22 6.26
CA LEU L 45 -21.07 -114.48 6.59
C LEU L 45 -20.79 -115.98 6.57
N LYS L 46 -21.70 -116.78 7.14
CA LYS L 46 -21.52 -118.24 7.10
C LYS L 46 -21.61 -118.77 5.68
N GLN L 47 -22.40 -118.12 4.81
CA GLN L 47 -22.41 -118.51 3.41
C GLN L 47 -21.09 -118.21 2.73
N VAL L 48 -20.51 -117.04 3.02
CA VAL L 48 -19.29 -116.64 2.33
C VAL L 48 -18.03 -117.12 3.06
N HIS L 49 -18.06 -117.20 4.38
CA HIS L 49 -16.93 -117.70 5.16
C HIS L 49 -17.46 -118.61 6.26
N PRO L 50 -17.49 -119.92 5.99
CA PRO L 50 -18.06 -120.84 6.98
C PRO L 50 -17.34 -120.86 8.32
N ASP L 51 -16.05 -120.55 8.34
CA ASP L 51 -15.26 -120.65 9.56
C ASP L 51 -14.96 -119.31 10.22
N THR L 52 -15.30 -118.20 9.57
CA THR L 52 -15.01 -116.88 10.12
C THR L 52 -16.18 -116.38 10.94
N GLY L 53 -15.88 -115.83 12.12
CA GLY L 53 -16.87 -115.23 12.98
C GLY L 53 -16.94 -113.72 12.81
N ILE L 54 -17.52 -113.07 13.81
CA ILE L 54 -17.70 -111.62 13.77
C ILE L 54 -17.81 -111.10 15.20
N SER L 55 -17.24 -109.93 15.43
CA SER L 55 -17.29 -109.29 16.74
C SER L 55 -18.55 -108.44 16.86
N SER L 56 -18.84 -108.03 18.10
CA SER L 56 -20.02 -107.19 18.33
C SER L 56 -19.91 -105.84 17.65
N LYS L 57 -18.74 -105.20 17.73
CA LYS L 57 -18.57 -103.91 17.08
C LYS L 57 -18.66 -104.02 15.57
N ALA L 58 -18.07 -105.08 15.00
CA ALA L 58 -18.18 -105.30 13.56
C ALA L 58 -19.62 -105.56 13.16
N MET L 59 -20.37 -106.29 13.99
CA MET L 59 -21.78 -106.53 13.69
C MET L 59 -22.57 -105.23 13.73
N SER L 60 -22.28 -104.37 14.71
CA SER L 60 -22.95 -103.07 14.76
C SER L 60 -22.62 -102.24 13.53
N ILE L 61 -21.36 -102.28 13.09
CA ILE L 61 -20.96 -101.54 11.90
C ILE L 61 -21.69 -102.06 10.67
N MET L 62 -21.80 -103.38 10.54
CA MET L 62 -22.52 -103.96 9.42
C MET L 62 -24.00 -103.58 9.46
N ASN L 63 -24.60 -103.58 10.65
CA ASN L 63 -26.01 -103.20 10.77
C ASN L 63 -26.20 -101.74 10.36
N SER L 64 -25.31 -100.86 10.82
CA SER L 64 -25.40 -99.46 10.44
C SER L 64 -25.18 -99.27 8.95
N PHE L 65 -24.27 -100.05 8.35
CA PHE L 65 -24.08 -99.97 6.91
C PHE L 65 -25.33 -100.38 6.16
N VAL L 66 -25.97 -101.45 6.60
CA VAL L 66 -27.21 -101.90 5.95
C VAL L 66 -28.28 -100.84 6.07
N ASN L 67 -28.41 -100.24 7.27
CA ASN L 67 -29.41 -99.19 7.47
C ASN L 67 -29.13 -97.99 6.58
N ASP L 68 -27.86 -97.58 6.47
CA ASP L 68 -27.51 -96.43 5.65
C ASP L 68 -27.81 -96.69 4.18
N VAL L 69 -27.44 -97.88 3.68
CA VAL L 69 -27.70 -98.19 2.27
C VAL L 69 -29.20 -98.28 2.02
N PHE L 70 -29.95 -98.85 2.96
CA PHE L 70 -31.39 -98.92 2.81
C PHE L 70 -31.99 -97.52 2.74
N GLU L 71 -31.55 -96.64 3.62
CA GLU L 71 -32.05 -95.26 3.60
C GLU L 71 -31.70 -94.57 2.30
N ARG L 72 -30.47 -94.76 1.81
CA ARG L 72 -30.05 -94.13 0.55
C ARG L 72 -30.92 -94.59 -0.60
N ILE L 73 -31.07 -95.91 -0.74
CA ILE L 73 -31.82 -96.45 -1.87
C ILE L 73 -33.29 -96.05 -1.78
N ALA L 74 -33.87 -96.13 -0.59
CA ALA L 74 -35.28 -95.76 -0.43
C ALA L 74 -35.51 -94.29 -0.72
N GLY L 75 -34.61 -93.42 -0.26
CA GLY L 75 -34.76 -92.01 -0.54
C GLY L 75 -34.63 -91.70 -2.02
N GLU L 76 -33.69 -92.36 -2.69
CA GLU L 76 -33.56 -92.16 -4.13
C GLU L 76 -34.79 -92.65 -4.87
N ALA L 77 -35.33 -93.81 -4.47
CA ALA L 77 -36.54 -94.31 -5.11
C ALA L 77 -37.73 -93.39 -4.87
N SER L 78 -37.84 -92.83 -3.66
CA SER L 78 -38.91 -91.88 -3.37
C SER L 78 -38.79 -90.64 -4.24
N ARG L 79 -37.58 -90.10 -4.36
CA ARG L 79 -37.37 -88.93 -5.20
C ARG L 79 -37.68 -89.26 -6.65
N LEU L 80 -37.31 -90.45 -7.11
CA LEU L 80 -37.63 -90.86 -8.48
C LEU L 80 -39.13 -90.92 -8.70
N ALA L 81 -39.87 -91.48 -7.74
CA ALA L 81 -41.32 -91.55 -7.87
C ALA L 81 -41.94 -90.16 -7.88
N HIS L 82 -41.43 -89.27 -7.03
CA HIS L 82 -41.96 -87.91 -6.98
C HIS L 82 -41.69 -87.18 -8.29
N TYR L 83 -40.49 -87.36 -8.85
CA TYR L 83 -40.14 -86.67 -10.09
C TYR L 83 -41.03 -87.13 -11.25
N ASN L 84 -41.46 -88.38 -11.23
CA ASN L 84 -42.30 -88.93 -12.30
C ASN L 84 -43.78 -88.90 -11.95
N LYS L 85 -44.16 -88.21 -10.88
CA LYS L 85 -45.55 -88.10 -10.44
C LYS L 85 -46.19 -89.47 -10.26
N ARG L 86 -45.46 -90.38 -9.62
CA ARG L 86 -45.92 -91.72 -9.33
C ARG L 86 -46.17 -91.87 -7.84
N SER L 87 -47.10 -92.76 -7.48
CA SER L 87 -47.48 -92.98 -6.10
C SER L 87 -46.96 -94.30 -5.53
N THR L 88 -46.31 -95.12 -6.35
CA THR L 88 -45.86 -96.43 -5.92
C THR L 88 -44.37 -96.59 -6.19
N ILE L 89 -43.66 -97.16 -5.21
CA ILE L 89 -42.27 -97.56 -5.39
C ILE L 89 -42.26 -99.03 -5.79
N THR L 90 -41.74 -99.31 -6.98
CA THR L 90 -41.70 -100.66 -7.52
C THR L 90 -40.26 -101.10 -7.72
N SER L 91 -40.09 -102.27 -8.35
CA SER L 91 -38.76 -102.79 -8.61
C SER L 91 -37.96 -101.88 -9.53
N ARG L 92 -38.64 -101.22 -10.48
CA ARG L 92 -37.95 -100.36 -11.43
C ARG L 92 -37.37 -99.13 -10.74
N GLU L 93 -38.10 -98.56 -9.78
CA GLU L 93 -37.63 -97.37 -9.08
C GLU L 93 -36.43 -97.70 -8.19
N ILE L 94 -36.50 -98.80 -7.46
CA ILE L 94 -35.36 -99.25 -6.66
C ILE L 94 -34.17 -99.56 -7.57
N GLN L 95 -34.43 -100.20 -8.71
CA GLN L 95 -33.34 -100.54 -9.63
C GLN L 95 -32.64 -99.28 -10.14
N THR L 96 -33.41 -98.25 -10.48
CA THR L 96 -32.80 -97.00 -10.91
C THR L 96 -32.05 -96.34 -9.77
N ALA L 97 -32.57 -96.42 -8.54
CA ALA L 97 -31.85 -95.90 -7.39
C ALA L 97 -30.52 -96.61 -7.20
N VAL L 98 -30.50 -97.93 -7.37
CA VAL L 98 -29.28 -98.71 -7.26
C VAL L 98 -28.28 -98.29 -8.33
N ARG L 99 -28.75 -98.12 -9.57
CA ARG L 99 -27.87 -97.69 -10.64
C ARG L 99 -27.29 -96.30 -10.37
N LEU L 100 -28.10 -95.42 -9.77
CA LEU L 100 -27.62 -94.08 -9.50
C LEU L 100 -26.67 -94.01 -8.30
N LEU L 101 -26.83 -94.92 -7.33
CA LEU L 101 -26.05 -94.86 -6.10
C LEU L 101 -24.84 -95.78 -6.09
N LEU L 102 -24.92 -96.95 -6.74
CA LEU L 102 -23.75 -97.80 -6.62
C LEU L 102 -22.81 -97.57 -7.81
N PRO L 103 -21.50 -97.54 -7.56
CA PRO L 103 -20.55 -97.24 -8.64
C PRO L 103 -20.11 -98.45 -9.45
N GLY L 104 -20.21 -98.34 -10.77
CA GLY L 104 -19.59 -99.29 -11.67
C GLY L 104 -20.07 -100.72 -11.51
N GLU L 105 -19.10 -101.62 -11.26
CA GLU L 105 -19.41 -103.05 -11.20
C GLU L 105 -20.35 -103.39 -10.07
N LEU L 106 -20.30 -102.64 -8.96
CA LEU L 106 -21.23 -102.88 -7.87
C LEU L 106 -22.67 -102.71 -8.34
N ALA L 107 -22.94 -101.65 -9.11
CA ALA L 107 -24.29 -101.39 -9.59
C ALA L 107 -24.80 -102.52 -10.48
N LYS L 108 -23.99 -102.96 -11.43
CA LYS L 108 -24.44 -103.99 -12.37
C LYS L 108 -24.63 -105.33 -11.67
N HIS L 109 -23.74 -105.69 -10.75
CA HIS L 109 -23.88 -106.95 -10.03
C HIS L 109 -25.12 -106.92 -9.14
N ALA L 110 -25.35 -105.78 -8.46
CA ALA L 110 -26.54 -105.65 -7.64
C ALA L 110 -27.81 -105.73 -8.49
N VAL L 111 -27.77 -105.12 -9.68
CA VAL L 111 -28.91 -105.19 -10.59
C VAL L 111 -29.19 -106.63 -11.00
N SER L 112 -28.13 -107.36 -11.35
CA SER L 112 -28.33 -108.76 -11.76
C SER L 112 -28.89 -109.60 -10.63
N GLU L 113 -28.32 -109.44 -9.42
CA GLU L 113 -28.81 -110.19 -8.27
C GLU L 113 -30.27 -109.87 -7.97
N GLY L 114 -30.62 -108.58 -8.01
CA GLY L 114 -31.99 -108.20 -7.70
C GLY L 114 -32.97 -108.69 -8.74
N THR L 115 -32.62 -108.58 -10.02
CA THR L 115 -33.50 -109.10 -11.07
C THR L 115 -33.67 -110.60 -10.95
N LYS L 116 -32.59 -111.31 -10.62
CA LYS L 116 -32.70 -112.76 -10.39
C LYS L 116 -33.65 -113.05 -9.24
N ALA L 117 -33.52 -112.32 -8.13
CA ALA L 117 -34.39 -112.54 -6.98
C ALA L 117 -35.84 -112.25 -7.33
N VAL L 118 -36.11 -111.16 -8.04
CA VAL L 118 -37.48 -110.80 -8.39
C VAL L 118 -38.07 -111.82 -9.35
N THR L 119 -37.28 -112.26 -10.33
CA THR L 119 -37.75 -113.28 -11.27
C THR L 119 -38.11 -114.56 -10.54
N LYS L 120 -37.25 -115.01 -9.62
CA LYS L 120 -37.53 -116.22 -8.87
C LYS L 120 -38.77 -116.05 -7.99
N TYR L 121 -38.90 -114.89 -7.35
CA TYR L 121 -40.05 -114.65 -6.48
C TYR L 121 -41.35 -114.67 -7.26
N THR L 122 -41.38 -114.04 -8.44
CA THR L 122 -42.58 -114.07 -9.27
C THR L 122 -42.81 -115.45 -9.87
N SER L 123 -41.74 -116.22 -10.08
CA SER L 123 -41.91 -117.57 -10.61
C SER L 123 -42.49 -118.52 -9.58
N ALA L 124 -42.18 -118.32 -8.30
CA ALA L 124 -42.71 -119.21 -7.27
C ALA L 124 -44.19 -118.90 -6.99
N LYS L 125 -44.46 -117.70 -6.46
CA LYS L 125 -45.82 -117.22 -6.27
C LYS L 125 -45.86 -115.69 -6.27
N THR M 10 -75.86 -69.18 6.71
CA THR M 10 -74.94 -69.05 5.59
C THR M 10 -73.50 -69.23 6.03
N ARG M 11 -72.60 -69.39 5.07
CA ARG M 11 -71.19 -69.58 5.35
C ARG M 11 -70.48 -68.23 5.49
N ALA M 12 -69.47 -68.20 6.35
CA ALA M 12 -68.71 -66.98 6.58
C ALA M 12 -67.83 -66.67 5.37
N LYS M 13 -67.40 -65.41 5.29
CA LYS M 13 -66.52 -64.98 4.22
C LYS M 13 -65.17 -65.68 4.33
N ALA M 14 -64.63 -66.10 3.19
CA ALA M 14 -63.39 -66.86 3.17
C ALA M 14 -62.19 -65.94 3.46
N LYS M 15 -61.37 -66.35 4.43
CA LYS M 15 -60.14 -65.66 4.76
C LYS M 15 -58.97 -66.63 4.61
N THR M 16 -57.96 -66.21 3.86
CA THR M 16 -56.79 -67.05 3.65
C THR M 16 -55.99 -67.19 4.94
N ARG M 17 -55.39 -68.37 5.13
CA ARG M 17 -54.55 -68.60 6.31
C ARG M 17 -53.33 -67.70 6.31
N SER M 18 -52.83 -67.33 5.14
CA SER M 18 -51.72 -66.38 5.07
C SER M 18 -52.14 -65.03 5.63
N SER M 19 -53.38 -64.61 5.36
CA SER M 19 -53.88 -63.36 5.92
C SER M 19 -53.97 -63.44 7.44
N ARG M 20 -54.43 -64.57 7.98
CA ARG M 20 -54.46 -64.73 9.42
C ARG M 20 -53.07 -64.69 10.03
N ALA M 21 -52.11 -65.33 9.37
CA ALA M 21 -50.73 -65.33 9.85
C ALA M 21 -50.00 -64.04 9.54
N GLY M 22 -50.56 -63.16 8.72
CA GLY M 22 -49.87 -61.94 8.34
C GLY M 22 -48.72 -62.17 7.39
N LEU M 23 -48.77 -63.24 6.61
CA LEU M 23 -47.68 -63.61 5.71
C LEU M 23 -48.11 -63.43 4.26
N GLN M 24 -47.11 -63.24 3.40
CA GLN M 24 -47.36 -63.15 1.96
C GLN M 24 -47.30 -64.52 1.28
N PHE M 25 -46.48 -65.44 1.79
CA PHE M 25 -46.37 -66.75 1.18
C PHE M 25 -47.62 -67.57 1.46
N PRO M 26 -47.97 -68.53 0.57
CA PRO M 26 -49.22 -69.27 0.70
C PRO M 26 -49.13 -70.35 1.75
N VAL M 27 -49.85 -70.17 2.86
CA VAL M 27 -49.88 -71.19 3.90
C VAL M 27 -50.58 -72.45 3.40
N GLY M 28 -51.68 -72.27 2.65
CA GLY M 28 -52.42 -73.43 2.16
C GLY M 28 -51.62 -74.27 1.18
N ARG M 29 -50.90 -73.61 0.26
CA ARG M 29 -50.09 -74.35 -0.70
C ARG M 29 -48.95 -75.09 0.01
N VAL M 30 -48.33 -74.45 1.00
CA VAL M 30 -47.28 -75.11 1.77
C VAL M 30 -47.84 -76.32 2.51
N HIS M 31 -49.04 -76.17 3.09
CA HIS M 31 -49.66 -77.28 3.80
C HIS M 31 -49.97 -78.44 2.85
N ARG M 32 -50.48 -78.12 1.65
CA ARG M 32 -50.77 -79.17 0.67
C ARG M 32 -49.50 -79.87 0.20
N LEU M 33 -48.42 -79.11 0.00
CA LEU M 33 -47.15 -79.71 -0.38
C LEU M 33 -46.61 -80.59 0.73
N LEU M 34 -46.75 -80.17 1.99
CA LEU M 34 -46.30 -80.98 3.10
C LEU M 34 -47.11 -82.27 3.21
N ARG M 35 -48.42 -82.19 2.99
CA ARG M 35 -49.25 -83.39 3.07
C ARG M 35 -48.93 -84.37 1.96
N LYS M 36 -48.66 -83.87 0.75
CA LYS M 36 -48.44 -84.71 -0.42
C LYS M 36 -46.96 -84.89 -0.74
N GLY M 37 -46.07 -84.52 0.18
CA GLY M 37 -44.65 -84.66 -0.04
C GLY M 37 -44.02 -85.90 0.57
N ASN M 38 -44.82 -86.82 1.11
CA ASN M 38 -44.33 -88.04 1.75
C ASN M 38 -43.31 -87.72 2.83
N TYR M 39 -43.63 -86.72 3.67
CA TYR M 39 -42.77 -86.34 4.77
C TYR M 39 -43.20 -87.00 6.08
N ALA M 40 -44.49 -86.94 6.41
CA ALA M 40 -44.99 -87.59 7.62
C ALA M 40 -46.45 -87.96 7.40
N GLU M 41 -46.96 -88.83 8.28
CA GLU M 41 -48.34 -89.27 8.19
C GLU M 41 -49.30 -88.12 8.48
N ARG M 42 -48.93 -87.22 9.38
CA ARG M 42 -49.76 -86.08 9.75
C ARG M 42 -48.94 -84.81 9.70
N VAL M 43 -49.62 -83.70 9.40
CA VAL M 43 -49.00 -82.37 9.34
C VAL M 43 -49.80 -81.46 10.26
N GLY M 44 -49.11 -80.83 11.20
CA GLY M 44 -49.79 -79.94 12.12
C GLY M 44 -50.31 -78.68 11.45
N ALA M 45 -51.22 -78.01 12.16
CA ALA M 45 -51.80 -76.78 11.63
C ALA M 45 -50.76 -75.66 11.57
N GLY M 46 -49.86 -75.61 12.54
CA GLY M 46 -48.89 -74.53 12.61
C GLY M 46 -47.63 -74.73 11.82
N ALA M 47 -47.37 -75.96 11.37
CA ALA M 47 -46.17 -76.21 10.57
C ALA M 47 -46.17 -75.45 9.26
N PRO M 48 -47.24 -75.45 8.45
CA PRO M 48 -47.21 -74.64 7.22
C PRO M 48 -47.07 -73.16 7.49
N VAL M 49 -47.70 -72.64 8.54
CA VAL M 49 -47.54 -71.23 8.89
C VAL M 49 -46.08 -70.93 9.20
N TYR M 50 -45.46 -71.77 10.02
CA TYR M 50 -44.09 -71.52 10.44
C TYR M 50 -43.13 -71.59 9.25
N LEU M 51 -43.34 -72.60 8.39
CA LEU M 51 -42.46 -72.77 7.23
C LEU M 51 -42.66 -71.63 6.22
N ALA M 52 -43.89 -71.18 6.03
CA ALA M 52 -44.14 -70.05 5.14
C ALA M 52 -43.47 -68.79 5.69
N ALA M 53 -43.53 -68.59 7.01
CA ALA M 53 -42.85 -67.45 7.61
C ALA M 53 -41.35 -67.51 7.39
N VAL M 54 -40.76 -68.69 7.58
CA VAL M 54 -39.31 -68.82 7.40
C VAL M 54 -38.93 -68.57 5.94
N LEU M 55 -39.70 -69.13 5.01
CA LEU M 55 -39.41 -68.91 3.59
C LEU M 55 -39.55 -67.43 3.22
N GLU M 56 -40.58 -66.77 3.76
CA GLU M 56 -40.77 -65.35 3.48
C GLU M 56 -39.61 -64.52 4.03
N TYR M 57 -39.13 -64.85 5.24
CA TYR M 57 -38.02 -64.10 5.80
C TYR M 57 -36.75 -64.28 4.96
N LEU M 58 -36.46 -65.52 4.54
CA LEU M 58 -35.28 -65.75 3.72
C LEU M 58 -35.39 -65.02 2.39
N THR M 59 -36.56 -65.08 1.76
CA THR M 59 -36.78 -64.37 0.50
C THR M 59 -36.62 -62.87 0.69
N ALA M 60 -37.13 -62.33 1.79
CA ALA M 60 -37.00 -60.90 2.06
C ALA M 60 -35.54 -60.51 2.22
N GLU M 61 -34.77 -61.30 2.95
CA GLU M 61 -33.35 -61.00 3.12
C GLU M 61 -32.62 -60.99 1.79
N ILE M 62 -32.78 -62.07 1.01
CA ILE M 62 -32.07 -62.16 -0.26
C ILE M 62 -32.52 -61.06 -1.22
N LEU M 63 -33.82 -60.77 -1.26
CA LEU M 63 -34.31 -59.74 -2.17
C LEU M 63 -33.85 -58.36 -1.77
N GLU M 64 -33.76 -58.09 -0.46
CA GLU M 64 -33.25 -56.79 -0.01
C GLU M 64 -31.79 -56.62 -0.39
N LEU M 65 -30.98 -57.65 -0.15
CA LEU M 65 -29.57 -57.55 -0.53
C LEU M 65 -29.40 -57.44 -2.04
N ALA M 66 -30.22 -58.17 -2.80
CA ALA M 66 -30.13 -58.09 -4.26
C ALA M 66 -30.58 -56.72 -4.77
N GLY M 67 -31.58 -56.12 -4.13
CA GLY M 67 -31.98 -54.78 -4.50
C GLY M 67 -30.90 -53.76 -4.19
N ASN M 68 -30.21 -53.92 -3.06
CA ASN M 68 -29.07 -53.06 -2.77
C ASN M 68 -27.99 -53.20 -3.83
N ALA M 69 -27.70 -54.45 -4.24
CA ALA M 69 -26.70 -54.67 -5.29
C ALA M 69 -27.14 -54.04 -6.61
N ALA M 70 -28.41 -54.20 -6.97
CA ALA M 70 -28.92 -53.62 -8.22
C ALA M 70 -28.85 -52.10 -8.20
N ARG M 71 -29.19 -51.49 -7.06
CA ARG M 71 -29.08 -50.04 -6.95
C ARG M 71 -27.63 -49.60 -7.05
N ASP M 72 -26.71 -50.40 -6.49
CA ASP M 72 -25.29 -50.10 -6.64
C ASP M 72 -24.86 -50.16 -8.10
N ASN M 73 -25.40 -51.12 -8.85
CA ASN M 73 -25.09 -51.24 -10.26
C ASN M 73 -25.95 -50.34 -11.14
N LYS M 74 -26.65 -49.37 -10.56
CA LYS M 74 -27.47 -48.40 -11.29
C LYS M 74 -28.55 -49.10 -12.12
N LYS M 75 -29.09 -50.20 -11.60
CA LYS M 75 -30.17 -50.93 -12.26
C LYS M 75 -31.41 -50.92 -11.38
N THR M 76 -32.57 -50.88 -12.04
CA THR M 76 -33.86 -50.94 -11.35
C THR M 76 -34.53 -52.30 -11.50
N ARG M 77 -33.76 -53.34 -11.85
CA ARG M 77 -34.31 -54.67 -12.08
C ARG M 77 -33.27 -55.69 -11.63
N ILE M 78 -33.69 -56.64 -10.82
CA ILE M 78 -32.78 -57.64 -10.27
C ILE M 78 -32.46 -58.67 -11.34
N ILE M 79 -31.18 -58.91 -11.56
CA ILE M 79 -30.71 -59.92 -12.51
C ILE M 79 -29.98 -60.99 -11.71
N PRO M 80 -29.66 -62.16 -12.29
CA PRO M 80 -28.95 -63.18 -11.51
C PRO M 80 -27.63 -62.71 -10.95
N ARG M 81 -26.96 -61.76 -11.62
CA ARG M 81 -25.71 -61.24 -11.10
C ARG M 81 -25.91 -60.58 -9.74
N HIS M 82 -26.99 -59.81 -9.60
CA HIS M 82 -27.28 -59.18 -8.32
C HIS M 82 -27.55 -60.21 -7.23
N LEU M 83 -28.28 -61.27 -7.58
CA LEU M 83 -28.53 -62.34 -6.61
C LEU M 83 -27.23 -63.00 -6.17
N GLN M 84 -26.34 -63.28 -7.12
CA GLN M 84 -25.06 -63.89 -6.78
C GLN M 84 -24.23 -62.98 -5.90
N LEU M 85 -24.19 -61.69 -6.23
CA LEU M 85 -23.43 -60.73 -5.41
C LEU M 85 -24.00 -60.66 -4.01
N ALA M 86 -25.33 -60.61 -3.89
CA ALA M 86 -25.97 -60.55 -2.58
C ALA M 86 -25.67 -61.79 -1.75
N VAL M 87 -25.74 -62.96 -2.37
CA VAL M 87 -25.51 -64.20 -1.63
C VAL M 87 -24.06 -64.32 -1.19
N ARG M 88 -23.12 -64.06 -2.11
CA ARG M 88 -21.72 -64.28 -1.79
C ARG M 88 -21.14 -63.19 -0.91
N ASN M 89 -21.71 -61.97 -0.93
CA ASN M 89 -21.23 -60.93 -0.05
C ASN M 89 -21.71 -61.08 1.39
N ASP M 90 -22.76 -61.85 1.61
CA ASP M 90 -23.27 -62.12 2.95
C ASP M 90 -22.72 -63.45 3.44
N GLU M 91 -22.08 -63.42 4.62
CA GLU M 91 -21.41 -64.61 5.11
C GLU M 91 -22.40 -65.75 5.37
N GLU M 92 -23.52 -65.43 6.02
CA GLU M 92 -24.47 -66.48 6.37
C GLU M 92 -25.22 -66.99 5.15
N LEU M 93 -25.59 -66.09 4.24
CA LEU M 93 -26.22 -66.53 3.00
C LEU M 93 -25.25 -67.34 2.15
N ASN M 94 -23.96 -66.96 2.15
CA ASN M 94 -22.96 -67.74 1.43
C ASN M 94 -22.81 -69.13 2.03
N LYS M 95 -22.85 -69.23 3.36
CA LYS M 95 -22.79 -70.55 4.00
C LYS M 95 -24.03 -71.38 3.68
N LEU M 96 -25.20 -70.74 3.66
CA LEU M 96 -26.43 -71.48 3.39
C LEU M 96 -26.44 -72.03 1.97
N LEU M 97 -25.99 -71.25 1.00
CA LEU M 97 -25.94 -71.64 -0.41
C LEU M 97 -24.52 -71.94 -0.86
N GLY M 98 -23.71 -72.53 0.01
CA GLY M 98 -22.32 -72.80 -0.34
C GLY M 98 -22.17 -73.79 -1.48
N ARG M 99 -23.05 -74.79 -1.53
CA ARG M 99 -23.00 -75.82 -2.55
C ARG M 99 -24.00 -75.57 -3.68
N VAL M 100 -24.37 -74.31 -3.90
CA VAL M 100 -25.40 -73.95 -4.87
C VAL M 100 -24.77 -73.06 -5.93
N THR M 101 -25.04 -73.38 -7.19
CA THR M 101 -24.57 -72.58 -8.33
C THR M 101 -25.74 -71.79 -8.89
N ILE M 102 -25.55 -70.48 -9.00
CA ILE M 102 -26.56 -69.57 -9.55
C ILE M 102 -26.24 -69.34 -11.01
N ALA M 103 -27.17 -69.69 -11.89
CA ALA M 103 -26.95 -69.53 -13.32
C ALA M 103 -26.80 -68.06 -13.68
N GLN M 104 -25.84 -67.77 -14.57
CA GLN M 104 -25.57 -66.42 -15.04
C GLN M 104 -25.21 -65.48 -13.89
N GLY M 105 -24.66 -66.03 -12.80
CA GLY M 105 -24.34 -65.23 -11.64
C GLY M 105 -22.93 -64.69 -11.63
N GLY M 106 -22.04 -65.28 -12.42
CA GLY M 106 -20.67 -64.83 -12.43
C GLY M 106 -19.94 -65.17 -11.14
N VAL M 107 -18.87 -64.44 -10.89
CA VAL M 107 -18.06 -64.60 -9.69
C VAL M 107 -17.78 -63.23 -9.09
N LEU M 108 -17.47 -63.23 -7.80
CA LEU M 108 -17.10 -61.99 -7.14
C LEU M 108 -15.70 -61.57 -7.55
N PRO M 109 -15.45 -60.26 -7.70
CA PRO M 109 -14.10 -59.79 -8.01
C PRO M 109 -13.18 -60.08 -6.83
N ASN M 110 -12.17 -60.92 -7.06
CA ASN M 110 -11.22 -61.28 -6.01
C ASN M 110 -9.91 -61.65 -6.70
N ILE M 111 -8.93 -60.75 -6.62
CA ILE M 111 -7.60 -60.98 -7.16
C ILE M 111 -6.63 -61.10 -6.00
N GLN M 112 -5.84 -62.17 -6.00
CA GLN M 112 -4.87 -62.39 -4.93
C GLN M 112 -3.81 -61.28 -4.94
N SER M 113 -3.35 -60.92 -3.74
CA SER M 113 -2.40 -59.82 -3.62
C SER M 113 -1.05 -60.15 -4.25
N VAL M 114 -0.66 -61.43 -4.24
CA VAL M 114 0.64 -61.81 -4.79
C VAL M 114 0.68 -61.58 -6.30
N LEU M 115 -0.46 -61.67 -6.97
CA LEU M 115 -0.50 -61.45 -8.41
C LEU M 115 -0.51 -59.97 -8.80
N LEU M 116 -0.77 -59.07 -7.86
CA LEU M 116 -0.80 -57.65 -8.16
C LEU M 116 0.60 -57.12 -8.47
N LYS N 28 -55.39 -74.39 -30.30
CA LYS N 28 -55.93 -73.65 -29.16
C LYS N 28 -55.86 -74.48 -27.88
N ARG N 29 -54.75 -75.18 -27.69
CA ARG N 29 -54.55 -76.02 -26.52
C ARG N 29 -53.88 -75.19 -25.43
N ARG N 30 -54.62 -74.92 -24.35
CA ARG N 30 -54.07 -74.14 -23.25
C ARG N 30 -53.02 -74.95 -22.51
N LYS N 31 -51.91 -74.29 -22.16
CA LYS N 31 -50.84 -74.95 -21.43
C LYS N 31 -51.30 -75.34 -20.04
N THR N 32 -50.69 -76.39 -19.50
CA THR N 32 -51.05 -76.87 -18.17
C THR N 32 -50.63 -75.87 -17.10
N ARG N 33 -51.28 -75.98 -15.95
CA ARG N 33 -51.01 -75.07 -14.83
C ARG N 33 -49.72 -75.49 -14.14
N LYS N 34 -48.72 -74.61 -14.14
CA LYS N 34 -47.46 -74.83 -13.46
C LYS N 34 -47.37 -73.86 -12.30
N GLU N 35 -47.42 -74.40 -11.08
CA GLU N 35 -47.42 -73.56 -9.89
C GLU N 35 -46.01 -73.09 -9.57
N SER N 36 -45.90 -71.85 -9.10
CA SER N 36 -44.62 -71.26 -8.74
C SER N 36 -44.85 -70.19 -7.69
N TYR N 37 -43.77 -69.84 -6.98
CA TYR N 37 -43.80 -68.82 -5.95
C TYR N 37 -43.58 -67.41 -6.49
N ALA N 38 -43.80 -67.21 -7.79
CA ALA N 38 -43.44 -65.95 -8.42
C ALA N 38 -44.20 -64.76 -7.83
N ILE N 39 -45.50 -64.92 -7.61
CA ILE N 39 -46.31 -63.80 -7.14
C ILE N 39 -45.93 -63.43 -5.71
N TYR N 40 -45.64 -64.43 -4.87
CA TYR N 40 -45.27 -64.15 -3.49
C TYR N 40 -43.89 -63.51 -3.40
N VAL N 41 -42.94 -63.97 -4.22
CA VAL N 41 -41.63 -63.35 -4.27
C VAL N 41 -41.75 -61.91 -4.77
N TYR N 42 -42.64 -61.67 -5.74
CA TYR N 42 -42.85 -60.31 -6.23
C TYR N 42 -43.45 -59.42 -5.14
N LYS N 43 -44.40 -59.95 -4.37
CA LYS N 43 -44.97 -59.18 -3.27
C LYS N 43 -43.92 -58.83 -2.23
N VAL N 44 -43.07 -59.81 -1.88
CA VAL N 44 -42.02 -59.56 -0.91
C VAL N 44 -41.03 -58.53 -1.44
N LEU N 45 -40.71 -58.61 -2.74
CA LEU N 45 -39.82 -57.63 -3.35
C LEU N 45 -40.41 -56.23 -3.30
N LYS N 46 -41.70 -56.10 -3.61
CA LYS N 46 -42.35 -54.80 -3.52
C LYS N 46 -42.42 -54.31 -2.08
N GLN N 47 -42.47 -55.23 -1.11
CA GLN N 47 -42.40 -54.80 0.28
C GLN N 47 -41.02 -54.27 0.64
N VAL N 48 -39.97 -54.96 0.20
CA VAL N 48 -38.62 -54.57 0.58
C VAL N 48 -38.04 -53.51 -0.36
N HIS N 49 -38.50 -53.47 -1.62
CA HIS N 49 -38.00 -52.51 -2.59
C HIS N 49 -39.15 -52.14 -3.52
N PRO N 50 -39.86 -51.05 -3.22
CA PRO N 50 -41.03 -50.70 -4.05
C PRO N 50 -40.68 -50.37 -5.50
N ASP N 51 -39.66 -49.54 -5.71
CA ASP N 51 -39.26 -49.15 -7.07
C ASP N 51 -38.10 -50.01 -7.57
N THR N 52 -38.34 -51.33 -7.62
CA THR N 52 -37.33 -52.27 -8.05
C THR N 52 -38.02 -53.49 -8.66
N GLY N 53 -37.51 -53.93 -9.81
CA GLY N 53 -38.06 -55.07 -10.51
C GLY N 53 -37.20 -56.32 -10.40
N ILE N 54 -37.64 -57.35 -11.11
CA ILE N 54 -36.96 -58.64 -11.12
C ILE N 54 -37.13 -59.27 -12.49
N SER N 55 -36.05 -59.83 -13.03
CA SER N 55 -36.10 -60.45 -14.33
C SER N 55 -36.66 -61.87 -14.22
N SER N 56 -36.94 -62.47 -15.39
CA SER N 56 -37.48 -63.82 -15.41
C SER N 56 -36.49 -64.83 -14.88
N LYS N 57 -35.22 -64.70 -15.25
CA LYS N 57 -34.20 -65.64 -14.76
C LYS N 57 -34.02 -65.51 -13.26
N ALA N 58 -33.99 -64.28 -12.75
CA ALA N 58 -33.87 -64.07 -11.32
C ALA N 58 -35.09 -64.61 -10.58
N MET N 59 -36.28 -64.44 -11.17
CA MET N 59 -37.47 -65.00 -10.55
C MET N 59 -37.42 -66.53 -10.52
N SER N 60 -36.92 -67.15 -11.59
CA SER N 60 -36.75 -68.60 -11.60
C SER N 60 -35.74 -69.03 -10.54
N ILE N 61 -34.66 -68.28 -10.38
CA ILE N 61 -33.67 -68.61 -9.37
C ILE N 61 -34.26 -68.51 -7.97
N MET N 62 -35.05 -67.46 -7.72
CA MET N 62 -35.69 -67.32 -6.42
C MET N 62 -36.68 -68.44 -6.17
N ASN N 63 -37.43 -68.84 -7.19
CA ASN N 63 -38.36 -69.96 -7.05
C ASN N 63 -37.63 -71.25 -6.73
N SER N 64 -36.51 -71.50 -7.40
CA SER N 64 -35.72 -72.69 -7.10
C SER N 64 -35.15 -72.63 -5.69
N PHE N 65 -34.74 -71.43 -5.24
CA PHE N 65 -34.25 -71.29 -3.87
C PHE N 65 -35.33 -71.60 -2.86
N VAL N 66 -36.54 -71.09 -3.09
CA VAL N 66 -37.66 -71.37 -2.19
C VAL N 66 -37.94 -72.85 -2.17
N ASN N 67 -37.97 -73.49 -3.34
CA ASN N 67 -38.23 -74.92 -3.40
C ASN N 67 -37.16 -75.71 -2.67
N ASP N 68 -35.89 -75.35 -2.85
CA ASP N 68 -34.79 -76.07 -2.21
C ASP N 68 -34.86 -75.93 -0.70
N VAL N 69 -35.10 -74.72 -0.20
CA VAL N 69 -35.17 -74.52 1.24
C VAL N 69 -36.38 -75.25 1.82
N PHE N 70 -37.50 -75.23 1.10
CA PHE N 70 -38.68 -75.97 1.53
C PHE N 70 -38.37 -77.46 1.65
N GLU N 71 -37.70 -78.02 0.64
CA GLU N 71 -37.35 -79.44 0.67
C GLU N 71 -36.41 -79.74 1.82
N ARG N 72 -35.41 -78.88 2.04
CA ARG N 72 -34.46 -79.11 3.11
C ARG N 72 -35.15 -79.13 4.46
N ILE N 73 -35.94 -78.09 4.75
CA ILE N 73 -36.58 -78.00 6.06
C ILE N 73 -37.59 -79.13 6.24
N ALA N 74 -38.35 -79.46 5.20
CA ALA N 74 -39.33 -80.53 5.33
C ALA N 74 -38.66 -81.88 5.56
N GLY N 75 -37.56 -82.15 4.87
CA GLY N 75 -36.84 -83.40 5.10
C GLY N 75 -36.24 -83.46 6.50
N GLU N 76 -35.67 -82.35 6.97
CA GLU N 76 -35.12 -82.34 8.32
C GLU N 76 -36.21 -82.55 9.35
N ALA N 77 -37.38 -81.94 9.16
CA ALA N 77 -38.48 -82.15 10.08
C ALA N 77 -38.99 -83.58 10.02
N SER N 78 -39.03 -84.16 8.82
CA SER N 78 -39.48 -85.54 8.69
C SER N 78 -38.55 -86.51 9.41
N ARG N 79 -37.24 -86.33 9.25
CA ARG N 79 -36.31 -87.21 9.97
C ARG N 79 -36.29 -86.91 11.46
N LEU N 80 -36.57 -85.67 11.86
CA LEU N 80 -36.71 -85.37 13.29
C LEU N 80 -37.91 -86.12 13.88
N ALA N 81 -39.03 -86.12 13.16
CA ALA N 81 -40.21 -86.84 13.63
C ALA N 81 -39.95 -88.34 13.66
N HIS N 82 -39.27 -88.87 12.64
CA HIS N 82 -38.98 -90.30 12.61
C HIS N 82 -38.05 -90.70 13.74
N TYR N 83 -37.06 -89.87 14.06
CA TYR N 83 -36.12 -90.21 15.13
C TYR N 83 -36.83 -90.31 16.47
N ASN N 84 -37.78 -89.40 16.74
CA ASN N 84 -38.51 -89.39 18.00
C ASN N 84 -39.77 -90.26 17.95
N LYS N 85 -39.93 -91.06 16.90
CA LYS N 85 -41.06 -91.97 16.74
C LYS N 85 -42.40 -91.21 16.80
N ARG N 86 -42.45 -90.08 16.13
CA ARG N 86 -43.68 -89.29 16.02
C ARG N 86 -44.18 -89.32 14.58
N SER N 87 -45.49 -89.24 14.42
CA SER N 87 -46.12 -89.30 13.11
C SER N 87 -46.60 -87.94 12.61
N THR N 88 -46.45 -86.89 13.40
CA THR N 88 -46.97 -85.57 13.06
C THR N 88 -45.81 -84.58 12.98
N ILE N 89 -45.74 -83.83 11.88
CA ILE N 89 -44.84 -82.69 11.77
C ILE N 89 -45.55 -81.46 12.33
N THR N 90 -45.01 -80.92 13.41
CA THR N 90 -45.60 -79.79 14.11
C THR N 90 -44.72 -78.56 13.96
N SER N 91 -45.12 -77.48 14.64
CA SER N 91 -44.36 -76.23 14.59
C SER N 91 -42.98 -76.40 15.20
N ARG N 92 -42.87 -77.18 16.28
CA ARG N 92 -41.58 -77.32 16.95
C ARG N 92 -40.59 -78.15 16.13
N GLU N 93 -41.08 -79.12 15.36
CA GLU N 93 -40.21 -79.85 14.45
C GLU N 93 -39.63 -78.93 13.38
N ILE N 94 -40.48 -78.07 12.81
CA ILE N 94 -40.00 -77.11 11.81
C ILE N 94 -39.02 -76.14 12.44
N GLN N 95 -39.30 -75.73 13.69
CA GLN N 95 -38.38 -74.83 14.39
C GLN N 95 -37.02 -75.48 14.60
N THR N 96 -37.01 -76.73 15.01
CA THR N 96 -35.74 -77.43 15.19
C THR N 96 -35.01 -77.61 13.86
N ALA N 97 -35.76 -77.90 12.79
CA ALA N 97 -35.15 -77.99 11.47
C ALA N 97 -34.51 -76.67 11.06
N VAL N 98 -35.21 -75.56 11.31
CA VAL N 98 -34.66 -74.24 10.99
C VAL N 98 -33.40 -73.97 11.80
N ARG N 99 -33.43 -74.33 13.09
CA ARG N 99 -32.26 -74.11 13.94
C ARG N 99 -31.09 -74.96 13.48
N LEU N 100 -31.35 -76.17 12.96
CA LEU N 100 -30.28 -77.03 12.50
C LEU N 100 -29.71 -76.54 11.17
N LEU N 101 -30.57 -76.08 10.27
CA LEU N 101 -30.14 -75.78 8.90
C LEU N 101 -29.70 -74.33 8.72
N LEU N 102 -30.10 -73.42 9.61
CA LEU N 102 -29.70 -72.07 9.22
C LEU N 102 -28.48 -71.61 10.02
N PRO N 103 -27.64 -70.78 9.41
CA PRO N 103 -26.39 -70.37 10.07
C PRO N 103 -26.53 -69.21 11.04
N GLY N 104 -26.89 -69.50 12.29
CA GLY N 104 -26.78 -68.52 13.36
C GLY N 104 -27.83 -67.43 13.38
N GLU N 105 -27.43 -66.20 13.06
CA GLU N 105 -28.37 -65.07 13.15
C GLU N 105 -29.55 -65.27 12.22
N LEU N 106 -29.31 -65.81 11.02
CA LEU N 106 -30.41 -66.18 10.14
C LEU N 106 -31.37 -67.13 10.83
N ALA N 107 -30.83 -68.12 11.56
CA ALA N 107 -31.68 -69.09 12.24
C ALA N 107 -32.52 -68.42 13.32
N LYS N 108 -31.93 -67.55 14.12
CA LYS N 108 -32.68 -66.94 15.22
C LYS N 108 -33.73 -65.97 14.70
N HIS N 109 -33.41 -65.21 13.65
CA HIS N 109 -34.42 -64.31 13.08
C HIS N 109 -35.53 -65.08 12.40
N ALA N 110 -35.20 -66.19 11.72
CA ALA N 110 -36.24 -67.02 11.13
C ALA N 110 -37.14 -67.63 12.20
N VAL N 111 -36.54 -68.05 13.31
CA VAL N 111 -37.33 -68.59 14.43
C VAL N 111 -38.24 -67.51 15.00
N SER N 112 -37.73 -66.29 15.17
CA SER N 112 -38.55 -65.21 15.68
C SER N 112 -39.73 -64.93 14.76
N GLU N 113 -39.46 -64.84 13.45
CA GLU N 113 -40.54 -64.59 12.49
C GLU N 113 -41.57 -65.72 12.49
N GLY N 114 -41.10 -66.96 12.54
CA GLY N 114 -42.02 -68.08 12.55
C GLY N 114 -42.89 -68.12 13.79
N THR N 115 -42.29 -67.90 14.96
CA THR N 115 -43.06 -67.88 16.20
C THR N 115 -44.06 -66.75 16.20
N LYS N 116 -43.66 -65.57 15.70
CA LYS N 116 -44.59 -64.45 15.64
C LYS N 116 -45.77 -64.76 14.72
N ALA N 117 -45.49 -65.36 13.55
CA ALA N 117 -46.55 -65.72 12.63
C ALA N 117 -47.48 -66.76 13.22
N VAL N 118 -46.93 -67.77 13.90
CA VAL N 118 -47.75 -68.81 14.49
C VAL N 118 -48.61 -68.24 15.61
N THR N 119 -48.03 -67.36 16.43
CA THR N 119 -48.80 -66.72 17.50
C THR N 119 -49.94 -65.89 16.93
N LYS N 120 -49.67 -65.11 15.89
CA LYS N 120 -50.72 -64.30 15.27
C LYS N 120 -51.82 -65.17 14.67
N TYR N 121 -51.43 -66.27 14.00
CA TYR N 121 -52.42 -67.16 13.40
C TYR N 121 -53.28 -67.81 14.47
N THR N 122 -52.67 -68.26 15.57
CA THR N 122 -53.44 -68.86 16.66
C THR N 122 -54.35 -67.84 17.31
N SER N 123 -53.88 -66.61 17.48
CA SER N 123 -54.70 -65.56 18.11
C SER N 123 -55.90 -65.23 17.24
N ALA N 124 -55.71 -65.14 15.92
CA ALA N 124 -56.81 -64.80 15.02
C ALA N 124 -57.91 -65.86 15.11
N LYS N 125 -57.61 -67.07 14.65
CA LYS N 125 -58.53 -68.21 14.76
C LYS N 125 -57.74 -69.51 14.71
N LYS O 37 29.87 -93.24 24.00
CA LYS O 37 28.89 -92.49 23.20
C LYS O 37 27.55 -93.22 23.18
N PRO O 38 26.53 -92.61 23.78
CA PRO O 38 25.20 -93.25 23.80
C PRO O 38 24.61 -93.34 22.40
N HIS O 39 23.81 -94.38 22.21
CA HIS O 39 23.16 -94.59 20.91
C HIS O 39 22.09 -93.53 20.67
N ARG O 40 22.06 -93.00 19.45
CA ARG O 40 21.07 -92.01 19.05
C ARG O 40 20.64 -92.27 17.62
N TYR O 41 19.34 -92.48 17.41
CA TYR O 41 18.81 -92.56 16.06
C TYR O 41 18.79 -91.17 15.42
N ARG O 42 18.96 -91.14 14.11
CA ARG O 42 18.98 -89.88 13.39
C ARG O 42 17.60 -89.24 13.40
N PRO O 43 17.52 -87.91 13.20
CA PRO O 43 16.23 -87.22 13.31
C PRO O 43 15.29 -87.53 12.15
N GLY O 44 14.50 -88.59 12.29
CA GLY O 44 13.56 -88.99 11.26
C GLY O 44 13.31 -90.48 11.21
N THR O 45 14.21 -91.27 11.80
CA THR O 45 13.97 -92.70 11.94
C THR O 45 12.84 -92.96 12.94
N VAL O 46 12.91 -92.30 14.10
CA VAL O 46 11.89 -92.50 15.12
C VAL O 46 10.55 -91.97 14.66
N ALA O 47 10.55 -90.88 13.89
CA ALA O 47 9.30 -90.36 13.35
C ALA O 47 8.63 -91.37 12.42
N LEU O 48 9.42 -92.00 11.54
CA LEU O 48 8.87 -93.02 10.65
C LEU O 48 8.39 -94.23 11.44
N ARG O 49 9.12 -94.60 12.49
CA ARG O 49 8.70 -95.70 13.35
C ARG O 49 7.36 -95.39 14.01
N GLU O 50 7.20 -94.16 14.48
CA GLU O 50 5.92 -93.75 15.07
C GLU O 50 4.82 -93.77 14.03
N ILE O 51 5.11 -93.30 12.81
CA ILE O 51 4.11 -93.32 11.75
C ILE O 51 3.64 -94.74 11.52
N ARG O 52 4.58 -95.68 11.38
CA ARG O 52 4.21 -97.07 11.13
C ARG O 52 3.39 -97.64 12.29
N ARG O 53 3.83 -97.36 13.52
CA ARG O 53 3.14 -97.90 14.70
C ARG O 53 1.70 -97.39 14.78
N TYR O 54 1.52 -96.09 14.61
CA TYR O 54 0.19 -95.48 14.74
C TYR O 54 -0.69 -95.71 13.51
N GLN O 55 -0.11 -96.10 12.38
CA GLN O 55 -0.93 -96.54 11.26
C GLN O 55 -1.30 -98.01 11.35
N LYS O 56 -0.50 -98.82 12.04
CA LYS O 56 -0.87 -100.21 12.26
C LYS O 56 -1.94 -100.35 13.34
N SER O 57 -1.93 -99.46 14.34
CA SER O 57 -2.84 -99.55 15.48
C SER O 57 -4.15 -98.86 15.16
N THR O 58 -5.17 -99.18 15.97
CA THR O 58 -6.50 -98.61 15.79
C THR O 58 -7.07 -97.94 17.04
N GLU O 59 -6.38 -97.99 18.18
CA GLU O 59 -6.90 -97.40 19.39
C GLU O 59 -6.88 -95.87 19.29
N LEU O 60 -7.74 -95.25 20.10
CA LEU O 60 -7.81 -93.79 20.14
C LEU O 60 -6.51 -93.20 20.66
N LEU O 61 -6.15 -92.04 20.11
CA LEU O 61 -4.86 -91.42 20.40
C LEU O 61 -4.94 -90.26 21.38
N ILE O 62 -6.14 -89.76 21.67
CA ILE O 62 -6.34 -88.69 22.62
C ILE O 62 -6.80 -89.29 23.95
N ARG O 63 -6.32 -88.72 25.05
CA ARG O 63 -6.72 -89.18 26.37
C ARG O 63 -8.21 -88.96 26.58
N LYS O 64 -8.86 -89.94 27.21
CA LYS O 64 -10.33 -89.93 27.28
C LYS O 64 -10.84 -88.84 28.21
N LEU O 65 -10.26 -88.71 29.40
CA LEU O 65 -10.76 -87.73 30.37
C LEU O 65 -10.59 -86.29 29.89
N PRO O 66 -9.44 -85.85 29.38
CA PRO O 66 -9.36 -84.47 28.86
C PRO O 66 -10.35 -84.20 27.75
N PHE O 67 -10.56 -85.17 26.85
CA PHE O 67 -11.52 -84.97 25.77
C PHE O 67 -12.94 -84.86 26.30
N GLN O 68 -13.29 -85.69 27.28
CA GLN O 68 -14.62 -85.60 27.89
C GLN O 68 -14.81 -84.24 28.56
N ARG O 69 -13.77 -83.76 29.24
CA ARG O 69 -13.86 -82.44 29.87
C ARG O 69 -14.03 -81.34 28.83
N LEU O 70 -13.30 -81.43 27.72
CA LEU O 70 -13.44 -80.44 26.66
C LEU O 70 -14.84 -80.47 26.06
N VAL O 71 -15.39 -81.67 25.84
CA VAL O 71 -16.75 -81.79 25.32
C VAL O 71 -17.74 -81.13 26.28
N ARG O 72 -17.60 -81.42 27.57
CA ARG O 72 -18.53 -80.85 28.55
C ARG O 72 -18.40 -79.33 28.61
N GLU O 73 -17.17 -78.82 28.54
CA GLU O 73 -16.96 -77.37 28.57
C GLU O 73 -17.60 -76.71 27.34
N ILE O 74 -17.44 -77.32 26.17
CA ILE O 74 -18.05 -76.77 24.96
C ILE O 74 -19.58 -76.84 25.05
N ALA O 75 -20.12 -77.95 25.56
CA ALA O 75 -21.56 -78.10 25.65
C ALA O 75 -22.19 -77.17 26.68
N GLN O 76 -21.40 -76.71 27.65
CA GLN O 76 -21.91 -75.75 28.64
C GLN O 76 -22.42 -74.48 27.97
N ASP O 77 -21.83 -74.09 26.85
CA ASP O 77 -22.23 -72.86 26.16
C ASP O 77 -23.55 -73.02 25.41
N PHE O 78 -24.03 -74.25 25.20
CA PHE O 78 -25.27 -74.46 24.47
C PHE O 78 -26.46 -74.79 25.38
N LYS O 79 -26.23 -75.47 26.50
CA LYS O 79 -27.29 -75.78 27.44
C LYS O 79 -26.68 -76.19 28.76
N THR O 80 -27.20 -75.63 29.85
CA THR O 80 -26.66 -75.89 31.18
C THR O 80 -27.17 -77.22 31.73
N ASP O 81 -26.35 -77.80 32.62
CA ASP O 81 -26.69 -79.06 33.30
C ASP O 81 -26.95 -80.18 32.31
N LEU O 82 -26.12 -80.27 31.27
CA LEU O 82 -26.23 -81.34 30.30
C LEU O 82 -25.53 -82.60 30.80
N ARG O 83 -26.17 -83.75 30.59
CA ARG O 83 -25.54 -85.04 30.85
C ARG O 83 -25.14 -85.69 29.53
N PHE O 84 -24.13 -86.55 29.60
CA PHE O 84 -23.60 -87.22 28.42
C PHE O 84 -23.53 -88.72 28.66
N GLN O 85 -24.01 -89.50 27.69
CA GLN O 85 -23.77 -90.92 27.70
C GLN O 85 -22.32 -91.22 27.35
N SER O 86 -21.80 -92.33 27.88
CA SER O 86 -20.43 -92.72 27.58
C SER O 86 -20.25 -92.97 26.09
N SER O 87 -21.23 -93.62 25.46
CA SER O 87 -21.16 -93.88 24.02
C SER O 87 -21.15 -92.59 23.22
N ALA O 88 -21.83 -91.55 23.71
CA ALA O 88 -21.82 -90.26 23.02
C ALA O 88 -20.41 -89.67 23.00
N VAL O 89 -19.72 -89.72 24.14
CA VAL O 89 -18.36 -89.18 24.20
C VAL O 89 -17.42 -90.04 23.36
N MET O 90 -17.61 -91.37 23.38
CA MET O 90 -16.78 -92.23 22.56
C MET O 90 -16.96 -91.93 21.07
N ALA O 91 -18.21 -91.75 20.64
CA ALA O 91 -18.47 -91.42 19.24
C ALA O 91 -17.89 -90.07 18.87
N LEU O 92 -18.02 -89.08 19.76
CA LEU O 92 -17.43 -87.77 19.50
C LEU O 92 -15.92 -87.87 19.35
N GLN O 93 -15.27 -88.64 20.23
CA GLN O 93 -13.83 -88.81 20.13
C GLN O 93 -13.42 -89.51 18.85
N GLU O 94 -14.17 -90.55 18.46
CA GLU O 94 -13.87 -91.26 17.22
C GLU O 94 -13.98 -90.32 16.03
N ALA O 95 -15.07 -89.56 15.95
CA ALA O 95 -15.26 -88.64 14.84
C ALA O 95 -14.18 -87.57 14.82
N SER O 96 -13.84 -87.01 15.98
CA SER O 96 -12.83 -85.96 16.05
C SER O 96 -11.47 -86.48 15.62
N GLU O 97 -11.10 -87.69 16.08
CA GLU O 97 -9.82 -88.24 15.68
C GLU O 97 -9.78 -88.56 14.18
N ALA O 98 -10.87 -89.09 13.63
CA ALA O 98 -10.90 -89.34 12.19
C ALA O 98 -10.77 -88.05 11.40
N TYR O 99 -11.49 -87.00 11.81
CA TYR O 99 -11.41 -85.73 11.12
C TYR O 99 -10.01 -85.14 11.21
N LEU O 100 -9.39 -85.21 12.39
CA LEU O 100 -8.05 -84.68 12.56
C LEU O 100 -7.03 -85.45 11.74
N VAL O 101 -7.19 -86.78 11.65
CA VAL O 101 -6.26 -87.58 10.86
C VAL O 101 -6.39 -87.24 9.37
N ALA O 102 -7.64 -87.11 8.89
CA ALA O 102 -7.82 -86.74 7.49
C ALA O 102 -7.26 -85.35 7.21
N LEU O 103 -7.48 -84.41 8.13
CA LEU O 103 -6.94 -83.07 7.95
C LEU O 103 -5.41 -83.10 7.95
N PHE O 104 -4.81 -83.94 8.78
CA PHE O 104 -3.36 -84.03 8.81
C PHE O 104 -2.81 -84.69 7.55
N GLU O 105 -3.54 -85.65 6.98
CA GLU O 105 -3.12 -86.21 5.69
C GLU O 105 -3.15 -85.13 4.60
N ASP O 106 -4.23 -84.34 4.57
CA ASP O 106 -4.30 -83.25 3.61
C ASP O 106 -3.20 -82.23 3.84
N THR O 107 -2.91 -81.94 5.11
CA THR O 107 -1.84 -81.00 5.45
C THR O 107 -0.48 -81.51 4.99
N ASN O 108 -0.24 -82.81 5.18
CA ASN O 108 1.01 -83.40 4.70
C ASN O 108 1.11 -83.32 3.19
N LEU O 109 0.01 -83.58 2.49
CA LEU O 109 0.02 -83.46 1.03
C LEU O 109 0.32 -82.02 0.61
N CYS O 110 -0.29 -81.04 1.27
CA CYS O 110 -0.03 -79.64 0.95
C CYS O 110 1.41 -79.25 1.23
N ALA O 111 1.98 -79.75 2.33
CA ALA O 111 3.37 -79.44 2.66
C ALA O 111 4.33 -80.08 1.67
N ILE O 112 4.03 -81.30 1.22
CA ILE O 112 4.84 -81.94 0.20
C ILE O 112 4.73 -81.17 -1.12
N HIS O 113 3.55 -80.61 -1.41
CA HIS O 113 3.39 -79.81 -2.61
C HIS O 113 4.32 -78.61 -2.61
N ALA O 114 4.54 -78.02 -1.43
CA ALA O 114 5.43 -76.88 -1.28
C ALA O 114 6.89 -77.26 -1.15
N LYS O 115 7.24 -78.50 -1.53
CA LYS O 115 8.61 -79.01 -1.43
C LYS O 115 9.14 -78.92 -0.01
N ARG O 116 8.27 -79.22 0.96
CA ARG O 116 8.66 -79.27 2.36
C ARG O 116 8.27 -80.62 2.95
N VAL O 117 8.95 -80.99 4.02
CA VAL O 117 8.61 -82.18 4.80
C VAL O 117 8.08 -81.81 6.17
N THR O 118 7.87 -80.53 6.43
CA THR O 118 7.35 -80.05 7.71
C THR O 118 5.99 -79.41 7.48
N ILE O 119 5.00 -79.84 8.26
CA ILE O 119 3.68 -79.25 8.19
C ILE O 119 3.66 -77.95 8.98
N MET O 120 3.00 -76.94 8.43
CA MET O 120 2.90 -75.62 9.02
C MET O 120 1.44 -75.18 9.03
N PRO O 121 1.10 -74.19 9.86
CA PRO O 121 -0.30 -73.75 9.90
C PRO O 121 -0.84 -73.29 8.57
N LYS O 122 0.02 -72.74 7.69
CA LYS O 122 -0.45 -72.34 6.37
C LYS O 122 -0.92 -73.54 5.57
N ASP O 123 -0.28 -74.70 5.77
CA ASP O 123 -0.74 -75.92 5.08
C ASP O 123 -2.13 -76.32 5.54
N ILE O 124 -2.37 -76.26 6.85
CA ILE O 124 -3.70 -76.57 7.38
C ILE O 124 -4.73 -75.59 6.85
N GLN O 125 -4.38 -74.30 6.81
CA GLN O 125 -5.31 -73.30 6.29
C GLN O 125 -5.62 -73.56 4.82
N LEU O 126 -4.61 -73.89 4.03
CA LEU O 126 -4.85 -74.21 2.62
C LEU O 126 -5.74 -75.43 2.47
N ALA O 127 -5.49 -76.47 3.26
CA ALA O 127 -6.30 -77.68 3.18
C ALA O 127 -7.76 -77.38 3.54
N ARG O 128 -7.98 -76.62 4.61
CA ARG O 128 -9.34 -76.31 5.02
C ARG O 128 -10.03 -75.36 4.03
N ARG O 129 -9.25 -74.51 3.37
CA ARG O 129 -9.84 -73.62 2.38
C ARG O 129 -10.24 -74.39 1.12
N ILE O 130 -9.40 -75.34 0.69
CA ILE O 130 -9.75 -76.13 -0.49
C ILE O 130 -10.92 -77.04 -0.18
N ARG O 131 -10.95 -77.63 1.02
CA ARG O 131 -12.08 -78.46 1.42
C ARG O 131 -13.38 -77.68 1.45
N GLY O 132 -13.31 -76.40 1.79
CA GLY O 132 -14.48 -75.56 1.87
C GLY O 132 -14.99 -75.34 3.28
N GLU O 133 -14.10 -75.31 4.27
CA GLU O 133 -14.48 -75.07 5.66
C GLU O 133 -14.16 -73.67 6.14
N ARG O 134 -13.49 -72.86 5.33
CA ARG O 134 -13.15 -71.50 5.72
C ARG O 134 -13.83 -70.48 4.80
N ASP P 24 -10.62 -73.97 30.24
CA ASP P 24 -9.26 -74.15 29.74
C ASP P 24 -8.96 -75.64 29.56
N ASN P 25 -9.94 -76.37 29.02
CA ASN P 25 -9.77 -77.78 28.74
C ASN P 25 -9.23 -78.06 27.35
N ILE P 26 -9.09 -77.02 26.51
CA ILE P 26 -8.49 -77.22 25.20
C ILE P 26 -7.02 -77.59 25.35
N GLN P 27 -6.37 -77.12 26.42
CA GLN P 27 -5.00 -77.53 26.70
C GLN P 27 -4.91 -79.00 27.07
N GLY P 28 -6.03 -79.65 27.39
CA GLY P 28 -6.02 -81.07 27.64
C GLY P 28 -5.65 -81.90 26.44
N ILE P 29 -5.85 -81.37 25.23
CA ILE P 29 -5.37 -82.01 24.02
C ILE P 29 -3.89 -81.69 23.90
N THR P 30 -3.05 -82.54 24.49
CA THR P 30 -1.65 -82.22 24.68
C THR P 30 -0.89 -82.31 23.36
N LYS P 31 0.32 -81.75 23.38
CA LYS P 31 1.20 -81.85 22.21
C LYS P 31 1.48 -83.29 21.80
N PRO P 32 1.76 -84.24 22.69
CA PRO P 32 1.92 -85.63 22.25
C PRO P 32 0.69 -86.20 21.56
N ALA P 33 -0.51 -85.81 21.97
CA ALA P 33 -1.72 -86.30 21.31
C ALA P 33 -1.79 -85.81 19.86
N ILE P 34 -1.53 -84.52 19.65
CA ILE P 34 -1.53 -83.97 18.30
C ILE P 34 -0.43 -84.61 17.47
N ARG P 35 0.73 -84.86 18.08
CA ARG P 35 1.81 -85.52 17.36
C ARG P 35 1.41 -86.93 16.94
N ARG P 36 0.75 -87.66 17.84
CA ARG P 36 0.29 -89.01 17.49
C ARG P 36 -0.73 -88.97 16.36
N LEU P 37 -1.66 -88.01 16.42
CA LEU P 37 -2.64 -87.88 15.35
C LEU P 37 -1.96 -87.57 14.02
N ALA P 38 -0.94 -86.71 14.04
CA ALA P 38 -0.20 -86.42 12.81
C ALA P 38 0.55 -87.65 12.32
N ARG P 39 1.13 -88.42 13.24
CA ARG P 39 1.85 -89.62 12.83
C ARG P 39 0.90 -90.61 12.18
N ARG P 40 -0.30 -90.77 12.74
CA ARG P 40 -1.31 -91.60 12.09
C ARG P 40 -1.71 -91.02 10.74
N GLY P 41 -1.65 -89.70 10.59
CA GLY P 41 -1.90 -89.09 9.30
C GLY P 41 -0.73 -89.14 8.35
N GLY P 42 0.43 -89.59 8.81
CA GLY P 42 1.60 -89.71 7.96
C GLY P 42 2.56 -88.54 7.99
N VAL P 43 2.42 -87.63 8.95
CA VAL P 43 3.31 -86.48 9.04
C VAL P 43 4.62 -86.89 9.69
N LYS P 44 5.73 -86.51 9.05
CA LYS P 44 7.07 -86.85 9.54
C LYS P 44 7.69 -85.76 10.39
N ARG P 45 7.36 -84.49 10.13
CA ARG P 45 7.96 -83.37 10.84
C ARG P 45 6.88 -82.32 11.08
N ILE P 46 6.78 -81.85 12.32
CA ILE P 46 5.68 -80.98 12.75
C ILE P 46 6.26 -79.68 13.27
N SER P 47 5.74 -78.56 12.77
CA SER P 47 6.14 -77.25 13.28
C SER P 47 5.52 -77.01 14.65
N GLY P 48 6.14 -76.10 15.40
CA GLY P 48 5.67 -75.81 16.75
C GLY P 48 4.36 -75.06 16.81
N LEU P 49 4.01 -74.33 15.76
CA LEU P 49 2.76 -73.59 15.69
C LEU P 49 1.58 -74.44 15.22
N ILE P 50 1.83 -75.71 14.89
CA ILE P 50 0.75 -76.58 14.41
C ILE P 50 -0.25 -76.87 15.53
N TYR P 51 0.23 -76.94 16.78
CA TYR P 51 -0.61 -77.41 17.86
C TYR P 51 -1.75 -76.45 18.16
N GLU P 52 -1.48 -75.14 18.18
CA GLU P 52 -2.54 -74.17 18.42
C GLU P 52 -3.58 -74.19 17.31
N GLU P 53 -3.13 -74.28 16.06
CA GLU P 53 -4.05 -74.34 14.94
C GLU P 53 -4.90 -75.61 15.01
N THR P 54 -4.28 -76.74 15.34
CA THR P 54 -5.02 -77.98 15.48
C THR P 54 -6.05 -77.90 16.60
N ARG P 55 -5.67 -77.29 17.72
CA ARG P 55 -6.61 -77.14 18.82
C ARG P 55 -7.79 -76.25 18.43
N GLY P 56 -7.52 -75.17 17.70
CA GLY P 56 -8.60 -74.31 17.25
C GLY P 56 -9.53 -75.01 16.28
N VAL P 57 -8.97 -75.77 15.34
CA VAL P 57 -9.79 -76.50 14.38
C VAL P 57 -10.65 -77.54 15.11
N LEU P 58 -10.05 -78.26 16.06
CA LEU P 58 -10.79 -79.25 16.82
C LEU P 58 -11.89 -78.59 17.63
N LYS P 59 -11.62 -77.43 18.22
CA LYS P 59 -12.64 -76.71 18.96
C LYS P 59 -13.80 -76.32 18.06
N VAL P 60 -13.51 -75.84 16.85
CA VAL P 60 -14.58 -75.43 15.93
C VAL P 60 -15.42 -76.64 15.53
N PHE P 61 -14.75 -77.75 15.19
CA PHE P 61 -15.47 -78.95 14.79
C PHE P 61 -16.35 -79.48 15.92
N LEU P 62 -15.79 -79.55 17.13
CA LEU P 62 -16.57 -80.01 18.27
C LEU P 62 -17.71 -79.06 18.58
N GLU P 63 -17.49 -77.76 18.42
CA GLU P 63 -18.57 -76.80 18.63
C GLU P 63 -19.73 -77.08 17.68
N ASN P 64 -19.43 -77.27 16.40
CA ASN P 64 -20.49 -77.54 15.43
C ASN P 64 -21.24 -78.83 15.78
N VAL P 65 -20.50 -79.91 16.01
CA VAL P 65 -21.13 -81.20 16.24
C VAL P 65 -21.94 -81.17 17.54
N ILE P 66 -21.39 -80.58 18.58
CA ILE P 66 -22.07 -80.51 19.87
C ILE P 66 -23.30 -79.62 19.78
N ARG P 67 -23.23 -78.53 19.01
CA ARG P 67 -24.40 -77.69 18.82
C ARG P 67 -25.53 -78.47 18.18
N ASP P 68 -25.21 -79.23 17.11
CA ASP P 68 -26.25 -80.04 16.47
C ASP P 68 -26.79 -81.11 17.42
N ALA P 69 -25.90 -81.75 18.18
CA ALA P 69 -26.32 -82.80 19.11
C ALA P 69 -27.21 -82.24 20.20
N VAL P 70 -26.87 -81.06 20.73
CA VAL P 70 -27.69 -80.45 21.77
C VAL P 70 -29.04 -80.01 21.21
N THR P 71 -29.05 -79.55 19.95
CA THR P 71 -30.33 -79.24 19.32
C THR P 71 -31.20 -80.47 19.22
N TYR P 72 -30.61 -81.60 18.79
CA TYR P 72 -31.36 -82.85 18.72
C TYR P 72 -31.87 -83.27 20.10
N THR P 73 -31.03 -83.16 21.13
CA THR P 73 -31.43 -83.55 22.47
C THR P 73 -32.55 -82.67 23.00
N GLU P 74 -32.46 -81.36 22.77
CA GLU P 74 -33.48 -80.43 23.25
C GLU P 74 -34.80 -80.66 22.53
N HIS P 75 -34.75 -81.00 21.24
CA HIS P 75 -36.00 -81.31 20.54
C HIS P 75 -36.67 -82.54 21.13
N ALA P 76 -35.88 -83.49 21.62
CA ALA P 76 -36.42 -84.69 22.25
C ALA P 76 -36.82 -84.47 23.70
N LYS P 77 -36.71 -83.25 24.22
CA LYS P 77 -37.05 -82.93 25.60
C LYS P 77 -36.24 -83.74 26.60
N ARG P 78 -35.00 -84.09 26.24
CA ARG P 78 -34.12 -84.84 27.11
C ARG P 78 -33.04 -83.93 27.68
N LYS P 79 -32.45 -84.37 28.80
CA LYS P 79 -31.32 -83.67 29.40
C LYS P 79 -30.00 -84.42 29.24
N THR P 80 -30.02 -85.58 28.59
CA THR P 80 -28.82 -86.39 28.38
C THR P 80 -28.54 -86.46 26.88
N VAL P 81 -27.33 -86.07 26.49
CA VAL P 81 -26.91 -86.20 25.10
C VAL P 81 -26.55 -87.65 24.84
N THR P 82 -27.24 -88.26 23.90
CA THR P 82 -27.09 -89.69 23.61
C THR P 82 -26.19 -89.90 22.40
N ALA P 83 -25.74 -91.14 22.24
CA ALA P 83 -24.91 -91.47 21.09
C ALA P 83 -25.67 -91.29 19.79
N MET P 84 -26.97 -91.58 19.79
CA MET P 84 -27.78 -91.42 18.59
C MET P 84 -27.84 -89.97 18.15
N ASP P 85 -27.91 -89.04 19.11
CA ASP P 85 -27.89 -87.63 18.77
C ASP P 85 -26.58 -87.26 18.07
N VAL P 86 -25.46 -87.76 18.58
CA VAL P 86 -24.17 -87.49 17.96
C VAL P 86 -24.11 -88.07 16.56
N VAL P 87 -24.63 -89.29 16.40
CA VAL P 87 -24.63 -89.93 15.08
C VAL P 87 -25.45 -89.12 14.10
N TYR P 88 -26.62 -88.66 14.52
CA TYR P 88 -27.47 -87.86 13.64
C TYR P 88 -26.79 -86.53 13.30
N ALA P 89 -26.13 -85.91 14.28
CA ALA P 89 -25.42 -84.66 14.02
C ALA P 89 -24.31 -84.87 13.01
N LEU P 90 -23.55 -85.95 13.14
CA LEU P 90 -22.49 -86.24 12.19
C LEU P 90 -23.05 -86.52 10.79
N LYS P 91 -24.16 -87.26 10.73
CA LYS P 91 -24.77 -87.55 9.44
C LYS P 91 -25.28 -86.28 8.77
N ARG P 92 -25.84 -85.36 9.55
CA ARG P 92 -26.31 -84.10 9.00
C ARG P 92 -25.18 -83.28 8.39
N GLN P 93 -23.97 -83.44 8.91
CA GLN P 93 -22.80 -82.72 8.42
C GLN P 93 -21.99 -83.53 7.41
N GLY P 94 -22.54 -84.63 6.92
CA GLY P 94 -21.84 -85.45 5.95
C GLY P 94 -20.62 -86.15 6.50
N ARG P 95 -20.71 -86.63 7.75
CA ARG P 95 -19.62 -87.34 8.41
C ARG P 95 -20.16 -88.59 9.10
N THR P 96 -20.92 -89.38 8.35
CA THR P 96 -21.59 -90.56 8.88
C THR P 96 -20.62 -91.46 9.64
N LEU P 97 -21.05 -91.92 10.81
CA LEU P 97 -20.24 -92.73 11.70
C LEU P 97 -20.90 -94.10 11.88
N TYR P 98 -20.11 -95.15 11.73
CA TYR P 98 -20.58 -96.52 11.89
C TYR P 98 -20.08 -97.09 13.21
N GLY P 99 -20.93 -97.89 13.86
CA GLY P 99 -20.55 -98.60 15.06
C GLY P 99 -21.20 -98.10 16.34
N PHE P 100 -22.10 -97.12 16.27
CA PHE P 100 -22.74 -96.59 17.47
C PHE P 100 -24.27 -96.56 17.33
N GLY P 101 -24.82 -97.37 16.44
CA GLY P 101 -26.27 -97.42 16.26
C GLY P 101 -26.75 -96.58 15.10
N HIS Q 39 3.93 -50.14 -29.25
CA HIS Q 39 3.57 -50.18 -27.84
C HIS Q 39 3.32 -51.62 -27.40
N ARG Q 40 3.94 -52.01 -26.29
CA ARG Q 40 3.80 -53.37 -25.75
C ARG Q 40 3.62 -53.31 -24.24
N TYR Q 41 2.55 -53.93 -23.75
CA TYR Q 41 2.35 -54.03 -22.32
C TYR Q 41 3.27 -55.10 -21.73
N ARG Q 42 3.62 -54.92 -20.47
CA ARG Q 42 4.52 -55.86 -19.81
C ARG Q 42 3.79 -57.19 -19.57
N PRO Q 43 4.56 -58.28 -19.40
CA PRO Q 43 3.93 -59.61 -19.29
C PRO Q 43 3.17 -59.83 -17.99
N GLY Q 44 1.89 -59.44 -17.98
CA GLY Q 44 1.05 -59.62 -16.82
C GLY Q 44 -0.01 -58.56 -16.67
N THR Q 45 0.17 -57.44 -17.38
CA THR Q 45 -0.84 -56.38 -17.37
C THR Q 45 -2.12 -56.86 -18.05
N VAL Q 46 -1.99 -57.52 -19.21
CA VAL Q 46 -3.16 -58.00 -19.93
C VAL Q 46 -3.81 -59.13 -19.17
N ALA Q 47 -3.02 -59.96 -18.47
CA ALA Q 47 -3.61 -61.02 -17.66
C ALA Q 47 -4.51 -60.44 -16.56
N LEU Q 48 -4.03 -59.40 -15.87
CA LEU Q 48 -4.85 -58.77 -14.83
C LEU Q 48 -6.07 -58.09 -15.44
N ARG Q 49 -5.90 -57.47 -16.61
CA ARG Q 49 -7.02 -56.83 -17.29
C ARG Q 49 -8.09 -57.87 -17.65
N GLU Q 50 -7.67 -59.02 -18.16
CA GLU Q 50 -8.62 -60.07 -18.50
C GLU Q 50 -9.28 -60.64 -17.25
N ILE Q 51 -8.52 -60.78 -16.15
CA ILE Q 51 -9.11 -61.25 -14.90
C ILE Q 51 -10.23 -60.32 -14.47
N ARG Q 52 -9.95 -59.01 -14.48
CA ARG Q 52 -10.97 -58.05 -14.09
C ARG Q 52 -12.17 -58.09 -15.03
N ARG Q 53 -11.92 -58.18 -16.34
CA ARG Q 53 -13.01 -58.19 -17.32
C ARG Q 53 -13.91 -59.40 -17.14
N TYR Q 54 -13.32 -60.58 -16.94
CA TYR Q 54 -14.10 -61.80 -16.86
C TYR Q 54 -14.68 -62.03 -15.47
N GLN Q 55 -14.18 -61.33 -14.45
CA GLN Q 55 -14.85 -61.35 -13.16
C GLN Q 55 -15.99 -60.34 -13.11
N LYS Q 56 -15.91 -59.26 -13.90
CA LYS Q 56 -17.06 -58.38 -14.06
C LYS Q 56 -18.17 -59.05 -14.86
N SER Q 57 -17.81 -59.78 -15.92
CA SER Q 57 -18.77 -60.35 -16.83
C SER Q 57 -19.39 -61.63 -16.27
N THR Q 58 -20.51 -62.04 -16.87
CA THR Q 58 -21.24 -63.22 -16.41
C THR Q 58 -21.62 -64.16 -17.55
N GLU Q 59 -21.32 -63.83 -18.80
CA GLU Q 59 -21.68 -64.69 -19.91
C GLU Q 59 -20.78 -65.92 -19.94
N LEU Q 60 -21.25 -66.97 -20.60
CA LEU Q 60 -20.50 -68.21 -20.69
C LEU Q 60 -19.23 -68.00 -21.50
N LEU Q 61 -18.17 -68.71 -21.11
CA LEU Q 61 -16.86 -68.55 -21.72
C LEU Q 61 -16.52 -69.66 -22.71
N ILE Q 62 -17.31 -70.72 -22.77
CA ILE Q 62 -17.11 -71.79 -23.74
C ILE Q 62 -18.12 -71.65 -24.86
N ARG Q 63 -17.67 -71.89 -26.09
CA ARG Q 63 -18.55 -71.79 -27.25
C ARG Q 63 -19.67 -72.82 -27.15
N LYS Q 64 -20.86 -72.43 -27.57
CA LYS Q 64 -22.03 -73.29 -27.38
C LYS Q 64 -21.95 -74.56 -28.20
N LEU Q 65 -21.64 -74.44 -29.49
CA LEU Q 65 -21.66 -75.61 -30.37
C LEU Q 65 -20.62 -76.65 -30.00
N PRO Q 66 -19.34 -76.31 -29.76
CA PRO Q 66 -18.39 -77.36 -29.33
C PRO Q 66 -18.80 -78.06 -28.06
N PHE Q 67 -19.36 -77.33 -27.09
CA PHE Q 67 -19.78 -77.96 -25.85
C PHE Q 67 -20.97 -78.88 -26.09
N GLN Q 68 -21.91 -78.46 -26.94
CA GLN Q 68 -23.04 -79.32 -27.27
C GLN Q 68 -22.57 -80.59 -27.96
N ARG Q 69 -21.60 -80.47 -28.89
CA ARG Q 69 -21.06 -81.64 -29.56
C ARG Q 69 -20.37 -82.57 -28.58
N LEU Q 70 -19.62 -82.01 -27.62
CA LEU Q 70 -18.98 -82.84 -26.60
C LEU Q 70 -20.02 -83.56 -25.75
N VAL Q 71 -21.09 -82.86 -25.38
CA VAL Q 71 -22.15 -83.48 -24.58
C VAL Q 71 -22.78 -84.64 -25.35
N ARG Q 72 -23.07 -84.42 -26.63
CA ARG Q 72 -23.66 -85.50 -27.44
C ARG Q 72 -22.71 -86.67 -27.59
N GLU Q 73 -21.42 -86.39 -27.79
CA GLU Q 73 -20.44 -87.47 -27.91
C GLU Q 73 -20.34 -88.27 -26.62
N ILE Q 74 -20.34 -87.58 -25.48
CA ILE Q 74 -20.27 -88.27 -24.19
C ILE Q 74 -21.54 -89.09 -23.95
N ALA Q 75 -22.71 -88.54 -24.29
CA ALA Q 75 -23.95 -89.27 -24.07
C ALA Q 75 -24.12 -90.45 -25.02
N GLN Q 76 -23.44 -90.43 -26.17
CA GLN Q 76 -23.52 -91.54 -27.10
C GLN Q 76 -23.08 -92.85 -26.45
N ASP Q 77 -22.10 -92.79 -25.53
CA ASP Q 77 -21.62 -94.00 -24.88
C ASP Q 77 -22.61 -94.56 -23.88
N PHE Q 78 -23.59 -93.76 -23.44
CA PHE Q 78 -24.58 -94.21 -22.48
C PHE Q 78 -25.87 -94.69 -23.14
N LYS Q 79 -26.36 -93.95 -24.14
CA LYS Q 79 -27.57 -94.35 -24.85
C LYS Q 79 -27.55 -93.74 -26.23
N THR Q 80 -27.99 -94.51 -27.22
CA THR Q 80 -27.96 -94.09 -28.61
C THR Q 80 -29.26 -93.38 -28.99
N ASP Q 81 -29.18 -92.56 -30.04
CA ASP Q 81 -30.32 -91.80 -30.56
C ASP Q 81 -30.92 -90.88 -29.51
N LEU Q 82 -30.10 -90.37 -28.61
CA LEU Q 82 -30.57 -89.49 -27.56
C LEU Q 82 -30.80 -88.07 -28.11
N ARG Q 83 -31.83 -87.42 -27.57
CA ARG Q 83 -32.12 -86.03 -27.88
C ARG Q 83 -31.93 -85.17 -26.64
N PHE Q 84 -31.59 -83.90 -26.87
CA PHE Q 84 -31.32 -82.97 -25.78
C PHE Q 84 -32.15 -81.71 -25.97
N GLN Q 85 -32.76 -81.25 -24.87
CA GLN Q 85 -33.36 -79.92 -24.86
C GLN Q 85 -32.27 -78.87 -24.80
N SER Q 86 -32.57 -77.69 -25.35
CA SER Q 86 -31.61 -76.59 -25.31
C SER Q 86 -31.31 -76.18 -23.88
N SER Q 87 -32.34 -76.13 -23.02
CA SER Q 87 -32.15 -75.75 -21.63
C SER Q 87 -31.26 -76.76 -20.90
N ALA Q 88 -31.36 -78.04 -21.24
CA ALA Q 88 -30.50 -79.04 -20.62
C ALA Q 88 -29.03 -78.77 -20.92
N VAL Q 89 -28.73 -78.47 -22.18
CA VAL Q 89 -27.35 -78.21 -22.56
C VAL Q 89 -26.86 -76.90 -21.94
N MET Q 90 -27.75 -75.90 -21.85
CA MET Q 90 -27.36 -74.66 -21.20
C MET Q 90 -27.05 -74.88 -19.72
N ALA Q 91 -27.86 -75.69 -19.04
CA ALA Q 91 -27.60 -76.01 -17.64
C ALA Q 91 -26.30 -76.77 -17.48
N LEU Q 92 -26.04 -77.73 -18.37
CA LEU Q 92 -24.78 -78.46 -18.32
C LEU Q 92 -23.59 -77.52 -18.50
N GLN Q 93 -23.70 -76.58 -19.45
CA GLN Q 93 -22.62 -75.63 -19.68
C GLN Q 93 -22.40 -74.74 -18.47
N GLU Q 94 -23.49 -74.25 -17.86
CA GLU Q 94 -23.35 -73.41 -16.68
C GLU Q 94 -22.68 -74.17 -15.53
N ALA Q 95 -23.13 -75.40 -15.29
CA ALA Q 95 -22.54 -76.19 -14.21
C ALA Q 95 -21.08 -76.49 -14.48
N SER Q 96 -20.74 -76.85 -15.72
CA SER Q 96 -19.36 -77.16 -16.05
C SER Q 96 -18.46 -75.93 -15.89
N GLU Q 97 -18.94 -74.77 -16.33
CA GLU Q 97 -18.13 -73.57 -16.21
C GLU Q 97 -17.95 -73.17 -14.76
N ALA Q 98 -19.00 -73.28 -13.94
CA ALA Q 98 -18.86 -72.97 -12.53
C ALA Q 98 -17.87 -73.93 -11.85
N TYR Q 99 -17.97 -75.23 -12.18
CA TYR Q 99 -17.05 -76.20 -11.61
C TYR Q 99 -15.61 -75.89 -12.01
N LEU Q 100 -15.40 -75.57 -13.28
CA LEU Q 100 -14.05 -75.27 -13.75
C LEU Q 100 -13.50 -74.00 -13.13
N VAL Q 101 -14.35 -72.99 -12.93
CA VAL Q 101 -13.89 -71.76 -12.30
C VAL Q 101 -13.50 -72.01 -10.85
N ALA Q 102 -14.31 -72.79 -10.12
CA ALA Q 102 -13.94 -73.11 -8.74
C ALA Q 102 -12.66 -73.93 -8.69
N LEU Q 103 -12.52 -74.89 -9.60
CA LEU Q 103 -11.30 -75.69 -9.65
C LEU Q 103 -10.08 -74.83 -9.96
N PHE Q 104 -10.23 -73.85 -10.85
CA PHE Q 104 -9.12 -72.97 -11.17
C PHE Q 104 -8.80 -72.05 -10.01
N GLU Q 105 -9.80 -71.63 -9.24
CA GLU Q 105 -9.53 -70.87 -8.02
C GLU Q 105 -8.70 -71.69 -7.04
N ASP Q 106 -9.09 -72.94 -6.82
CA ASP Q 106 -8.33 -73.79 -5.91
C ASP Q 106 -6.93 -74.06 -6.45
N THR Q 107 -6.81 -74.21 -7.78
CA THR Q 107 -5.50 -74.44 -8.40
C THR Q 107 -4.61 -73.21 -8.24
N ASN Q 108 -5.17 -72.01 -8.39
CA ASN Q 108 -4.42 -70.80 -8.16
C ASN Q 108 -3.95 -70.71 -6.71
N LEU Q 109 -4.82 -71.08 -5.77
CA LEU Q 109 -4.41 -71.09 -4.37
C LEU Q 109 -3.27 -72.08 -4.13
N CYS Q 110 -3.36 -73.26 -4.74
CA CYS Q 110 -2.29 -74.25 -4.62
C CYS Q 110 -0.98 -73.72 -5.19
N ALA Q 111 -1.06 -73.07 -6.35
CA ALA Q 111 0.14 -72.52 -6.98
C ALA Q 111 0.77 -71.43 -6.12
N ILE Q 112 -0.06 -70.58 -5.52
CA ILE Q 112 0.46 -69.54 -4.62
C ILE Q 112 1.09 -70.18 -3.40
N HIS Q 113 0.53 -71.29 -2.91
CA HIS Q 113 1.08 -71.96 -1.75
C HIS Q 113 2.50 -72.46 -2.02
N ALA Q 114 2.81 -72.83 -3.26
CA ALA Q 114 4.12 -73.33 -3.63
C ALA Q 114 5.06 -72.22 -4.08
N LYS Q 115 4.79 -70.98 -3.65
CA LYS Q 115 5.62 -69.81 -4.00
C LYS Q 115 5.71 -69.61 -5.51
N ARG Q 116 4.61 -69.84 -6.22
CA ARG Q 116 4.56 -69.67 -7.66
C ARG Q 116 3.37 -68.81 -8.04
N VAL Q 117 3.43 -68.27 -9.26
CA VAL Q 117 2.31 -67.54 -9.85
C VAL Q 117 1.77 -68.25 -11.09
N THR Q 118 2.29 -69.42 -11.42
CA THR Q 118 1.87 -70.17 -12.59
C THR Q 118 1.20 -71.46 -12.12
N ILE Q 119 -0.01 -71.72 -12.61
CA ILE Q 119 -0.70 -72.96 -12.30
C ILE Q 119 -0.10 -74.09 -13.12
N MET Q 120 0.05 -75.24 -12.49
CA MET Q 120 0.61 -76.43 -13.11
C MET Q 120 -0.32 -77.60 -12.89
N PRO Q 121 -0.22 -78.65 -13.72
CA PRO Q 121 -1.12 -79.80 -13.54
C PRO Q 121 -1.05 -80.41 -12.15
N LYS Q 122 0.12 -80.38 -11.50
CA LYS Q 122 0.21 -80.88 -10.14
C LYS Q 122 -0.65 -80.07 -9.18
N ASP Q 123 -0.81 -78.76 -9.45
CA ASP Q 123 -1.70 -77.96 -8.63
C ASP Q 123 -3.15 -78.42 -8.77
N ILE Q 124 -3.57 -78.69 -10.00
CA ILE Q 124 -4.93 -79.19 -10.24
C ILE Q 124 -5.12 -80.53 -9.55
N GLN Q 125 -4.12 -81.42 -9.67
CA GLN Q 125 -4.22 -82.72 -9.03
C GLN Q 125 -4.30 -82.60 -7.51
N LEU Q 126 -3.50 -81.70 -6.93
CA LEU Q 126 -3.56 -81.50 -5.50
C LEU Q 126 -4.92 -80.95 -5.06
N ALA Q 127 -5.46 -79.99 -5.83
CA ALA Q 127 -6.76 -79.44 -5.50
C ALA Q 127 -7.84 -80.51 -5.54
N ARG Q 128 -7.82 -81.34 -6.58
CA ARG Q 128 -8.83 -82.40 -6.70
C ARG Q 128 -8.64 -83.47 -5.62
N ARG Q 129 -7.40 -83.72 -5.21
CA ARG Q 129 -7.16 -84.71 -4.16
C ARG Q 129 -7.64 -84.20 -2.82
N ILE Q 130 -7.41 -82.92 -2.52
CA ILE Q 130 -7.89 -82.35 -1.27
C ILE Q 130 -9.41 -82.27 -1.27
N ARG Q 131 -10.01 -81.95 -2.43
CA ARG Q 131 -11.46 -81.90 -2.51
C ARG Q 131 -12.09 -83.26 -2.26
N GLY Q 132 -11.42 -84.34 -2.70
CA GLY Q 132 -11.97 -85.67 -2.56
C GLY Q 132 -12.62 -86.14 -3.84
N GLU Q 133 -11.92 -85.96 -4.97
CA GLU Q 133 -12.41 -86.37 -6.27
C GLU Q 133 -11.52 -87.38 -6.98
N ARG Q 134 -10.28 -87.54 -6.56
CA ARG Q 134 -9.37 -88.50 -7.18
C ARG Q 134 -8.67 -89.36 -6.14
N ASN R 25 -14.30 -84.40 -29.93
CA ASN R 25 -14.98 -83.14 -29.68
C ASN R 25 -14.46 -82.46 -28.41
N ILE R 26 -13.62 -83.18 -27.66
CA ILE R 26 -13.00 -82.59 -26.48
C ILE R 26 -12.06 -81.47 -26.89
N GLN R 27 -11.51 -81.53 -28.10
CA GLN R 27 -10.65 -80.47 -28.60
C GLN R 27 -11.42 -79.19 -28.90
N GLY R 28 -12.75 -79.25 -28.94
CA GLY R 28 -13.57 -78.06 -29.12
C GLY R 28 -13.47 -77.07 -27.98
N ILE R 29 -13.03 -77.53 -26.80
CA ILE R 29 -12.73 -76.62 -25.70
C ILE R 29 -11.34 -76.08 -25.95
N THR R 30 -11.26 -74.94 -26.64
CA THR R 30 -9.99 -74.45 -27.13
C THR R 30 -9.15 -73.87 -25.99
N LYS R 31 -7.87 -73.64 -26.29
CA LYS R 31 -6.97 -73.01 -25.34
C LYS R 31 -7.47 -71.64 -24.88
N PRO R 32 -7.94 -70.74 -25.76
CA PRO R 32 -8.49 -69.47 -25.25
C PRO R 32 -9.68 -69.65 -24.32
N ALA R 33 -10.53 -70.66 -24.55
CA ALA R 33 -11.65 -70.88 -23.65
C ALA R 33 -11.18 -71.27 -22.26
N ILE R 34 -10.20 -72.18 -22.18
CA ILE R 34 -9.66 -72.58 -20.88
C ILE R 34 -8.96 -71.40 -20.22
N ARG R 35 -8.28 -70.57 -21.02
CA ARG R 35 -7.65 -69.39 -20.47
C ARG R 35 -8.68 -68.43 -19.88
N ARG R 36 -9.80 -68.25 -20.58
CA ARG R 36 -10.87 -67.40 -20.06
C ARG R 36 -11.43 -67.96 -18.77
N LEU R 37 -11.65 -69.28 -18.73
CA LEU R 37 -12.15 -69.91 -17.50
C LEU R 37 -11.19 -69.72 -16.35
N ALA R 38 -9.89 -69.81 -16.61
CA ALA R 38 -8.88 -69.57 -15.58
C ALA R 38 -8.89 -68.11 -15.14
N ARG R 39 -9.05 -67.18 -16.10
CA ARG R 39 -9.08 -65.77 -15.75
C ARG R 39 -10.27 -65.45 -14.86
N ARG R 40 -11.43 -66.05 -15.14
CA ARG R 40 -12.56 -65.89 -14.25
C ARG R 40 -12.25 -66.46 -12.87
N GLY R 41 -11.39 -67.46 -12.80
CA GLY R 41 -10.93 -68.02 -11.55
C GLY R 41 -9.76 -67.31 -10.91
N GLY R 42 -9.30 -66.21 -11.50
CA GLY R 42 -8.21 -65.43 -10.92
C GLY R 42 -6.82 -65.91 -11.26
N VAL R 43 -6.68 -66.83 -12.19
CA VAL R 43 -5.36 -67.34 -12.58
C VAL R 43 -4.69 -66.32 -13.49
N LYS R 44 -3.45 -65.97 -13.15
CA LYS R 44 -2.68 -64.97 -13.89
C LYS R 44 -1.74 -65.58 -14.93
N ARG R 45 -1.11 -66.71 -14.61
CA ARG R 45 -0.17 -67.36 -15.51
C ARG R 45 -0.51 -68.84 -15.62
N ILE R 46 -0.59 -69.34 -16.85
CA ILE R 46 -1.08 -70.69 -17.14
C ILE R 46 0.02 -71.47 -17.83
N SER R 47 0.34 -72.65 -17.28
CA SER R 47 1.29 -73.53 -17.93
C SER R 47 0.70 -74.13 -19.20
N GLY R 48 1.57 -74.63 -20.07
CA GLY R 48 1.12 -75.22 -21.32
C GLY R 48 0.46 -76.57 -21.16
N LEU R 49 0.73 -77.27 -20.05
CA LEU R 49 0.15 -78.58 -19.80
C LEU R 49 -1.19 -78.51 -19.08
N ILE R 50 -1.65 -77.31 -18.73
CA ILE R 50 -2.93 -77.18 -18.04
C ILE R 50 -4.09 -77.63 -18.91
N TYR R 51 -3.98 -77.45 -20.24
CA TYR R 51 -5.14 -77.60 -21.09
C TYR R 51 -5.58 -79.06 -21.20
N GLU R 52 -4.65 -79.98 -21.35
CA GLU R 52 -5.03 -81.39 -21.41
C GLU R 52 -5.64 -81.87 -20.10
N GLU R 53 -5.05 -81.46 -18.97
CA GLU R 53 -5.60 -81.85 -17.67
C GLU R 53 -6.99 -81.28 -17.47
N THR R 54 -7.20 -80.02 -17.86
CA THR R 54 -8.52 -79.41 -17.74
C THR R 54 -9.53 -80.11 -18.63
N ARG R 55 -9.14 -80.48 -19.85
CA ARG R 55 -10.03 -81.21 -20.72
C ARG R 55 -10.40 -82.56 -20.12
N GLY R 56 -9.43 -83.27 -19.54
CA GLY R 56 -9.74 -84.54 -18.91
C GLY R 56 -10.68 -84.40 -17.72
N VAL R 57 -10.44 -83.39 -16.88
CA VAL R 57 -11.30 -83.17 -15.72
C VAL R 57 -12.72 -82.83 -16.17
N LEU R 58 -12.84 -81.95 -17.17
CA LEU R 58 -14.15 -81.59 -17.68
C LEU R 58 -14.85 -82.79 -18.29
N LYS R 59 -14.10 -83.64 -18.99
CA LYS R 59 -14.69 -84.84 -19.55
C LYS R 59 -15.21 -85.77 -18.46
N VAL R 60 -14.45 -85.94 -17.38
CA VAL R 60 -14.91 -86.81 -16.30
C VAL R 60 -16.16 -86.25 -15.64
N PHE R 61 -16.16 -84.94 -15.36
CA PHE R 61 -17.31 -84.32 -14.74
C PHE R 61 -18.56 -84.45 -15.61
N LEU R 62 -18.40 -84.15 -16.91
CA LEU R 62 -19.53 -84.26 -17.82
C LEU R 62 -19.99 -85.70 -17.97
N GLU R 63 -19.05 -86.65 -17.96
CA GLU R 63 -19.44 -88.05 -18.04
C GLU R 63 -20.32 -88.45 -16.86
N ASN R 64 -19.92 -88.04 -15.65
CA ASN R 64 -20.71 -88.39 -14.47
C ASN R 64 -22.10 -87.75 -14.54
N VAL R 65 -22.14 -86.44 -14.80
CA VAL R 65 -23.43 -85.74 -14.82
C VAL R 65 -24.34 -86.28 -15.91
N ILE R 66 -23.78 -86.53 -17.10
CA ILE R 66 -24.57 -87.02 -18.21
C ILE R 66 -25.04 -88.44 -17.95
N ARG R 67 -24.20 -89.28 -17.32
CA ARG R 67 -24.64 -90.63 -16.99
C ARG R 67 -25.82 -90.59 -16.04
N ASP R 68 -25.75 -89.75 -15.00
CA ASP R 68 -26.89 -89.64 -14.08
C ASP R 68 -28.13 -89.11 -14.79
N ALA R 69 -27.95 -88.11 -15.67
CA ALA R 69 -29.09 -87.54 -16.38
C ALA R 69 -29.73 -88.56 -17.31
N VAL R 70 -28.92 -89.35 -18.01
CA VAL R 70 -29.46 -90.38 -18.90
C VAL R 70 -30.16 -91.46 -18.10
N THR R 71 -29.63 -91.80 -16.91
CA THR R 71 -30.32 -92.76 -16.07
C THR R 71 -31.70 -92.24 -15.68
N TYR R 72 -31.77 -90.96 -15.27
CA TYR R 72 -33.06 -90.36 -14.94
C TYR R 72 -34.01 -90.37 -16.13
N THR R 73 -33.49 -90.04 -17.32
CA THR R 73 -34.34 -90.02 -18.51
C THR R 73 -34.84 -91.41 -18.86
N GLU R 74 -33.99 -92.42 -18.75
CA GLU R 74 -34.39 -93.79 -19.05
C GLU R 74 -35.45 -94.27 -18.08
N HIS R 75 -35.31 -93.92 -16.79
CA HIS R 75 -36.35 -94.27 -15.84
C HIS R 75 -37.68 -93.64 -16.19
N ALA R 76 -37.65 -92.42 -16.77
CA ALA R 76 -38.87 -91.74 -17.18
C ALA R 76 -39.44 -92.25 -18.49
N LYS R 77 -38.79 -93.23 -19.12
CA LYS R 77 -39.18 -93.76 -20.42
C LYS R 77 -39.18 -92.67 -21.50
N ARG R 78 -38.37 -91.64 -21.32
CA ARG R 78 -38.23 -90.57 -22.29
C ARG R 78 -37.03 -90.83 -23.19
N LYS R 79 -37.05 -90.20 -24.37
CA LYS R 79 -35.91 -90.23 -25.27
C LYS R 79 -35.25 -88.86 -25.43
N THR R 80 -35.68 -87.87 -24.66
CA THR R 80 -35.12 -86.52 -24.71
C THR R 80 -34.65 -86.15 -23.32
N VAL R 81 -33.37 -85.81 -23.18
CA VAL R 81 -32.83 -85.40 -21.90
C VAL R 81 -33.28 -83.98 -21.60
N THR R 82 -34.04 -83.82 -20.53
CA THR R 82 -34.62 -82.53 -20.16
C THR R 82 -33.70 -81.78 -19.20
N ALA R 83 -34.00 -80.49 -19.02
CA ALA R 83 -33.27 -79.69 -18.06
C ALA R 83 -33.47 -80.18 -16.64
N MET R 84 -34.67 -80.66 -16.33
CA MET R 84 -34.93 -81.20 -14.99
C MET R 84 -34.06 -82.41 -14.70
N ASP R 85 -33.81 -83.25 -15.71
CA ASP R 85 -32.94 -84.40 -15.50
C ASP R 85 -31.53 -83.95 -15.14
N VAL R 86 -31.00 -82.95 -15.85
CA VAL R 86 -29.67 -82.43 -15.53
C VAL R 86 -29.65 -81.81 -14.14
N VAL R 87 -30.71 -81.08 -13.79
CA VAL R 87 -30.77 -80.46 -12.47
C VAL R 87 -30.76 -81.51 -11.37
N TYR R 88 -31.55 -82.58 -11.56
CA TYR R 88 -31.56 -83.66 -10.57
C TYR R 88 -30.21 -84.35 -10.49
N ALA R 89 -29.57 -84.57 -11.65
CA ALA R 89 -28.25 -85.20 -11.65
C ALA R 89 -27.25 -84.35 -10.89
N LEU R 90 -27.27 -83.04 -11.10
CA LEU R 90 -26.35 -82.16 -10.39
C LEU R 90 -26.66 -82.12 -8.91
N LYS R 91 -27.95 -82.09 -8.55
CA LYS R 91 -28.33 -82.05 -7.15
C LYS R 91 -27.93 -83.33 -6.42
N ARG R 92 -27.96 -84.46 -7.12
CA ARG R 92 -27.53 -85.72 -6.51
C ARG R 92 -26.05 -85.68 -6.16
N GLN R 93 -25.25 -85.00 -6.96
CA GLN R 93 -23.81 -84.89 -6.72
C GLN R 93 -23.45 -83.71 -5.83
N GLY R 94 -24.41 -83.17 -5.09
CA GLY R 94 -24.14 -82.03 -4.23
C GLY R 94 -23.78 -80.77 -4.97
N ARG R 95 -24.37 -80.55 -6.15
CA ARG R 95 -24.06 -79.42 -7.01
C ARG R 95 -25.35 -78.77 -7.50
N THR R 96 -26.25 -78.46 -6.56
CA THR R 96 -27.55 -77.89 -6.88
C THR R 96 -27.40 -76.63 -7.73
N LEU R 97 -28.18 -76.55 -8.80
CA LEU R 97 -28.08 -75.48 -9.79
C LEU R 97 -29.43 -74.78 -9.89
N TYR R 98 -29.43 -73.47 -9.68
CA TYR R 98 -30.65 -72.68 -9.78
C TYR R 98 -30.79 -72.10 -11.17
N GLY R 99 -32.03 -71.76 -11.53
CA GLY R 99 -32.31 -71.07 -12.77
C GLY R 99 -32.82 -71.92 -13.91
N PHE R 100 -33.08 -73.21 -13.67
CA PHE R 100 -33.55 -74.11 -14.73
C PHE R 100 -34.73 -74.96 -14.27
N GLY R 101 -35.41 -74.55 -13.20
CA GLY R 101 -36.57 -75.28 -12.71
C GLY R 101 -36.31 -76.02 -11.41
PG AGS U . 46.24 -42.10 -9.23
S1G AGS U . 45.46 -40.32 -9.33
O2G AGS U . 45.20 -43.14 -9.75
O3G AGS U . 46.58 -42.42 -7.74
PB AGS U . 48.09 -43.58 -10.57
O1B AGS U . 49.08 -44.12 -9.59
O2B AGS U . 46.86 -44.49 -10.71
O3B AGS U . 47.53 -42.17 -10.09
PA AGS U . 48.01 -44.25 -13.19
O1A AGS U . 48.50 -45.64 -13.22
O2A AGS U . 46.50 -44.12 -12.96
O3A AGS U . 48.70 -43.44 -12.01
O5' AGS U . 48.45 -43.52 -14.52
C5' AGS U . 48.62 -42.09 -14.55
C4' AGS U . 48.98 -41.67 -15.96
O4' AGS U . 50.30 -42.14 -16.29
C3' AGS U . 48.03 -42.16 -17.05
O3' AGS U . 47.48 -41.08 -17.79
C2' AGS U . 48.91 -43.07 -17.93
O2' AGS U . 48.59 -42.94 -19.31
C1' AGS U . 50.30 -42.50 -17.65
N9 AGS U . 51.38 -43.46 -17.87
C8 AGS U . 52.01 -44.22 -16.93
N7 AGS U . 52.94 -45.00 -17.40
C5 AGS U . 52.92 -44.75 -18.77
C6 AGS U . 53.66 -45.27 -19.84
N6 AGS U . 54.63 -46.18 -19.71
N1 AGS U . 53.38 -44.80 -21.08
C2 AGS U . 52.42 -43.89 -21.22
N3 AGS U . 51.66 -43.33 -20.28
C4 AGS U . 51.95 -43.80 -19.08
MG MG V . 44.82 -45.09 -9.42
PG AGS W . -57.37 -16.86 -20.60
S1G AGS W . -56.83 -18.32 -21.77
O2G AGS W . -58.16 -15.82 -21.44
O3G AGS W . -56.11 -16.19 -19.99
PB AGS W . -59.47 -16.50 -18.91
O1B AGS W . -60.73 -17.27 -18.90
O2B AGS W . -59.52 -15.25 -19.80
O3B AGS W . -58.28 -17.39 -19.45
PA AGS W . -59.69 -14.57 -17.00
O1A AGS W . -61.17 -14.55 -17.02
O2A AGS W . -59.00 -13.51 -17.87
O3A AGS W . -59.14 -15.97 -17.47
O5' AGS W . -59.24 -14.47 -15.50
C5' AGS W . -59.05 -15.67 -14.73
C4' AGS W . -58.04 -15.39 -13.65
O4' AGS W . -58.47 -14.25 -12.87
C3' AGS W . -57.81 -16.53 -12.65
O3' AGS W . -56.45 -16.92 -12.63
C2' AGS W . -58.27 -15.95 -11.30
O2' AGS W . -57.43 -16.38 -10.24
C1' AGS W . -58.12 -14.46 -11.54
N9 AGS W . -58.98 -13.63 -10.70
C8 AGS W . -60.33 -13.53 -10.77
N7 AGS W . -60.85 -12.70 -9.90
C5 AGS W . -59.75 -12.19 -9.23
C6 AGS W . -59.62 -11.27 -8.18
N6 AGS W . -60.65 -10.64 -7.61
N1 AGS W . -58.37 -11.00 -7.73
C2 AGS W . -57.33 -11.62 -8.30
N3 AGS W . -57.34 -12.51 -9.29
C4 AGS W . -58.58 -12.76 -9.71
MG MG X . -59.64 -14.47 -21.53
ZN ZN Y . -28.18 -25.45 -0.60
ZN ZN Z . -35.12 -16.28 5.11
PB ADP AA . 28.70 22.50 35.48
O1B ADP AA . 28.16 21.88 34.22
O2B ADP AA . 27.91 22.18 36.72
O3B ADP AA . 29.08 23.96 35.35
PA ADP AA . 30.60 20.59 34.71
O1A ADP AA . 30.81 21.20 33.35
O2A ADP AA . 29.66 19.41 34.88
O3A ADP AA . 30.10 21.75 35.71
O5' ADP AA . 32.02 20.23 35.34
C5' ADP AA . 33.19 20.93 34.91
C4' ADP AA . 34.27 19.99 34.37
O4' ADP AA . 34.91 19.29 35.46
C3' ADP AA . 33.80 18.90 33.43
O3' ADP AA . 34.87 18.52 32.55
C2' ADP AA . 33.49 17.76 34.37
O2' ADP AA . 33.62 16.51 33.70
C1' ADP AA . 34.54 17.91 35.45
N9 ADP AA . 33.99 17.54 36.77
C8 ADP AA . 33.04 18.21 37.44
N7 ADP AA . 32.75 17.62 38.62
C5 ADP AA . 33.55 16.53 38.73
C6 ADP AA . 33.75 15.47 39.73
N6 ADP AA . 33.05 15.44 40.88
N1 ADP AA . 34.68 14.52 39.45
C2 ADP AA . 35.39 14.54 38.31
N3 ADP AA . 35.25 15.48 37.37
C4 ADP AA . 34.36 16.49 37.51
PB ADP BA . 42.45 43.66 15.13
O1B ADP BA . 43.15 43.16 16.37
O2B ADP BA . 41.90 42.57 14.23
O3B ADP BA . 41.51 44.81 15.37
PA ADP BA . 44.14 43.61 12.90
O1A ADP BA . 44.61 42.21 13.21
O2A ADP BA . 43.08 43.82 11.84
O3A ADP BA . 43.64 44.30 14.26
O5' ADP BA . 45.42 44.49 12.54
C5' ADP BA . 45.29 45.71 11.79
C4' ADP BA . 46.01 45.63 10.45
O4' ADP BA . 47.43 45.63 10.67
C3' ADP BA . 45.75 44.39 9.61
O3' ADP BA . 45.91 44.70 8.22
C2' ADP BA . 46.83 43.43 10.04
O2' ADP BA . 47.17 42.54 8.98
C1' ADP BA . 48.00 44.35 10.35
N9 ADP BA . 48.75 43.83 11.52
C8 ADP BA . 48.41 44.00 12.80
N7 ADP BA . 49.31 43.41 13.63
C5 ADP BA . 50.25 42.83 12.86
C6 ADP BA . 51.48 42.05 13.09
N6 ADP BA . 51.89 41.74 14.34
N1 ADP BA . 52.17 41.65 12.00
C2 ADP BA . 51.76 41.93 10.75
N3 ADP BA . 50.67 42.65 10.48
C4 ADP BA . 49.87 43.11 11.46
MG MG CA . 39.78 42.24 13.81
PB ADP DA . 24.27 64.77 -0.14
O1B ADP DA . 25.70 65.22 -0.34
O2B ADP DA . 23.97 63.40 -0.69
O3B ADP DA . 23.75 65.03 1.24
PA ADP DA . 23.89 66.14 -2.55
O1A ADP DA . 24.81 67.34 -2.43
O2A ADP DA . 24.38 64.89 -3.24
O3A ADP DA . 23.41 65.76 -1.07
O5' ADP DA . 22.54 66.63 -3.26
C5' ADP DA . 22.26 68.02 -3.40
C4' ADP DA . 22.06 68.41 -4.87
O4' ADP DA . 22.99 69.43 -5.24
C3' ADP DA . 22.26 67.30 -5.89
O3' ADP DA . 21.50 67.57 -7.06
C2' ADP DA . 23.73 67.42 -6.21
O2' ADP DA . 23.98 66.89 -7.51
C1' ADP DA . 23.93 68.92 -6.20
N9 ADP DA . 25.32 69.29 -5.81
C8 ADP DA . 25.82 69.24 -4.56
N7 ADP DA . 27.11 69.64 -4.55
C5 ADP DA . 27.45 69.96 -5.81
C6 ADP DA . 28.66 70.45 -6.50
N6 ADP DA . 29.81 70.69 -5.82
N1 ADP DA . 28.58 70.65 -7.83
C2 ADP DA . 27.45 70.41 -8.52
N3 ADP DA . 26.33 69.97 -7.96
C4 ADP DA . 26.26 69.72 -6.63
PB ADP EA . -7.30 66.76 6.01
O1B ADP EA . -6.99 66.84 7.49
O2B ADP EA . -7.06 65.40 5.39
O3B ADP EA . -6.76 67.92 5.21
PA ADP EA . -9.70 66.70 4.58
O1A ADP EA . -10.15 65.26 4.55
O2A ADP EA . -8.90 67.28 3.44
O3A ADP EA . -8.89 66.94 5.94
O5' ADP EA . -11.00 67.62 4.84
C5' ADP EA . -12.03 67.13 5.69
C4' ADP EA . -13.39 67.18 5.00
O4' ADP EA . -13.70 68.52 4.61
C3' ADP EA . -13.51 66.33 3.76
O3' ADP EA . -14.83 65.82 3.63
C2' ADP EA . -13.23 67.31 2.64
O2' ADP EA . -13.95 66.94 1.46
C1' ADP EA . -13.76 68.62 3.18
N9 ADP EA . -12.95 69.77 2.72
C8 ADP EA . -11.82 70.22 3.29
N7 ADP EA . -11.33 71.30 2.62
C5 ADP EA . -12.16 71.55 1.59
C6 ADP EA . -12.23 72.54 0.50
N6 ADP EA . -11.29 73.50 0.37
N1 ADP EA . -13.27 72.46 -0.35
C2 ADP EA . -14.22 71.52 -0.23
N3 ADP EA . -14.21 70.59 0.74
C4 ADP EA . -13.23 70.54 1.67
MG MG FA . -6.45 63.44 5.51
PB ADP GA . -20.44 46.11 26.50
O1B ADP GA . -20.33 45.28 25.25
O2B ADP GA . -20.78 47.57 26.26
O3B ADP GA . -19.33 45.89 27.49
PA ADP GA . -22.61 44.36 26.57
O1A ADP GA . -23.27 44.90 25.33
O2A ADP GA . -21.76 43.12 26.50
O3A ADP GA . -21.74 45.54 27.24
O5' ADP GA . -23.75 44.13 27.68
C5' ADP GA . -23.50 43.29 28.81
C4' ADP GA . -24.53 42.16 28.93
O4' ADP GA . -25.76 42.68 29.43
C3' ADP GA . -24.91 41.46 27.64
O3' ADP GA . -25.34 40.12 27.90
C2' ADP GA . -26.07 42.29 27.13
O2' ADP GA . -26.94 41.48 26.34
C1' ADP GA . -26.75 42.74 28.40
N9 ADP GA . -27.24 44.14 28.24
C8 ADP GA . -26.46 45.22 28.27
N7 ADP GA . -27.19 46.36 28.10
C5 ADP GA . -28.47 45.98 27.96
C6 ADP GA . -29.76 46.68 27.74
N6 ADP GA . -29.82 48.03 27.64
N1 ADP GA . -30.87 45.92 27.65
C2 ADP GA . -30.82 44.58 27.75
N3 ADP GA . -29.69 43.89 27.95
C4 ADP GA . -28.50 44.52 28.06
PB ADP HA . -2.36 23.68 41.40
O1B ADP HA . -2.56 23.65 39.90
O2B ADP HA . -1.38 24.71 41.89
O3B ADP HA . -3.64 23.63 42.19
PA ADP HA . -2.50 21.05 42.29
O1A ADP HA . -2.75 21.30 43.76
O2A ADP HA . -3.69 20.78 41.40
O3A ADP HA . -1.65 22.28 41.72
O5' ADP HA . -1.48 19.82 42.17
C5' ADP HA . -0.73 19.43 43.32
C4' ADP HA . -0.89 17.94 43.61
O4' ADP HA . -1.75 17.75 44.73
C3' ADP HA . -1.49 17.11 42.49
O3' ADP HA . -0.97 15.78 42.54
C2' ADP HA . -2.96 17.10 42.84
O2' ADP HA . -3.60 15.96 42.27
C1' ADP HA . -2.90 16.99 44.35
N9 ADP HA . -4.11 17.58 44.97
C8 ADP HA . -4.32 18.87 45.25
N7 ADP HA . -5.54 19.06 45.82
C5 ADP HA . -6.14 17.86 45.90
C6 ADP HA . -7.43 17.34 46.39
N6 ADP HA . -8.36 18.18 46.92
N1 ADP HA . -7.65 16.02 46.28
C2 ADP HA . -6.75 15.19 45.76
N3 ADP HA . -5.55 15.58 45.29
C4 ADP HA . -5.19 16.88 45.33
MG MG IA . -1.80 23.56 37.97
#